data_9GY7
#
_entry.id   9GY7
#
_cell.length_a   1.00
_cell.length_b   1.00
_cell.length_c   1.00
_cell.angle_alpha   90.00
_cell.angle_beta   90.00
_cell.angle_gamma   90.00
#
_symmetry.space_group_name_H-M   'P 1'
#
loop_
_entity.id
_entity.type
_entity.pdbx_description
1 polymer 'UvrABC system protein A'
2 polymer 'DNA (50-MER) with a fluorescein modification - (random sequence built in model)'
3 polymer 'UvrABC system protein B'
4 non-polymer 'ZINC ION'
5 non-polymer 'PHOSPHOAMINOPHOSPHONIC ACID-ADENYLATE ESTER'
6 non-polymer 'MAGNESIUM ION'
#
loop_
_entity_poly.entity_id
_entity_poly.type
_entity_poly.pdbx_seq_one_letter_code
_entity_poly.pdbx_strand_id
1 'polypeptide(L)'
;MGSSHHHHHHSSGLVPRGSHMKKDYIVVKGAREHNLKNIDVKIPRDKFVVITGLSGSGKSSLAFDTIYAEGQRRYVESLS
SYARQFLGQMEKPDVDYIDGLSPAIAIDQKTTSRNPRSTVGTVTEIYDYLRLLFARIGTPHCYLCGREISQQTVDQMVDR
IMEFEEGTRIQLLAPVVRGRKGEYHKLIEDIKKEGYVRIRVDGEVVDVNDPVNLDKNKKHNIEIVVDRLIVRPGIQKRLT
DSIETVLRLSNGILVVDVIGGKEMLLSQNFACTECNVSMEEITPRMFSFNNPYGACPECTGLGSLMRIDPDLVIPDKKLS
LAQGAVRASGWNIANDESYARMYIDALAKHYNFSVDTPVEELPPHILDIILYGTNGEKIKIEYERENEKGTFMASFPGII
NSMERRYKETTSEVMKQYYENFMSNIPCPVCKGARLKKESLAVTIGGKNIYEVCCLSIGEAKEFFANLNLTERQQLIARQ
ILKEINARLGFLVDVGLDYLTLARAAGTLSGGEAQRIRLATQIGSGLMGVIYILDEPSIGLHQRDNDRLLRSLKKLRDLG
NTLLVVEHDEDTMYASDYIIDLGPGAGSHGGQIVAEGTVEEIKQNPNSVTGEYLSGRKKIEVPKERRKPNGKWLEIIGAR
ENNLKNINVRIPLGVFTCITGVSGSGKSSLINEILYKRLAAELNRASVKPGEHDLIKGIEYLDKVIDIDQSPIGRTPRSN
PATYTGVFDFIREIFANTTEAKTRGYKAGRFSFNVKGGRCEACAGDGINKIEMHFLPDIYVPCEVCKGKRYNRETLEVRY
KGKNIAEVLDMTVEEALEFFKNIPRIHKKIETLYDVGLGYIKLGQSSTTLSGGEAQRVKLATELSRKSTGKTMYILDEPT
TGLHMADVHRLVGILHRLVEAGNSVVVIEHNLDVIKTADYIIDLGPEGGSGGGLVVAEGTPEEVAKVENSYTGQFLKKVL
ST
;
A,B
2 'polydeoxyribonucleotide'
;(DG)(DC)(DA)(DT)(DC)(DG)(DT)(DA)(DC)(DT)(DG)(DT)(DT)(DA)(DC)(DG)(DG)(DC)(DT)(DC)
(DC)(DA)(DT)(DC)(DA)(DG)(DA)(DT)(DG)(DG)(DA)(DG)(DC)(DC)(DG)(DT)(DA)(DA)(DC)(DA)
(DG)(DT)(DA)(DC)(DG)(DA)(DT)(DG)(DC)(DA)
;
C,D
3 'polypeptide(L)'
;SMHKFKLVSDYKPCGDQPEAIDKLVEGINRGYRGQTLLGVTGSGKTFTMANVIERVQKPTLVIAHNKTLAAQLCSEFKEF
FPNNCVEYFVSYYDYYQPEAYIPATDTYIEKDSSINDEIDKLRHSATAALFERRDVIIVASVSCIYGLGDPEDYTDLMLS
LRPGMIKDRDEIIRKLVDIQYERNEIDFKRGKFRVRGDILEIFPASSSDKVIRVEFFGEEIDRITEVDSLTGEITGVCSH
VAIFPASHYATTKAKMQRAIASIEQELEERVRELKSQGKLLEAQRLEQRTRYDLEMMQEIGFCQGIENYSRHISGRAPGS
PPFTLIDYFPKDFLLIIDESHVTIPQIGAMYNGDRSRKESLVEYGFRLPSAFDNRPLTFEEFEKKINQVIFVSATPAKYE
REHSQQIVEQIIRPTGLLDPEIVVKPVKGQIDDLIGEISERVQKNQRVMITTLTKKMAEDLTDYLRELDFKVEYLHSDID
TIERMEIIRNLRLGVFDVLVGINLLREGLDIPEVSLVAILDADKEGFLRSETSLIQTIGRAARNVEGKVIMYADTITDSM
RRAIDETNRRRKIQSEYNQKHGITPKSVQKGIRDVIEITKVAEEDAKYFIRGDEDSMDKDEVLDLIEKLTNEMKAAAAEL
QFERAAELRDKIAELKKKIGA
;
E,F
#
# COMPACT_ATOMS: atom_id res chain seq x y z
N ASP A 24 -7.35 29.10 28.45
CA ASP A 24 -6.68 30.30 28.91
C ASP A 24 -5.19 30.06 29.13
N TYR A 25 -4.86 28.91 29.72
CA TYR A 25 -3.49 28.55 30.01
C TYR A 25 -3.24 27.10 29.67
N ILE A 26 -1.99 26.78 29.34
CA ILE A 26 -1.53 25.41 29.18
C ILE A 26 -0.66 25.11 30.38
N VAL A 27 -1.21 24.39 31.35
CA VAL A 27 -0.52 24.15 32.62
C VAL A 27 0.25 22.84 32.52
N VAL A 28 1.56 22.92 32.75
CA VAL A 28 2.43 21.75 32.77
C VAL A 28 3.01 21.63 34.17
N LYS A 29 2.91 20.44 34.74
CA LYS A 29 3.46 20.17 36.06
C LYS A 29 4.33 18.92 36.01
N GLY A 30 5.46 18.98 36.69
CA GLY A 30 6.34 17.83 36.79
C GLY A 30 6.94 17.37 35.48
N ALA A 31 7.46 18.31 34.68
CA ALA A 31 8.13 17.95 33.44
C ALA A 31 9.55 17.48 33.76
N ARG A 32 9.90 16.28 33.26
CA ARG A 32 11.20 15.69 33.54
C ARG A 32 11.85 15.10 32.30
N GLU A 33 11.43 15.51 31.12
CA GLU A 33 12.02 14.98 29.89
C GLU A 33 13.45 15.48 29.73
N HIS A 34 14.35 14.57 29.38
CA HIS A 34 15.76 14.88 29.17
C HIS A 34 16.38 15.52 30.41
N ASN A 35 16.79 16.79 30.30
CA ASN A 35 17.46 17.48 31.40
C ASN A 35 16.53 18.39 32.19
N LEU A 36 15.23 18.36 31.92
CA LEU A 36 14.30 19.18 32.68
C LEU A 36 14.18 18.65 34.10
N LYS A 37 14.00 19.58 35.05
CA LYS A 37 13.99 19.25 36.47
C LYS A 37 12.69 19.74 37.10
N ASN A 38 11.64 18.94 36.97
CA ASN A 38 10.34 19.16 37.62
C ASN A 38 9.91 20.62 37.55
N ILE A 39 9.75 21.10 36.33
CA ILE A 39 9.43 22.51 36.10
C ILE A 39 7.93 22.65 35.84
N ASP A 40 7.32 23.65 36.48
CA ASP A 40 5.92 23.98 36.29
C ASP A 40 5.82 25.30 35.54
N VAL A 41 5.07 25.30 34.45
CA VAL A 41 4.94 26.47 33.58
C VAL A 41 3.48 26.65 33.20
N LYS A 42 3.04 27.90 33.15
CA LYS A 42 1.70 28.27 32.68
C LYS A 42 1.88 29.10 31.41
N ILE A 43 1.60 28.49 30.27
CA ILE A 43 1.79 29.13 28.97
C ILE A 43 0.47 29.79 28.58
N PRO A 44 0.42 31.11 28.41
CA PRO A 44 -0.83 31.74 27.98
C PRO A 44 -1.26 31.24 26.61
N ARG A 45 -2.58 31.19 26.41
CA ARG A 45 -3.16 30.72 25.16
C ARG A 45 -3.52 31.90 24.27
N ASP A 46 -3.54 31.64 22.97
CA ASP A 46 -3.87 32.66 21.96
C ASP A 46 -2.93 33.87 22.06
N LYS A 47 -1.64 33.59 22.27
CA LYS A 47 -0.64 34.62 22.40
C LYS A 47 0.61 34.24 21.60
N PHE A 48 1.50 35.21 21.42
CA PHE A 48 2.81 34.98 20.81
C PHE A 48 3.79 34.72 21.93
N VAL A 49 4.05 33.45 22.22
CA VAL A 49 4.94 33.03 23.30
C VAL A 49 6.25 32.58 22.69
N VAL A 50 7.35 33.08 23.24
CA VAL A 50 8.69 32.76 22.75
C VAL A 50 9.45 32.06 23.87
N ILE A 51 10.02 30.90 23.55
CA ILE A 51 10.83 30.13 24.49
C ILE A 51 12.29 30.46 24.24
N THR A 52 12.99 30.83 25.32
CA THR A 52 14.32 31.40 25.23
C THR A 52 15.24 30.68 26.21
N GLY A 53 16.51 30.55 25.82
CA GLY A 53 17.50 29.98 26.70
C GLY A 53 18.81 29.78 25.98
N LEU A 54 19.78 29.28 26.73
CA LEU A 54 21.07 28.94 26.16
C LEU A 54 20.96 27.68 25.32
N SER A 55 21.97 27.45 24.47
CA SER A 55 22.00 26.26 23.65
C SER A 55 22.27 25.04 24.51
N GLY A 56 21.31 24.12 24.55
CA GLY A 56 21.40 22.96 25.41
C GLY A 56 20.63 23.06 26.70
N SER A 57 19.90 24.15 26.91
CA SER A 57 19.17 24.34 28.17
C SER A 57 17.90 23.49 28.24
N GLY A 58 17.25 23.23 27.11
CA GLY A 58 16.09 22.36 27.12
C GLY A 58 14.81 22.99 26.60
N LYS A 59 14.93 23.95 25.69
CA LYS A 59 13.74 24.54 25.08
C LYS A 59 13.05 23.54 24.15
N SER A 60 13.81 22.87 23.30
CA SER A 60 13.24 21.86 22.41
C SER A 60 12.64 20.70 23.20
N SER A 61 13.32 20.24 24.24
CA SER A 61 12.75 19.18 25.08
C SER A 61 11.49 19.64 25.80
N LEU A 62 11.42 20.91 26.19
CA LEU A 62 10.23 21.41 26.86
C LEU A 62 9.05 21.51 25.90
N ALA A 63 9.28 21.99 24.68
CA ALA A 63 8.17 22.20 23.77
C ALA A 63 7.89 20.98 22.90
N PHE A 64 8.84 20.61 22.04
CA PHE A 64 8.59 19.57 21.05
C PHE A 64 8.49 18.20 21.70
N ASP A 65 9.35 17.91 22.67
CA ASP A 65 9.41 16.59 23.28
C ASP A 65 8.39 16.39 24.40
N THR A 66 7.76 17.46 24.89
CA THR A 66 6.75 17.32 25.94
C THR A 66 5.36 17.71 25.46
N ILE A 67 5.16 18.95 25.01
CA ILE A 67 3.80 19.42 24.76
C ILE A 67 3.26 18.81 23.47
N TYR A 68 4.01 18.96 22.38
CA TYR A 68 3.59 18.37 21.12
C TYR A 68 3.53 16.86 21.22
N ALA A 69 4.48 16.25 21.92
CA ALA A 69 4.51 14.80 22.05
C ALA A 69 3.25 14.31 22.77
N GLU A 70 2.91 14.94 23.89
CA GLU A 70 1.72 14.51 24.63
C GLU A 70 0.45 14.76 23.83
N GLY A 71 0.35 15.90 23.15
CA GLY A 71 -0.84 16.15 22.34
C GLY A 71 -1.01 15.14 21.23
N GLN A 72 0.07 14.87 20.50
CA GLN A 72 0.02 13.89 19.42
C GLN A 72 -0.30 12.50 19.95
N ARG A 73 0.29 12.12 21.09
CA ARG A 73 0.00 10.81 21.67
C ARG A 73 -1.47 10.69 22.06
N ARG A 74 -2.03 11.73 22.68
CA ARG A 74 -3.43 11.69 23.07
C ARG A 74 -4.34 11.60 21.85
N TYR A 75 -4.03 12.35 20.79
CA TYR A 75 -4.85 12.28 19.59
C TYR A 75 -4.74 10.91 18.92
N VAL A 76 -3.53 10.33 18.91
CA VAL A 76 -3.31 9.08 18.20
C VAL A 76 -3.92 7.89 18.94
N GLU A 77 -3.85 7.90 20.28
CA GLU A 77 -4.29 6.74 21.05
C GLU A 77 -5.78 6.44 20.86
N SER A 78 -6.56 7.42 20.39
CA SER A 78 -7.98 7.23 20.15
C SER A 78 -8.27 6.75 18.72
N LEU A 79 -7.30 6.12 18.07
CA LEU A 79 -7.43 5.69 16.68
C LEU A 79 -7.29 4.17 16.60
N SER A 80 -7.63 3.64 15.43
CA SER A 80 -7.53 2.22 15.18
C SER A 80 -6.07 1.78 15.11
N SER A 81 -5.85 0.47 15.23
CA SER A 81 -4.50 -0.07 15.19
C SER A 81 -3.85 0.19 13.82
N TYR A 82 -4.62 0.05 12.74
CA TYR A 82 -4.09 0.33 11.42
C TYR A 82 -3.65 1.79 11.30
N ALA A 83 -4.50 2.71 11.76
CA ALA A 83 -4.15 4.13 11.71
C ALA A 83 -2.96 4.44 12.61
N ARG A 84 -2.92 3.85 13.80
CA ARG A 84 -1.79 4.08 14.71
C ARG A 84 -0.49 3.60 14.11
N GLN A 85 -0.51 2.43 13.45
CA GLN A 85 0.70 1.94 12.79
C GLN A 85 1.09 2.82 11.61
N PHE A 86 0.10 3.28 10.84
CA PHE A 86 0.40 4.09 9.66
C PHE A 86 0.99 5.45 10.05
N LEU A 87 0.45 6.07 11.09
CA LEU A 87 0.90 7.40 11.50
C LEU A 87 2.11 7.35 12.42
N GLY A 88 2.02 6.62 13.52
CA GLY A 88 3.10 6.55 14.48
C GLY A 88 3.00 7.63 15.54
N GLN A 89 3.57 7.34 16.69
CA GLN A 89 3.56 8.25 17.82
C GLN A 89 4.95 8.32 18.44
N MET A 90 5.25 9.46 19.07
CA MET A 90 6.54 9.66 19.70
C MET A 90 6.57 8.99 21.07
N GLU A 91 7.73 9.02 21.70
CA GLU A 91 7.90 8.43 23.02
C GLU A 91 7.08 9.20 24.05
N LYS A 92 6.62 8.47 25.07
CA LYS A 92 5.79 9.07 26.10
C LYS A 92 6.62 10.00 26.97
N PRO A 93 6.25 11.28 27.10
CA PRO A 93 7.04 12.19 27.94
C PRO A 93 6.92 11.87 29.41
N ASP A 94 7.93 12.29 30.17
CA ASP A 94 7.97 12.09 31.62
C ASP A 94 7.38 13.33 32.31
N VAL A 95 6.07 13.53 32.09
CA VAL A 95 5.35 14.66 32.63
C VAL A 95 4.20 14.14 33.48
N ASP A 96 4.00 14.75 34.65
CA ASP A 96 2.90 14.35 35.52
C ASP A 96 1.55 14.53 34.83
N TYR A 97 1.21 15.77 34.51
CA TYR A 97 -0.03 16.07 33.80
C TYR A 97 0.11 17.41 33.10
N ILE A 98 -0.50 17.52 31.93
CA ILE A 98 -0.52 18.76 31.16
C ILE A 98 -1.95 19.03 30.72
N ASP A 99 -2.43 20.24 31.00
CA ASP A 99 -3.81 20.62 30.74
C ASP A 99 -3.87 21.74 29.72
N GLY A 100 -5.08 22.02 29.24
CA GLY A 100 -5.28 23.07 28.27
C GLY A 100 -4.80 22.76 26.88
N LEU A 101 -4.65 21.49 26.54
CA LEU A 101 -4.11 21.10 25.25
C LEU A 101 -5.19 21.18 24.17
N SER A 102 -4.75 21.03 22.92
CA SER A 102 -5.57 21.15 21.73
C SER A 102 -4.79 20.55 20.57
N PRO A 103 -5.35 20.46 19.35
CA PRO A 103 -4.55 20.00 18.22
C PRO A 103 -3.33 20.88 18.02
N ALA A 104 -2.20 20.24 17.71
CA ALA A 104 -0.92 20.92 17.62
C ALA A 104 -0.26 20.61 16.29
N ILE A 105 0.32 21.63 15.67
CA ILE A 105 1.10 21.51 14.44
C ILE A 105 2.51 21.96 14.78
N ALA A 106 3.49 21.10 14.51
CA ALA A 106 4.87 21.33 14.92
C ALA A 106 5.80 21.30 13.72
N ILE A 107 6.78 22.19 13.72
CA ILE A 107 7.85 22.21 12.73
C ILE A 107 9.15 21.89 13.46
N ASP A 108 9.81 20.82 13.02
CA ASP A 108 10.99 20.33 13.71
C ASP A 108 12.18 21.25 13.45
N GLN A 109 13.15 21.21 14.37
CA GLN A 109 14.35 22.03 14.21
C GLN A 109 15.26 21.49 13.12
N LYS A 110 15.34 20.16 13.00
CA LYS A 110 16.25 19.55 12.05
C LYS A 110 15.81 19.81 10.61
N THR A 111 16.78 20.14 9.76
CA THR A 111 16.51 20.36 8.35
C THR A 111 16.50 19.04 7.59
N THR A 112 15.60 18.94 6.62
CA THR A 112 15.38 17.71 5.89
C THR A 112 16.08 17.74 4.54
N SER A 113 16.59 16.59 4.12
CA SER A 113 17.19 16.42 2.80
C SER A 113 16.20 15.68 1.91
N ARG A 114 15.89 16.27 0.77
CA ARG A 114 14.81 15.78 -0.09
C ARG A 114 15.35 15.00 -1.28
N ASN A 115 14.49 14.16 -1.85
CA ASN A 115 14.86 13.36 -3.00
C ASN A 115 15.05 14.23 -4.23
N PRO A 116 15.90 13.80 -5.17
CA PRO A 116 16.08 14.60 -6.40
C PRO A 116 14.81 14.80 -7.20
N ARG A 117 13.89 13.83 -7.17
CA ARG A 117 12.65 13.93 -7.92
C ARG A 117 11.64 14.89 -7.28
N SER A 118 11.88 15.34 -6.06
CA SER A 118 10.95 16.21 -5.37
C SER A 118 10.87 17.57 -6.05
N THR A 119 9.71 18.23 -5.90
CA THR A 119 9.44 19.49 -6.57
C THR A 119 8.87 20.47 -5.55
N VAL A 120 8.97 21.76 -5.89
CA VAL A 120 8.46 22.80 -4.99
C VAL A 120 6.96 22.65 -4.80
N GLY A 121 6.23 22.42 -5.89
CA GLY A 121 4.79 22.26 -5.77
C GLY A 121 4.41 21.01 -5.00
N THR A 122 5.19 19.94 -5.15
CA THR A 122 4.92 18.72 -4.40
C THR A 122 5.20 18.91 -2.91
N VAL A 123 6.29 19.60 -2.58
CA VAL A 123 6.64 19.83 -1.18
C VAL A 123 5.61 20.73 -0.51
N THR A 124 5.28 21.85 -1.16
CA THR A 124 4.28 22.77 -0.63
C THR A 124 2.87 22.18 -0.65
N GLU A 125 2.68 21.04 -1.33
CA GLU A 125 1.41 20.34 -1.45
C GLU A 125 0.37 21.13 -2.25
N ILE A 126 0.83 22.02 -3.13
CA ILE A 126 -0.10 22.66 -4.07
C ILE A 126 -0.38 21.77 -5.27
N TYR A 127 0.52 20.80 -5.55
CA TYR A 127 0.32 19.91 -6.69
C TYR A 127 -0.92 19.04 -6.49
N ASP A 128 -1.14 18.55 -5.26
CA ASP A 128 -2.32 17.73 -5.00
C ASP A 128 -3.61 18.52 -5.21
N TYR A 129 -3.65 19.76 -4.72
CA TYR A 129 -4.83 20.59 -4.91
C TYR A 129 -5.03 20.93 -6.38
N LEU A 130 -3.94 21.16 -7.12
CA LEU A 130 -4.05 21.39 -8.55
C LEU A 130 -4.61 20.17 -9.27
N ARG A 131 -4.14 18.97 -8.90
CA ARG A 131 -4.64 17.76 -9.51
C ARG A 131 -6.12 17.56 -9.22
N LEU A 132 -6.54 17.81 -7.97
CA LEU A 132 -7.95 17.70 -7.63
C LEU A 132 -8.78 18.71 -8.41
N LEU A 133 -8.29 19.95 -8.53
CA LEU A 133 -9.03 20.97 -9.27
C LEU A 133 -9.17 20.59 -10.74
N PHE A 134 -8.10 20.06 -11.33
CA PHE A 134 -8.16 19.66 -12.74
C PHE A 134 -9.08 18.45 -12.94
N ALA A 135 -9.07 17.51 -12.01
CA ALA A 135 -9.96 16.36 -12.09
C ALA A 135 -11.41 16.71 -11.77
N ARG A 136 -11.65 17.82 -11.10
CA ARG A 136 -13.00 18.22 -10.71
C ARG A 136 -13.66 19.16 -11.70
N ILE A 137 -12.98 20.24 -12.12
CA ILE A 137 -13.57 21.23 -13.01
C ILE A 137 -12.82 21.35 -14.33
N GLY A 138 -11.81 20.53 -14.57
CA GLY A 138 -11.06 20.63 -15.81
C GLY A 138 -11.92 20.22 -16.99
N THR A 139 -12.09 21.14 -17.94
CA THR A 139 -12.89 20.87 -19.12
C THR A 139 -12.07 20.09 -20.14
N PRO A 140 -12.52 18.91 -20.59
CA PRO A 140 -11.80 18.09 -21.57
C PRO A 140 -11.62 18.79 -22.92
N SER A 150 -18.29 17.28 -26.16
CA SER A 150 -19.45 17.90 -25.55
C SER A 150 -20.48 16.84 -25.15
N GLN A 151 -20.60 16.59 -23.85
CA GLN A 151 -21.56 15.63 -23.32
C GLN A 151 -22.88 16.36 -23.08
N GLN A 152 -23.89 16.02 -23.86
CA GLN A 152 -25.20 16.67 -23.80
C GLN A 152 -26.29 15.63 -23.56
N THR A 153 -27.29 16.01 -22.76
CA THR A 153 -28.45 15.18 -22.54
C THR A 153 -29.54 15.53 -23.56
N VAL A 154 -30.65 14.81 -23.50
CA VAL A 154 -31.75 15.06 -24.44
C VAL A 154 -32.31 16.45 -24.23
N ASP A 155 -32.52 16.85 -22.97
CA ASP A 155 -33.07 18.17 -22.68
C ASP A 155 -32.11 19.26 -23.14
N GLN A 156 -30.81 19.07 -22.94
CA GLN A 156 -29.83 20.06 -23.38
C GLN A 156 -29.84 20.20 -24.90
N MET A 157 -29.92 19.09 -25.62
CA MET A 157 -30.02 19.16 -27.08
C MET A 157 -31.28 19.87 -27.51
N VAL A 158 -32.40 19.59 -26.85
CA VAL A 158 -33.67 20.25 -27.19
C VAL A 158 -33.56 21.74 -26.98
N ASP A 159 -32.97 22.16 -25.85
CA ASP A 159 -32.80 23.60 -25.60
C ASP A 159 -31.87 24.23 -26.62
N ARG A 160 -30.78 23.55 -26.98
CA ARG A 160 -29.85 24.09 -27.96
C ARG A 160 -30.52 24.28 -29.32
N ILE A 161 -31.33 23.31 -29.74
CA ILE A 161 -32.06 23.45 -31.00
C ILE A 161 -33.10 24.56 -30.89
N MET A 162 -33.76 24.67 -29.73
CA MET A 162 -34.75 25.72 -29.51
C MET A 162 -34.12 27.11 -29.53
N GLU A 163 -32.81 27.20 -29.27
CA GLU A 163 -32.15 28.50 -29.31
C GLU A 163 -32.18 29.13 -30.70
N PHE A 164 -32.46 28.35 -31.73
CA PHE A 164 -32.51 28.87 -33.10
C PHE A 164 -33.72 29.80 -33.28
N GLU A 165 -33.65 30.62 -34.31
CA GLU A 165 -34.75 31.53 -34.62
C GLU A 165 -35.94 30.76 -35.18
N GLU A 166 -37.12 31.36 -35.03
CA GLU A 166 -38.34 30.73 -35.50
C GLU A 166 -38.39 30.72 -37.02
N GLY A 167 -38.97 29.66 -37.58
CA GLY A 167 -39.13 29.51 -39.01
C GLY A 167 -38.02 28.75 -39.71
N THR A 168 -36.91 28.48 -39.03
CA THR A 168 -35.81 27.76 -39.66
C THR A 168 -36.19 26.31 -39.91
N ARG A 169 -35.73 25.78 -41.04
CA ARG A 169 -35.98 24.39 -41.41
C ARG A 169 -34.79 23.54 -40.98
N ILE A 170 -35.07 22.48 -40.23
CA ILE A 170 -34.03 21.57 -39.74
C ILE A 170 -34.43 20.14 -40.07
N GLN A 171 -33.41 19.28 -40.14
CA GLN A 171 -33.59 17.85 -40.34
C GLN A 171 -32.73 17.10 -39.35
N LEU A 172 -33.31 16.07 -38.74
CA LEU A 172 -32.60 15.25 -37.76
C LEU A 172 -32.07 14.00 -38.45
N LEU A 173 -30.78 13.73 -38.26
CA LEU A 173 -30.10 12.62 -38.91
C LEU A 173 -29.51 11.68 -37.86
N ALA A 174 -29.49 10.39 -38.20
CA ALA A 174 -28.88 9.36 -37.36
C ALA A 174 -27.78 8.68 -38.16
N PRO A 175 -26.53 9.15 -38.05
CA PRO A 175 -25.45 8.56 -38.85
C PRO A 175 -25.03 7.19 -38.34
N VAL A 176 -25.38 6.15 -39.08
CA VAL A 176 -25.02 4.79 -38.67
C VAL A 176 -23.59 4.43 -39.06
N VAL A 177 -23.10 4.98 -40.17
CA VAL A 177 -21.73 4.73 -40.65
C VAL A 177 -21.02 6.06 -40.81
N ARG A 178 -19.85 6.19 -40.18
CA ARG A 178 -19.06 7.42 -40.24
C ARG A 178 -17.63 7.06 -40.61
N GLY A 179 -17.27 7.27 -41.87
CA GLY A 179 -15.92 6.99 -42.33
C GLY A 179 -15.60 5.51 -42.41
N ARG A 180 -16.27 4.80 -43.31
CA ARG A 180 -16.03 3.38 -43.50
C ARG A 180 -16.29 3.02 -44.95
N LYS A 181 -15.71 1.89 -45.38
CA LYS A 181 -15.83 1.42 -46.75
C LYS A 181 -16.46 0.03 -46.74
N GLY A 182 -17.46 -0.16 -47.60
CA GLY A 182 -18.12 -1.45 -47.71
C GLY A 182 -19.24 -1.39 -48.73
N GLU A 183 -19.73 -2.57 -49.10
CA GLU A 183 -20.83 -2.65 -50.05
C GLU A 183 -22.10 -2.03 -49.46
N TYR A 184 -22.40 -2.36 -48.20
CA TYR A 184 -23.52 -1.78 -47.46
C TYR A 184 -24.84 -1.99 -48.20
N HIS A 185 -25.20 -3.26 -48.37
CA HIS A 185 -26.50 -3.67 -48.92
C HIS A 185 -27.41 -4.28 -47.88
N LYS A 186 -26.89 -5.17 -47.04
CA LYS A 186 -27.68 -5.74 -45.96
C LYS A 186 -28.12 -4.67 -44.97
N LEU A 187 -27.23 -3.72 -44.67
CA LEU A 187 -27.60 -2.63 -43.77
C LEU A 187 -28.72 -1.78 -44.35
N ILE A 188 -28.64 -1.47 -45.65
CA ILE A 188 -29.69 -0.68 -46.30
C ILE A 188 -31.01 -1.45 -46.29
N GLU A 189 -30.95 -2.75 -46.57
CA GLU A 189 -32.17 -3.56 -46.55
C GLU A 189 -32.78 -3.59 -45.15
N ASP A 190 -31.94 -3.73 -44.12
CA ASP A 190 -32.45 -3.73 -42.75
C ASP A 190 -33.07 -2.39 -42.38
N ILE A 191 -32.44 -1.29 -42.80
CA ILE A 191 -32.99 0.04 -42.53
C ILE A 191 -34.35 0.21 -43.22
N LYS A 192 -34.45 -0.24 -44.48
CA LYS A 192 -35.72 -0.16 -45.18
C LYS A 192 -36.78 -1.01 -44.50
N LYS A 193 -36.42 -2.20 -44.04
CA LYS A 193 -37.37 -3.06 -43.36
C LYS A 193 -37.79 -2.47 -42.01
N GLU A 194 -36.92 -1.69 -41.39
CA GLU A 194 -37.27 -1.08 -40.11
C GLU A 194 -38.40 -0.08 -40.24
N GLY A 195 -38.46 0.65 -41.36
CA GLY A 195 -39.54 1.59 -41.60
C GLY A 195 -39.08 2.90 -42.19
N TYR A 196 -37.82 3.26 -41.96
CA TYR A 196 -37.28 4.51 -42.49
C TYR A 196 -37.18 4.44 -44.01
N VAL A 197 -37.50 5.56 -44.66
CA VAL A 197 -37.52 5.64 -46.11
C VAL A 197 -36.43 6.57 -46.65
N ARG A 198 -36.17 7.67 -45.96
CA ARG A 198 -35.25 8.68 -46.44
C ARG A 198 -33.86 8.42 -45.89
N ILE A 199 -32.88 8.27 -46.78
CA ILE A 199 -31.48 8.08 -46.43
C ILE A 199 -30.65 9.03 -47.27
N ARG A 200 -29.73 9.74 -46.65
CA ARG A 200 -28.81 10.62 -47.38
C ARG A 200 -27.44 9.97 -47.44
N VAL A 201 -26.89 9.89 -48.65
CA VAL A 201 -25.57 9.31 -48.89
C VAL A 201 -24.74 10.33 -49.64
N ASP A 202 -23.48 10.50 -49.24
CA ASP A 202 -22.55 11.44 -49.86
C ASP A 202 -23.11 12.86 -49.89
N GLY A 203 -23.96 13.20 -48.93
CA GLY A 203 -24.57 14.51 -48.87
C GLY A 203 -25.81 14.70 -49.73
N GLU A 204 -26.26 13.65 -50.42
CA GLU A 204 -27.44 13.72 -51.28
C GLU A 204 -28.52 12.79 -50.77
N VAL A 205 -29.74 13.30 -50.69
CA VAL A 205 -30.87 12.53 -50.17
C VAL A 205 -31.43 11.64 -51.28
N VAL A 206 -31.57 10.34 -51.00
CA VAL A 206 -32.10 9.37 -51.94
C VAL A 206 -33.11 8.48 -51.22
N ASP A 207 -33.98 7.86 -52.01
CA ASP A 207 -34.98 6.95 -51.46
C ASP A 207 -34.38 5.56 -51.27
N VAL A 208 -34.68 4.95 -50.12
CA VAL A 208 -34.14 3.62 -49.83
C VAL A 208 -34.78 2.57 -50.73
N ASN A 209 -36.03 2.78 -51.15
CA ASN A 209 -36.69 1.81 -52.01
C ASN A 209 -36.02 1.71 -53.38
N ASP A 210 -35.66 2.86 -53.96
CA ASP A 210 -35.00 2.85 -55.24
C ASP A 210 -33.60 2.25 -55.11
N PRO A 211 -33.19 1.41 -56.06
CA PRO A 211 -31.84 0.82 -55.99
C PRO A 211 -30.77 1.89 -56.06
N VAL A 212 -29.67 1.66 -55.32
CA VAL A 212 -28.56 2.59 -55.26
C VAL A 212 -27.27 1.82 -55.47
N ASN A 213 -26.23 2.54 -55.90
CA ASN A 213 -24.92 1.96 -56.13
C ASN A 213 -23.86 2.79 -55.40
N LEU A 214 -22.85 2.10 -54.89
CA LEU A 214 -21.77 2.76 -54.17
C LEU A 214 -20.51 1.93 -54.29
N ASP A 215 -19.37 2.60 -54.43
CA ASP A 215 -18.10 1.91 -54.55
C ASP A 215 -17.70 1.27 -53.22
N LYS A 216 -17.26 0.02 -53.28
CA LYS A 216 -16.86 -0.68 -52.06
C LYS A 216 -15.52 -0.17 -51.52
N ASN A 217 -14.69 0.43 -52.37
CA ASN A 217 -13.39 0.94 -51.96
C ASN A 217 -13.42 2.43 -51.62
N LYS A 218 -14.59 3.06 -51.67
CA LYS A 218 -14.73 4.48 -51.38
C LYS A 218 -15.53 4.68 -50.10
N LYS A 219 -15.04 5.58 -49.25
CA LYS A 219 -15.73 5.86 -47.99
C LYS A 219 -17.08 6.52 -48.25
N HIS A 220 -18.08 6.10 -47.48
CA HIS A 220 -19.43 6.64 -47.59
C HIS A 220 -19.96 6.96 -46.20
N ASN A 221 -20.77 8.01 -46.11
CA ASN A 221 -21.38 8.46 -44.86
C ASN A 221 -22.87 8.24 -44.97
N ILE A 222 -23.33 7.07 -44.54
CA ILE A 222 -24.75 6.72 -44.61
C ILE A 222 -25.45 7.31 -43.40
N GLU A 223 -26.46 8.15 -43.64
CA GLU A 223 -27.23 8.78 -42.58
C GLU A 223 -28.72 8.58 -42.83
N ILE A 224 -29.45 8.29 -41.76
CA ILE A 224 -30.88 8.02 -41.84
C ILE A 224 -31.61 9.30 -41.47
N VAL A 225 -32.44 9.80 -42.38
CA VAL A 225 -33.26 10.96 -42.08
C VAL A 225 -34.49 10.51 -41.31
N VAL A 226 -34.65 11.01 -40.10
CA VAL A 226 -35.73 10.59 -39.21
C VAL A 226 -36.92 11.55 -39.27
N ASP A 227 -36.67 12.84 -39.08
CA ASP A 227 -37.74 13.83 -39.09
C ASP A 227 -37.27 15.09 -39.80
N ARG A 228 -38.22 15.80 -40.40
CA ARG A 228 -37.98 17.09 -41.05
C ARG A 228 -38.96 18.08 -40.43
N LEU A 229 -38.54 18.70 -39.32
CA LEU A 229 -39.43 19.51 -38.50
C LEU A 229 -39.29 20.99 -38.85
N ILE A 230 -40.04 21.81 -38.13
CA ILE A 230 -39.99 23.26 -38.24
C ILE A 230 -39.76 23.83 -36.85
N VAL A 231 -39.20 25.03 -36.78
CA VAL A 231 -38.86 25.64 -35.50
C VAL A 231 -39.97 26.62 -35.13
N ARG A 232 -40.74 26.27 -34.10
CA ARG A 232 -41.81 27.12 -33.59
C ARG A 232 -42.11 26.68 -32.17
N PRO A 233 -42.64 27.56 -31.33
CA PRO A 233 -42.99 27.15 -29.96
C PRO A 233 -44.09 26.10 -29.96
N GLY A 234 -44.00 25.16 -29.02
CA GLY A 234 -45.00 24.14 -28.87
C GLY A 234 -44.69 22.81 -29.54
N ILE A 235 -43.46 22.61 -30.02
CA ILE A 235 -43.10 21.36 -30.67
C ILE A 235 -42.07 20.63 -29.82
N GLN A 236 -42.07 20.89 -28.52
CA GLN A 236 -41.09 20.27 -27.63
C GLN A 236 -41.26 18.76 -27.58
N LYS A 237 -42.50 18.28 -27.54
CA LYS A 237 -42.75 16.84 -27.41
C LYS A 237 -42.25 16.08 -28.64
N ARG A 238 -42.63 16.55 -29.83
CA ARG A 238 -42.22 15.87 -31.06
C ARG A 238 -40.71 15.94 -31.24
N LEU A 239 -40.11 17.10 -30.95
CA LEU A 239 -38.66 17.24 -31.09
C LEU A 239 -37.93 16.32 -30.13
N THR A 240 -38.40 16.22 -28.88
CA THR A 240 -37.77 15.33 -27.92
C THR A 240 -37.91 13.87 -28.34
N ASP A 241 -39.08 13.49 -28.85
CA ASP A 241 -39.26 12.12 -29.31
C ASP A 241 -38.32 11.81 -30.48
N SER A 242 -38.20 12.73 -31.43
CA SER A 242 -37.31 12.51 -32.56
C SER A 242 -35.85 12.44 -32.12
N ILE A 243 -35.44 13.30 -31.19
CA ILE A 243 -34.07 13.26 -30.69
C ILE A 243 -33.81 11.93 -29.98
N GLU A 244 -34.79 11.47 -29.19
CA GLU A 244 -34.62 10.21 -28.48
C GLU A 244 -34.46 9.04 -29.43
N THR A 245 -35.31 8.97 -30.47
CA THR A 245 -35.20 7.85 -31.39
C THR A 245 -33.92 7.93 -32.22
N VAL A 246 -33.49 9.15 -32.58
CA VAL A 246 -32.22 9.31 -33.29
C VAL A 246 -31.07 8.84 -32.43
N LEU A 247 -31.06 9.22 -31.15
CA LEU A 247 -29.99 8.79 -30.25
C LEU A 247 -30.00 7.29 -30.05
N ARG A 248 -31.19 6.69 -29.94
CA ARG A 248 -31.27 5.24 -29.81
C ARG A 248 -30.74 4.54 -31.04
N LEU A 249 -31.07 5.06 -32.24
CA LEU A 249 -30.68 4.40 -33.47
C LEU A 249 -29.19 4.56 -33.76
N SER A 250 -28.64 5.75 -33.49
CA SER A 250 -27.26 6.06 -33.82
C SER A 250 -26.31 5.88 -32.65
N ASN A 251 -26.80 5.38 -31.51
CA ASN A 251 -25.97 5.12 -30.32
C ASN A 251 -25.30 6.39 -29.81
N GLY A 252 -26.14 7.36 -29.45
CA GLY A 252 -25.66 8.55 -28.78
C GLY A 252 -25.07 9.63 -29.66
N ILE A 253 -25.31 9.59 -30.97
CA ILE A 253 -24.80 10.59 -31.89
C ILE A 253 -25.99 11.21 -32.62
N LEU A 254 -26.08 12.53 -32.59
CA LEU A 254 -27.14 13.28 -33.27
C LEU A 254 -26.50 14.34 -34.16
N VAL A 255 -27.00 14.45 -35.39
CA VAL A 255 -26.55 15.47 -36.34
C VAL A 255 -27.76 16.31 -36.71
N VAL A 256 -27.66 17.61 -36.50
CA VAL A 256 -28.73 18.54 -36.82
C VAL A 256 -28.35 19.25 -38.12
N ASP A 257 -29.14 19.04 -39.17
CA ASP A 257 -28.88 19.65 -40.47
C ASP A 257 -29.72 20.92 -40.54
N VAL A 258 -29.06 22.07 -40.40
CA VAL A 258 -29.72 23.37 -40.50
C VAL A 258 -29.72 23.79 -41.96
N ILE A 259 -30.91 23.88 -42.55
CA ILE A 259 -31.03 24.26 -43.95
C ILE A 259 -30.63 25.71 -44.11
N GLY A 260 -29.60 25.96 -44.94
CA GLY A 260 -29.09 27.29 -45.13
C GLY A 260 -28.09 27.76 -44.08
N GLY A 261 -27.76 26.92 -43.11
CA GLY A 261 -26.83 27.28 -42.06
C GLY A 261 -25.77 26.20 -41.87
N LYS A 262 -24.87 26.49 -40.93
CA LYS A 262 -23.77 25.58 -40.63
C LYS A 262 -24.28 24.38 -39.85
N GLU A 263 -23.88 23.19 -40.26
CA GLU A 263 -24.28 21.97 -39.57
C GLU A 263 -23.58 21.87 -38.22
N MET A 264 -24.27 21.25 -37.25
CA MET A 264 -23.73 21.06 -35.92
C MET A 264 -23.95 19.62 -35.49
N LEU A 265 -23.06 19.14 -34.61
CA LEU A 265 -23.10 17.78 -34.11
C LEU A 265 -23.20 17.81 -32.59
N LEU A 266 -24.12 17.01 -32.05
CA LEU A 266 -24.31 16.88 -30.62
C LEU A 266 -24.22 15.41 -30.23
N SER A 267 -23.55 15.13 -29.12
CA SER A 267 -23.34 13.76 -28.66
C SER A 267 -23.57 13.69 -27.17
N GLN A 268 -23.86 12.48 -26.69
CA GLN A 268 -24.06 12.24 -25.27
C GLN A 268 -22.75 12.29 -24.52
N VAL A 443 -7.42 18.67 -20.73
CA VAL A 443 -8.04 19.29 -19.56
C VAL A 443 -7.36 20.61 -19.25
N THR A 444 -8.10 21.72 -19.44
CA THR A 444 -7.58 23.05 -19.22
C THR A 444 -8.63 23.91 -18.53
N ILE A 445 -8.17 24.73 -17.58
CA ILE A 445 -9.02 25.70 -16.89
C ILE A 445 -8.42 27.08 -17.11
N GLY A 446 -9.24 28.01 -17.60
CA GLY A 446 -8.75 29.34 -17.89
C GLY A 446 -7.85 29.43 -19.09
N GLY A 447 -7.88 28.43 -19.97
CA GLY A 447 -7.02 28.41 -21.13
C GLY A 447 -5.61 27.94 -20.89
N LYS A 448 -5.32 27.35 -19.73
CA LYS A 448 -3.99 26.88 -19.39
C LYS A 448 -4.05 25.42 -18.98
N ASN A 449 -3.08 24.64 -19.45
CA ASN A 449 -2.96 23.25 -19.07
C ASN A 449 -2.33 23.13 -17.68
N ILE A 450 -2.22 21.90 -17.19
CA ILE A 450 -1.61 21.67 -15.89
C ILE A 450 -0.11 21.95 -15.94
N TYR A 451 0.57 21.49 -16.99
CA TYR A 451 1.99 21.78 -17.15
C TYR A 451 2.22 23.28 -17.35
N GLU A 452 1.36 23.92 -18.15
CA GLU A 452 1.49 25.35 -18.37
C GLU A 452 1.34 26.14 -17.08
N VAL A 453 0.36 25.77 -16.26
CA VAL A 453 0.17 26.46 -14.98
C VAL A 453 1.23 26.08 -13.96
N CYS A 454 1.89 24.94 -14.12
CA CYS A 454 2.97 24.53 -13.24
C CYS A 454 4.33 25.07 -13.67
N CYS A 455 4.41 25.68 -14.87
CA CYS A 455 5.64 26.26 -15.35
C CYS A 455 5.72 27.77 -15.13
N LEU A 456 4.79 28.33 -14.37
CA LEU A 456 4.78 29.75 -14.07
C LEU A 456 5.38 30.02 -12.70
N SER A 457 5.74 31.28 -12.46
CA SER A 457 6.24 31.70 -11.17
C SER A 457 5.12 31.67 -10.14
N ILE A 458 5.51 31.73 -8.86
CA ILE A 458 4.52 31.72 -7.79
C ILE A 458 3.67 32.99 -7.83
N GLY A 459 4.30 34.14 -8.07
CA GLY A 459 3.53 35.37 -8.19
C GLY A 459 2.59 35.37 -9.37
N GLU A 460 3.06 34.91 -10.53
CA GLU A 460 2.20 34.84 -11.71
C GLU A 460 1.08 33.83 -11.51
N ALA A 461 1.36 32.70 -10.85
CA ALA A 461 0.31 31.73 -10.57
C ALA A 461 -0.73 32.31 -9.63
N LYS A 462 -0.30 33.06 -8.62
CA LYS A 462 -1.25 33.71 -7.71
C LYS A 462 -2.10 34.72 -8.47
N GLU A 463 -1.49 35.51 -9.36
CA GLU A 463 -2.25 36.46 -10.15
C GLU A 463 -3.26 35.75 -11.05
N PHE A 464 -2.85 34.65 -11.66
CA PHE A 464 -3.76 33.90 -12.54
C PHE A 464 -4.93 33.32 -11.76
N PHE A 465 -4.66 32.76 -10.57
CA PHE A 465 -5.73 32.18 -9.76
C PHE A 465 -6.57 33.23 -9.06
N ALA A 466 -6.12 34.48 -9.01
CA ALA A 466 -6.89 35.53 -8.36
C ALA A 466 -7.92 36.18 -9.28
N ASN A 467 -7.72 36.12 -10.60
CA ASN A 467 -8.60 36.80 -11.55
C ASN A 467 -9.19 35.84 -12.58
N LEU A 468 -9.18 34.54 -12.30
CA LEU A 468 -9.74 33.57 -13.21
C LEU A 468 -11.26 33.67 -13.21
N ASN A 469 -11.87 33.40 -14.36
CA ASN A 469 -13.32 33.52 -14.50
C ASN A 469 -13.97 32.16 -14.25
N LEU A 470 -14.86 32.10 -13.27
CA LEU A 470 -15.56 30.88 -12.90
C LEU A 470 -17.03 31.18 -12.69
N THR A 471 -17.88 30.23 -13.13
CA THR A 471 -19.31 30.39 -12.95
C THR A 471 -19.73 29.94 -11.55
N GLU A 472 -21.03 30.06 -11.27
CA GLU A 472 -21.53 29.72 -9.94
C GLU A 472 -21.33 28.25 -9.61
N ARG A 473 -21.57 27.37 -10.59
CA ARG A 473 -21.40 25.94 -10.35
C ARG A 473 -19.95 25.60 -10.02
N GLN A 474 -19.00 26.14 -10.78
CA GLN A 474 -17.59 25.86 -10.53
C GLN A 474 -17.16 26.37 -9.16
N GLN A 475 -17.64 27.56 -8.78
CA GLN A 475 -17.34 28.09 -7.46
C GLN A 475 -17.89 27.20 -6.36
N LEU A 476 -19.18 26.85 -6.45
CA LEU A 476 -19.77 25.97 -5.45
C LEU A 476 -19.10 24.61 -5.41
N ILE A 477 -18.47 24.18 -6.52
CA ILE A 477 -17.81 22.88 -6.54
C ILE A 477 -16.44 22.95 -5.90
N ALA A 478 -15.64 23.96 -6.25
CA ALA A 478 -14.22 23.97 -5.90
C ALA A 478 -13.83 25.18 -5.06
N ARG A 479 -14.75 25.71 -4.26
CA ARG A 479 -14.41 26.83 -3.39
C ARG A 479 -13.32 26.45 -2.39
N GLN A 480 -13.41 25.26 -1.80
CA GLN A 480 -12.41 24.86 -0.81
C GLN A 480 -11.02 24.73 -1.43
N ILE A 481 -10.94 24.09 -2.60
CA ILE A 481 -9.66 23.92 -3.27
C ILE A 481 -9.08 25.28 -3.68
N LEU A 482 -9.92 26.15 -4.22
CA LEU A 482 -9.46 27.49 -4.58
C LEU A 482 -8.95 28.25 -3.36
N LYS A 483 -9.66 28.13 -2.23
CA LYS A 483 -9.24 28.82 -1.01
C LYS A 483 -7.90 28.30 -0.53
N GLU A 484 -7.70 26.97 -0.54
CA GLU A 484 -6.44 26.41 -0.09
C GLU A 484 -5.29 26.87 -0.99
N ILE A 485 -5.48 26.82 -2.31
CA ILE A 485 -4.45 27.23 -3.23
C ILE A 485 -4.13 28.71 -3.05
N ASN A 486 -5.17 29.54 -2.90
CA ASN A 486 -4.97 30.97 -2.73
C ASN A 486 -4.21 31.26 -1.44
N ALA A 487 -4.55 30.57 -0.35
CA ALA A 487 -3.84 30.78 0.91
C ALA A 487 -2.37 30.40 0.79
N ARG A 488 -2.09 29.25 0.17
CA ARG A 488 -0.70 28.81 0.04
C ARG A 488 0.10 29.77 -0.82
N LEU A 489 -0.45 30.18 -1.96
CA LEU A 489 0.27 31.11 -2.83
C LEU A 489 0.43 32.48 -2.19
N GLY A 490 -0.58 32.92 -1.43
CA GLY A 490 -0.46 34.19 -0.73
C GLY A 490 0.63 34.17 0.32
N PHE A 491 0.74 33.07 1.07
CA PHE A 491 1.82 32.94 2.03
C PHE A 491 3.18 32.92 1.33
N LEU A 492 3.27 32.19 0.21
CA LEU A 492 4.54 32.12 -0.51
C LEU A 492 4.95 33.48 -1.04
N VAL A 493 3.99 34.26 -1.53
CA VAL A 493 4.31 35.61 -1.99
C VAL A 493 4.66 36.52 -0.81
N ASP A 494 3.98 36.34 0.32
CA ASP A 494 4.21 37.20 1.47
C ASP A 494 5.60 37.01 2.07
N VAL A 495 6.06 35.76 2.18
CA VAL A 495 7.40 35.54 2.75
C VAL A 495 8.47 36.09 1.83
N GLY A 496 8.26 36.02 0.51
CA GLY A 496 9.20 36.61 -0.42
C GLY A 496 9.57 35.72 -1.58
N LEU A 497 8.95 34.56 -1.67
CA LEU A 497 9.24 33.58 -2.73
C LEU A 497 8.26 33.73 -3.89
N ASP A 498 8.30 34.90 -4.54
CA ASP A 498 7.43 35.19 -5.66
C ASP A 498 8.13 35.02 -7.01
N TYR A 499 9.33 34.45 -7.02
CA TYR A 499 10.08 34.24 -8.26
C TYR A 499 10.28 32.77 -8.61
N LEU A 500 10.23 31.87 -7.65
CA LEU A 500 10.38 30.45 -7.94
C LEU A 500 9.18 29.93 -8.72
N THR A 501 9.44 29.06 -9.69
CA THR A 501 8.38 28.37 -10.40
C THR A 501 8.02 27.09 -9.64
N LEU A 502 6.76 26.66 -9.82
CA LEU A 502 6.27 25.49 -9.10
C LEU A 502 6.89 24.19 -9.58
N ALA A 503 7.63 24.21 -10.69
CA ALA A 503 8.28 23.04 -11.23
C ALA A 503 9.74 22.93 -10.82
N ARG A 504 10.24 23.85 -9.99
CA ARG A 504 11.63 23.83 -9.58
C ARG A 504 11.89 22.68 -8.61
N ALA A 505 13.04 22.04 -8.76
CA ALA A 505 13.42 20.98 -7.85
C ALA A 505 13.74 21.55 -6.47
N ALA A 506 13.27 20.86 -5.43
CA ALA A 506 13.47 21.34 -4.07
C ALA A 506 14.90 21.13 -3.58
N GLY A 507 15.66 20.25 -4.23
CA GLY A 507 17.03 20.01 -3.81
C GLY A 507 17.98 21.12 -4.20
N THR A 508 17.61 21.94 -5.17
CA THR A 508 18.46 23.02 -5.65
C THR A 508 18.22 24.34 -4.93
N LEU A 509 17.26 24.40 -4.02
CA LEU A 509 16.97 25.63 -3.30
C LEU A 509 18.06 25.91 -2.27
N SER A 510 18.20 27.18 -1.92
CA SER A 510 19.14 27.60 -0.89
C SER A 510 18.57 27.29 0.50
N GLY A 511 19.35 27.62 1.53
CA GLY A 511 18.91 27.30 2.89
C GLY A 511 17.68 28.08 3.30
N GLY A 512 17.66 29.39 3.03
CA GLY A 512 16.51 30.20 3.40
C GLY A 512 15.26 29.85 2.62
N GLU A 513 15.41 29.63 1.31
CA GLU A 513 14.26 29.23 0.50
C GLU A 513 13.71 27.88 0.94
N ALA A 514 14.59 26.93 1.24
CA ALA A 514 14.15 25.63 1.73
C ALA A 514 13.43 25.76 3.06
N GLN A 515 13.96 26.58 3.96
CA GLN A 515 13.29 26.79 5.25
C GLN A 515 11.92 27.42 5.08
N ARG A 516 11.82 28.42 4.20
CA ARG A 516 10.53 29.08 3.98
C ARG A 516 9.51 28.14 3.35
N ILE A 517 9.95 27.28 2.42
CA ILE A 517 9.04 26.32 1.81
C ILE A 517 8.62 25.26 2.84
N ARG A 518 9.54 24.85 3.70
CA ARG A 518 9.19 23.93 4.77
C ARG A 518 8.15 24.54 5.71
N LEU A 519 8.30 25.82 6.02
CA LEU A 519 7.28 26.51 6.81
C LEU A 519 5.95 26.56 6.07
N ALA A 520 5.97 26.93 4.79
CA ALA A 520 4.74 27.07 4.01
C ALA A 520 4.01 25.74 3.87
N THR A 521 4.72 24.62 3.96
CA THR A 521 4.06 23.32 3.90
C THR A 521 3.07 23.16 5.05
N GLN A 522 3.43 23.62 6.25
CA GLN A 522 2.64 23.39 7.44
C GLN A 522 1.75 24.58 7.82
N ILE A 523 2.28 25.79 7.80
CA ILE A 523 1.53 26.97 8.22
C ILE A 523 1.02 27.77 7.03
N GLY A 524 1.02 27.17 5.83
CA GLY A 524 0.57 27.89 4.65
C GLY A 524 -0.89 28.29 4.73
N SER A 525 -1.74 27.36 5.13
CA SER A 525 -3.17 27.61 5.31
C SER A 525 -3.47 27.58 6.80
N GLY A 526 -3.94 28.70 7.34
CA GLY A 526 -4.17 28.81 8.76
C GLY A 526 -5.44 28.11 9.21
N LEU A 527 -5.44 27.75 10.49
CA LEU A 527 -6.58 27.12 11.15
C LEU A 527 -6.99 27.98 12.36
N MET A 528 -7.92 27.46 13.16
CA MET A 528 -8.39 28.16 14.34
C MET A 528 -8.34 27.23 15.54
N GLY A 529 -7.91 27.76 16.67
CA GLY A 529 -7.79 26.99 17.89
C GLY A 529 -6.76 25.89 17.84
N VAL A 530 -5.62 26.14 17.20
CA VAL A 530 -4.56 25.15 17.02
C VAL A 530 -3.26 25.74 17.54
N ILE A 531 -2.54 24.95 18.34
CA ILE A 531 -1.24 25.38 18.83
C ILE A 531 -0.19 25.13 17.75
N TYR A 532 0.58 26.16 17.44
CA TYR A 532 1.67 26.06 16.47
C TYR A 532 2.99 26.10 17.23
N ILE A 533 3.76 25.02 17.12
CA ILE A 533 5.07 24.92 17.76
C ILE A 533 6.11 25.02 16.65
N LEU A 534 6.88 26.10 16.66
CA LEU A 534 7.92 26.34 15.66
C LEU A 534 9.26 26.34 16.35
N ASP A 535 10.16 25.49 15.89
CA ASP A 535 11.49 25.35 16.48
C ASP A 535 12.49 26.05 15.57
N GLU A 536 12.81 27.30 15.92
CA GLU A 536 13.74 28.15 15.18
C GLU A 536 13.37 28.25 13.71
N PRO A 537 12.29 28.95 13.37
CA PRO A 537 11.88 29.07 11.97
C PRO A 537 12.70 30.08 11.17
N SER A 538 13.68 30.75 11.79
CA SER A 538 14.48 31.77 11.13
C SER A 538 15.87 31.27 10.77
N ILE A 539 15.97 30.01 10.34
CA ILE A 539 17.25 29.42 9.98
C ILE A 539 17.62 29.87 8.58
N GLY A 540 18.77 30.53 8.45
CA GLY A 540 19.26 30.98 7.15
C GLY A 540 18.41 32.07 6.52
N LEU A 541 17.86 32.98 7.31
CA LEU A 541 17.00 34.04 6.83
C LEU A 541 17.56 35.40 7.22
N HIS A 542 17.56 36.33 6.27
CA HIS A 542 17.98 37.70 6.52
C HIS A 542 17.02 38.37 7.50
N GLN A 543 17.38 39.59 7.92
CA GLN A 543 16.49 40.34 8.80
C GLN A 543 15.18 40.68 8.11
N ARG A 544 15.24 41.04 6.82
CA ARG A 544 14.03 41.38 6.08
C ARG A 544 13.09 40.18 5.98
N ASP A 545 13.64 39.02 5.62
CA ASP A 545 12.82 37.81 5.53
C ASP A 545 12.27 37.43 6.89
N ASN A 546 13.07 37.61 7.95
CA ASN A 546 12.60 37.33 9.29
C ASN A 546 11.44 38.26 9.68
N ASP A 547 11.51 39.52 9.30
CA ASP A 547 10.41 40.46 9.58
C ASP A 547 9.15 40.06 8.82
N ARG A 548 9.29 39.65 7.56
CA ARG A 548 8.13 39.19 6.81
C ARG A 548 7.52 37.95 7.45
N LEU A 549 8.38 37.02 7.91
CA LEU A 549 7.88 35.83 8.60
C LEU A 549 7.19 36.21 9.91
N LEU A 550 7.71 37.20 10.62
CA LEU A 550 7.06 37.64 11.86
C LEU A 550 5.69 38.25 11.57
N ARG A 551 5.58 39.03 10.50
CA ARG A 551 4.27 39.57 10.12
C ARG A 551 3.29 38.45 9.80
N SER A 552 3.75 37.43 9.05
CA SER A 552 2.89 36.29 8.75
C SER A 552 2.48 35.55 10.03
N LEU A 553 3.42 35.39 10.97
CA LEU A 553 3.11 34.71 12.22
C LEU A 553 2.10 35.50 13.05
N LYS A 554 2.22 36.83 13.08
CA LYS A 554 1.23 37.63 13.79
C LYS A 554 -0.13 37.53 13.13
N LYS A 555 -0.18 37.54 11.80
CA LYS A 555 -1.45 37.33 11.11
C LYS A 555 -2.06 35.97 11.43
N LEU A 556 -1.24 34.93 11.51
CA LEU A 556 -1.71 33.60 11.88
C LEU A 556 -2.23 33.57 13.30
N ARG A 557 -1.54 34.24 14.23
CA ARG A 557 -1.98 34.28 15.62
C ARG A 557 -3.30 35.04 15.76
N ASP A 558 -3.49 36.09 14.96
CA ASP A 558 -4.70 36.88 15.04
C ASP A 558 -5.94 36.12 14.61
N LEU A 559 -5.79 34.94 14.00
CA LEU A 559 -6.91 34.09 13.65
C LEU A 559 -7.45 33.31 14.84
N GLY A 560 -6.80 33.41 16.01
CA GLY A 560 -7.21 32.65 17.17
C GLY A 560 -6.36 31.42 17.39
N ASN A 561 -5.05 31.57 17.31
CA ASN A 561 -4.11 30.47 17.45
C ASN A 561 -3.08 30.81 18.51
N THR A 562 -2.48 29.77 19.08
CA THR A 562 -1.40 29.90 20.05
C THR A 562 -0.07 29.67 19.34
N LEU A 563 0.87 30.59 19.53
CA LEU A 563 2.18 30.50 18.91
C LEU A 563 3.22 30.22 19.98
N LEU A 564 3.94 29.10 19.82
CA LEU A 564 5.00 28.70 20.74
C LEU A 564 6.27 28.58 19.92
N VAL A 565 7.07 29.64 19.89
CA VAL A 565 8.23 29.75 19.01
C VAL A 565 9.50 29.69 19.85
N VAL A 566 10.32 28.67 19.59
CA VAL A 566 11.65 28.59 20.17
C VAL A 566 12.60 29.36 19.27
N GLU A 567 13.32 30.32 19.83
CA GLU A 567 14.10 31.24 19.01
C GLU A 567 15.34 31.69 19.76
N HIS A 568 16.36 32.06 18.97
CA HIS A 568 17.56 32.72 19.48
C HIS A 568 17.64 34.17 19.02
N ASP A 569 16.78 34.59 18.10
CA ASP A 569 16.78 35.93 17.54
C ASP A 569 16.24 36.94 18.54
N GLU A 570 16.61 38.21 18.34
CA GLU A 570 16.13 39.30 19.17
C GLU A 570 14.86 39.96 18.63
N ASP A 571 14.68 39.98 17.31
CA ASP A 571 13.45 40.54 16.74
C ASP A 571 12.23 39.74 17.18
N THR A 572 12.33 38.41 17.19
CA THR A 572 11.24 37.58 17.69
C THR A 572 11.00 37.85 19.17
N MET A 573 12.07 38.09 19.93
CA MET A 573 11.92 38.40 21.35
C MET A 573 11.15 39.70 21.54
N TYR A 574 11.47 40.72 20.75
CA TYR A 574 10.81 42.01 20.86
C TYR A 574 9.39 41.98 20.30
N ALA A 575 9.09 41.04 19.40
CA ALA A 575 7.76 40.91 18.83
C ALA A 575 6.95 39.80 19.48
N SER A 576 7.13 39.58 20.78
CA SER A 576 6.48 38.49 21.49
C SER A 576 5.71 39.03 22.69
N ASP A 577 4.53 38.45 22.93
CA ASP A 577 3.72 38.84 24.08
C ASP A 577 4.30 38.30 25.38
N TYR A 578 4.75 37.04 25.38
CA TYR A 578 5.25 36.38 26.57
C TYR A 578 6.57 35.69 26.26
N ILE A 579 7.47 35.66 27.23
CA ILE A 579 8.78 35.04 27.10
C ILE A 579 9.00 34.11 28.28
N ILE A 580 9.39 32.87 27.98
CA ILE A 580 9.75 31.88 29.00
C ILE A 580 11.24 31.61 28.86
N ASP A 581 11.98 31.84 29.93
CA ASP A 581 13.44 31.71 29.93
C ASP A 581 13.86 30.46 30.67
N LEU A 582 14.72 29.66 30.04
CA LEU A 582 15.29 28.46 30.64
C LEU A 582 16.77 28.66 30.87
N GLY A 583 17.30 27.94 31.85
CA GLY A 583 18.69 28.07 32.21
C GLY A 583 18.99 27.40 33.54
N PRO A 584 19.98 27.92 34.27
CA PRO A 584 20.82 29.09 33.93
C PRO A 584 22.00 28.72 33.04
N GLY A 585 22.12 27.45 32.67
CA GLY A 585 23.22 27.01 31.84
C GLY A 585 22.79 26.06 30.75
N ALA A 586 23.61 25.04 30.48
CA ALA A 586 23.33 24.07 29.44
C ALA A 586 23.61 22.67 29.96
N GLY A 587 22.95 21.69 29.34
CA GLY A 587 23.15 20.31 29.76
C GLY A 587 22.57 20.07 31.13
N SER A 588 23.34 19.40 31.99
CA SER A 588 22.90 19.12 33.34
C SER A 588 22.82 20.37 34.21
N HIS A 589 23.36 21.49 33.76
CA HIS A 589 23.31 22.75 34.51
C HIS A 589 22.10 23.59 34.16
N GLY A 590 21.23 23.11 33.27
CA GLY A 590 20.05 23.86 32.90
C GLY A 590 18.77 23.08 33.12
N GLY A 591 17.82 23.22 32.20
CA GLY A 591 16.54 22.54 32.32
C GLY A 591 15.67 23.02 33.45
N GLN A 592 15.69 24.32 33.74
CA GLN A 592 14.80 24.90 34.73
C GLN A 592 14.55 26.36 34.38
N ILE A 593 13.34 26.82 34.67
CA ILE A 593 12.93 28.18 34.30
C ILE A 593 13.61 29.17 35.24
N VAL A 594 14.37 30.10 34.66
CA VAL A 594 15.06 31.11 35.44
C VAL A 594 14.38 32.48 35.40
N ALA A 595 13.58 32.75 34.36
CA ALA A 595 12.86 34.01 34.27
C ALA A 595 11.60 33.79 33.45
N GLU A 596 10.65 34.72 33.60
CA GLU A 596 9.38 34.62 32.91
C GLU A 596 8.72 35.99 32.92
N GLY A 597 8.02 36.30 31.84
CA GLY A 597 7.31 37.55 31.72
C GLY A 597 7.50 38.15 30.34
N THR A 598 7.19 39.43 30.23
CA THR A 598 7.36 40.14 28.97
C THR A 598 8.83 40.48 28.74
N VAL A 599 9.12 41.18 27.64
CA VAL A 599 10.50 41.48 27.28
C VAL A 599 11.15 42.38 28.31
N GLU A 600 10.43 43.40 28.77
CA GLU A 600 10.99 44.33 29.75
C GLU A 600 11.29 43.64 31.07
N GLU A 601 10.39 42.79 31.54
CA GLU A 601 10.62 42.05 32.78
C GLU A 601 11.83 41.13 32.65
N ILE A 602 11.97 40.48 31.50
CA ILE A 602 13.14 39.63 31.25
C ILE A 602 14.41 40.47 31.28
N LYS A 603 14.38 41.65 30.65
CA LYS A 603 15.55 42.52 30.62
C LYS A 603 15.94 42.95 32.02
N GLN A 604 14.96 43.31 32.86
CA GLN A 604 15.26 43.71 34.23
C GLN A 604 15.62 42.54 35.13
N ASN A 605 15.38 41.31 34.69
CA ASN A 605 15.67 40.14 35.51
C ASN A 605 17.16 39.88 35.55
N PRO A 606 17.79 39.79 36.73
CA PRO A 606 19.23 39.53 36.79
C PRO A 606 19.61 38.07 36.66
N ASN A 607 18.66 37.14 36.72
CA ASN A 607 18.95 35.71 36.66
C ASN A 607 18.88 35.15 35.26
N SER A 608 18.63 35.97 34.24
CA SER A 608 18.53 35.52 32.87
C SER A 608 19.70 36.10 32.08
N VAL A 609 20.46 35.21 31.43
CA VAL A 609 21.58 35.66 30.59
C VAL A 609 21.07 36.35 29.34
N THR A 610 19.98 35.84 28.75
CA THR A 610 19.43 36.45 27.55
C THR A 610 18.90 37.85 27.83
N GLY A 611 18.30 38.05 29.00
CA GLY A 611 17.93 39.39 29.40
C GLY A 611 19.13 40.30 29.57
N GLU A 612 20.23 39.75 30.08
CA GLU A 612 21.46 40.52 30.20
C GLU A 612 21.97 40.97 28.84
N TYR A 613 21.93 40.07 27.85
CA TYR A 613 22.39 40.44 26.52
C TYR A 613 21.44 41.41 25.84
N LEU A 614 20.14 41.27 26.10
CA LEU A 614 19.16 42.21 25.52
C LEU A 614 19.31 43.60 26.12
N SER A 615 19.58 43.68 27.43
CA SER A 615 19.62 44.97 28.12
C SER A 615 20.95 45.69 27.95
N GLY A 616 21.95 45.08 27.32
CA GLY A 616 23.22 45.71 27.11
C GLY A 616 24.23 45.53 28.22
N ARG A 617 23.88 44.82 29.30
CA ARG A 617 24.86 44.54 30.35
C ARG A 617 26.00 43.68 29.81
N LYS A 618 25.67 42.69 28.99
CA LYS A 618 26.66 41.89 28.27
C LYS A 618 26.48 42.14 26.78
N LYS A 619 27.59 42.36 26.07
CA LYS A 619 27.51 42.69 24.66
C LYS A 619 28.83 42.32 23.99
N ILE A 620 28.78 42.25 22.67
CA ILE A 620 29.97 42.06 21.85
C ILE A 620 30.47 43.42 21.42
N GLU A 621 31.70 43.75 21.82
CA GLU A 621 32.23 45.08 21.58
C GLU A 621 32.50 45.31 20.10
N VAL A 622 32.17 46.50 19.63
CA VAL A 622 32.52 46.91 18.26
C VAL A 622 33.96 47.39 18.26
N PRO A 623 34.83 46.84 17.40
CA PRO A 623 36.24 47.24 17.42
C PRO A 623 36.41 48.72 17.13
N LYS A 624 37.35 49.34 17.84
CA LYS A 624 37.64 50.75 17.63
C LYS A 624 38.39 50.97 16.31
N GLU A 625 39.34 50.09 16.01
CA GLU A 625 40.12 50.17 14.78
C GLU A 625 39.99 48.86 14.02
N ARG A 626 39.71 48.96 12.73
CA ARG A 626 39.54 47.80 11.87
C ARG A 626 40.78 47.58 11.03
N ARG A 627 41.16 46.32 10.84
CA ARG A 627 42.32 45.99 10.05
C ARG A 627 42.14 46.42 8.60
N LYS A 628 43.23 46.84 7.98
CA LYS A 628 43.23 47.26 6.59
C LYS A 628 43.98 46.24 5.73
N PRO A 629 43.55 46.03 4.49
CA PRO A 629 44.26 45.12 3.60
C PRO A 629 45.68 45.60 3.33
N ASN A 630 46.59 44.64 3.16
CA ASN A 630 48.01 44.93 2.96
C ASN A 630 48.46 44.69 1.53
N GLY A 631 47.58 44.93 0.57
CA GLY A 631 47.91 44.76 -0.84
C GLY A 631 47.67 43.38 -1.40
N LYS A 632 47.25 42.43 -0.59
CA LYS A 632 46.93 41.09 -1.04
C LYS A 632 45.43 40.92 -1.15
N TRP A 633 44.96 40.52 -2.33
CA TRP A 633 43.54 40.37 -2.60
C TRP A 633 43.30 39.11 -3.41
N LEU A 634 42.08 38.60 -3.33
CA LEU A 634 41.62 37.47 -4.13
C LEU A 634 40.55 37.98 -5.09
N GLU A 635 40.90 38.08 -6.37
CA GLU A 635 40.01 38.64 -7.38
C GLU A 635 39.32 37.51 -8.13
N ILE A 636 38.00 37.50 -8.09
CA ILE A 636 37.18 36.55 -8.83
C ILE A 636 36.61 37.29 -10.04
N ILE A 637 37.02 36.87 -11.23
CA ILE A 637 36.64 37.54 -12.47
C ILE A 637 35.66 36.66 -13.22
N GLY A 638 34.58 37.27 -13.70
CA GLY A 638 33.61 36.56 -14.51
C GLY A 638 32.85 35.45 -13.80
N ALA A 639 32.45 35.68 -12.55
CA ALA A 639 31.69 34.69 -11.80
C ALA A 639 30.24 34.73 -12.26
N ARG A 640 29.82 33.69 -12.98
CA ARG A 640 28.46 33.61 -13.51
C ARG A 640 27.76 32.33 -13.06
N GLU A 641 28.14 31.80 -11.91
CA GLU A 641 27.52 30.60 -11.39
C GLU A 641 26.09 30.89 -10.92
N ASN A 642 25.17 30.01 -11.29
CA ASN A 642 23.77 30.12 -10.90
C ASN A 642 23.16 31.44 -11.35
N ASN A 643 22.85 32.31 -10.39
CA ASN A 643 22.18 33.57 -10.67
C ASN A 643 23.13 34.76 -10.69
N LEU A 644 24.43 34.53 -10.62
CA LEU A 644 25.40 35.62 -10.64
C LEU A 644 25.43 36.26 -12.03
N LYS A 645 25.77 37.54 -12.06
CA LYS A 645 25.65 38.36 -13.27
C LYS A 645 27.01 38.84 -13.76
N ASN A 646 28.00 37.93 -13.77
CA ASN A 646 29.33 38.21 -14.31
C ASN A 646 29.98 39.39 -13.57
N ILE A 647 30.14 39.21 -12.27
CA ILE A 647 30.66 40.26 -11.41
C ILE A 647 32.12 39.98 -11.09
N ASN A 648 32.83 41.03 -10.70
CA ASN A 648 34.21 40.93 -10.22
C ASN A 648 34.23 41.27 -8.74
N VAL A 649 34.71 40.33 -7.92
CA VAL A 649 34.70 40.46 -6.47
C VAL A 649 36.13 40.33 -5.96
N ARG A 650 36.57 41.29 -5.17
CA ARG A 650 37.90 41.27 -4.57
C ARG A 650 37.75 41.04 -3.07
N ILE A 651 38.36 39.96 -2.57
CA ILE A 651 38.28 39.56 -1.18
C ILE A 651 39.65 39.81 -0.55
N PRO A 652 39.77 40.75 0.39
CA PRO A 652 41.07 41.01 1.00
C PRO A 652 41.56 39.81 1.81
N LEU A 653 42.88 39.68 1.90
CA LEU A 653 43.52 38.58 2.62
C LEU A 653 44.12 39.08 3.91
N GLY A 654 44.08 38.23 4.93
CA GLY A 654 44.64 38.56 6.23
C GLY A 654 43.70 39.30 7.16
N VAL A 655 42.44 39.52 6.77
CA VAL A 655 41.48 40.26 7.57
C VAL A 655 40.21 39.43 7.71
N PHE A 656 39.29 39.94 8.52
CA PHE A 656 37.99 39.32 8.73
C PHE A 656 37.01 39.89 7.71
N THR A 657 36.52 39.02 6.82
CA THR A 657 35.60 39.41 5.77
C THR A 657 34.26 38.74 5.98
N CYS A 658 33.19 39.49 5.81
CA CYS A 658 31.83 38.99 5.95
C CYS A 658 31.09 39.18 4.64
N ILE A 659 30.47 38.11 4.15
CA ILE A 659 29.66 38.14 2.93
C ILE A 659 28.20 38.25 3.35
N THR A 660 27.58 39.39 3.09
CA THR A 660 26.22 39.67 3.50
C THR A 660 25.31 39.75 2.28
N GLY A 661 24.02 39.65 2.53
CA GLY A 661 23.04 39.74 1.46
C GLY A 661 21.75 39.07 1.85
N VAL A 662 20.72 39.34 1.03
CA VAL A 662 19.42 38.74 1.27
C VAL A 662 19.46 37.25 0.96
N SER A 663 18.57 36.49 1.61
CA SER A 663 18.47 35.06 1.39
C SER A 663 18.15 34.77 -0.07
N GLY A 664 19.07 34.15 -0.78
CA GLY A 664 18.92 33.86 -2.20
C GLY A 664 19.65 34.80 -3.13
N SER A 665 20.45 35.73 -2.60
CA SER A 665 21.11 36.73 -3.45
C SER A 665 22.31 36.19 -4.20
N GLY A 666 22.85 35.04 -3.80
CA GLY A 666 23.96 34.46 -4.52
C GLY A 666 25.30 34.51 -3.81
N LYS A 667 25.31 34.32 -2.48
CA LYS A 667 26.56 34.33 -1.74
C LYS A 667 27.13 32.94 -1.55
N SER A 668 26.28 31.95 -1.23
CA SER A 668 26.76 30.57 -1.16
C SER A 668 27.26 30.10 -2.50
N SER A 669 26.53 30.42 -3.58
CA SER A 669 26.97 30.04 -4.92
C SER A 669 28.25 30.77 -5.31
N LEU A 670 28.45 32.00 -4.82
CA LEU A 670 29.67 32.72 -5.13
C LEU A 670 30.86 32.14 -4.38
N ILE A 671 30.67 31.75 -3.13
CA ILE A 671 31.79 31.34 -2.29
C ILE A 671 32.02 29.84 -2.40
N ASN A 672 31.07 29.03 -1.92
CA ASN A 672 31.30 27.59 -1.84
C ASN A 672 31.42 26.96 -3.22
N GLU A 673 30.58 27.39 -4.17
CA GLU A 673 30.55 26.76 -5.47
C GLU A 673 31.67 27.22 -6.40
N ILE A 674 32.36 28.30 -6.08
CA ILE A 674 33.42 28.79 -6.96
C ILE A 674 34.75 28.86 -6.22
N LEU A 675 34.82 29.71 -5.20
CA LEU A 675 36.10 30.04 -4.59
C LEU A 675 36.66 28.86 -3.80
N TYR A 676 35.82 28.23 -2.97
CA TYR A 676 36.28 27.10 -2.18
C TYR A 676 36.68 25.93 -3.08
N LYS A 677 35.86 25.64 -4.09
CA LYS A 677 36.16 24.52 -4.97
C LYS A 677 37.43 24.75 -5.78
N ARG A 678 37.63 25.95 -6.33
CA ARG A 678 38.88 26.27 -7.02
C ARG A 678 40.08 26.21 -6.09
N LEU A 679 39.96 26.73 -4.87
CA LEU A 679 41.07 26.69 -3.92
C LEU A 679 41.40 25.25 -3.53
N ALA A 680 40.38 24.42 -3.33
CA ALA A 680 40.62 23.02 -3.01
C ALA A 680 41.30 22.30 -4.15
N ALA A 681 40.84 22.53 -5.38
CA ALA A 681 41.48 21.91 -6.54
C ALA A 681 42.92 22.36 -6.69
N GLU A 682 43.20 23.63 -6.37
CA GLU A 682 44.56 24.15 -6.53
C GLU A 682 45.49 23.63 -5.44
N LEU A 683 45.03 23.59 -4.20
CA LEU A 683 45.90 23.31 -3.06
C LEU A 683 45.78 21.86 -2.59
N ASN A 684 44.58 21.42 -2.24
CA ASN A 684 44.39 20.10 -1.65
C ASN A 684 44.32 18.99 -2.69
N ARG A 685 44.39 19.32 -3.98
CA ARG A 685 44.33 18.34 -5.06
C ARG A 685 43.05 17.52 -5.01
N ALA A 686 41.95 18.17 -4.64
CA ALA A 686 40.66 17.50 -4.64
C ALA A 686 40.13 17.35 -6.06
N SER A 687 39.40 16.27 -6.29
CA SER A 687 38.82 15.97 -7.60
C SER A 687 37.38 16.46 -7.67
N VAL A 688 37.23 17.78 -7.55
CA VAL A 688 35.92 18.43 -7.63
C VAL A 688 36.00 19.55 -8.65
N LYS A 689 34.96 19.66 -9.48
CA LYS A 689 34.96 20.72 -10.48
C LYS A 689 34.35 21.99 -9.90
N PRO A 690 34.98 23.15 -10.11
CA PRO A 690 34.41 24.40 -9.57
C PRO A 690 33.25 24.92 -10.41
N GLY A 691 32.75 26.10 -10.06
CA GLY A 691 31.64 26.71 -10.77
C GLY A 691 32.09 27.45 -12.00
N GLU A 692 31.15 28.19 -12.59
CA GLU A 692 31.40 28.92 -13.82
C GLU A 692 32.06 30.24 -13.51
N HIS A 693 33.33 30.38 -13.91
CA HIS A 693 34.08 31.61 -13.70
C HIS A 693 35.18 31.69 -14.74
N ASP A 694 35.73 32.89 -14.91
CA ASP A 694 36.84 33.07 -15.85
C ASP A 694 38.16 32.66 -15.21
N LEU A 695 38.56 33.34 -14.14
CA LEU A 695 39.78 32.99 -13.44
C LEU A 695 39.75 33.64 -12.06
N ILE A 696 40.58 33.10 -11.17
CA ILE A 696 40.75 33.63 -9.82
C ILE A 696 42.22 33.95 -9.63
N LYS A 697 42.51 35.18 -9.19
CA LYS A 697 43.87 35.64 -8.98
C LYS A 697 44.14 35.79 -7.48
N GLY A 698 45.37 35.48 -7.09
CA GLY A 698 45.78 35.59 -5.72
C GLY A 698 45.85 34.29 -4.94
N ILE A 699 45.66 33.14 -5.59
CA ILE A 699 45.75 31.86 -4.91
C ILE A 699 47.15 31.57 -4.39
N GLU A 700 48.18 32.16 -5.01
CA GLU A 700 49.55 31.93 -4.57
C GLU A 700 49.87 32.53 -3.20
N TYR A 701 48.98 33.36 -2.66
CA TYR A 701 49.17 33.91 -1.33
C TYR A 701 48.67 32.99 -0.22
N LEU A 702 48.00 31.89 -0.56
CA LEU A 702 47.44 30.98 0.41
C LEU A 702 48.14 29.63 0.34
N ASP A 703 48.09 28.90 1.45
CA ASP A 703 48.70 27.57 1.53
C ASP A 703 47.71 26.47 1.91
N LYS A 704 46.52 26.81 2.39
CA LYS A 704 45.55 25.80 2.79
C LYS A 704 44.16 26.42 2.76
N VAL A 705 43.14 25.57 2.75
CA VAL A 705 41.75 26.00 2.82
C VAL A 705 40.99 25.07 3.75
N ILE A 706 40.18 25.63 4.63
CA ILE A 706 39.32 24.89 5.54
C ILE A 706 37.92 25.46 5.42
N ASP A 707 36.94 24.59 5.16
CA ASP A 707 35.59 25.02 4.87
C ASP A 707 34.58 24.33 5.77
N ILE A 708 33.63 25.10 6.28
CA ILE A 708 32.46 24.61 6.99
C ILE A 708 31.25 24.90 6.12
N ASP A 709 30.57 23.85 5.66
CA ASP A 709 29.49 24.00 4.71
C ASP A 709 28.15 24.17 5.41
N GLN A 710 27.15 24.58 4.64
CA GLN A 710 25.79 24.77 5.14
C GLN A 710 24.97 23.54 4.75
N SER A 711 25.20 22.45 5.46
CA SER A 711 24.59 21.16 5.16
C SER A 711 24.12 20.51 6.45
N PRO A 712 23.15 19.59 6.37
CA PRO A 712 22.72 18.86 7.56
C PRO A 712 23.80 17.94 8.09
N ILE A 713 23.70 17.66 9.40
CA ILE A 713 24.60 16.74 10.08
C ILE A 713 23.87 15.42 10.30
N GLY A 714 24.47 14.33 9.83
CA GLY A 714 23.83 13.03 9.99
C GLY A 714 23.88 12.54 11.41
N ARG A 715 22.75 12.03 11.89
CA ARG A 715 22.61 11.52 13.24
C ARG A 715 22.50 10.00 13.21
N THR A 716 23.50 9.32 13.77
CA THR A 716 23.52 7.87 13.82
C THR A 716 23.90 7.41 15.22
N PRO A 717 23.39 6.24 15.63
CA PRO A 717 23.81 5.70 16.93
C PRO A 717 25.28 5.32 16.99
N ARG A 718 25.95 5.18 15.86
CA ARG A 718 27.37 4.84 15.81
C ARG A 718 28.28 6.06 15.94
N SER A 719 27.70 7.26 16.10
CA SER A 719 28.45 8.49 16.11
C SER A 719 28.38 9.17 17.47
N ASN A 720 29.47 9.81 17.85
CA ASN A 720 29.53 10.63 19.06
C ASN A 720 30.54 11.73 18.82
N PRO A 721 30.64 12.71 19.73
CA PRO A 721 31.64 13.77 19.53
C PRO A 721 33.06 13.27 19.33
N ALA A 722 33.46 12.23 20.05
CA ALA A 722 34.83 11.72 19.93
C ALA A 722 35.10 11.16 18.54
N THR A 723 34.14 10.40 17.99
CA THR A 723 34.34 9.86 16.64
C THR A 723 34.25 10.96 15.59
N TYR A 724 33.32 11.91 15.77
CA TYR A 724 33.15 12.98 14.79
C TYR A 724 34.39 13.86 14.70
N THR A 725 34.94 14.26 15.85
CA THR A 725 36.10 15.13 15.84
C THR A 725 37.39 14.41 15.46
N GLY A 726 37.37 13.09 15.37
CA GLY A 726 38.54 12.32 14.99
C GLY A 726 39.51 12.03 16.10
N VAL A 727 39.20 12.39 17.35
CA VAL A 727 40.09 12.13 18.46
C VAL A 727 39.96 10.71 18.99
N PHE A 728 38.83 10.05 18.73
CA PHE A 728 38.66 8.68 19.18
C PHE A 728 39.64 7.75 18.49
N ASP A 729 40.05 8.07 17.25
CA ASP A 729 41.07 7.27 16.59
C ASP A 729 42.39 7.33 17.35
N PHE A 730 42.78 8.52 17.79
CA PHE A 730 44.01 8.66 18.57
C PHE A 730 43.88 7.93 19.91
N ILE A 731 42.72 8.03 20.55
CA ILE A 731 42.52 7.35 21.83
C ILE A 731 42.62 5.84 21.65
N ARG A 732 42.01 5.32 20.58
CA ARG A 732 42.08 3.88 20.32
C ARG A 732 43.49 3.43 20.01
N GLU A 733 44.24 4.24 19.25
CA GLU A 733 45.64 3.89 18.98
C GLU A 733 46.46 3.87 20.26
N ILE A 734 46.24 4.85 21.14
CA ILE A 734 46.94 4.89 22.41
C ILE A 734 46.62 3.65 23.23
N PHE A 735 45.34 3.26 23.29
CA PHE A 735 44.95 2.08 24.05
C PHE A 735 45.55 0.82 23.45
N ALA A 736 45.57 0.71 22.12
CA ALA A 736 46.12 -0.46 21.47
C ALA A 736 47.64 -0.52 21.53
N ASN A 737 48.28 0.60 21.87
CA ASN A 737 49.74 0.63 21.99
C ASN A 737 50.23 0.24 23.38
N THR A 738 49.34 -0.05 24.31
CA THR A 738 49.74 -0.42 25.66
C THR A 738 50.34 -1.82 25.68
N THR A 739 50.98 -2.15 26.80
CA THR A 739 51.61 -3.46 26.94
C THR A 739 50.58 -4.57 27.08
N GLU A 740 49.49 -4.31 27.79
CA GLU A 740 48.45 -5.33 27.96
C GLU A 740 47.79 -5.68 26.63
N ALA A 741 47.48 -4.67 25.80
CA ALA A 741 46.89 -4.94 24.50
C ALA A 741 47.87 -5.69 23.60
N LYS A 742 49.16 -5.35 23.68
CA LYS A 742 50.16 -6.09 22.92
C LYS A 742 50.22 -7.54 23.37
N THR A 743 50.16 -7.78 24.68
CA THR A 743 50.17 -9.14 25.19
C THR A 743 48.96 -9.93 24.72
N ARG A 744 47.79 -9.30 24.74
CA ARG A 744 46.55 -9.96 24.35
C ARG A 744 46.30 -9.90 22.84
N GLY A 745 47.20 -9.31 22.08
CA GLY A 745 47.05 -9.24 20.63
C GLY A 745 45.87 -8.43 20.14
N TYR A 746 45.63 -7.26 20.74
CA TYR A 746 44.55 -6.38 20.35
C TYR A 746 45.06 -5.31 19.40
N LYS A 747 44.15 -4.72 18.64
CA LYS A 747 44.46 -3.64 17.71
C LYS A 747 43.51 -2.48 17.96
N ALA A 748 43.65 -1.44 17.12
CA ALA A 748 42.83 -0.25 17.30
C ALA A 748 41.35 -0.53 17.08
N GLY A 749 41.03 -1.45 16.17
CA GLY A 749 39.64 -1.77 15.91
C GLY A 749 38.98 -2.58 17.01
N ARG A 750 39.78 -3.17 17.90
CA ARG A 750 39.21 -3.92 19.02
C ARG A 750 38.45 -3.00 19.96
N PHE A 751 38.94 -1.78 20.15
CA PHE A 751 38.37 -0.83 21.10
C PHE A 751 37.28 0.04 20.49
N SER A 752 36.87 -0.25 19.27
CA SER A 752 35.76 0.45 18.63
C SER A 752 34.46 -0.30 18.90
N PHE A 753 33.43 0.43 19.35
CA PHE A 753 32.15 -0.19 19.61
C PHE A 753 31.33 -0.43 18.35
N ASN A 754 31.79 0.05 17.21
CA ASN A 754 31.15 -0.21 15.92
C ASN A 754 31.77 -1.40 15.19
N VAL A 755 32.85 -1.97 15.71
CA VAL A 755 33.57 -3.05 15.06
C VAL A 755 33.28 -4.34 15.83
N LYS A 756 32.91 -5.39 15.10
CA LYS A 756 32.60 -6.67 15.71
C LYS A 756 33.86 -7.48 15.97
N GLY A 757 34.82 -6.88 16.68
CA GLY A 757 36.04 -7.57 17.06
C GLY A 757 36.22 -7.64 18.55
N GLY A 758 35.66 -6.67 19.26
CA GLY A 758 35.72 -6.66 20.72
C GLY A 758 34.45 -6.17 21.36
N ARG A 759 33.45 -5.83 20.53
CA ARG A 759 32.18 -5.34 21.05
C ARG A 759 31.30 -6.50 21.51
N CYS A 760 30.37 -6.19 22.41
CA CYS A 760 29.48 -7.20 22.95
C CYS A 760 28.44 -7.61 21.90
N GLU A 761 28.28 -8.92 21.71
CA GLU A 761 27.33 -9.42 20.73
C GLU A 761 25.91 -9.49 21.27
N ALA A 762 25.74 -9.51 22.59
CA ALA A 762 24.40 -9.51 23.17
C ALA A 762 23.65 -8.22 22.84
N CYS A 763 24.34 -7.09 22.93
CA CYS A 763 23.77 -5.79 22.60
C CYS A 763 24.14 -5.33 21.19
N ALA A 764 24.89 -6.14 20.44
CA ALA A 764 25.31 -5.81 19.07
C ALA A 764 26.08 -4.50 19.01
N GLY A 765 26.81 -4.18 20.07
CA GLY A 765 27.61 -2.97 20.11
C GLY A 765 26.84 -1.70 20.42
N ASP A 766 25.54 -1.79 20.69
CA ASP A 766 24.73 -0.62 20.97
C ASP A 766 24.50 -0.38 22.45
N GLY A 767 24.66 -1.42 23.28
CA GLY A 767 24.45 -1.32 24.70
C GLY A 767 23.02 -1.54 25.14
N ILE A 768 22.05 -1.23 24.29
CA ILE A 768 20.63 -1.38 24.59
C ILE A 768 19.99 -2.24 23.51
N ASN A 769 19.22 -3.23 23.93
CA ASN A 769 18.55 -4.12 22.99
C ASN A 769 17.02 -3.96 23.07
N VAL A 781 15.70 -1.70 26.50
CA VAL A 781 16.18 -2.34 27.72
C VAL A 781 17.70 -2.45 27.70
N PRO A 782 18.35 -1.99 28.77
CA PRO A 782 19.81 -2.07 28.84
C PRO A 782 20.30 -3.51 28.84
N CYS A 783 21.45 -3.73 28.22
CA CYS A 783 22.05 -5.05 28.20
C CYS A 783 22.51 -5.46 29.59
N GLU A 784 22.51 -6.76 29.84
CA GLU A 784 22.86 -7.31 31.15
C GLU A 784 24.19 -8.03 31.17
N VAL A 785 24.55 -8.74 30.09
CA VAL A 785 25.80 -9.48 30.08
C VAL A 785 27.00 -8.53 30.14
N CYS A 786 26.99 -7.51 29.29
CA CYS A 786 28.04 -6.51 29.27
C CYS A 786 27.63 -5.22 29.97
N LYS A 787 26.47 -5.21 30.63
CA LYS A 787 25.96 -4.03 31.35
C LYS A 787 25.79 -2.83 30.43
N GLY A 788 25.57 -3.07 29.15
CA GLY A 788 25.32 -2.00 28.21
C GLY A 788 26.53 -1.16 27.85
N LYS A 789 27.73 -1.59 28.23
CA LYS A 789 28.94 -0.83 27.94
C LYS A 789 29.44 -1.02 26.53
N ARG A 790 28.82 -1.90 25.75
CA ARG A 790 29.13 -2.20 24.35
C ARG A 790 30.46 -2.92 24.16
N TYR A 791 31.18 -3.22 25.23
CA TYR A 791 32.43 -3.95 25.16
C TYR A 791 32.36 -5.18 26.05
N ASN A 792 32.99 -6.27 25.60
CA ASN A 792 33.02 -7.48 26.41
C ASN A 792 33.99 -7.30 27.58
N ARG A 793 33.94 -8.24 28.52
CA ARG A 793 34.67 -8.09 29.77
C ARG A 793 36.18 -8.07 29.56
N GLU A 794 36.68 -8.74 28.52
CA GLU A 794 38.12 -8.76 28.29
C GLU A 794 38.63 -7.45 27.72
N THR A 795 37.84 -6.79 26.85
CA THR A 795 38.26 -5.50 26.32
C THR A 795 38.32 -4.45 27.42
N LEU A 796 37.40 -4.50 28.38
CA LEU A 796 37.40 -3.56 29.49
C LEU A 796 38.37 -4.02 30.58
N GLU A 797 39.59 -4.35 30.19
CA GLU A 797 40.67 -4.64 31.11
C GLU A 797 41.97 -3.94 30.76
N VAL A 798 42.13 -3.48 29.53
CA VAL A 798 43.27 -2.64 29.15
C VAL A 798 43.01 -1.23 29.67
N ARG A 799 43.84 -0.79 30.60
CA ARG A 799 43.66 0.50 31.27
C ARG A 799 44.82 1.42 30.95
N TYR A 800 44.52 2.63 30.51
CA TYR A 800 45.50 3.69 30.31
C TYR A 800 45.37 4.65 31.49
N LYS A 801 46.46 4.79 32.25
CA LYS A 801 46.46 5.58 33.49
C LYS A 801 45.39 5.10 34.45
N GLY A 802 45.21 3.79 34.52
CA GLY A 802 44.23 3.19 35.41
C GLY A 802 42.80 3.50 35.04
N LYS A 803 42.46 3.42 33.76
CA LYS A 803 41.10 3.73 33.30
C LYS A 803 40.90 3.11 31.94
N ASN A 804 39.80 2.38 31.77
CA ASN A 804 39.55 1.66 30.53
C ASN A 804 38.78 2.56 29.56
N ILE A 805 38.39 1.99 28.41
CA ILE A 805 37.82 2.80 27.33
C ILE A 805 36.43 3.31 27.69
N ALA A 806 35.66 2.57 28.50
CA ALA A 806 34.31 3.00 28.83
C ALA A 806 34.32 4.26 29.69
N GLU A 807 35.19 4.33 30.69
CA GLU A 807 35.27 5.54 31.50
C GLU A 807 35.87 6.70 30.72
N VAL A 808 36.77 6.43 29.77
CA VAL A 808 37.26 7.48 28.90
C VAL A 808 36.12 8.06 28.06
N LEU A 809 35.27 7.19 27.53
CA LEU A 809 34.08 7.65 26.81
C LEU A 809 33.08 8.32 27.73
N ASP A 810 33.14 8.03 29.03
CA ASP A 810 32.22 8.62 30.00
C ASP A 810 32.74 9.93 30.58
N MET A 811 33.88 10.42 30.12
CA MET A 811 34.41 11.70 30.59
C MET A 811 33.66 12.86 29.96
N THR A 812 33.63 13.98 30.66
CA THR A 812 33.24 15.23 30.06
C THR A 812 34.45 15.86 29.38
N VAL A 813 34.21 16.90 28.59
CA VAL A 813 35.30 17.55 27.86
C VAL A 813 36.27 18.20 28.84
N GLU A 814 35.75 18.80 29.91
CA GLU A 814 36.63 19.40 30.91
C GLU A 814 37.47 18.36 31.62
N GLU A 815 36.88 17.20 31.92
CA GLU A 815 37.65 16.11 32.53
C GLU A 815 38.73 15.60 31.58
N ALA A 816 38.38 15.42 30.30
CA ALA A 816 39.35 14.96 29.31
C ALA A 816 40.44 15.99 29.06
N LEU A 817 40.18 17.27 29.35
CA LEU A 817 41.23 18.27 29.25
C LEU A 817 42.36 17.99 30.24
N GLU A 818 42.00 17.64 31.48
CA GLU A 818 43.01 17.32 32.47
C GLU A 818 43.60 15.93 32.27
N PHE A 819 42.77 14.96 31.86
CA PHE A 819 43.26 13.61 31.66
C PHE A 819 44.25 13.52 30.51
N PHE A 820 43.93 14.16 29.38
CA PHE A 820 44.76 14.12 28.18
C PHE A 820 45.61 15.38 28.02
N LYS A 821 46.03 15.99 29.13
CA LYS A 821 46.77 17.24 29.06
C LYS A 821 48.18 17.08 28.52
N ASN A 822 48.66 15.85 28.37
CA ASN A 822 50.02 15.60 27.91
C ASN A 822 50.09 15.23 26.43
N ILE A 823 49.14 14.47 25.92
CA ILE A 823 49.11 14.13 24.51
C ILE A 823 48.68 15.35 23.72
N PRO A 824 49.52 15.88 22.82
CA PRO A 824 49.16 17.15 22.16
C PRO A 824 48.05 17.01 21.13
N ARG A 825 48.04 15.92 20.35
CA ARG A 825 47.02 15.76 19.32
C ARG A 825 45.62 15.68 19.93
N ILE A 826 45.47 14.93 21.01
CA ILE A 826 44.18 14.85 21.68
C ILE A 826 43.87 16.17 22.39
N HIS A 827 44.89 16.78 22.99
CA HIS A 827 44.67 18.00 23.77
C HIS A 827 44.18 19.14 22.90
N LYS A 828 44.69 19.25 21.67
CA LYS A 828 44.24 20.31 20.78
C LYS A 828 42.75 20.21 20.49
N LYS A 829 42.29 19.01 20.14
CA LYS A 829 40.87 18.81 19.84
C LYS A 829 40.00 19.01 21.07
N ILE A 830 40.44 18.50 22.22
CA ILE A 830 39.66 18.69 23.44
C ILE A 830 39.59 20.16 23.81
N GLU A 831 40.69 20.89 23.61
CA GLU A 831 40.71 22.32 23.88
C GLU A 831 39.78 23.08 22.95
N THR A 832 39.72 22.69 21.67
CA THR A 832 38.78 23.33 20.76
C THR A 832 37.34 23.05 21.18
N LEU A 833 37.04 21.80 21.56
CA LEU A 833 35.70 21.47 22.03
C LEU A 833 35.34 22.28 23.27
N TYR A 834 36.31 22.51 24.16
CA TYR A 834 36.09 23.37 25.31
C TYR A 834 35.87 24.81 24.87
N ASP A 835 36.61 25.26 23.86
CA ASP A 835 36.52 26.65 23.40
C ASP A 835 35.16 26.96 22.82
N VAL A 836 34.58 26.02 22.07
CA VAL A 836 33.26 26.26 21.48
C VAL A 836 32.18 26.17 22.56
N GLY A 837 32.58 25.89 23.80
CA GLY A 837 31.66 25.91 24.91
C GLY A 837 30.99 24.60 25.24
N LEU A 838 31.52 23.48 24.76
CA LEU A 838 30.93 22.17 24.99
C LEU A 838 31.63 21.41 26.11
N GLY A 839 32.10 22.12 27.15
CA GLY A 839 32.82 21.47 28.22
C GLY A 839 31.97 20.55 29.07
N TYR A 840 30.66 20.75 29.09
CA TYR A 840 29.76 19.91 29.87
C TYR A 840 29.42 18.61 29.17
N ILE A 841 29.66 18.51 27.86
CA ILE A 841 29.22 17.35 27.10
C ILE A 841 30.14 16.17 27.38
N LYS A 842 29.59 14.96 27.22
CA LYS A 842 30.38 13.75 27.36
C LYS A 842 31.02 13.39 26.03
N LEU A 843 32.21 12.78 26.12
CA LEU A 843 32.91 12.36 24.91
C LEU A 843 32.18 11.26 24.16
N GLY A 844 31.33 10.50 24.85
CA GLY A 844 30.62 9.39 24.24
C GLY A 844 29.12 9.55 24.12
N GLN A 845 28.59 10.75 24.31
CA GLN A 845 27.15 10.95 24.18
C GLN A 845 26.72 10.69 22.74
N SER A 846 25.60 9.98 22.58
CA SER A 846 25.12 9.64 21.25
C SER A 846 24.76 10.88 20.46
N SER A 847 25.09 10.87 19.17
CA SER A 847 24.78 12.01 18.31
C SER A 847 23.28 12.16 18.09
N THR A 848 22.53 11.06 18.19
CA THR A 848 21.08 11.15 18.08
C THR A 848 20.45 11.89 19.25
N THR A 849 21.18 12.02 20.36
CA THR A 849 20.71 12.75 21.53
C THR A 849 21.36 14.13 21.65
N LEU A 850 21.94 14.63 20.57
CA LEU A 850 22.55 15.96 20.56
C LEU A 850 21.57 16.97 20.01
N SER A 851 21.62 18.18 20.56
CA SER A 851 20.77 19.27 20.09
C SER A 851 21.37 19.88 18.83
N GLY A 852 20.61 20.77 18.19
CA GLY A 852 21.08 21.39 16.96
C GLY A 852 22.31 22.26 17.18
N GLY A 853 22.28 23.08 18.23
CA GLY A 853 23.44 23.91 18.54
C GLY A 853 24.65 23.09 18.93
N GLU A 854 24.44 22.02 19.71
CA GLU A 854 25.56 21.18 20.11
C GLU A 854 26.18 20.48 18.91
N ALA A 855 25.35 19.97 17.99
CA ALA A 855 25.88 19.34 16.78
C ALA A 855 26.62 20.34 15.91
N GLN A 856 26.07 21.54 15.76
CA GLN A 856 26.74 22.57 14.98
C GLN A 856 28.09 22.94 15.60
N ARG A 857 28.14 23.05 16.92
CA ARG A 857 29.40 23.37 17.59
C ARG A 857 30.39 22.22 17.50
N VAL A 858 29.92 20.98 17.51
CA VAL A 858 30.82 19.84 17.30
C VAL A 858 31.43 19.90 15.91
N LYS A 859 30.62 20.21 14.90
CA LYS A 859 31.14 20.36 13.55
C LYS A 859 32.14 21.50 13.46
N LEU A 860 31.83 22.64 14.10
CA LEU A 860 32.73 23.78 14.09
C LEU A 860 34.06 23.44 14.75
N ALA A 861 34.03 22.75 15.88
CA ALA A 861 35.27 22.35 16.55
C ALA A 861 36.06 21.36 15.69
N THR A 862 35.36 20.42 15.05
CA THR A 862 36.02 19.47 14.17
C THR A 862 36.80 20.18 13.08
N GLU A 863 36.18 21.18 12.45
CA GLU A 863 36.85 21.87 11.35
C GLU A 863 37.86 22.91 11.80
N LEU A 864 37.68 23.51 12.99
CA LEU A 864 38.58 24.55 13.46
C LEU A 864 39.71 24.01 14.33
N SER A 865 39.74 22.71 14.61
CA SER A 865 40.83 22.10 15.35
C SER A 865 41.94 21.56 14.46
N ARG A 866 42.07 22.10 13.25
CA ARG A 866 43.07 21.66 12.29
C ARG A 866 44.29 22.58 12.33
N LYS A 867 45.37 22.12 11.70
CA LYS A 867 46.61 22.88 11.71
C LYS A 867 46.48 24.17 10.93
N SER A 868 47.09 25.23 11.47
CA SER A 868 47.11 26.54 10.82
C SER A 868 48.56 26.89 10.50
N THR A 869 48.84 27.15 9.23
CA THR A 869 50.18 27.47 8.77
C THR A 869 50.45 28.97 8.73
N GLY A 870 49.51 29.80 9.17
CA GLY A 870 49.65 31.23 9.07
C GLY A 870 49.24 31.83 7.75
N LYS A 871 48.87 31.00 6.77
CA LYS A 871 48.43 31.47 5.47
C LYS A 871 47.24 30.67 4.96
N THR A 872 46.45 30.11 5.87
CA THR A 872 45.29 29.32 5.50
C THR A 872 44.07 30.22 5.34
N MET A 873 43.09 29.73 4.58
CA MET A 873 41.83 30.43 4.35
C MET A 873 40.70 29.67 5.01
N TYR A 874 39.94 30.36 5.85
CA TYR A 874 38.79 29.78 6.54
C TYR A 874 37.52 30.27 5.88
N ILE A 875 36.66 29.34 5.49
CA ILE A 875 35.37 29.65 4.87
C ILE A 875 34.28 29.04 5.73
N LEU A 876 33.36 29.88 6.20
CA LEU A 876 32.26 29.43 7.04
C LEU A 876 30.95 29.89 6.42
N ASP A 877 30.01 28.96 6.29
CA ASP A 877 28.71 29.22 5.66
C ASP A 877 27.64 29.22 6.74
N GLU A 878 27.42 30.38 7.34
CA GLU A 878 26.42 30.59 8.39
C GLU A 878 26.65 29.64 9.56
N PRO A 879 27.72 29.84 10.34
CA PRO A 879 28.01 28.92 11.45
C PRO A 879 27.25 29.24 12.73
N THR A 880 26.30 30.17 12.70
CA THR A 880 25.58 30.63 13.88
C THR A 880 24.29 29.85 14.10
N THR A 881 23.88 29.03 13.15
CA THR A 881 22.62 28.30 13.22
C THR A 881 22.47 27.51 14.52
N GLY A 882 21.48 27.88 15.34
CA GLY A 882 21.24 27.22 16.60
C GLY A 882 22.12 27.66 17.75
N LEU A 883 22.69 28.86 17.68
CA LEU A 883 23.64 29.33 18.69
C LEU A 883 23.08 30.55 19.39
N HIS A 884 23.10 30.53 20.72
CA HIS A 884 22.70 31.66 21.52
C HIS A 884 23.77 32.76 21.45
N MET A 885 23.41 33.94 21.95
CA MET A 885 24.30 35.09 21.86
C MET A 885 25.63 34.90 22.58
N ALA A 886 25.70 34.02 23.58
CA ALA A 886 26.97 33.71 24.24
C ALA A 886 27.85 32.81 23.38
N ASP A 887 27.25 31.80 22.75
CA ASP A 887 28.01 30.94 21.84
C ASP A 887 28.53 31.74 20.65
N VAL A 888 27.74 32.70 20.18
CA VAL A 888 28.20 33.61 19.13
C VAL A 888 29.40 34.42 19.61
N HIS A 889 29.38 34.89 20.87
CA HIS A 889 30.53 35.61 21.39
C HIS A 889 31.77 34.73 21.41
N ARG A 890 31.62 33.48 21.85
CA ARG A 890 32.76 32.56 21.86
C ARG A 890 33.31 32.33 20.46
N LEU A 891 32.41 32.10 19.49
CA LEU A 891 32.83 31.85 18.12
C LEU A 891 33.53 33.07 17.53
N VAL A 892 33.00 34.27 17.81
CA VAL A 892 33.60 35.50 17.31
C VAL A 892 35.01 35.67 17.87
N GLY A 893 35.17 35.40 19.18
CA GLY A 893 36.50 35.47 19.77
C GLY A 893 37.47 34.50 19.13
N ILE A 894 37.03 33.27 18.88
CA ILE A 894 37.89 32.27 18.26
C ILE A 894 38.31 32.73 16.85
N LEU A 895 37.34 33.21 16.07
CA LEU A 895 37.63 33.64 14.71
C LEU A 895 38.57 34.83 14.68
N HIS A 896 38.39 35.78 15.60
CA HIS A 896 39.27 36.93 15.64
C HIS A 896 40.67 36.56 16.09
N ARG A 897 40.80 35.59 17.02
CA ARG A 897 42.13 35.09 17.36
C ARG A 897 42.79 34.44 16.15
N LEU A 898 42.03 33.68 15.37
CA LEU A 898 42.58 33.07 14.16
C LEU A 898 43.05 34.13 13.18
N VAL A 899 42.27 35.20 13.00
CA VAL A 899 42.67 36.28 12.10
C VAL A 899 43.93 36.96 12.62
N GLU A 900 43.98 37.24 13.93
CA GLU A 900 45.17 37.86 14.51
C GLU A 900 46.40 36.97 14.41
N ALA A 901 46.22 35.66 14.27
CA ALA A 901 47.35 34.77 14.04
C ALA A 901 47.91 34.87 12.62
N GLY A 902 47.38 35.75 11.78
CA GLY A 902 47.86 35.93 10.43
C GLY A 902 47.03 35.28 9.34
N ASN A 903 45.91 34.66 9.69
CA ASN A 903 45.08 33.96 8.71
C ASN A 903 44.02 34.90 8.16
N SER A 904 43.21 34.39 7.23
CA SER A 904 42.10 35.11 6.65
C SER A 904 40.83 34.30 6.83
N VAL A 905 39.76 34.95 7.27
CA VAL A 905 38.49 34.30 7.55
C VAL A 905 37.41 34.98 6.73
N VAL A 906 36.64 34.18 6.00
CA VAL A 906 35.49 34.64 5.22
C VAL A 906 34.25 33.95 5.78
N VAL A 907 33.28 34.73 6.21
CA VAL A 907 32.08 34.22 6.85
C VAL A 907 30.86 34.73 6.09
N ILE A 908 30.05 33.80 5.57
CA ILE A 908 28.74 34.12 5.02
C ILE A 908 27.78 34.16 6.20
N GLU A 909 27.42 35.36 6.65
CA GLU A 909 26.68 35.53 7.89
C GLU A 909 25.45 36.38 7.67
N HIS A 910 24.41 36.08 8.45
CA HIS A 910 23.24 36.94 8.58
C HIS A 910 23.14 37.61 9.93
N ASN A 911 23.97 37.23 10.89
CA ASN A 911 23.92 37.79 12.24
C ASN A 911 24.60 39.14 12.28
N LEU A 912 23.93 40.13 12.86
CA LEU A 912 24.49 41.47 12.92
C LEU A 912 25.60 41.57 13.97
N ASP A 913 25.55 40.75 15.02
CA ASP A 913 26.60 40.77 16.02
C ASP A 913 27.93 40.32 15.44
N VAL A 914 27.91 39.32 14.57
CA VAL A 914 29.13 38.91 13.87
C VAL A 914 29.52 39.96 12.84
N ILE A 915 28.54 40.52 12.13
CA ILE A 915 28.82 41.44 11.03
C ILE A 915 29.51 42.70 11.53
N LYS A 916 29.04 43.25 12.64
CA LYS A 916 29.58 44.52 13.12
C LYS A 916 31.03 44.43 13.55
N THR A 917 31.56 43.23 13.75
CA THR A 917 32.96 43.04 14.10
C THR A 917 33.84 42.72 12.91
N ALA A 918 33.29 42.70 11.69
CA ALA A 918 34.06 42.34 10.51
C ALA A 918 34.83 43.55 9.98
N ASP A 919 36.04 43.28 9.49
CA ASP A 919 36.86 44.35 8.92
C ASP A 919 36.40 44.74 7.52
N TYR A 920 35.88 43.80 6.75
CA TYR A 920 35.43 44.04 5.39
C TYR A 920 34.08 43.39 5.18
N ILE A 921 33.24 44.01 4.34
CA ILE A 921 31.90 43.51 4.04
C ILE A 921 31.68 43.58 2.55
N ILE A 922 31.16 42.49 1.97
CA ILE A 922 30.85 42.42 0.55
C ILE A 922 29.37 42.06 0.45
N ASP A 923 28.52 43.09 0.32
CA ASP A 923 27.09 42.88 0.22
C ASP A 923 26.70 42.42 -1.18
N LEU A 924 25.67 41.59 -1.25
CA LEU A 924 25.15 41.07 -2.51
C LEU A 924 23.64 41.25 -2.56
N GLY A 925 23.11 41.38 -3.76
CA GLY A 925 21.70 41.56 -3.94
C GLY A 925 21.36 42.15 -5.29
N PRO A 926 20.41 43.10 -5.32
CA PRO A 926 19.68 43.66 -4.17
C PRO A 926 18.51 42.79 -3.74
N GLU A 927 18.26 41.69 -4.44
CA GLU A 927 17.17 40.79 -4.11
C GLU A 927 17.62 39.33 -4.21
N GLY A 928 16.67 38.40 -4.16
CA GLY A 928 17.00 37.00 -4.29
C GLY A 928 16.57 36.43 -5.63
N GLY A 929 17.22 35.34 -6.04
CA GLY A 929 16.86 34.71 -7.30
C GLY A 929 17.37 35.50 -8.49
N SER A 930 16.54 35.59 -9.53
CA SER A 930 16.91 36.30 -10.74
C SER A 930 17.05 37.80 -10.52
N GLY A 931 16.52 38.32 -9.42
CA GLY A 931 16.66 39.72 -9.08
C GLY A 931 17.94 40.07 -8.35
N GLY A 932 18.80 39.10 -8.09
CA GLY A 932 20.03 39.35 -7.36
C GLY A 932 21.26 38.94 -8.13
N GLY A 933 22.40 38.83 -7.43
CA GLY A 933 23.65 38.48 -8.06
C GLY A 933 24.57 39.64 -8.37
N LEU A 934 24.37 40.80 -7.75
CA LEU A 934 25.20 41.97 -7.96
C LEU A 934 25.70 42.50 -6.63
N VAL A 935 26.89 43.10 -6.64
CA VAL A 935 27.45 43.69 -5.44
C VAL A 935 26.81 45.06 -5.22
N VAL A 936 26.09 45.21 -4.11
CA VAL A 936 25.43 46.47 -3.81
C VAL A 936 26.23 47.34 -2.84
N ALA A 937 27.18 46.77 -2.11
CA ALA A 937 28.02 47.54 -1.20
C ALA A 937 29.30 46.76 -0.96
N GLU A 938 30.38 47.48 -0.63
CA GLU A 938 31.68 46.87 -0.43
C GLU A 938 32.55 47.83 0.37
N GLY A 939 32.95 47.41 1.56
CA GLY A 939 33.83 48.22 2.39
C GLY A 939 33.64 47.88 3.85
N THR A 940 34.16 48.75 4.70
CA THR A 940 34.00 48.59 6.13
C THR A 940 32.53 48.73 6.52
N PRO A 941 32.13 48.17 7.67
CA PRO A 941 30.70 48.22 8.04
C PRO A 941 30.12 49.61 8.08
N GLU A 942 30.90 50.63 8.47
CA GLU A 942 30.38 51.99 8.45
C GLU A 942 30.11 52.47 7.03
N GLU A 943 31.02 52.17 6.10
CA GLU A 943 30.80 52.56 4.71
C GLU A 943 29.58 51.87 4.12
N VAL A 944 29.38 50.60 4.44
CA VAL A 944 28.20 49.88 3.99
C VAL A 944 26.94 50.48 4.62
N ALA A 945 27.04 50.90 5.89
CA ALA A 945 25.91 51.54 6.55
C ALA A 945 25.57 52.87 5.90
N LYS A 946 26.56 53.56 5.32
CA LYS A 946 26.30 54.81 4.63
C LYS A 946 25.59 54.63 3.30
N VAL A 947 25.46 53.39 2.81
CA VAL A 947 24.77 53.13 1.55
C VAL A 947 23.28 53.07 1.79
N GLU A 948 22.52 53.85 1.02
CA GLU A 948 21.09 53.97 1.26
C GLU A 948 20.29 52.77 0.75
N ASN A 949 20.71 52.16 -0.35
CA ASN A 949 19.93 51.11 -0.99
C ASN A 949 20.30 49.71 -0.52
N SER A 950 21.20 49.58 0.45
CA SER A 950 21.63 48.29 0.96
C SER A 950 20.86 47.97 2.24
N TYR A 951 20.17 46.82 2.25
CA TYR A 951 19.42 46.41 3.42
C TYR A 951 20.33 46.18 4.62
N THR A 952 21.48 45.52 4.38
CA THR A 952 22.42 45.27 5.47
C THR A 952 22.93 46.58 6.06
N GLY A 953 23.18 47.57 5.22
CA GLY A 953 23.57 48.88 5.73
C GLY A 953 22.49 49.52 6.57
N GLN A 954 21.23 49.39 6.13
CA GLN A 954 20.11 49.94 6.90
C GLN A 954 20.03 49.28 8.27
N PHE A 955 20.21 47.96 8.34
CA PHE A 955 20.14 47.28 9.62
C PHE A 955 21.37 47.52 10.47
N LEU A 956 22.52 47.79 9.85
CA LEU A 956 23.73 48.11 10.60
C LEU A 956 23.70 49.52 11.16
N LYS A 957 22.97 50.43 10.50
CA LYS A 957 22.89 51.80 10.98
C LYS A 957 22.33 51.87 12.39
N LYS A 958 21.41 50.97 12.73
CA LYS A 958 20.81 50.95 14.06
C LYS A 958 21.62 50.14 15.06
N VAL A 959 22.69 49.47 14.63
CA VAL A 959 23.50 48.64 15.50
C VAL A 959 24.79 49.36 15.91
N LEU A 960 25.51 49.91 14.95
CA LEU A 960 26.76 50.61 15.23
C LEU A 960 26.50 51.88 16.04
N ASP B 24 -15.11 21.33 32.05
CA ASP B 24 -16.27 21.23 32.92
C ASP B 24 -17.54 20.99 32.11
N TYR B 25 -17.67 21.69 30.99
CA TYR B 25 -18.84 21.58 30.13
C TYR B 25 -18.41 21.54 28.68
N ILE B 26 -19.23 20.89 27.85
CA ILE B 26 -19.09 20.92 26.41
C ILE B 26 -20.22 21.79 25.88
N VAL B 27 -19.91 23.03 25.55
CA VAL B 27 -20.92 24.02 25.16
C VAL B 27 -21.10 23.98 23.65
N VAL B 28 -22.33 23.73 23.21
CA VAL B 28 -22.68 23.73 21.79
C VAL B 28 -23.70 24.84 21.58
N LYS B 29 -23.45 25.69 20.58
CA LYS B 29 -24.35 26.77 20.24
C LYS B 29 -24.65 26.73 18.75
N GLY B 30 -25.92 26.94 18.40
CA GLY B 30 -26.31 27.02 17.02
C GLY B 30 -26.14 25.73 16.23
N ALA B 31 -26.56 24.61 16.80
CA ALA B 31 -26.53 23.34 16.09
C ALA B 31 -27.69 23.26 15.12
N ARG B 32 -27.38 22.98 13.84
CA ARG B 32 -28.40 22.94 12.80
C ARG B 32 -28.25 21.74 11.89
N GLU B 33 -27.55 20.70 12.32
CA GLU B 33 -27.38 19.51 11.50
C GLU B 33 -28.70 18.77 11.35
N HIS B 34 -29.01 18.36 10.13
CA HIS B 34 -30.23 17.62 9.81
C HIS B 34 -31.48 18.38 10.26
N ASN B 35 -32.20 17.84 11.24
CA ASN B 35 -33.45 18.44 11.69
C ASN B 35 -33.30 19.25 12.96
N LEU B 36 -32.07 19.45 13.44
CA LEU B 36 -31.86 20.26 14.63
C LEU B 36 -32.16 21.73 14.34
N LYS B 37 -32.70 22.42 15.34
CA LYS B 37 -33.16 23.81 15.18
C LYS B 37 -32.47 24.69 16.21
N ASN B 38 -31.26 25.14 15.89
CA ASN B 38 -30.49 26.11 16.67
C ASN B 38 -30.60 25.83 18.17
N ILE B 39 -30.12 24.66 18.57
CA ILE B 39 -30.22 24.21 19.95
C ILE B 39 -28.90 24.46 20.66
N ASP B 40 -28.99 24.99 21.88
CA ASP B 40 -27.83 25.22 22.73
C ASP B 40 -27.88 24.26 23.90
N VAL B 41 -26.80 23.51 24.11
CA VAL B 41 -26.74 22.49 25.14
C VAL B 41 -25.41 22.59 25.86
N LYS B 42 -25.43 22.39 27.18
CA LYS B 42 -24.23 22.32 28.01
C LYS B 42 -24.15 20.92 28.58
N ILE B 43 -23.25 20.11 28.03
CA ILE B 43 -23.09 18.71 28.42
C ILE B 43 -22.03 18.65 29.52
N PRO B 44 -22.37 18.19 30.73
CA PRO B 44 -21.35 18.06 31.77
C PRO B 44 -20.25 17.08 31.37
N ARG B 45 -19.05 17.36 31.83
CA ARG B 45 -17.89 16.54 31.52
C ARG B 45 -17.61 15.57 32.66
N ASP B 46 -16.97 14.44 32.32
CA ASP B 46 -16.64 13.39 33.28
C ASP B 46 -17.89 12.88 34.00
N LYS B 47 -18.97 12.69 33.25
CA LYS B 47 -20.23 12.22 33.80
C LYS B 47 -20.83 11.17 32.88
N PHE B 48 -21.84 10.47 33.39
CA PHE B 48 -22.62 9.53 32.59
C PHE B 48 -23.84 10.28 32.05
N VAL B 49 -23.74 10.76 30.82
CA VAL B 49 -24.78 11.55 30.18
C VAL B 49 -25.51 10.67 29.17
N VAL B 50 -26.84 10.67 29.23
CA VAL B 50 -27.67 9.85 28.36
C VAL B 50 -28.53 10.78 27.51
N ILE B 51 -28.48 10.58 26.20
CA ILE B 51 -29.29 11.35 25.25
C ILE B 51 -30.55 10.54 24.95
N THR B 52 -31.70 11.19 25.10
CA THR B 52 -32.99 10.53 25.07
C THR B 52 -33.93 11.27 24.13
N GLY B 53 -34.81 10.52 23.47
CA GLY B 53 -35.81 11.14 22.63
C GLY B 53 -36.57 10.07 21.85
N LEU B 54 -37.53 10.56 21.07
CA LEU B 54 -38.28 9.69 20.17
C LEU B 54 -37.41 9.26 19.00
N SER B 55 -37.85 8.21 18.31
CA SER B 55 -37.13 7.73 17.14
C SER B 55 -37.31 8.72 16.00
N GLY B 56 -36.20 9.31 15.55
CA GLY B 56 -36.22 10.33 14.54
C GLY B 56 -36.13 11.75 15.06
N SER B 57 -35.96 11.93 16.38
CA SER B 57 -35.92 13.27 16.95
C SER B 57 -34.59 13.97 16.70
N GLY B 58 -33.49 13.22 16.61
CA GLY B 58 -32.21 13.83 16.30
C GLY B 58 -31.13 13.64 17.35
N LYS B 59 -31.18 12.54 18.09
CA LYS B 59 -30.12 12.25 19.05
C LYS B 59 -28.82 11.88 18.34
N SER B 60 -28.91 11.01 17.34
CA SER B 60 -27.71 10.64 16.57
C SER B 60 -27.13 11.83 15.83
N SER B 61 -27.97 12.67 15.23
CA SER B 61 -27.47 13.87 14.58
C SER B 61 -26.85 14.84 15.57
N LEU B 62 -27.37 14.92 16.79
CA LEU B 62 -26.80 15.81 17.79
C LEU B 62 -25.45 15.31 18.27
N ALA B 63 -25.31 14.01 18.50
CA ALA B 63 -24.06 13.50 19.06
C ALA B 63 -23.07 13.10 17.98
N PHE B 64 -23.40 12.08 17.19
CA PHE B 64 -22.43 11.52 16.25
C PHE B 64 -22.15 12.47 15.10
N ASP B 65 -23.18 13.13 14.58
CA ASP B 65 -23.03 13.99 13.40
C ASP B 65 -22.56 15.40 13.73
N THR B 66 -22.57 15.81 15.01
CA THR B 66 -22.10 17.13 15.38
C THR B 66 -20.84 17.07 16.26
N ILE B 67 -20.92 16.43 17.43
CA ILE B 67 -19.82 16.55 18.39
C ILE B 67 -18.64 15.71 17.94
N TYR B 68 -18.88 14.42 17.67
CA TYR B 68 -17.82 13.56 17.19
C TYR B 68 -17.29 14.03 15.84
N ALA B 69 -18.18 14.49 14.96
CA ALA B 69 -17.76 14.97 13.65
C ALA B 69 -16.83 16.17 13.77
N GLU B 70 -17.19 17.14 14.60
CA GLU B 70 -16.34 18.32 14.76
C GLU B 70 -15.01 17.97 15.42
N GLY B 71 -15.04 17.10 16.44
CA GLY B 71 -13.79 16.71 17.07
C GLY B 71 -12.85 15.99 16.12
N GLN B 72 -13.39 15.03 15.37
CA GLN B 72 -12.58 14.30 14.40
C GLN B 72 -12.04 15.23 13.32
N ARG B 73 -12.88 16.16 12.84
CA ARG B 73 -12.44 17.10 11.82
C ARG B 73 -11.30 17.98 12.33
N ARG B 74 -11.43 18.48 13.56
CA ARG B 74 -10.37 19.32 14.13
C ARG B 74 -9.08 18.54 14.30
N TYR B 75 -9.17 17.29 14.77
CA TYR B 75 -7.97 16.49 14.92
C TYR B 75 -7.33 16.17 13.57
N VAL B 76 -8.14 15.90 12.56
CA VAL B 76 -7.63 15.48 11.26
C VAL B 76 -7.02 16.65 10.50
N GLU B 77 -7.62 17.84 10.59
CA GLU B 77 -7.16 18.97 9.79
C GLU B 77 -5.72 19.37 10.11
N SER B 78 -5.19 18.97 11.27
CA SER B 78 -3.82 19.28 11.65
C SER B 78 -2.84 18.19 11.20
N LEU B 79 -3.18 17.42 10.18
CA LEU B 79 -2.36 16.31 9.71
C LEU B 79 -1.94 16.54 8.26
N SER B 80 -1.01 15.73 7.81
CA SER B 80 -0.50 15.81 6.45
C SER B 80 -1.56 15.36 5.46
N SER B 81 -1.36 15.71 4.19
CA SER B 81 -2.30 15.34 3.14
C SER B 81 -2.39 13.83 2.99
N TYR B 82 -1.26 13.14 3.08
CA TYR B 82 -1.26 11.68 3.01
C TYR B 82 -2.08 11.08 4.14
N ALA B 83 -1.86 11.55 5.37
CA ALA B 83 -2.61 11.06 6.51
C ALA B 83 -4.09 11.40 6.39
N ARG B 84 -4.42 12.60 5.94
CA ARG B 84 -5.81 13.00 5.78
C ARG B 84 -6.51 12.13 4.76
N GLN B 85 -5.84 11.82 3.64
CA GLN B 85 -6.43 10.93 2.65
C GLN B 85 -6.58 9.52 3.19
N PHE B 86 -5.59 9.03 3.94
CA PHE B 86 -5.64 7.67 4.44
C PHE B 86 -6.75 7.50 5.47
N LEU B 87 -6.93 8.47 6.35
CA LEU B 87 -7.92 8.37 7.42
C LEU B 87 -9.30 8.81 6.97
N GLY B 88 -9.42 10.02 6.44
CA GLY B 88 -10.71 10.53 6.02
C GLY B 88 -11.43 11.27 7.15
N GLN B 89 -12.27 12.21 6.75
CA GLN B 89 -13.03 13.01 7.69
C GLN B 89 -14.49 13.09 7.25
N MET B 90 -15.37 13.28 8.21
CA MET B 90 -16.80 13.37 7.93
C MET B 90 -17.15 14.78 7.44
N GLU B 91 -18.41 14.94 7.06
CA GLU B 91 -18.89 16.24 6.57
C GLU B 91 -18.87 17.27 7.70
N LYS B 92 -18.65 18.51 7.32
CA LYS B 92 -18.55 19.59 8.30
C LYS B 92 -19.93 19.89 8.88
N PRO B 93 -20.11 19.82 10.20
CA PRO B 93 -21.41 20.09 10.79
C PRO B 93 -21.80 21.56 10.67
N ASP B 94 -23.12 21.79 10.73
CA ASP B 94 -23.66 23.15 10.67
C ASP B 94 -23.85 23.68 12.09
N VAL B 95 -22.73 23.86 12.77
CA VAL B 95 -22.71 24.34 14.16
C VAL B 95 -21.90 25.62 14.22
N ASP B 96 -22.41 26.60 14.97
CA ASP B 96 -21.70 27.86 15.13
C ASP B 96 -20.34 27.64 15.77
N TYR B 97 -20.33 27.17 17.03
CA TYR B 97 -19.09 26.88 17.73
C TYR B 97 -19.38 25.87 18.82
N ILE B 98 -18.43 24.98 19.06
CA ILE B 98 -18.52 23.98 20.11
C ILE B 98 -17.22 23.99 20.91
N ASP B 99 -17.33 24.13 22.22
CA ASP B 99 -16.17 24.27 23.10
C ASP B 99 -16.09 23.09 24.06
N GLY B 100 -14.96 23.00 24.75
CA GLY B 100 -14.75 21.93 25.71
C GLY B 100 -14.49 20.57 25.10
N LEU B 101 -14.06 20.53 23.85
CA LEU B 101 -13.86 19.26 23.16
C LEU B 101 -12.54 18.62 23.58
N SER B 102 -12.36 17.37 23.15
CA SER B 102 -11.21 16.54 23.48
C SER B 102 -11.21 15.36 22.51
N PRO B 103 -10.20 14.47 22.56
CA PRO B 103 -10.27 13.28 21.70
C PRO B 103 -11.52 12.47 21.99
N ALA B 104 -12.14 11.97 20.92
CA ALA B 104 -13.42 11.28 21.02
C ALA B 104 -13.34 9.92 20.34
N ILE B 105 -13.92 8.92 20.98
CA ILE B 105 -14.05 7.57 20.44
C ILE B 105 -15.54 7.29 20.31
N ALA B 106 -15.97 6.92 19.10
CA ALA B 106 -17.38 6.77 18.80
C ALA B 106 -17.67 5.38 18.28
N ILE B 107 -18.81 4.83 18.69
CA ILE B 107 -19.33 3.56 18.19
C ILE B 107 -20.61 3.86 17.43
N ASP B 108 -20.64 3.50 16.16
CA ASP B 108 -21.76 3.85 15.29
C ASP B 108 -22.97 2.98 15.62
N GLN B 109 -24.16 3.50 15.28
CA GLN B 109 -25.39 2.76 15.52
C GLN B 109 -25.53 1.59 14.56
N LYS B 110 -25.10 1.77 13.31
CA LYS B 110 -25.29 0.74 12.29
C LYS B 110 -24.42 -0.47 12.59
N THR B 111 -25.01 -1.65 12.41
CA THR B 111 -24.29 -2.91 12.59
C THR B 111 -23.52 -3.26 11.33
N THR B 112 -22.33 -3.83 11.51
CA THR B 112 -21.42 -4.12 10.41
C THR B 112 -21.48 -5.59 10.04
N SER B 113 -21.37 -5.87 8.74
CA SER B 113 -21.29 -7.22 8.22
C SER B 113 -19.83 -7.52 7.87
N ARG B 114 -19.30 -8.60 8.43
CA ARG B 114 -17.88 -8.89 8.34
C ARG B 114 -17.59 -9.97 7.30
N ASN B 115 -16.34 -9.99 6.84
CA ASN B 115 -15.92 -10.97 5.86
C ASN B 115 -15.88 -12.37 6.47
N PRO B 116 -16.07 -13.41 5.65
CA PRO B 116 -16.01 -14.78 6.18
C PRO B 116 -14.66 -15.13 6.80
N ARG B 117 -13.57 -14.56 6.30
CA ARG B 117 -12.25 -14.84 6.84
C ARG B 117 -11.97 -14.16 8.17
N SER B 118 -12.82 -13.22 8.59
CA SER B 118 -12.60 -12.49 9.83
C SER B 118 -12.73 -13.42 11.03
N THR B 119 -12.03 -13.05 12.11
CA THR B 119 -11.94 -13.87 13.31
C THR B 119 -12.21 -13.00 14.53
N VAL B 120 -12.61 -13.65 15.63
CA VAL B 120 -12.89 -12.92 16.87
C VAL B 120 -11.64 -12.20 17.35
N GLY B 121 -10.50 -12.88 17.34
CA GLY B 121 -9.26 -12.25 17.78
C GLY B 121 -8.82 -11.12 16.86
N THR B 122 -9.06 -11.26 15.56
CA THR B 122 -8.72 -10.18 14.63
C THR B 122 -9.62 -8.97 14.83
N VAL B 123 -10.92 -9.20 15.04
CA VAL B 123 -11.86 -8.10 15.24
C VAL B 123 -11.56 -7.37 16.54
N THR B 124 -11.39 -8.12 17.62
CA THR B 124 -11.07 -7.53 18.93
C THR B 124 -9.67 -6.93 18.96
N GLU B 125 -8.84 -7.20 17.94
CA GLU B 125 -7.48 -6.71 17.81
C GLU B 125 -6.54 -7.29 18.88
N ILE B 126 -6.86 -8.46 19.42
CA ILE B 126 -5.91 -9.15 20.28
C ILE B 126 -4.89 -9.93 19.47
N TYR B 127 -5.22 -10.26 18.21
CA TYR B 127 -4.28 -11.00 17.38
C TYR B 127 -3.02 -10.20 17.10
N ASP B 128 -3.16 -8.89 16.86
CA ASP B 128 -1.99 -8.05 16.62
C ASP B 128 -1.08 -8.00 17.84
N TYR B 129 -1.66 -7.84 19.03
CA TYR B 129 -0.86 -7.82 20.25
C TYR B 129 -0.20 -9.17 20.49
N LEU B 130 -0.91 -10.26 20.19
CA LEU B 130 -0.32 -11.58 20.32
C LEU B 130 0.86 -11.76 19.36
N ARG B 131 0.71 -11.28 18.13
CA ARG B 131 1.80 -11.38 17.16
C ARG B 131 3.01 -10.57 17.61
N LEU B 132 2.77 -9.35 18.12
CA LEU B 132 3.87 -8.54 18.62
C LEU B 132 4.54 -9.20 19.82
N LEU B 133 3.76 -9.78 20.73
CA LEU B 133 4.34 -10.45 21.89
C LEU B 133 5.19 -11.65 21.46
N PHE B 134 4.70 -12.42 20.49
CA PHE B 134 5.46 -13.58 20.03
C PHE B 134 6.72 -13.17 19.28
N ALA B 135 6.67 -12.09 18.51
CA ALA B 135 7.84 -11.59 17.82
C ALA B 135 8.83 -10.89 18.74
N ARG B 136 8.38 -10.46 19.92
CA ARG B 136 9.24 -9.76 20.87
C ARG B 136 9.88 -10.67 21.90
N ILE B 137 9.12 -11.53 22.56
CA ILE B 137 9.63 -12.38 23.62
C ILE B 137 9.48 -13.86 23.31
N GLY B 138 9.00 -14.23 22.13
CA GLY B 138 8.84 -15.64 21.80
C GLY B 138 10.18 -16.33 21.67
N THR B 139 10.39 -17.34 22.50
CA THR B 139 11.65 -18.09 22.46
C THR B 139 11.62 -19.10 21.33
N PRO B 140 12.59 -19.07 20.39
CA PRO B 140 12.65 -20.02 19.27
C PRO B 140 12.81 -21.46 19.72
N SER B 150 20.29 -21.83 20.74
CA SER B 150 20.82 -21.02 21.84
C SER B 150 21.88 -20.05 21.32
N GLN B 151 21.53 -18.76 21.30
CA GLN B 151 22.45 -17.72 20.87
C GLN B 151 23.24 -17.24 22.09
N GLN B 152 24.54 -17.51 22.09
CA GLN B 152 25.41 -17.17 23.20
C GLN B 152 26.59 -16.33 22.71
N THR B 153 27.00 -15.37 23.54
CA THR B 153 28.19 -14.57 23.25
C THR B 153 29.41 -15.22 23.90
N VAL B 154 30.57 -14.59 23.72
CA VAL B 154 31.80 -15.12 24.31
C VAL B 154 31.73 -15.07 25.83
N ASP B 155 31.25 -13.96 26.38
CA ASP B 155 31.15 -13.82 27.83
C ASP B 155 30.16 -14.82 28.40
N GLN B 156 29.02 -15.02 27.73
CA GLN B 156 28.04 -15.99 28.20
C GLN B 156 28.61 -17.39 28.19
N MET B 157 29.35 -17.75 27.14
CA MET B 157 30.00 -19.06 27.10
C MET B 157 31.01 -19.21 28.21
N VAL B 158 31.81 -18.17 28.46
CA VAL B 158 32.80 -18.23 29.53
C VAL B 158 32.12 -18.44 30.88
N ASP B 159 31.01 -17.73 31.12
CA ASP B 159 30.27 -17.93 32.36
C ASP B 159 29.71 -19.33 32.46
N ARG B 160 29.19 -19.86 31.34
CA ARG B 160 28.61 -21.20 31.34
C ARG B 160 29.67 -22.26 31.69
N ILE B 161 30.86 -22.14 31.11
CA ILE B 161 31.93 -23.07 31.48
C ILE B 161 32.36 -22.84 32.93
N MET B 162 32.41 -21.58 33.37
CA MET B 162 32.79 -21.28 34.74
C MET B 162 31.80 -21.85 35.75
N GLU B 163 30.55 -22.10 35.34
CA GLU B 163 29.57 -22.68 36.25
C GLU B 163 29.95 -24.08 36.71
N PHE B 164 30.88 -24.74 36.02
CA PHE B 164 31.30 -26.08 36.41
C PHE B 164 32.07 -26.05 37.71
N GLU B 165 32.17 -27.22 38.35
CA GLU B 165 32.91 -27.35 39.59
C GLU B 165 34.41 -27.27 39.33
N GLU B 166 35.15 -26.89 40.37
CA GLU B 166 36.59 -26.77 40.26
C GLU B 166 37.24 -28.14 40.11
N GLY B 167 38.31 -28.19 39.34
CA GLY B 167 39.08 -29.41 39.14
C GLY B 167 38.67 -30.23 37.94
N THR B 168 37.55 -29.91 37.29
CA THR B 168 37.10 -30.68 36.14
C THR B 168 38.02 -30.44 34.94
N ARG B 169 38.28 -31.49 34.18
CA ARG B 169 39.11 -31.42 32.99
C ARG B 169 38.22 -31.22 31.77
N ILE B 170 38.50 -30.17 30.99
CA ILE B 170 37.72 -29.87 29.80
C ILE B 170 38.68 -29.69 28.62
N GLN B 171 38.13 -29.88 27.43
CA GLN B 171 38.85 -29.67 26.18
C GLN B 171 37.97 -28.86 25.23
N LEU B 172 38.56 -27.87 24.58
CA LEU B 172 37.85 -27.02 23.64
C LEU B 172 38.09 -27.52 22.22
N LEU B 173 37.01 -27.72 21.48
CA LEU B 173 37.08 -28.27 20.14
C LEU B 173 36.46 -27.30 19.14
N ALA B 174 37.01 -27.29 17.92
CA ALA B 174 36.52 -26.49 16.81
C ALA B 174 36.13 -27.43 15.68
N PRO B 175 34.88 -27.86 15.61
CA PRO B 175 34.49 -28.81 14.56
C PRO B 175 34.38 -28.16 13.19
N VAL B 176 35.32 -28.49 12.30
CA VAL B 176 35.32 -27.91 10.96
C VAL B 176 34.38 -28.66 10.01
N VAL B 177 34.21 -29.97 10.20
CA VAL B 177 33.33 -30.78 9.38
C VAL B 177 32.35 -31.51 10.30
N ARG B 178 31.06 -31.37 10.01
CA ARG B 178 30.00 -32.00 10.80
C ARG B 178 29.04 -32.71 9.85
N GLY B 179 29.15 -34.03 9.78
CA GLY B 179 28.28 -34.82 8.93
C GLY B 179 28.55 -34.65 7.45
N ARG B 180 29.72 -35.07 6.99
CA ARG B 180 30.08 -34.98 5.59
C ARG B 180 31.02 -36.13 5.24
N LYS B 181 31.09 -36.44 3.94
CA LYS B 181 31.92 -37.53 3.43
C LYS B 181 32.91 -36.97 2.43
N GLY B 182 34.18 -37.37 2.58
CA GLY B 182 35.22 -36.93 1.67
C GLY B 182 36.55 -37.50 2.10
N GLU B 183 37.52 -37.39 1.19
CA GLU B 183 38.87 -37.85 1.48
C GLU B 183 39.50 -37.04 2.60
N TYR B 184 39.36 -35.72 2.54
CA TYR B 184 39.82 -34.80 3.58
C TYR B 184 41.31 -34.97 3.86
N HIS B 185 42.11 -34.70 2.83
CA HIS B 185 43.56 -34.67 2.93
C HIS B 185 44.13 -33.26 2.85
N LYS B 186 43.65 -32.45 1.89
CA LYS B 186 44.08 -31.06 1.80
C LYS B 186 43.69 -30.28 3.04
N LEU B 187 42.49 -30.53 3.57
CA LEU B 187 42.07 -29.86 4.80
C LEU B 187 42.97 -30.22 5.97
N ILE B 188 43.32 -31.51 6.10
CA ILE B 188 44.20 -31.93 7.19
C ILE B 188 45.58 -31.30 7.03
N GLU B 189 46.09 -31.25 5.79
CA GLU B 189 47.38 -30.62 5.56
C GLU B 189 47.35 -29.13 5.90
N ASP B 190 46.27 -28.45 5.54
CA ASP B 190 46.15 -27.03 5.87
C ASP B 190 46.06 -26.81 7.37
N ILE B 191 45.33 -27.68 8.08
CA ILE B 191 45.24 -27.56 9.53
C ILE B 191 46.61 -27.77 10.16
N LYS B 192 47.36 -28.78 9.69
CA LYS B 192 48.69 -29.01 10.22
C LYS B 192 49.61 -27.83 9.94
N LYS B 193 49.52 -27.24 8.74
CA LYS B 193 50.35 -26.10 8.42
C LYS B 193 49.97 -24.87 9.24
N GLU B 194 48.70 -24.77 9.66
CA GLU B 194 48.27 -23.63 10.46
C GLU B 194 48.94 -23.62 11.83
N GLY B 195 49.23 -24.80 12.38
CA GLY B 195 49.91 -24.87 13.67
C GLY B 195 49.32 -25.88 14.62
N TYR B 196 48.03 -26.19 14.45
CA TYR B 196 47.37 -27.15 15.31
C TYR B 196 47.91 -28.56 15.08
N VAL B 197 48.07 -29.30 16.16
CA VAL B 197 48.65 -30.64 16.11
C VAL B 197 47.64 -31.71 16.48
N ARG B 198 46.76 -31.44 17.45
CA ARG B 198 45.83 -32.44 17.94
C ARG B 198 44.51 -32.34 17.19
N ILE B 199 44.09 -33.45 16.57
CA ILE B 199 42.82 -33.55 15.87
C ILE B 199 42.15 -34.84 16.32
N ARG B 200 40.87 -34.75 16.66
CA ARG B 200 40.09 -35.93 17.01
C ARG B 200 39.16 -36.31 15.85
N VAL B 201 39.21 -37.56 15.44
CA VAL B 201 38.37 -38.08 14.37
C VAL B 201 37.64 -39.31 14.89
N ASP B 202 36.34 -39.40 14.57
CA ASP B 202 35.49 -40.50 15.00
C ASP B 202 35.51 -40.69 16.51
N GLY B 203 35.73 -39.60 17.26
CA GLY B 203 35.77 -39.66 18.70
C GLY B 203 37.10 -40.07 19.30
N GLU B 204 38.13 -40.28 18.47
CA GLU B 204 39.44 -40.70 18.94
C GLU B 204 40.48 -39.65 18.57
N VAL B 205 41.32 -39.28 19.54
CA VAL B 205 42.33 -38.24 19.32
C VAL B 205 43.54 -38.86 18.65
N VAL B 206 43.98 -38.24 17.55
CA VAL B 206 45.15 -38.68 16.81
C VAL B 206 46.01 -37.48 16.47
N ASP B 207 47.29 -37.74 16.18
CA ASP B 207 48.21 -36.68 15.80
C ASP B 207 48.10 -36.38 14.31
N VAL B 208 48.09 -35.08 13.99
CA VAL B 208 47.97 -34.68 12.59
C VAL B 208 49.23 -35.03 11.80
N ASN B 209 50.39 -35.04 12.46
CA ASN B 209 51.64 -35.36 11.76
C ASN B 209 51.65 -36.80 11.29
N ASP B 210 51.19 -37.73 12.12
CA ASP B 210 51.14 -39.13 11.74
C ASP B 210 50.12 -39.34 10.63
N PRO B 211 50.43 -40.14 9.61
CA PRO B 211 49.46 -40.38 8.54
C PRO B 211 48.21 -41.07 9.06
N VAL B 212 47.07 -40.71 8.49
CA VAL B 212 45.78 -41.26 8.89
C VAL B 212 45.02 -41.70 7.64
N ASN B 213 44.07 -42.60 7.83
CA ASN B 213 43.25 -43.13 6.76
C ASN B 213 41.78 -43.02 7.15
N LEU B 214 40.93 -42.73 6.16
CA LEU B 214 39.50 -42.59 6.40
C LEU B 214 38.76 -42.94 5.11
N ASP B 215 37.63 -43.62 5.24
CA ASP B 215 36.83 -43.99 4.09
C ASP B 215 36.18 -42.75 3.48
N LYS B 216 36.24 -42.65 2.15
CA LYS B 216 35.65 -41.51 1.46
C LYS B 216 34.12 -41.59 1.44
N ASN B 217 33.55 -42.78 1.57
CA ASN B 217 32.11 -42.97 1.55
C ASN B 217 31.50 -43.02 2.94
N LYS B 218 32.29 -42.82 3.99
CA LYS B 218 31.81 -42.86 5.36
C LYS B 218 31.91 -41.47 5.98
N LYS B 219 30.85 -41.07 6.68
CA LYS B 219 30.82 -39.77 7.33
C LYS B 219 31.87 -39.70 8.44
N HIS B 220 32.54 -38.55 8.55
CA HIS B 220 33.54 -38.33 9.58
C HIS B 220 33.31 -36.96 10.21
N ASN B 221 33.61 -36.87 11.50
CA ASN B 221 33.47 -35.63 12.27
C ASN B 221 34.87 -35.17 12.66
N ILE B 222 35.47 -34.34 11.83
CA ILE B 222 36.81 -33.83 12.06
C ILE B 222 36.71 -32.62 12.99
N GLU B 223 37.37 -32.71 14.15
CA GLU B 223 37.39 -31.64 15.14
C GLU B 223 38.82 -31.32 15.52
N ILE B 224 39.12 -30.04 15.66
CA ILE B 224 40.46 -29.58 15.99
C ILE B 224 40.51 -29.30 17.48
N VAL B 225 41.43 -29.96 18.19
CA VAL B 225 41.60 -29.70 19.61
C VAL B 225 42.50 -28.47 19.76
N VAL B 226 41.96 -27.43 20.39
CA VAL B 226 42.66 -26.16 20.53
C VAL B 226 43.37 -26.05 21.87
N ASP B 227 42.65 -26.27 22.97
CA ASP B 227 43.23 -26.17 24.30
C ASP B 227 42.69 -27.27 25.19
N ARG B 228 43.49 -27.67 26.17
CA ARG B 228 43.12 -28.65 27.18
C ARG B 228 43.35 -27.98 28.53
N LEU B 229 42.33 -27.28 29.02
CA LEU B 229 42.47 -26.42 30.19
C LEU B 229 42.01 -27.14 31.44
N ILE B 230 42.09 -26.43 32.57
CA ILE B 230 41.61 -26.89 33.86
C ILE B 230 40.66 -25.84 34.40
N VAL B 231 39.76 -26.25 35.29
CA VAL B 231 38.75 -25.35 35.83
C VAL B 231 39.21 -24.88 37.20
N ARG B 232 39.55 -23.60 37.30
CA ARG B 232 39.96 -22.98 38.55
C ARG B 232 39.78 -21.48 38.42
N PRO B 233 39.59 -20.75 39.51
CA PRO B 233 39.47 -19.29 39.41
C PRO B 233 40.75 -18.66 38.89
N GLY B 234 40.59 -17.60 38.11
CA GLY B 234 41.72 -16.87 37.58
C GLY B 234 42.20 -17.28 36.21
N ILE B 235 41.40 -18.04 35.46
CA ILE B 235 41.80 -18.45 34.11
C ILE B 235 40.83 -17.86 33.09
N GLN B 236 40.21 -16.73 33.44
CA GLN B 236 39.25 -16.10 32.55
C GLN B 236 39.90 -15.65 31.25
N LYS B 237 41.10 -15.09 31.32
CA LYS B 237 41.75 -14.56 30.13
C LYS B 237 42.08 -15.66 29.13
N ARG B 238 42.73 -16.73 29.60
CA ARG B 238 43.10 -17.82 28.71
C ARG B 238 41.87 -18.52 28.14
N LEU B 239 40.86 -18.73 28.99
CA LEU B 239 39.63 -19.37 28.53
C LEU B 239 38.93 -18.53 27.47
N THR B 240 38.85 -17.21 27.68
CA THR B 240 38.22 -16.34 26.70
C THR B 240 39.01 -16.33 25.39
N ASP B 241 40.34 -16.30 25.47
CA ASP B 241 41.14 -16.33 24.25
C ASP B 241 40.92 -17.64 23.48
N SER B 242 40.89 -18.77 24.20
CA SER B 242 40.67 -20.05 23.53
C SER B 242 39.28 -20.12 22.91
N ILE B 243 38.27 -19.63 23.63
CA ILE B 243 36.91 -19.63 23.08
C ILE B 243 36.84 -18.75 21.84
N GLU B 244 37.49 -17.59 21.87
CA GLU B 244 37.48 -16.69 20.74
C GLU B 244 38.14 -17.31 19.52
N THR B 245 39.29 -17.96 19.70
CA THR B 245 39.96 -18.56 18.54
C THR B 245 39.19 -19.78 18.03
N VAL B 246 38.55 -20.54 18.93
CA VAL B 246 37.72 -21.65 18.50
C VAL B 246 36.55 -21.14 17.68
N LEU B 247 35.89 -20.08 18.14
CA LEU B 247 34.75 -19.52 17.40
C LEU B 247 35.19 -18.97 16.05
N ARG B 248 36.36 -18.32 16.00
CA ARG B 248 36.86 -17.81 14.73
C ARG B 248 37.16 -18.95 13.76
N LEU B 249 37.74 -20.05 14.25
CA LEU B 249 38.13 -21.14 13.38
C LEU B 249 36.93 -21.94 12.91
N SER B 250 35.96 -22.18 13.79
CA SER B 250 34.81 -23.02 13.48
C SER B 250 33.59 -22.24 13.04
N ASN B 251 33.71 -20.91 12.89
CA ASN B 251 32.63 -20.05 12.43
C ASN B 251 31.41 -20.13 13.35
N GLY B 252 31.64 -19.74 14.61
CA GLY B 252 30.55 -19.58 15.56
C GLY B 252 30.05 -20.84 16.21
N ILE B 253 30.80 -21.94 16.15
CA ILE B 253 30.41 -23.19 16.78
C ILE B 253 31.50 -23.60 17.76
N LEU B 254 31.11 -23.87 19.00
CA LEU B 254 32.04 -24.30 20.04
C LEU B 254 31.50 -25.58 20.67
N VAL B 255 32.38 -26.55 20.85
CA VAL B 255 32.04 -27.82 21.50
C VAL B 255 32.95 -27.96 22.73
N VAL B 256 32.33 -28.11 23.89
CA VAL B 256 33.06 -28.27 25.14
C VAL B 256 33.01 -29.74 25.52
N ASP B 257 34.18 -30.38 25.55
CA ASP B 257 34.29 -31.80 25.89
C ASP B 257 34.60 -31.88 27.38
N VAL B 258 33.62 -32.30 28.17
CA VAL B 258 33.78 -32.47 29.60
C VAL B 258 34.23 -33.90 29.86
N ILE B 259 35.44 -34.06 30.39
CA ILE B 259 35.98 -35.39 30.64
C ILE B 259 35.20 -36.02 31.79
N GLY B 260 34.58 -37.16 31.53
CA GLY B 260 33.76 -37.83 32.52
C GLY B 260 32.34 -37.33 32.63
N GLY B 261 31.96 -36.34 31.81
CA GLY B 261 30.62 -35.79 31.85
C GLY B 261 30.00 -35.71 30.47
N LYS B 262 28.76 -35.24 30.45
CA LYS B 262 28.02 -35.12 29.19
C LYS B 262 28.54 -33.93 28.38
N GLU B 263 28.78 -34.16 27.09
CA GLU B 263 29.24 -33.10 26.22
C GLU B 263 28.14 -32.08 25.97
N MET B 264 28.54 -30.83 25.77
CA MET B 264 27.62 -29.74 25.51
C MET B 264 28.10 -28.93 24.32
N LEU B 265 27.16 -28.32 23.62
CA LEU B 265 27.43 -27.52 22.44
C LEU B 265 26.90 -26.12 22.64
N LEU B 266 27.72 -25.11 22.34
CA LEU B 266 27.34 -23.71 22.42
C LEU B 266 27.61 -23.04 21.08
N SER B 267 26.68 -22.19 20.66
CA SER B 267 26.79 -21.52 19.37
C SER B 267 26.39 -20.07 19.52
N GLN B 268 26.86 -19.24 18.59
CA GLN B 268 26.53 -17.82 18.58
C GLN B 268 25.09 -17.59 18.15
N VAL B 443 8.41 -20.87 18.11
CA VAL B 443 8.24 -19.74 19.02
C VAL B 443 7.09 -20.00 19.98
N THR B 444 7.43 -20.20 21.26
CA THR B 444 6.44 -20.49 22.28
C THR B 444 6.76 -19.71 23.56
N ILE B 445 5.72 -19.21 24.20
CA ILE B 445 5.83 -18.53 25.49
C ILE B 445 4.94 -19.27 26.48
N GLY B 446 5.51 -19.65 27.62
CA GLY B 446 4.77 -20.40 28.61
C GLY B 446 4.46 -21.83 28.20
N GLY B 447 5.18 -22.37 27.23
CA GLY B 447 4.93 -23.72 26.76
C GLY B 447 3.80 -23.86 25.78
N LYS B 448 3.28 -22.76 25.24
CA LYS B 448 2.17 -22.79 24.29
C LYS B 448 2.54 -22.03 23.03
N ASN B 449 2.18 -22.61 21.89
CA ASN B 449 2.39 -21.96 20.60
C ASN B 449 1.33 -20.89 20.37
N ILE B 450 1.45 -20.19 19.25
CA ILE B 450 0.48 -19.15 18.91
C ILE B 450 -0.87 -19.77 18.55
N TYR B 451 -0.85 -20.84 17.76
CA TYR B 451 -2.10 -21.53 17.44
C TYR B 451 -2.71 -22.15 18.69
N GLU B 452 -1.89 -22.74 19.55
CA GLU B 452 -2.40 -23.34 20.78
C GLU B 452 -3.05 -22.31 21.67
N VAL B 453 -2.43 -21.14 21.81
CA VAL B 453 -3.01 -20.08 22.63
C VAL B 453 -4.20 -19.41 21.96
N CYS B 454 -4.31 -19.51 20.63
CA CYS B 454 -5.45 -18.98 19.90
C CYS B 454 -6.60 -19.96 19.80
N CYS B 455 -6.40 -21.22 20.21
CA CYS B 455 -7.44 -22.23 20.20
C CYS B 455 -8.10 -22.40 21.57
N LEU B 456 -7.80 -21.54 22.53
CA LEU B 456 -8.41 -21.59 23.85
C LEU B 456 -9.56 -20.62 23.97
N SER B 457 -10.39 -20.84 24.99
CA SER B 457 -11.48 -19.93 25.29
C SER B 457 -10.93 -18.60 25.81
N ILE B 458 -11.80 -17.59 25.82
CA ILE B 458 -11.39 -16.27 26.31
C ILE B 458 -11.08 -16.34 27.81
N GLY B 459 -11.91 -17.05 28.58
CA GLY B 459 -11.63 -17.19 30.00
C GLY B 459 -10.34 -17.94 30.27
N GLU B 460 -10.13 -19.05 29.55
CA GLU B 460 -8.89 -19.80 29.74
C GLU B 460 -7.67 -19.01 29.28
N ALA B 461 -7.81 -18.23 28.21
CA ALA B 461 -6.71 -17.39 27.77
C ALA B 461 -6.39 -16.32 28.80
N LYS B 462 -7.43 -15.72 29.41
CA LYS B 462 -7.20 -14.74 30.46
C LYS B 462 -6.50 -15.38 31.66
N GLU B 463 -6.93 -16.59 32.05
CA GLU B 463 -6.29 -17.28 33.16
C GLU B 463 -4.83 -17.59 32.84
N PHE B 464 -4.55 -18.02 31.61
CA PHE B 464 -3.18 -18.32 31.22
C PHE B 464 -2.30 -17.08 31.24
N PHE B 465 -2.81 -15.96 30.72
CA PHE B 465 -2.05 -14.73 30.71
C PHE B 465 -1.98 -14.05 32.06
N ALA B 466 -2.79 -14.46 33.03
CA ALA B 466 -2.76 -13.86 34.36
C ALA B 466 -1.74 -14.51 35.28
N ASN B 467 -1.34 -15.77 35.02
CA ASN B 467 -0.44 -16.49 35.91
C ASN B 467 0.80 -17.00 35.18
N LEU B 468 1.11 -16.43 34.02
CA LEU B 468 2.29 -16.84 33.28
C LEU B 468 3.55 -16.34 33.99
N ASN B 469 4.62 -17.13 33.89
CA ASN B 469 5.87 -16.79 34.57
C ASN B 469 6.77 -16.02 33.63
N LEU B 470 7.15 -14.81 34.02
CA LEU B 470 8.01 -13.95 33.22
C LEU B 470 9.09 -13.33 34.10
N THR B 471 10.29 -13.22 33.56
CA THR B 471 11.40 -12.60 34.28
C THR B 471 11.33 -11.08 34.17
N GLU B 472 12.27 -10.41 34.84
CA GLU B 472 12.27 -8.96 34.86
C GLU B 472 12.47 -8.37 33.46
N ARG B 473 13.36 -8.97 32.68
CA ARG B 473 13.61 -8.46 31.32
C ARG B 473 12.37 -8.56 30.46
N GLN B 474 11.68 -9.70 30.49
CA GLN B 474 10.48 -9.88 29.68
C GLN B 474 9.39 -8.90 30.11
N GLN B 475 9.25 -8.69 31.42
CA GLN B 475 8.27 -7.72 31.90
C GLN B 475 8.60 -6.32 31.40
N LEU B 476 9.84 -5.87 31.60
CA LEU B 476 10.24 -4.56 31.14
C LEU B 476 10.10 -4.42 29.62
N ILE B 477 10.17 -5.53 28.89
CA ILE B 477 10.05 -5.46 27.44
C ILE B 477 8.60 -5.36 27.00
N ALA B 478 7.73 -6.19 27.56
CA ALA B 478 6.38 -6.36 27.03
C ALA B 478 5.28 -6.02 28.04
N ARG B 479 5.58 -5.12 28.98
CA ARG B 479 4.55 -4.69 29.94
C ARG B 479 3.35 -4.07 29.25
N GLN B 480 3.58 -3.22 28.25
CA GLN B 480 2.47 -2.55 27.57
C GLN B 480 1.59 -3.56 26.83
N ILE B 481 2.21 -4.50 26.12
CA ILE B 481 1.44 -5.51 25.38
C ILE B 481 0.67 -6.39 26.34
N LEU B 482 1.30 -6.81 27.44
CA LEU B 482 0.60 -7.62 28.42
C LEU B 482 -0.57 -6.86 29.02
N LYS B 483 -0.39 -5.57 29.30
CA LYS B 483 -1.47 -4.77 29.87
C LYS B 483 -2.63 -4.65 28.90
N GLU B 484 -2.34 -4.40 27.61
CA GLU B 484 -3.42 -4.30 26.62
C GLU B 484 -4.19 -5.60 26.50
N ILE B 485 -3.46 -6.72 26.41
CA ILE B 485 -4.11 -8.02 26.28
C ILE B 485 -4.95 -8.32 27.52
N ASN B 486 -4.40 -8.03 28.70
CA ASN B 486 -5.13 -8.29 29.94
C ASN B 486 -6.40 -7.44 30.01
N ALA B 487 -6.32 -6.17 29.62
CA ALA B 487 -7.51 -5.32 29.64
C ALA B 487 -8.57 -5.83 28.68
N ARG B 488 -8.17 -6.21 27.47
CA ARG B 488 -9.15 -6.69 26.49
C ARG B 488 -9.82 -7.97 26.96
N LEU B 489 -9.01 -8.93 27.46
CA LEU B 489 -9.59 -10.19 27.93
C LEU B 489 -10.44 -9.98 29.18
N GLY B 490 -10.05 -9.06 30.05
CA GLY B 490 -10.86 -8.77 31.22
C GLY B 490 -12.21 -8.18 30.85
N PHE B 491 -12.22 -7.27 29.88
CA PHE B 491 -13.50 -6.73 29.42
C PHE B 491 -14.35 -7.82 28.79
N LEU B 492 -13.75 -8.68 27.98
CA LEU B 492 -14.50 -9.76 27.33
C LEU B 492 -15.10 -10.71 28.35
N VAL B 493 -14.35 -11.02 29.41
CA VAL B 493 -14.88 -11.87 30.47
C VAL B 493 -15.96 -11.13 31.26
N ASP B 494 -15.79 -9.84 31.47
CA ASP B 494 -16.74 -9.07 32.28
C ASP B 494 -18.10 -8.95 31.58
N VAL B 495 -18.12 -8.70 30.28
CA VAL B 495 -19.40 -8.59 29.59
C VAL B 495 -20.13 -9.92 29.57
N GLY B 496 -19.39 -11.03 29.47
CA GLY B 496 -20.00 -12.34 29.54
C GLY B 496 -19.56 -13.31 28.47
N LEU B 497 -18.59 -12.89 27.66
CA LEU B 497 -18.09 -13.72 26.56
C LEU B 497 -16.83 -14.48 26.98
N ASP B 498 -17.00 -15.37 27.97
CA ASP B 498 -15.90 -16.16 28.48
C ASP B 498 -15.90 -17.58 27.93
N TYR B 499 -16.72 -17.86 26.92
CA TYR B 499 -16.78 -19.18 26.32
C TYR B 499 -16.31 -19.23 24.86
N LEU B 500 -16.35 -18.11 24.15
CA LEU B 500 -15.88 -18.09 22.77
C LEU B 500 -14.37 -18.26 22.71
N THR B 501 -13.91 -19.03 21.73
CA THR B 501 -12.49 -19.14 21.46
C THR B 501 -12.05 -18.03 20.52
N LEU B 502 -10.77 -17.66 20.62
CA LEU B 502 -10.25 -16.56 19.83
C LEU B 502 -10.14 -16.90 18.35
N ALA B 503 -10.33 -18.16 17.97
CA ALA B 503 -10.27 -18.58 16.57
C ALA B 503 -11.64 -18.67 15.93
N ARG B 504 -12.71 -18.31 16.64
CA ARG B 504 -14.05 -18.40 16.09
C ARG B 504 -14.27 -17.33 15.03
N ALA B 505 -14.97 -17.70 13.96
CA ALA B 505 -15.31 -16.74 12.93
C ALA B 505 -16.33 -15.74 13.45
N ALA B 506 -16.11 -14.46 13.10
CA ALA B 506 -17.00 -13.41 13.58
C ALA B 506 -18.34 -13.40 12.86
N GLY B 507 -18.43 -14.03 11.69
CA GLY B 507 -19.68 -14.05 10.96
C GLY B 507 -20.71 -15.00 11.54
N THR B 508 -20.27 -15.96 12.36
CA THR B 508 -21.17 -16.94 12.95
C THR B 508 -21.70 -16.52 14.31
N LEU B 509 -21.27 -15.38 14.83
CA LEU B 509 -21.74 -14.93 16.14
C LEU B 509 -23.18 -14.42 16.05
N SER B 510 -23.87 -14.46 17.18
CA SER B 510 -25.22 -13.95 17.28
C SER B 510 -25.19 -12.41 17.35
N GLY B 511 -26.38 -11.81 17.42
CA GLY B 511 -26.46 -10.36 17.44
C GLY B 511 -25.83 -9.76 18.69
N GLY B 512 -26.16 -10.31 19.85
CA GLY B 512 -25.61 -9.79 21.09
C GLY B 512 -24.11 -9.99 21.21
N GLU B 513 -23.63 -11.17 20.83
CA GLU B 513 -22.19 -11.42 20.86
C GLU B 513 -21.45 -10.51 19.90
N ALA B 514 -22.00 -10.31 18.70
CA ALA B 514 -21.38 -9.40 17.75
C ALA B 514 -21.34 -7.98 18.28
N GLN B 515 -22.44 -7.53 18.89
CA GLN B 515 -22.46 -6.18 19.47
C GLN B 515 -21.44 -6.03 20.58
N ARG B 516 -21.34 -7.04 21.45
CA ARG B 516 -20.38 -6.97 22.56
C ARG B 516 -18.94 -6.97 22.05
N ILE B 517 -18.66 -7.75 21.01
CA ILE B 517 -17.31 -7.77 20.44
C ILE B 517 -17.00 -6.44 19.76
N ARG B 518 -17.99 -5.86 19.08
CA ARG B 518 -17.82 -4.54 18.48
C ARG B 518 -17.53 -3.49 19.54
N LEU B 519 -18.21 -3.57 20.68
CA LEU B 519 -17.90 -2.68 21.80
C LEU B 519 -16.48 -2.90 22.31
N ALA B 520 -16.10 -4.17 22.51
CA ALA B 520 -14.80 -4.49 23.07
C ALA B 520 -13.67 -4.05 22.15
N THR B 521 -13.93 -3.94 20.85
CA THR B 521 -12.91 -3.46 19.93
C THR B 521 -12.48 -2.04 20.28
N GLN B 522 -13.43 -1.19 20.67
CA GLN B 522 -13.17 0.23 20.89
C GLN B 522 -12.96 0.59 22.36
N ILE B 523 -13.81 0.09 23.25
CA ILE B 523 -13.74 0.45 24.66
C ILE B 523 -13.09 -0.66 25.49
N GLY B 524 -12.41 -1.61 24.84
CA GLY B 524 -11.78 -2.71 25.57
C GLY B 524 -10.71 -2.23 26.53
N SER B 525 -9.82 -1.36 26.06
CA SER B 525 -8.78 -0.76 26.89
C SER B 525 -9.11 0.70 27.12
N GLY B 526 -9.32 1.07 28.38
CA GLY B 526 -9.73 2.42 28.70
C GLY B 526 -8.60 3.43 28.61
N LEU B 527 -8.98 4.68 28.41
CA LEU B 527 -8.07 5.81 28.37
C LEU B 527 -8.51 6.84 29.41
N MET B 528 -7.86 8.00 29.40
CA MET B 528 -8.18 9.08 30.33
C MET B 528 -8.40 10.37 29.57
N GLY B 529 -9.41 11.13 29.98
CA GLY B 529 -9.74 12.39 29.34
C GLY B 529 -10.22 12.25 27.91
N VAL B 530 -11.01 11.23 27.62
CA VAL B 530 -11.51 10.95 26.28
C VAL B 530 -13.02 10.85 26.33
N ILE B 531 -13.70 11.51 25.40
CA ILE B 531 -15.16 11.42 25.31
C ILE B 531 -15.51 10.14 24.56
N TYR B 532 -16.39 9.34 25.16
CA TYR B 532 -16.89 8.12 24.54
C TYR B 532 -18.33 8.36 24.11
N ILE B 533 -18.58 8.26 22.80
CA ILE B 533 -19.91 8.42 22.24
C ILE B 533 -20.38 7.04 21.81
N LEU B 534 -21.40 6.52 22.48
CA LEU B 534 -21.96 5.21 22.19
C LEU B 534 -23.39 5.38 21.71
N ASP B 535 -23.69 4.87 20.52
CA ASP B 535 -25.00 4.99 19.91
C ASP B 535 -25.72 3.65 20.06
N GLU B 536 -26.56 3.56 21.10
CA GLU B 536 -27.33 2.37 21.43
C GLU B 536 -26.45 1.14 21.54
N PRO B 537 -25.63 1.01 22.58
CA PRO B 537 -24.77 -0.15 22.72
C PRO B 537 -25.47 -1.39 23.25
N SER B 538 -26.78 -1.33 23.51
CA SER B 538 -27.54 -2.44 24.06
C SER B 538 -28.41 -3.11 23.00
N ILE B 539 -27.89 -3.24 21.78
CA ILE B 539 -28.64 -3.85 20.69
C ILE B 539 -28.53 -5.36 20.82
N GLY B 540 -29.68 -6.03 20.94
CA GLY B 540 -29.72 -7.48 21.03
C GLY B 540 -29.11 -8.04 22.31
N LEU B 541 -29.27 -7.35 23.43
CA LEU B 541 -28.70 -7.76 24.70
C LEU B 541 -29.81 -7.92 25.75
N HIS B 542 -29.72 -9.00 26.51
CA HIS B 542 -30.66 -9.24 27.60
C HIS B 542 -30.46 -8.19 28.70
N GLN B 543 -31.33 -8.23 29.70
CA GLN B 543 -31.20 -7.31 30.82
C GLN B 543 -29.92 -7.59 31.61
N ARG B 544 -29.57 -8.86 31.78
CA ARG B 544 -28.35 -9.20 32.52
C ARG B 544 -27.11 -8.69 31.80
N ASP B 545 -27.05 -8.92 30.48
CA ASP B 545 -25.91 -8.44 29.71
C ASP B 545 -25.86 -6.91 29.70
N ASN B 546 -27.03 -6.27 29.65
CA ASN B 546 -27.07 -4.82 29.71
C ASN B 546 -26.56 -4.30 31.05
N ASP B 547 -26.89 -4.98 32.14
CA ASP B 547 -26.39 -4.58 33.46
C ASP B 547 -24.87 -4.75 33.54
N ARG B 548 -24.35 -5.85 33.00
CA ARG B 548 -22.90 -6.02 32.97
C ARG B 548 -22.22 -4.93 32.16
N LEU B 549 -22.82 -4.58 31.01
CA LEU B 549 -22.28 -3.50 30.19
C LEU B 549 -22.34 -2.17 30.93
N LEU B 550 -23.42 -1.93 31.69
CA LEU B 550 -23.52 -0.70 32.46
C LEU B 550 -22.45 -0.64 33.54
N ARG B 551 -22.17 -1.76 34.21
CA ARG B 551 -21.09 -1.79 35.18
C ARG B 551 -19.75 -1.49 34.54
N SER B 552 -19.50 -2.07 33.36
CA SER B 552 -18.26 -1.78 32.65
C SER B 552 -18.18 -0.31 32.25
N LEU B 553 -19.30 0.27 31.81
CA LEU B 553 -19.33 1.68 31.44
C LEU B 553 -19.05 2.58 32.64
N LYS B 554 -19.62 2.25 33.80
CA LYS B 554 -19.35 3.03 34.99
C LYS B 554 -17.88 2.92 35.40
N LYS B 555 -17.30 1.73 35.30
CA LYS B 555 -15.87 1.57 35.56
C LYS B 555 -15.04 2.40 34.60
N LEU B 556 -15.41 2.44 33.33
CA LEU B 556 -14.71 3.26 32.34
C LEU B 556 -14.83 4.74 32.66
N ARG B 557 -16.02 5.19 33.07
CA ARG B 557 -16.21 6.60 33.41
C ARG B 557 -15.41 6.98 34.65
N ASP B 558 -15.29 6.07 35.61
CA ASP B 558 -14.56 6.36 36.84
C ASP B 558 -13.06 6.57 36.60
N LEU B 559 -12.56 6.24 35.41
CA LEU B 559 -11.17 6.52 35.06
C LEU B 559 -10.95 7.97 34.67
N GLY B 560 -12.00 8.79 34.63
CA GLY B 560 -11.87 10.17 34.20
C GLY B 560 -12.25 10.37 32.75
N ASN B 561 -13.39 9.82 32.35
CA ASN B 561 -13.87 9.91 30.98
C ASN B 561 -15.30 10.43 30.96
N THR B 562 -15.68 10.99 29.82
CA THR B 562 -17.04 11.48 29.59
C THR B 562 -17.80 10.44 28.78
N LEU B 563 -18.98 10.08 29.26
CA LEU B 563 -19.81 9.07 28.59
C LEU B 563 -21.04 9.77 28.01
N LEU B 564 -21.19 9.67 26.69
CA LEU B 564 -22.33 10.25 25.97
C LEU B 564 -23.05 9.10 25.28
N VAL B 565 -24.07 8.55 25.91
CA VAL B 565 -24.74 7.33 25.47
C VAL B 565 -26.13 7.68 24.97
N VAL B 566 -26.38 7.41 23.70
CA VAL B 566 -27.72 7.51 23.13
C VAL B 566 -28.42 6.18 23.37
N GLU B 567 -29.59 6.22 24.00
CA GLU B 567 -30.22 4.99 24.44
C GLU B 567 -31.74 5.13 24.42
N HIS B 568 -32.41 3.99 24.27
CA HIS B 568 -33.85 3.88 24.43
C HIS B 568 -34.24 3.09 25.67
N ASP B 569 -33.27 2.44 26.33
CA ASP B 569 -33.49 1.61 27.49
C ASP B 569 -33.78 2.45 28.73
N GLU B 570 -34.44 1.84 29.71
CA GLU B 570 -34.74 2.50 30.97
C GLU B 570 -33.66 2.27 32.03
N ASP B 571 -32.98 1.13 32.00
CA ASP B 571 -31.90 0.89 32.96
C ASP B 571 -30.77 1.90 32.77
N THR B 572 -30.42 2.19 31.51
CA THR B 572 -29.42 3.22 31.25
C THR B 572 -29.88 4.58 31.73
N MET B 573 -31.18 4.86 31.58
CA MET B 573 -31.74 6.12 32.06
C MET B 573 -31.60 6.24 33.57
N TYR B 574 -31.91 5.16 34.29
CA TYR B 574 -31.82 5.17 35.74
C TYR B 574 -30.38 5.15 36.24
N ALA B 575 -29.44 4.66 35.42
CA ALA B 575 -28.03 4.62 35.79
C ALA B 575 -27.23 5.76 35.17
N SER B 576 -27.84 6.93 35.02
CA SER B 576 -27.21 8.06 34.35
C SER B 576 -27.22 9.28 35.27
N ASP B 577 -26.12 10.04 35.24
CA ASP B 577 -26.03 11.26 36.02
C ASP B 577 -26.86 12.38 35.42
N TYR B 578 -26.82 12.53 34.09
CA TYR B 578 -27.50 13.61 33.40
C TYR B 578 -28.26 13.04 32.21
N ILE B 579 -29.41 13.63 31.91
CA ILE B 579 -30.27 13.22 30.80
C ILE B 579 -30.62 14.44 29.96
N ILE B 580 -30.42 14.34 28.66
CA ILE B 580 -30.79 15.38 27.71
C ILE B 580 -31.92 14.82 26.84
N ASP B 581 -33.06 15.49 26.85
CA ASP B 581 -34.26 15.03 26.16
C ASP B 581 -34.48 15.85 24.90
N LEU B 582 -34.71 15.16 23.78
CA LEU B 582 -34.99 15.79 22.50
C LEU B 582 -36.41 15.45 22.07
N GLY B 583 -37.02 16.37 21.34
CA GLY B 583 -38.38 16.20 20.88
C GLY B 583 -38.94 17.47 20.29
N PRO B 584 -40.26 17.67 20.44
CA PRO B 584 -41.22 16.81 21.14
C PRO B 584 -41.75 15.70 20.24
N GLY B 585 -41.28 15.62 19.00
CA GLY B 585 -41.74 14.60 18.08
C GLY B 585 -40.61 13.98 17.28
N ALA B 586 -40.86 13.71 16.01
CA ALA B 586 -39.88 13.08 15.14
C ALA B 586 -39.85 13.80 13.81
N GLY B 587 -38.72 13.70 13.12
CA GLY B 587 -38.59 14.34 11.82
C GLY B 587 -38.57 15.84 11.96
N SER B 588 -39.35 16.52 11.12
CA SER B 588 -39.43 17.98 11.17
C SER B 588 -40.12 18.50 12.41
N HIS B 589 -40.79 17.63 13.17
CA HIS B 589 -41.46 18.02 14.40
C HIS B 589 -40.58 17.91 15.63
N GLY B 590 -39.33 17.51 15.47
CA GLY B 590 -38.42 17.38 16.59
C GLY B 590 -37.16 18.21 16.42
N GLY B 591 -36.02 17.66 16.85
CA GLY B 591 -34.76 18.37 16.75
C GLY B 591 -34.64 19.57 17.66
N GLN B 592 -35.22 19.52 18.85
CA GLN B 592 -35.05 20.58 19.83
C GLN B 592 -35.20 19.99 21.23
N ILE B 593 -34.44 20.55 22.16
CA ILE B 593 -34.40 20.02 23.53
C ILE B 593 -35.69 20.41 24.24
N VAL B 594 -36.42 19.40 24.73
CA VAL B 594 -37.67 19.64 25.44
C VAL B 594 -37.52 19.50 26.95
N ALA B 595 -36.52 18.77 27.43
CA ALA B 595 -36.30 18.61 28.86
C ALA B 595 -34.81 18.35 29.10
N GLU B 596 -34.39 18.59 30.33
CA GLU B 596 -32.99 18.41 30.70
C GLU B 596 -32.89 18.31 32.22
N GLY B 597 -31.97 17.49 32.68
CA GLY B 597 -31.73 17.31 34.10
C GLY B 597 -31.55 15.86 34.43
N THR B 598 -31.68 15.54 35.72
CA THR B 598 -31.54 14.16 36.19
C THR B 598 -32.82 13.38 35.86
N VAL B 599 -32.85 12.12 36.30
CA VAL B 599 -33.97 11.25 35.97
C VAL B 599 -35.25 11.75 36.62
N GLU B 600 -35.17 12.16 37.89
CA GLU B 600 -36.36 12.63 38.60
C GLU B 600 -36.92 13.90 37.97
N GLU B 601 -36.05 14.84 37.60
CA GLU B 601 -36.51 16.07 36.95
C GLU B 601 -37.16 15.76 35.61
N ILE B 602 -36.60 14.82 34.86
CA ILE B 602 -37.21 14.41 33.60
C ILE B 602 -38.58 13.79 33.83
N LYS B 603 -38.69 12.96 34.86
CA LYS B 603 -39.97 12.33 35.17
C LYS B 603 -41.03 13.36 35.55
N GLN B 604 -40.65 14.36 36.35
CA GLN B 604 -41.59 15.41 36.71
C GLN B 604 -41.86 16.38 35.57
N ASN B 605 -41.05 16.36 34.52
CA ASN B 605 -41.21 17.29 33.42
C ASN B 605 -42.42 16.90 32.56
N PRO B 606 -43.38 17.81 32.34
CA PRO B 606 -44.56 17.46 31.55
C PRO B 606 -44.37 17.53 30.04
N ASN B 607 -43.29 18.15 29.56
CA ASN B 607 -43.07 18.30 28.13
C ASN B 607 -42.22 17.20 27.53
N SER B 608 -41.85 16.18 28.31
CA SER B 608 -41.04 15.07 27.83
C SER B 608 -41.91 13.81 27.80
N VAL B 609 -42.00 13.18 26.63
CA VAL B 609 -42.76 11.95 26.51
C VAL B 609 -42.05 10.80 27.22
N THR B 610 -40.72 10.75 27.14
CA THR B 610 -39.98 9.70 27.81
C THR B 610 -40.12 9.79 29.31
N GLY B 611 -40.15 11.02 29.85
CA GLY B 611 -40.44 11.19 31.27
C GLY B 611 -41.84 10.71 31.61
N GLU B 612 -42.79 10.93 30.71
CA GLU B 612 -44.15 10.44 30.93
C GLU B 612 -44.19 8.92 31.00
N TYR B 613 -43.44 8.25 30.12
CA TYR B 613 -43.42 6.80 30.14
C TYR B 613 -42.66 6.26 31.35
N LEU B 614 -41.61 6.97 31.77
CA LEU B 614 -40.88 6.55 32.97
C LEU B 614 -41.71 6.71 34.23
N SER B 615 -42.50 7.78 34.31
CA SER B 615 -43.25 8.09 35.53
C SER B 615 -44.56 7.31 35.64
N GLY B 616 -44.94 6.55 34.61
CA GLY B 616 -46.16 5.77 34.66
C GLY B 616 -47.40 6.50 34.17
N ARG B 617 -47.29 7.76 33.78
CA ARG B 617 -48.45 8.46 33.22
C ARG B 617 -48.92 7.78 31.93
N LYS B 618 -47.98 7.39 31.08
CA LYS B 618 -48.26 6.59 29.89
C LYS B 618 -47.59 5.24 30.06
N LYS B 619 -48.31 4.16 29.74
CA LYS B 619 -47.77 2.83 29.95
C LYS B 619 -48.50 1.86 29.02
N ILE B 620 -47.90 0.69 28.85
CA ILE B 620 -48.51 -0.40 28.11
C ILE B 620 -49.24 -1.29 29.12
N GLU B 621 -50.55 -1.43 28.96
CA GLU B 621 -51.36 -2.15 29.92
C GLU B 621 -51.05 -3.64 29.89
N VAL B 622 -50.99 -4.25 31.06
CA VAL B 622 -50.86 -5.70 31.17
C VAL B 622 -52.26 -6.31 31.03
N PRO B 623 -52.45 -7.25 30.10
CA PRO B 623 -53.80 -7.80 29.89
C PRO B 623 -54.33 -8.49 31.14
N LYS B 624 -55.63 -8.31 31.38
CA LYS B 624 -56.26 -8.94 32.53
C LYS B 624 -56.44 -10.44 32.31
N GLU B 625 -56.82 -10.83 31.09
CA GLU B 625 -57.02 -12.23 30.74
C GLU B 625 -56.16 -12.56 29.53
N ARG B 626 -55.42 -13.66 29.62
CA ARG B 626 -54.54 -14.10 28.55
C ARG B 626 -55.19 -15.24 27.77
N ARG B 627 -55.00 -15.23 26.45
CA ARG B 627 -55.57 -16.26 25.60
C ARG B 627 -54.96 -17.62 25.94
N LYS B 628 -55.79 -18.66 25.83
CA LYS B 628 -55.35 -20.02 26.09
C LYS B 628 -55.30 -20.81 24.78
N PRO B 629 -54.36 -21.74 24.65
CA PRO B 629 -54.31 -22.58 23.44
C PRO B 629 -55.55 -23.42 23.28
N ASN B 630 -55.94 -23.65 22.03
CA ASN B 630 -57.16 -24.37 21.70
C ASN B 630 -56.88 -25.77 21.16
N GLY B 631 -55.83 -26.41 21.65
CA GLY B 631 -55.48 -27.76 21.24
C GLY B 631 -54.59 -27.85 20.03
N LYS B 632 -54.23 -26.74 19.41
CA LYS B 632 -53.33 -26.73 18.26
C LYS B 632 -51.95 -26.28 18.72
N TRP B 633 -50.95 -27.09 18.43
CA TRP B 633 -49.58 -26.83 18.85
C TRP B 633 -48.62 -27.18 17.73
N LEU B 634 -47.44 -26.57 17.77
CA LEU B 634 -46.34 -26.87 16.85
C LEU B 634 -45.22 -27.50 17.66
N GLU B 635 -45.03 -28.80 17.49
CA GLU B 635 -44.06 -29.56 18.27
C GLU B 635 -42.78 -29.74 17.45
N ILE B 636 -41.67 -29.25 17.98
CA ILE B 636 -40.36 -29.42 17.38
C ILE B 636 -39.64 -30.50 18.18
N ILE B 637 -39.35 -31.63 17.53
CA ILE B 637 -38.76 -32.79 18.17
C ILE B 637 -37.33 -32.94 17.71
N GLY B 638 -36.42 -33.14 18.66
CA GLY B 638 -35.02 -33.39 18.32
C GLY B 638 -34.30 -32.22 17.69
N ALA B 639 -34.54 -31.01 18.17
CA ALA B 639 -33.87 -29.82 17.64
C ALA B 639 -32.46 -29.75 18.23
N ARG B 640 -31.45 -30.02 17.38
CA ARG B 640 -30.06 -30.02 17.81
C ARG B 640 -29.22 -29.08 16.97
N GLU B 641 -29.83 -28.01 16.46
CA GLU B 641 -29.10 -27.04 15.65
C GLU B 641 -28.18 -26.20 16.54
N ASN B 642 -26.94 -26.01 16.08
CA ASN B 642 -25.95 -25.21 16.78
C ASN B 642 -25.71 -25.73 18.19
N ASN B 643 -26.12 -24.98 19.21
CA ASN B 643 -25.86 -25.31 20.59
C ASN B 643 -27.07 -25.93 21.29
N LEU B 644 -28.12 -26.26 20.54
CA LEU B 644 -29.29 -26.88 21.14
C LEU B 644 -28.98 -28.31 21.58
N LYS B 645 -29.68 -28.76 22.61
CA LYS B 645 -29.37 -30.01 23.30
C LYS B 645 -30.49 -31.04 23.13
N ASN B 646 -31.01 -31.18 21.90
CA ASN B 646 -32.02 -32.19 21.58
C ASN B 646 -33.27 -32.01 22.44
N ILE B 647 -33.87 -30.83 22.32
CA ILE B 647 -34.99 -30.45 23.16
C ILE B 647 -36.28 -30.51 22.34
N ASN B 648 -37.40 -30.68 23.04
CA ASN B 648 -38.72 -30.69 22.43
C ASN B 648 -39.46 -29.44 22.87
N VAL B 649 -39.89 -28.63 21.89
CA VAL B 649 -40.55 -27.36 22.15
C VAL B 649 -41.93 -27.38 21.50
N ARG B 650 -42.95 -27.04 22.27
CA ARG B 650 -44.32 -26.94 21.78
C ARG B 650 -44.73 -25.47 21.77
N ILE B 651 -45.05 -24.96 20.59
CA ILE B 651 -45.42 -23.57 20.38
C ILE B 651 -46.91 -23.50 20.10
N PRO B 652 -47.72 -22.92 21.00
CA PRO B 652 -49.16 -22.87 20.76
C PRO B 652 -49.50 -22.00 19.54
N LEU B 653 -50.61 -22.34 18.90
CA LEU B 653 -51.07 -21.64 17.71
C LEU B 653 -52.28 -20.78 18.04
N GLY B 654 -52.37 -19.64 17.37
CA GLY B 654 -53.47 -18.72 17.57
C GLY B 654 -53.30 -17.73 18.70
N VAL B 655 -52.16 -17.73 19.38
CA VAL B 655 -51.91 -16.85 20.51
C VAL B 655 -50.60 -16.09 20.28
N PHE B 656 -50.32 -15.16 21.20
CA PHE B 656 -49.09 -14.38 21.18
C PHE B 656 -48.03 -15.11 21.99
N THR B 657 -46.97 -15.56 21.33
CA THR B 657 -45.89 -16.30 21.96
C THR B 657 -44.61 -15.48 21.91
N CYS B 658 -43.88 -15.47 23.02
CA CYS B 658 -42.62 -14.76 23.13
C CYS B 658 -41.52 -15.75 23.48
N ILE B 659 -40.43 -15.72 22.71
CA ILE B 659 -39.27 -16.57 22.95
C ILE B 659 -38.23 -15.71 23.68
N THR B 660 -38.00 -16.02 24.94
CA THR B 660 -37.09 -15.26 25.78
C THR B 660 -35.85 -16.08 26.12
N GLY B 661 -34.82 -15.39 26.58
CA GLY B 661 -33.58 -16.06 26.95
C GLY B 661 -32.42 -15.11 26.90
N VAL B 662 -31.31 -15.57 27.49
CA VAL B 662 -30.10 -14.77 27.49
C VAL B 662 -29.50 -14.70 26.09
N SER B 663 -28.76 -13.63 25.82
CA SER B 663 -28.10 -13.45 24.54
C SER B 663 -27.13 -14.60 24.27
N GLY B 664 -27.43 -15.40 23.27
CA GLY B 664 -26.63 -16.57 22.94
C GLY B 664 -27.18 -17.89 23.41
N SER B 665 -28.39 -17.91 23.98
CA SER B 665 -28.94 -19.14 24.55
C SER B 665 -29.47 -20.10 23.50
N GLY B 666 -29.71 -19.64 22.28
CA GLY B 666 -30.16 -20.53 21.23
C GLY B 666 -31.60 -20.34 20.79
N LYS B 667 -32.08 -19.10 20.74
CA LYS B 667 -33.45 -18.85 20.31
C LYS B 667 -33.55 -18.53 18.83
N SER B 668 -32.62 -17.71 18.31
CA SER B 668 -32.59 -17.48 16.86
C SER B 668 -32.31 -18.76 16.11
N SER B 669 -31.36 -19.57 16.60
CA SER B 669 -31.07 -20.84 15.95
C SER B 669 -32.24 -21.81 16.07
N LEU B 670 -33.02 -21.72 17.14
CA LEU B 670 -34.18 -22.60 17.28
C LEU B 670 -35.31 -22.18 16.33
N ILE B 671 -35.51 -20.87 16.17
CA ILE B 671 -36.66 -20.40 15.41
C ILE B 671 -36.31 -20.21 13.95
N ASN B 672 -35.42 -19.26 13.65
CA ASN B 672 -35.16 -18.91 12.26
C ASN B 672 -34.49 -20.05 11.51
N GLU B 673 -33.54 -20.74 12.15
CA GLU B 673 -32.77 -21.77 11.46
C GLU B 673 -33.50 -23.10 11.35
N ILE B 674 -34.59 -23.31 12.09
CA ILE B 674 -35.30 -24.58 12.02
C ILE B 674 -36.76 -24.36 11.61
N LEU B 675 -37.52 -23.66 12.45
CA LEU B 675 -38.97 -23.62 12.28
C LEU B 675 -39.35 -22.81 11.06
N TYR B 676 -38.76 -21.62 10.91
CA TYR B 676 -39.11 -20.78 9.75
C TYR B 676 -38.68 -21.45 8.45
N LYS B 677 -37.47 -22.03 8.42
CA LYS B 677 -36.99 -22.67 7.21
C LYS B 677 -37.83 -23.88 6.83
N ARG B 678 -38.18 -24.74 7.79
CA ARG B 678 -39.06 -25.86 7.51
C ARG B 678 -40.44 -25.41 7.05
N LEU B 679 -41.01 -24.39 7.70
CA LEU B 679 -42.32 -23.89 7.29
C LEU B 679 -42.27 -23.30 5.89
N ALA B 680 -41.21 -22.56 5.56
CA ALA B 680 -41.07 -22.02 4.22
C ALA B 680 -40.94 -23.12 3.18
N ALA B 681 -40.13 -24.14 3.47
CA ALA B 681 -39.99 -25.25 2.54
C ALA B 681 -41.32 -25.99 2.35
N GLU B 682 -42.11 -26.10 3.42
CA GLU B 682 -43.37 -26.83 3.33
C GLU B 682 -44.43 -26.03 2.59
N LEU B 683 -44.54 -24.73 2.85
CA LEU B 683 -45.63 -23.92 2.34
C LEU B 683 -45.24 -23.10 1.11
N ASN B 684 -44.21 -22.27 1.23
CA ASN B 684 -43.85 -21.35 0.16
C ASN B 684 -42.99 -22.00 -0.92
N ARG B 685 -42.63 -23.28 -0.75
CA ARG B 685 -41.81 -24.02 -1.71
C ARG B 685 -40.47 -23.33 -1.95
N ALA B 686 -39.90 -22.78 -0.88
CA ALA B 686 -38.58 -22.17 -0.98
C ALA B 686 -37.51 -23.25 -1.04
N SER B 687 -36.43 -22.95 -1.74
CA SER B 687 -35.31 -23.88 -1.91
C SER B 687 -34.21 -23.57 -0.88
N VAL B 688 -34.57 -23.73 0.40
CA VAL B 688 -33.66 -23.51 1.52
C VAL B 688 -33.69 -24.74 2.41
N LYS B 689 -32.52 -25.17 2.86
CA LYS B 689 -32.47 -26.33 3.73
C LYS B 689 -32.62 -25.91 5.19
N PRO B 690 -33.44 -26.60 5.97
CA PRO B 690 -33.59 -26.24 7.38
C PRO B 690 -32.45 -26.72 8.24
N GLY B 691 -32.56 -26.53 9.55
CA GLY B 691 -31.54 -26.94 10.49
C GLY B 691 -31.67 -28.39 10.88
N GLU B 692 -30.89 -28.78 11.88
CA GLU B 692 -30.83 -30.16 12.33
C GLU B 692 -31.98 -30.42 13.30
N HIS B 693 -32.94 -31.24 12.87
CA HIS B 693 -34.07 -31.61 13.72
C HIS B 693 -34.62 -32.94 13.23
N ASP B 694 -35.42 -33.59 14.09
CA ASP B 694 -36.04 -34.85 13.72
C ASP B 694 -37.28 -34.62 12.87
N LEU B 695 -38.29 -33.94 13.42
CA LEU B 695 -39.50 -33.63 12.67
C LEU B 695 -40.25 -32.52 13.40
N ILE B 696 -41.14 -31.86 12.66
CA ILE B 696 -42.00 -30.83 13.19
C ILE B 696 -43.44 -31.23 12.92
N LYS B 697 -44.27 -31.22 13.95
CA LYS B 697 -45.68 -31.58 13.84
C LYS B 697 -46.56 -30.36 14.00
N GLY B 698 -47.67 -30.35 13.25
CA GLY B 698 -48.61 -29.26 13.31
C GLY B 698 -48.53 -28.26 12.18
N ILE B 699 -47.72 -28.51 11.15
CA ILE B 699 -47.64 -27.61 10.00
C ILE B 699 -48.95 -27.55 9.22
N GLU B 700 -49.77 -28.59 9.29
CA GLU B 700 -51.03 -28.61 8.56
C GLU B 700 -52.05 -27.61 9.10
N TYR B 701 -51.80 -27.02 10.27
CA TYR B 701 -52.69 -26.00 10.81
C TYR B 701 -52.40 -24.60 10.28
N LEU B 702 -51.33 -24.42 9.51
CA LEU B 702 -50.93 -23.13 9.00
C LEU B 702 -51.04 -23.11 7.48
N ASP B 703 -51.21 -21.90 6.94
CA ASP B 703 -51.31 -21.71 5.50
C ASP B 703 -50.25 -20.77 4.92
N LYS B 704 -49.55 -20.01 5.76
CA LYS B 704 -48.54 -19.08 5.27
C LYS B 704 -47.56 -18.79 6.40
N VAL B 705 -46.40 -18.25 6.03
CA VAL B 705 -45.40 -17.82 6.99
C VAL B 705 -44.81 -16.49 6.54
N ILE B 706 -44.68 -15.55 7.47
CA ILE B 706 -44.06 -14.25 7.23
C ILE B 706 -43.01 -14.02 8.30
N ASP B 707 -41.78 -13.72 7.88
CA ASP B 707 -40.66 -13.63 8.80
C ASP B 707 -39.94 -12.30 8.66
N ILE B 708 -39.59 -11.70 9.79
CA ILE B 708 -38.72 -10.54 9.88
C ILE B 708 -37.44 -10.99 10.55
N ASP B 709 -36.32 -10.93 9.83
CA ASP B 709 -35.07 -11.48 10.32
C ASP B 709 -34.27 -10.42 11.08
N GLN B 710 -33.24 -10.89 11.79
CA GLN B 710 -32.36 -10.02 12.56
C GLN B 710 -31.09 -9.80 11.74
N SER B 711 -31.20 -8.96 10.71
CA SER B 711 -30.13 -8.72 9.76
C SER B 711 -30.03 -7.24 9.48
N PRO B 712 -28.86 -6.77 9.02
CA PRO B 712 -28.74 -5.35 8.65
C PRO B 712 -29.56 -5.01 7.42
N ILE B 713 -29.90 -3.73 7.32
CA ILE B 713 -30.64 -3.18 6.19
C ILE B 713 -29.66 -2.42 5.30
N GLY B 714 -29.61 -2.78 4.03
CA GLY B 714 -28.69 -2.12 3.11
C GLY B 714 -29.15 -0.71 2.78
N ARG B 715 -28.21 0.22 2.81
CA ARG B 715 -28.47 1.63 2.53
C ARG B 715 -27.85 2.00 1.19
N THR B 716 -28.69 2.34 0.22
CA THR B 716 -28.24 2.72 -1.11
C THR B 716 -28.97 3.98 -1.55
N PRO B 717 -28.32 4.82 -2.37
CA PRO B 717 -29.02 5.99 -2.92
C PRO B 717 -30.16 5.64 -3.85
N ARG B 718 -30.22 4.41 -4.36
CA ARG B 718 -31.29 3.98 -5.24
C ARG B 718 -32.53 3.49 -4.49
N SER B 719 -32.51 3.54 -3.16
CA SER B 719 -33.57 2.99 -2.34
C SER B 719 -34.28 4.09 -1.57
N ASN B 720 -35.59 3.91 -1.39
CA ASN B 720 -36.40 4.80 -0.56
C ASN B 720 -37.53 3.97 0.01
N PRO B 721 -38.31 4.53 0.95
CA PRO B 721 -39.44 3.75 1.50
C PRO B 721 -40.40 3.21 0.45
N ALA B 722 -40.68 3.99 -0.60
CA ALA B 722 -41.62 3.54 -1.63
C ALA B 722 -41.10 2.32 -2.37
N THR B 723 -39.81 2.31 -2.73
CA THR B 723 -39.25 1.16 -3.42
C THR B 723 -39.11 -0.04 -2.48
N TYR B 724 -38.73 0.21 -1.23
CA TYR B 724 -38.54 -0.88 -0.28
C TYR B 724 -39.85 -1.58 0.02
N THR B 725 -40.92 -0.83 0.26
CA THR B 725 -42.21 -1.43 0.58
C THR B 725 -42.89 -2.04 -0.62
N GLY B 726 -42.40 -1.80 -1.83
CA GLY B 726 -42.99 -2.35 -3.04
C GLY B 726 -44.16 -1.59 -3.59
N VAL B 727 -44.52 -0.45 -3.02
CA VAL B 727 -45.64 0.33 -3.51
C VAL B 727 -45.27 1.19 -4.71
N PHE B 728 -43.97 1.50 -4.87
CA PHE B 728 -43.55 2.29 -6.02
C PHE B 728 -43.79 1.56 -7.33
N ASP B 729 -43.74 0.22 -7.31
CA ASP B 729 -44.07 -0.54 -8.51
C ASP B 729 -45.52 -0.31 -8.92
N PHE B 730 -46.44 -0.33 -7.96
CA PHE B 730 -47.84 -0.06 -8.25
C PHE B 730 -48.04 1.38 -8.74
N ILE B 731 -47.34 2.33 -8.12
CA ILE B 731 -47.46 3.72 -8.54
C ILE B 731 -46.96 3.88 -9.97
N ARG B 732 -45.84 3.25 -10.30
CA ARG B 732 -45.29 3.34 -11.66
C ARG B 732 -46.22 2.68 -12.67
N GLU B 733 -46.82 1.55 -12.31
CA GLU B 733 -47.78 0.91 -13.22
C GLU B 733 -48.99 1.81 -13.45
N ILE B 734 -49.49 2.45 -12.39
CA ILE B 734 -50.62 3.36 -12.53
C ILE B 734 -50.26 4.51 -13.45
N PHE B 735 -49.07 5.09 -13.27
CA PHE B 735 -48.64 6.20 -14.12
C PHE B 735 -48.48 5.75 -15.57
N ALA B 736 -47.92 4.57 -15.79
CA ALA B 736 -47.72 4.07 -17.15
C ALA B 736 -49.02 3.63 -17.80
N ASN B 737 -50.09 3.45 -17.02
CA ASN B 737 -51.38 3.05 -17.57
C ASN B 737 -52.23 4.25 -18.00
N THR B 738 -51.75 5.47 -17.82
CA THR B 738 -52.53 6.64 -18.19
C THR B 738 -52.56 6.81 -19.71
N THR B 739 -53.46 7.69 -20.17
CA THR B 739 -53.61 7.91 -21.60
C THR B 739 -52.41 8.65 -22.18
N GLU B 740 -51.85 9.61 -21.43
CA GLU B 740 -50.69 10.36 -21.92
C GLU B 740 -49.48 9.46 -22.10
N ALA B 741 -49.22 8.57 -21.13
CA ALA B 741 -48.10 7.65 -21.26
C ALA B 741 -48.31 6.68 -22.41
N LYS B 742 -49.56 6.23 -22.62
CA LYS B 742 -49.84 5.38 -23.77
C LYS B 742 -49.59 6.12 -25.07
N THR B 743 -49.98 7.39 -25.14
CA THR B 743 -49.76 8.18 -26.34
C THR B 743 -48.26 8.36 -26.61
N ARG B 744 -47.49 8.61 -25.56
CA ARG B 744 -46.05 8.83 -25.69
C ARG B 744 -45.25 7.54 -25.67
N GLY B 745 -45.90 6.39 -25.56
CA GLY B 745 -45.21 5.11 -25.59
C GLY B 745 -44.28 4.87 -24.41
N TYR B 746 -44.72 5.21 -23.20
CA TYR B 746 -43.94 5.01 -22.00
C TYR B 746 -44.35 3.71 -21.31
N LYS B 747 -43.47 3.19 -20.47
CA LYS B 747 -43.71 1.98 -19.71
C LYS B 747 -43.40 2.24 -18.24
N ALA B 748 -43.55 1.19 -17.42
CA ALA B 748 -43.33 1.34 -15.99
C ALA B 748 -41.88 1.69 -15.67
N GLY B 749 -40.93 1.19 -16.47
CA GLY B 749 -39.53 1.51 -16.23
C GLY B 749 -39.15 2.92 -16.59
N ARG B 750 -39.99 3.62 -17.37
CA ARG B 750 -39.70 5.00 -17.71
C ARG B 750 -39.74 5.90 -16.48
N PHE B 751 -40.65 5.61 -15.55
CA PHE B 751 -40.87 6.44 -14.37
C PHE B 751 -39.99 6.05 -13.19
N SER B 752 -39.04 5.13 -13.40
CA SER B 752 -38.08 4.76 -12.36
C SER B 752 -36.83 5.62 -12.51
N PHE B 753 -36.39 6.21 -11.39
CA PHE B 753 -35.20 7.04 -11.40
C PHE B 753 -33.90 6.22 -11.40
N ASN B 754 -33.99 4.89 -11.25
CA ASN B 754 -32.85 4.02 -11.36
C ASN B 754 -32.67 3.42 -12.74
N VAL B 755 -33.61 3.67 -13.66
CA VAL B 755 -33.60 3.10 -14.99
C VAL B 755 -33.23 4.20 -15.98
N LYS B 756 -32.26 3.92 -16.85
CA LYS B 756 -31.81 4.89 -17.84
C LYS B 756 -32.73 4.89 -19.07
N GLY B 757 -34.02 5.07 -18.84
CA GLY B 757 -34.97 5.18 -19.93
C GLY B 757 -35.71 6.49 -19.94
N GLY B 758 -35.85 7.09 -18.76
CA GLY B 758 -36.49 8.39 -18.64
C GLY B 758 -35.84 9.28 -17.61
N ARG B 759 -34.78 8.80 -16.98
CA ARG B 759 -34.07 9.57 -15.97
C ARG B 759 -33.11 10.57 -16.63
N CYS B 760 -32.80 11.62 -15.89
CA CYS B 760 -31.91 12.66 -16.40
C CYS B 760 -30.48 12.16 -16.44
N GLU B 761 -29.81 12.35 -17.58
CA GLU B 761 -28.43 11.90 -17.74
C GLU B 761 -27.42 12.89 -17.18
N ALA B 762 -27.81 14.16 -17.00
CA ALA B 762 -26.90 15.13 -16.42
C ALA B 762 -26.57 14.78 -14.98
N CYS B 763 -27.57 14.34 -14.21
CA CYS B 763 -27.39 13.92 -12.83
C CYS B 763 -27.29 12.41 -12.69
N ALA B 764 -27.35 11.67 -13.80
CA ALA B 764 -27.26 10.21 -13.79
C ALA B 764 -28.34 9.56 -12.92
N GLY B 765 -29.51 10.21 -12.83
CA GLY B 765 -30.61 9.70 -12.05
C GLY B 765 -30.50 9.92 -10.56
N ASP B 766 -29.48 10.63 -10.09
CA ASP B 766 -29.30 10.87 -8.66
C ASP B 766 -29.79 12.24 -8.22
N GLY B 767 -29.91 13.18 -9.15
CA GLY B 767 -30.33 14.53 -8.84
C GLY B 767 -29.22 15.47 -8.43
N ILE B 768 -28.15 14.94 -7.83
CA ILE B 768 -27.03 15.74 -7.37
C ILE B 768 -25.75 15.17 -7.99
N ASN B 769 -24.93 16.06 -8.54
CA ASN B 769 -23.68 15.65 -9.16
C ASN B 769 -22.48 16.19 -8.40
N VAL B 781 -23.51 19.22 -5.48
CA VAL B 781 -24.18 20.32 -6.16
C VAL B 781 -25.43 19.81 -6.88
N PRO B 782 -26.57 20.45 -6.60
CA PRO B 782 -27.81 20.03 -7.27
C PRO B 782 -27.74 20.23 -8.78
N CYS B 783 -28.39 19.33 -9.49
CA CYS B 783 -28.45 19.42 -10.95
C CYS B 783 -29.27 20.64 -11.38
N GLU B 784 -28.93 21.18 -12.54
CA GLU B 784 -29.57 22.39 -13.06
C GLU B 784 -30.47 22.13 -14.26
N VAL B 785 -30.10 21.20 -15.14
CA VAL B 785 -30.90 20.94 -16.33
C VAL B 785 -32.27 20.36 -15.95
N CYS B 786 -32.26 19.34 -15.10
CA CYS B 786 -33.49 18.73 -14.61
C CYS B 786 -33.86 19.20 -13.20
N LYS B 787 -33.14 20.19 -12.66
CA LYS B 787 -33.39 20.73 -11.33
C LYS B 787 -33.29 19.66 -10.24
N GLY B 788 -32.49 18.62 -10.49
CA GLY B 788 -32.27 17.60 -9.50
C GLY B 788 -33.43 16.66 -9.26
N LYS B 789 -34.46 16.69 -10.11
CA LYS B 789 -35.63 15.85 -9.93
C LYS B 789 -35.42 14.43 -10.43
N ARG B 790 -34.27 14.15 -11.06
CA ARG B 790 -33.87 12.84 -11.58
C ARG B 790 -34.68 12.40 -12.78
N TYR B 791 -35.62 13.20 -13.26
CA TYR B 791 -36.42 12.89 -14.44
C TYR B 791 -36.29 14.02 -15.45
N ASN B 792 -36.28 13.66 -16.73
CA ASN B 792 -36.24 14.68 -17.76
C ASN B 792 -37.60 15.37 -17.90
N ARG B 793 -37.60 16.47 -18.64
CA ARG B 793 -38.79 17.33 -18.69
C ARG B 793 -39.99 16.61 -19.29
N GLU B 794 -39.77 15.65 -20.19
CA GLU B 794 -40.87 14.96 -20.83
C GLU B 794 -41.53 13.96 -19.88
N THR B 795 -40.74 13.29 -19.05
CA THR B 795 -41.31 12.35 -18.08
C THR B 795 -42.18 13.08 -17.06
N LEU B 796 -41.75 14.27 -16.64
CA LEU B 796 -42.53 15.06 -15.69
C LEU B 796 -43.64 15.82 -16.40
N GLU B 797 -44.40 15.13 -17.23
CA GLU B 797 -45.60 15.68 -17.86
C GLU B 797 -46.80 14.75 -17.78
N VAL B 798 -46.59 13.46 -17.53
CA VAL B 798 -47.68 12.54 -17.26
C VAL B 798 -48.15 12.76 -15.84
N ARG B 799 -49.39 13.22 -15.68
CA ARG B 799 -49.93 13.58 -14.38
C ARG B 799 -51.11 12.68 -14.05
N TYR B 800 -51.07 12.08 -12.86
CA TYR B 800 -52.19 11.32 -12.31
C TYR B 800 -52.89 12.19 -11.27
N LYS B 801 -54.16 12.49 -11.52
CA LYS B 801 -54.93 13.41 -10.68
C LYS B 801 -54.24 14.78 -10.60
N GLY B 802 -53.68 15.22 -11.72
CA GLY B 802 -53.01 16.50 -11.78
C GLY B 802 -51.74 16.59 -10.95
N LYS B 803 -50.90 15.55 -11.01
CA LYS B 803 -49.67 15.53 -10.22
C LYS B 803 -48.73 14.51 -10.82
N ASN B 804 -47.48 14.91 -11.04
CA ASN B 804 -46.51 14.06 -11.70
C ASN B 804 -45.78 13.18 -10.67
N ILE B 805 -44.79 12.41 -11.14
CA ILE B 805 -44.15 11.41 -10.28
C ILE B 805 -43.29 12.08 -9.21
N ALA B 806 -42.70 13.25 -9.51
CA ALA B 806 -41.83 13.90 -8.54
C ALA B 806 -42.61 14.38 -7.32
N GLU B 807 -43.79 14.98 -7.54
CA GLU B 807 -44.60 15.40 -6.41
C GLU B 807 -45.18 14.23 -5.64
N VAL B 808 -45.46 13.12 -6.34
CA VAL B 808 -45.89 11.90 -5.64
C VAL B 808 -44.77 11.39 -4.73
N LEU B 809 -43.53 11.39 -5.24
CA LEU B 809 -42.40 11.03 -4.40
C LEU B 809 -42.15 12.05 -3.30
N ASP B 810 -42.63 13.28 -3.47
CA ASP B 810 -42.44 14.33 -2.47
C ASP B 810 -43.56 14.37 -1.43
N MET B 811 -44.51 13.44 -1.49
CA MET B 811 -45.57 13.38 -0.51
C MET B 811 -45.07 12.78 0.80
N THR B 812 -45.71 13.17 1.90
CA THR B 812 -45.56 12.44 3.14
C THR B 812 -46.52 11.26 3.15
N VAL B 813 -46.35 10.36 4.13
CA VAL B 813 -47.21 9.19 4.21
C VAL B 813 -48.65 9.59 4.49
N GLU B 814 -48.85 10.59 5.36
CA GLU B 814 -50.20 11.06 5.64
C GLU B 814 -50.85 11.67 4.40
N GLU B 815 -50.07 12.43 3.62
CA GLU B 815 -50.60 12.99 2.37
C GLU B 815 -50.96 11.88 1.39
N ALA B 816 -50.09 10.88 1.26
CA ALA B 816 -50.36 9.77 0.35
C ALA B 816 -51.53 8.92 0.82
N LEU B 817 -51.86 8.96 2.11
CA LEU B 817 -53.05 8.27 2.59
C LEU B 817 -54.31 8.85 1.96
N GLU B 818 -54.40 10.19 1.90
CA GLU B 818 -55.56 10.82 1.29
C GLU B 818 -55.49 10.78 -0.23
N PHE B 819 -54.30 10.93 -0.80
CA PHE B 819 -54.18 10.91 -2.26
C PHE B 819 -54.52 9.54 -2.84
N PHE B 820 -54.01 8.47 -2.23
CA PHE B 820 -54.22 7.11 -2.71
C PHE B 820 -55.29 6.37 -1.92
N LYS B 821 -56.30 7.09 -1.45
CA LYS B 821 -57.33 6.47 -0.61
C LYS B 821 -58.26 5.55 -1.38
N ASN B 822 -58.19 5.54 -2.71
CA ASN B 822 -59.08 4.73 -3.53
C ASN B 822 -58.42 3.45 -4.03
N ILE B 823 -57.13 3.49 -4.37
CA ILE B 823 -56.43 2.29 -4.81
C ILE B 823 -56.15 1.43 -3.59
N PRO B 824 -56.68 0.19 -3.53
CA PRO B 824 -56.53 -0.59 -2.29
C PRO B 824 -55.13 -1.12 -2.07
N ARG B 825 -54.44 -1.56 -3.12
CA ARG B 825 -53.10 -2.12 -2.95
C ARG B 825 -52.14 -1.07 -2.40
N ILE B 826 -52.19 0.15 -2.92
CA ILE B 826 -51.34 1.21 -2.41
C ILE B 826 -51.80 1.65 -1.02
N HIS B 827 -53.13 1.69 -0.82
CA HIS B 827 -53.67 2.17 0.45
C HIS B 827 -53.27 1.28 1.60
N LYS B 828 -53.24 -0.04 1.38
CA LYS B 828 -52.86 -0.96 2.45
C LYS B 828 -51.44 -0.69 2.93
N LYS B 829 -50.50 -0.55 1.98
CA LYS B 829 -49.11 -0.31 2.35
C LYS B 829 -48.93 1.06 3.00
N ILE B 830 -49.61 2.08 2.48
CA ILE B 830 -49.50 3.41 3.07
C ILE B 830 -50.10 3.41 4.47
N GLU B 831 -51.20 2.68 4.68
CA GLU B 831 -51.80 2.58 5.99
C GLU B 831 -50.89 1.86 6.97
N THR B 832 -50.20 0.81 6.52
CA THR B 832 -49.24 0.15 7.39
C THR B 832 -48.08 1.08 7.76
N LEU B 833 -47.57 1.83 6.79
CA LEU B 833 -46.51 2.79 7.08
C LEU B 833 -46.98 3.85 8.07
N TYR B 834 -48.23 4.27 7.96
CA TYR B 834 -48.81 5.18 8.95
C TYR B 834 -48.93 4.51 10.31
N ASP B 835 -49.30 3.23 10.32
CA ASP B 835 -49.51 2.51 11.58
C ASP B 835 -48.22 2.36 12.37
N VAL B 836 -47.10 2.11 11.68
CA VAL B 836 -45.83 1.97 12.38
C VAL B 836 -45.32 3.33 12.83
N GLY B 837 -46.07 4.39 12.52
CA GLY B 837 -45.75 5.71 13.02
C GLY B 837 -44.87 6.55 12.13
N LEU B 838 -44.73 6.21 10.85
CA LEU B 838 -43.89 6.93 9.92
C LEU B 838 -44.68 7.90 9.04
N GLY B 839 -45.73 8.51 9.59
CA GLY B 839 -46.56 9.41 8.82
C GLY B 839 -45.87 10.69 8.40
N TYR B 840 -44.83 11.10 9.12
CA TYR B 840 -44.11 12.31 8.79
C TYR B 840 -43.09 12.11 7.68
N ILE B 841 -42.74 10.86 7.37
CA ILE B 841 -41.66 10.59 6.43
C ILE B 841 -42.16 10.82 5.01
N LYS B 842 -41.23 11.15 4.11
CA LYS B 842 -41.53 11.31 2.71
C LYS B 842 -41.43 9.97 1.99
N LEU B 843 -42.26 9.79 0.97
CA LEU B 843 -42.23 8.56 0.19
C LEU B 843 -40.93 8.39 -0.58
N GLY B 844 -40.23 9.48 -0.88
CA GLY B 844 -39.01 9.44 -1.65
C GLY B 844 -37.74 9.79 -0.90
N GLN B 845 -37.76 9.87 0.42
CA GLN B 845 -36.55 10.18 1.17
C GLN B 845 -35.52 9.08 0.98
N SER B 846 -34.27 9.48 0.78
CA SER B 846 -33.21 8.53 0.54
C SER B 846 -33.01 7.62 1.75
N SER B 847 -32.75 6.34 1.48
CA SER B 847 -32.53 5.39 2.56
C SER B 847 -31.21 5.65 3.28
N THR B 848 -30.24 6.26 2.59
CA THR B 848 -28.99 6.63 3.25
C THR B 848 -29.19 7.73 4.29
N THR B 849 -30.30 8.46 4.21
CA THR B 849 -30.62 9.51 5.18
C THR B 849 -31.69 9.07 6.18
N LEU B 850 -31.92 7.77 6.30
CA LEU B 850 -32.87 7.23 7.25
C LEU B 850 -32.16 6.82 8.53
N SER B 851 -32.84 7.01 9.66
CA SER B 851 -32.29 6.61 10.95
C SER B 851 -32.50 5.11 11.15
N GLY B 852 -31.90 4.56 12.20
CA GLY B 852 -32.02 3.14 12.47
C GLY B 852 -33.43 2.72 12.78
N GLY B 853 -34.11 3.48 13.63
CA GLY B 853 -35.50 3.17 13.95
C GLY B 853 -36.42 3.32 12.75
N GLU B 854 -36.20 4.35 11.93
CA GLU B 854 -37.01 4.54 10.75
C GLU B 854 -36.82 3.41 9.74
N ALA B 855 -35.57 2.98 9.53
CA ALA B 855 -35.32 1.86 8.64
C ALA B 855 -35.93 0.58 9.17
N GLN B 856 -35.81 0.33 10.48
CA GLN B 856 -36.42 -0.86 11.07
C GLN B 856 -37.94 -0.83 10.92
N ARG B 857 -38.55 0.33 11.11
CA ARG B 857 -39.99 0.43 10.96
C ARG B 857 -40.42 0.28 9.50
N VAL B 858 -39.60 0.76 8.56
CA VAL B 858 -39.90 0.54 7.15
C VAL B 858 -39.88 -0.95 6.82
N LYS B 859 -38.87 -1.67 7.34
CA LYS B 859 -38.81 -3.12 7.14
C LYS B 859 -40.03 -3.81 7.77
N LEU B 860 -40.40 -3.39 8.99
CA LEU B 860 -41.55 -3.99 9.66
C LEU B 860 -42.83 -3.76 8.87
N ALA B 861 -43.03 -2.54 8.36
CA ALA B 861 -44.21 -2.26 7.56
C ALA B 861 -44.21 -3.06 6.26
N THR B 862 -43.03 -3.18 5.63
CA THR B 862 -42.92 -3.98 4.42
C THR B 862 -43.38 -5.40 4.65
N GLU B 863 -42.94 -6.01 5.75
CA GLU B 863 -43.29 -7.40 6.00
C GLU B 863 -44.69 -7.59 6.60
N LEU B 864 -45.21 -6.59 7.30
CA LEU B 864 -46.53 -6.72 7.93
C LEU B 864 -47.66 -6.18 7.06
N SER B 865 -47.35 -5.62 5.89
CA SER B 865 -48.37 -5.16 4.97
C SER B 865 -48.77 -6.22 3.96
N ARG B 866 -48.58 -7.50 4.28
CA ARG B 866 -48.89 -8.60 3.38
C ARG B 866 -50.25 -9.19 3.73
N LYS B 867 -50.76 -10.02 2.82
CA LYS B 867 -52.07 -10.62 2.99
C LYS B 867 -52.08 -11.59 4.17
N SER B 868 -53.17 -11.56 4.93
CA SER B 868 -53.38 -12.47 6.05
C SER B 868 -54.59 -13.34 5.75
N THR B 869 -54.40 -14.65 5.77
CA THR B 869 -55.46 -15.60 5.46
C THR B 869 -56.19 -16.10 6.71
N GLY B 870 -55.84 -15.58 7.89
CA GLY B 870 -56.41 -16.05 9.13
C GLY B 870 -55.72 -17.27 9.72
N LYS B 871 -54.73 -17.83 9.02
CA LYS B 871 -53.99 -18.99 9.51
C LYS B 871 -52.50 -18.85 9.23
N THR B 872 -52.01 -17.63 9.11
CA THR B 872 -50.60 -17.39 8.83
C THR B 872 -49.81 -17.33 10.13
N MET B 873 -48.51 -17.56 10.01
CA MET B 873 -47.59 -17.52 11.13
C MET B 873 -46.63 -16.36 10.96
N TYR B 874 -46.56 -15.50 11.98
CA TYR B 874 -45.67 -14.35 11.98
C TYR B 874 -44.48 -14.63 12.88
N ILE B 875 -43.28 -14.46 12.35
CA ILE B 875 -42.04 -14.68 13.09
C ILE B 875 -41.26 -13.38 13.06
N LEU B 876 -40.94 -12.84 14.23
CA LEU B 876 -40.20 -11.60 14.35
C LEU B 876 -38.99 -11.83 15.23
N ASP B 877 -37.82 -11.41 14.77
CA ASP B 877 -36.56 -11.61 15.47
C ASP B 877 -36.08 -10.26 15.99
N GLU B 878 -36.53 -9.91 17.19
CA GLU B 878 -36.18 -8.68 17.89
C GLU B 878 -36.52 -7.46 17.05
N PRO B 879 -37.81 -7.16 16.86
CA PRO B 879 -38.20 -6.03 16.01
C PRO B 879 -38.19 -4.68 16.73
N THR B 880 -37.70 -4.62 17.96
CA THR B 880 -37.71 -3.41 18.78
C THR B 880 -36.45 -2.59 18.61
N THR B 881 -35.43 -3.12 17.95
CA THR B 881 -34.14 -2.46 17.81
C THR B 881 -34.28 -1.03 17.26
N GLY B 882 -33.89 -0.05 18.07
CA GLY B 882 -33.97 1.34 17.66
C GLY B 882 -35.32 1.99 17.81
N LEU B 883 -36.18 1.45 18.66
CA LEU B 883 -37.55 1.92 18.80
C LEU B 883 -37.78 2.46 20.21
N HIS B 884 -38.33 3.66 20.30
CA HIS B 884 -38.70 4.27 21.57
C HIS B 884 -39.94 3.56 22.13
N MET B 885 -40.24 3.86 23.40
CA MET B 885 -41.35 3.21 24.09
C MET B 885 -42.70 3.46 23.44
N ALA B 886 -42.87 4.54 22.69
CA ALA B 886 -44.11 4.78 21.96
C ALA B 886 -44.21 3.94 20.69
N ASP B 887 -43.10 3.81 19.97
CA ASP B 887 -43.10 2.93 18.79
C ASP B 887 -43.32 1.48 19.20
N VAL B 888 -42.78 1.09 20.36
CA VAL B 888 -43.06 -0.24 20.90
C VAL B 888 -44.54 -0.40 21.20
N HIS B 889 -45.19 0.62 21.74
CA HIS B 889 -46.62 0.56 21.98
C HIS B 889 -47.40 0.35 20.68
N ARG B 890 -47.02 1.11 19.64
CA ARG B 890 -47.68 0.96 18.34
C ARG B 890 -47.50 -0.45 17.79
N LEU B 891 -46.27 -0.97 17.85
CA LEU B 891 -46.00 -2.30 17.33
C LEU B 891 -46.76 -3.37 18.11
N VAL B 892 -46.82 -3.22 19.44
CA VAL B 892 -47.55 -4.19 20.25
C VAL B 892 -49.03 -4.18 19.90
N GLY B 893 -49.61 -2.99 19.71
CA GLY B 893 -50.99 -2.91 19.29
C GLY B 893 -51.24 -3.59 17.95
N ILE B 894 -50.34 -3.37 16.99
CA ILE B 894 -50.48 -3.99 15.67
C ILE B 894 -50.43 -5.51 15.80
N LEU B 895 -49.45 -6.02 16.56
CA LEU B 895 -49.29 -7.46 16.69
C LEU B 895 -50.49 -8.09 17.40
N HIS B 896 -51.02 -7.42 18.42
CA HIS B 896 -52.17 -7.95 19.12
C HIS B 896 -53.43 -7.93 18.25
N ARG B 897 -53.57 -6.90 17.41
CA ARG B 897 -54.67 -6.92 16.45
C ARG B 897 -54.54 -8.08 15.47
N LEU B 898 -53.31 -8.34 15.02
CA LEU B 898 -53.08 -9.49 14.13
C LEU B 898 -53.45 -10.80 14.81
N VAL B 899 -53.07 -10.95 16.09
CA VAL B 899 -53.42 -12.17 16.82
C VAL B 899 -54.92 -12.28 16.98
N GLU B 900 -55.59 -11.18 17.32
CA GLU B 900 -57.04 -11.19 17.47
C GLU B 900 -57.74 -11.49 16.15
N ALA B 901 -57.09 -11.25 15.02
CA ALA B 901 -57.66 -11.62 13.74
C ALA B 901 -57.60 -13.12 13.47
N GLY B 902 -57.10 -13.92 14.41
CA GLY B 902 -57.02 -15.36 14.26
C GLY B 902 -55.67 -15.91 13.89
N ASN B 903 -54.64 -15.06 13.82
CA ASN B 903 -53.31 -15.50 13.43
C ASN B 903 -52.49 -15.88 14.67
N SER B 904 -51.25 -16.33 14.43
CA SER B 904 -50.33 -16.66 15.50
C SER B 904 -49.04 -15.87 15.29
N VAL B 905 -48.53 -15.26 16.36
CA VAL B 905 -47.35 -14.41 16.30
C VAL B 905 -46.32 -14.96 17.28
N VAL B 906 -45.11 -15.17 16.80
CA VAL B 906 -43.98 -15.60 17.61
C VAL B 906 -42.91 -14.51 17.53
N VAL B 907 -42.52 -13.98 18.69
CA VAL B 907 -41.58 -12.86 18.76
C VAL B 907 -40.41 -13.28 19.65
N ILE B 908 -39.21 -13.24 19.08
CA ILE B 908 -37.98 -13.38 19.86
C ILE B 908 -37.65 -11.99 20.39
N GLU B 909 -37.93 -11.75 21.67
CA GLU B 909 -37.86 -10.41 22.23
C GLU B 909 -37.01 -10.40 23.50
N HIS B 910 -36.35 -9.27 23.72
CA HIS B 910 -35.69 -8.97 24.98
C HIS B 910 -36.38 -7.86 25.76
N ASN B 911 -37.35 -7.18 25.16
CA ASN B 911 -38.04 -6.08 25.81
C ASN B 911 -39.10 -6.59 26.76
N LEU B 912 -39.09 -6.07 27.99
CA LEU B 912 -40.06 -6.54 28.99
C LEU B 912 -41.45 -5.99 28.73
N ASP B 913 -41.55 -4.81 28.09
CA ASP B 913 -42.86 -4.26 27.78
C ASP B 913 -43.61 -5.13 26.78
N VAL B 914 -42.89 -5.67 25.79
CA VAL B 914 -43.51 -6.62 24.87
C VAL B 914 -43.79 -7.94 25.57
N ILE B 915 -42.85 -8.39 26.41
CA ILE B 915 -42.95 -9.71 27.03
C ILE B 915 -44.16 -9.80 27.95
N LYS B 916 -44.40 -8.76 28.74
CA LYS B 916 -45.48 -8.81 29.72
C LYS B 916 -46.86 -8.89 29.09
N THR B 917 -46.98 -8.60 27.80
CA THR B 917 -48.25 -8.71 27.09
C THR B 917 -48.41 -10.02 26.32
N ALA B 918 -47.44 -10.92 26.42
CA ALA B 918 -47.49 -12.17 25.69
C ALA B 918 -48.34 -13.20 26.42
N ASP B 919 -49.08 -14.00 25.64
CA ASP B 919 -49.91 -15.05 26.23
C ASP B 919 -49.08 -16.26 26.65
N TYR B 920 -48.01 -16.56 25.93
CA TYR B 920 -47.16 -17.70 26.21
C TYR B 920 -45.70 -17.28 26.14
N ILE B 921 -44.87 -17.91 26.96
CA ILE B 921 -43.44 -17.61 27.02
C ILE B 921 -42.67 -18.91 27.04
N ILE B 922 -41.62 -18.99 26.21
CA ILE B 922 -40.76 -20.17 26.14
C ILE B 922 -39.34 -19.67 26.41
N ASP B 923 -38.91 -19.75 27.67
CA ASP B 923 -37.58 -19.30 28.05
C ASP B 923 -36.53 -20.34 27.67
N LEU B 924 -35.35 -19.86 27.33
CA LEU B 924 -34.22 -20.70 26.94
C LEU B 924 -32.99 -20.28 27.71
N GLY B 925 -32.09 -21.23 27.94
CA GLY B 925 -30.87 -20.96 28.66
C GLY B 925 -30.23 -22.21 29.21
N PRO B 926 -29.74 -22.15 30.45
CA PRO B 926 -29.78 -20.99 31.37
C PRO B 926 -28.66 -20.00 31.09
N GLU B 927 -27.80 -20.28 30.12
CA GLU B 927 -26.69 -19.40 29.77
C GLU B 927 -26.56 -19.29 28.26
N GLY B 928 -25.46 -18.71 27.80
CA GLY B 928 -25.20 -18.59 26.38
C GLY B 928 -24.11 -19.52 25.91
N GLY B 929 -24.12 -19.85 24.62
CA GLY B 929 -23.09 -20.72 24.08
C GLY B 929 -23.31 -22.17 24.48
N SER B 930 -22.21 -22.85 24.80
CA SER B 930 -22.29 -24.26 25.19
C SER B 930 -22.99 -24.47 26.52
N GLY B 931 -23.16 -23.41 27.31
CA GLY B 931 -23.89 -23.49 28.55
C GLY B 931 -25.39 -23.33 28.43
N GLY B 932 -25.90 -23.16 27.22
CA GLY B 932 -27.33 -22.97 27.01
C GLY B 932 -27.93 -23.99 26.06
N GLY B 933 -29.14 -23.72 25.58
CA GLY B 933 -29.83 -24.62 24.70
C GLY B 933 -30.88 -25.49 25.34
N LEU B 934 -31.35 -25.14 26.54
CA LEU B 934 -32.37 -25.90 27.24
C LEU B 934 -33.50 -24.98 27.65
N VAL B 935 -34.71 -25.54 27.71
CA VAL B 935 -35.87 -24.77 28.13
C VAL B 935 -35.88 -24.69 29.65
N VAL B 936 -35.77 -23.48 30.19
CA VAL B 936 -35.75 -23.28 31.62
C VAL B 936 -37.12 -22.88 32.18
N ALA B 937 -38.03 -22.40 31.34
CA ALA B 937 -39.38 -22.04 31.78
C ALA B 937 -40.30 -22.07 30.58
N GLU B 938 -41.59 -22.30 30.84
CA GLU B 938 -42.57 -22.41 29.77
C GLU B 938 -43.95 -22.21 30.36
N GLY B 939 -44.64 -21.17 29.93
CA GLY B 939 -45.99 -20.90 30.38
C GLY B 939 -46.31 -19.42 30.28
N THR B 940 -47.39 -19.04 30.95
CA THR B 940 -47.78 -17.64 30.99
C THR B 940 -46.73 -16.83 31.75
N PRO B 941 -46.67 -15.51 31.51
CA PRO B 941 -45.63 -14.71 32.16
C PRO B 941 -45.62 -14.80 33.68
N GLU B 942 -46.78 -14.96 34.31
CA GLU B 942 -46.79 -15.13 35.76
C GLU B 942 -46.14 -16.45 36.18
N GLU B 943 -46.44 -17.53 35.46
CA GLU B 943 -45.84 -18.82 35.77
C GLU B 943 -44.32 -18.78 35.58
N VAL B 944 -43.86 -18.11 34.53
CA VAL B 944 -42.42 -17.95 34.32
C VAL B 944 -41.82 -17.10 35.43
N ALA B 945 -42.55 -16.08 35.89
CA ALA B 945 -42.08 -15.25 36.99
C ALA B 945 -41.97 -16.05 38.28
N LYS B 946 -42.81 -17.07 38.45
CA LYS B 946 -42.73 -17.91 39.64
C LYS B 946 -41.52 -18.84 39.63
N VAL B 947 -40.81 -18.94 38.52
CA VAL B 947 -39.63 -19.79 38.44
C VAL B 947 -38.42 -19.05 39.01
N GLU B 948 -37.73 -19.69 39.96
CA GLU B 948 -36.65 -19.02 40.67
C GLU B 948 -35.37 -18.92 39.86
N ASN B 949 -35.07 -19.92 39.03
CA ASN B 949 -33.80 -19.99 38.32
C ASN B 949 -33.82 -19.32 36.95
N SER B 950 -34.94 -18.73 36.55
CA SER B 950 -35.08 -18.10 35.25
C SER B 950 -34.82 -16.60 35.39
N TYR B 951 -33.85 -16.08 34.63
CA TYR B 951 -33.56 -14.65 34.67
C TYR B 951 -34.74 -13.83 34.19
N THR B 952 -35.40 -14.26 33.12
CA THR B 952 -36.55 -13.54 32.60
C THR B 952 -37.67 -13.49 33.63
N GLY B 953 -37.87 -14.58 34.36
CA GLY B 953 -38.86 -14.56 35.44
C GLY B 953 -38.48 -13.59 36.54
N GLN B 954 -37.20 -13.53 36.89
CA GLN B 954 -36.74 -12.59 37.91
C GLN B 954 -37.01 -11.15 37.48
N PHE B 955 -36.74 -10.83 36.21
CA PHE B 955 -36.97 -9.47 35.73
C PHE B 955 -38.44 -9.17 35.53
N LEU B 956 -39.26 -10.19 35.25
CA LEU B 956 -40.70 -9.99 35.12
C LEU B 956 -41.37 -9.82 36.47
N LYS B 957 -40.80 -10.39 37.53
CA LYS B 957 -41.39 -10.26 38.86
C LYS B 957 -41.50 -8.80 39.27
N LYS B 958 -40.55 -7.97 38.86
CA LYS B 958 -40.57 -6.55 39.20
C LYS B 958 -41.41 -5.72 38.23
N VAL B 959 -41.91 -6.31 37.15
CA VAL B 959 -42.68 -5.59 36.14
C VAL B 959 -44.17 -5.82 36.31
N LEU B 960 -44.58 -7.08 36.44
CA LEU B 960 -45.99 -7.41 36.59
C LEU B 960 -46.54 -6.90 37.93
N MET E 2 83.62 -24.89 16.28
CA MET E 2 84.29 -23.74 15.70
C MET E 2 84.45 -23.90 14.19
N HIS E 3 83.65 -23.16 13.43
CA HIS E 3 83.71 -23.23 11.98
C HIS E 3 84.95 -22.49 11.46
N LYS E 4 85.26 -22.75 10.20
CA LYS E 4 86.43 -22.17 9.55
C LYS E 4 86.03 -21.51 8.24
N PHE E 5 86.99 -20.87 7.60
CA PHE E 5 86.76 -20.15 6.36
C PHE E 5 87.13 -21.05 5.18
N LYS E 6 86.20 -21.16 4.22
CA LYS E 6 86.40 -21.96 3.03
C LYS E 6 86.17 -21.08 1.80
N LEU E 7 87.12 -21.11 0.87
CA LEU E 7 87.07 -20.30 -0.33
C LEU E 7 87.04 -21.17 -1.58
N VAL E 8 86.12 -20.84 -2.49
CA VAL E 8 86.02 -21.54 -3.76
C VAL E 8 86.10 -20.54 -4.90
N SER E 9 87.10 -20.69 -5.76
CA SER E 9 87.28 -19.79 -6.90
C SER E 9 88.23 -20.41 -7.93
N ASP E 10 87.78 -20.48 -9.18
CA ASP E 10 88.61 -21.05 -10.23
C ASP E 10 89.77 -20.12 -10.59
N TYR E 11 89.54 -18.81 -10.49
CA TYR E 11 90.56 -17.83 -10.87
C TYR E 11 91.68 -17.79 -9.83
N LYS E 12 92.83 -18.38 -10.17
CA LYS E 12 93.99 -18.35 -9.31
C LYS E 12 94.67 -16.98 -9.37
N PRO E 13 95.36 -16.57 -8.30
CA PRO E 13 96.07 -15.29 -8.32
C PRO E 13 97.15 -15.28 -9.40
N CYS E 14 97.30 -14.14 -10.06
CA CYS E 14 98.27 -13.97 -11.14
C CYS E 14 98.99 -12.64 -10.99
N GLY E 15 100.28 -12.63 -11.29
CA GLY E 15 101.07 -11.42 -11.24
C GLY E 15 101.57 -11.14 -9.84
N ASP E 16 101.33 -9.93 -9.36
CA ASP E 16 101.76 -9.50 -8.03
C ASP E 16 100.78 -9.89 -6.93
N GLN E 17 99.67 -10.54 -7.29
CA GLN E 17 98.70 -10.96 -6.28
C GLN E 17 99.27 -11.90 -5.23
N PRO E 18 100.00 -12.99 -5.59
CA PRO E 18 100.57 -13.83 -4.54
C PRO E 18 101.53 -13.11 -3.62
N GLU E 19 102.39 -12.24 -4.19
CA GLU E 19 103.32 -11.50 -3.37
C GLU E 19 102.61 -10.54 -2.42
N ALA E 20 101.58 -9.86 -2.93
CA ALA E 20 100.80 -8.94 -2.08
C ALA E 20 100.10 -9.71 -0.96
N ILE E 21 99.52 -10.86 -1.28
CA ILE E 21 98.84 -11.67 -0.27
C ILE E 21 99.82 -12.12 0.78
N ASP E 22 101.00 -12.61 0.37
CA ASP E 22 102.00 -13.06 1.33
C ASP E 22 102.47 -11.91 2.21
N LYS E 23 102.71 -10.74 1.63
CA LYS E 23 103.16 -9.60 2.41
C LYS E 23 102.10 -9.16 3.41
N LEU E 24 100.83 -9.12 2.99
CA LEU E 24 99.76 -8.71 3.89
C LEU E 24 99.60 -9.71 5.03
N VAL E 25 99.67 -11.02 4.72
CA VAL E 25 99.54 -12.04 5.77
C VAL E 25 100.70 -11.94 6.75
N GLU E 26 101.93 -11.76 6.24
CA GLU E 26 103.07 -11.63 7.11
C GLU E 26 102.96 -10.40 8.01
N GLY E 27 102.51 -9.27 7.45
CA GLY E 27 102.34 -8.08 8.24
C GLY E 27 101.27 -8.23 9.31
N ILE E 28 100.16 -8.89 8.97
CA ILE E 28 99.11 -9.13 9.95
C ILE E 28 99.62 -10.03 11.07
N ASN E 29 100.35 -11.09 10.70
CA ASN E 29 100.90 -11.99 11.72
C ASN E 29 101.90 -11.28 12.62
N ARG E 30 102.71 -10.39 12.05
CA ARG E 30 103.66 -9.63 12.86
C ARG E 30 102.95 -8.74 13.87
N GLY E 31 101.86 -8.11 13.47
CA GLY E 31 101.07 -7.30 14.38
C GLY E 31 101.06 -5.83 14.04
N TYR E 32 101.25 -5.49 12.76
CA TYR E 32 101.23 -4.10 12.35
C TYR E 32 99.81 -3.54 12.44
N ARG E 33 99.68 -2.37 13.07
CA ARG E 33 98.36 -1.80 13.31
C ARG E 33 97.68 -1.40 12.01
N GLY E 34 98.43 -0.82 11.07
CA GLY E 34 97.85 -0.33 9.84
C GLY E 34 98.71 -0.68 8.65
N GLN E 35 98.04 -0.91 7.52
CA GLN E 35 98.70 -1.21 6.26
C GLN E 35 97.86 -0.67 5.12
N THR E 36 98.51 -0.52 3.96
CA THR E 36 97.85 0.02 2.77
C THR E 36 98.08 -0.91 1.58
N LEU E 37 97.05 -1.11 0.78
CA LEU E 37 97.12 -1.87 -0.46
C LEU E 37 97.06 -0.88 -1.62
N LEU E 38 98.19 -0.71 -2.32
CA LEU E 38 98.26 0.17 -3.48
C LEU E 38 97.84 -0.60 -4.73
N GLY E 39 96.57 -0.98 -4.75
CA GLY E 39 96.02 -1.76 -5.84
C GLY E 39 95.31 -0.88 -6.85
N VAL E 40 95.71 -1.02 -8.11
CA VAL E 40 95.09 -0.25 -9.18
C VAL E 40 93.72 -0.84 -9.53
N THR E 41 92.93 -0.06 -10.25
CA THR E 41 91.60 -0.51 -10.66
C THR E 41 91.71 -1.67 -11.64
N GLY E 42 90.87 -2.68 -11.44
CA GLY E 42 90.87 -3.85 -12.29
C GLY E 42 91.92 -4.88 -11.97
N SER E 43 92.74 -4.66 -10.95
CA SER E 43 93.77 -5.63 -10.57
C SER E 43 93.24 -6.75 -9.68
N GLY E 44 91.99 -6.67 -9.25
CA GLY E 44 91.42 -7.72 -8.43
C GLY E 44 91.67 -7.52 -6.95
N LYS E 45 91.31 -6.34 -6.43
CA LYS E 45 91.48 -6.08 -5.00
C LYS E 45 90.55 -6.95 -4.17
N THR E 46 89.36 -7.26 -4.69
CA THR E 46 88.43 -8.11 -3.94
C THR E 46 89.01 -9.52 -3.75
N PHE E 47 89.68 -10.05 -4.76
CA PHE E 47 90.30 -11.37 -4.64
C PHE E 47 91.39 -11.35 -3.57
N THR E 48 92.22 -10.30 -3.56
CA THR E 48 93.27 -10.19 -2.54
C THR E 48 92.65 -10.08 -1.15
N MET E 49 91.59 -9.28 -1.01
CA MET E 49 90.91 -9.17 0.28
C MET E 49 90.36 -10.51 0.74
N ALA E 50 89.73 -11.26 -0.18
CA ALA E 50 89.17 -12.56 0.19
C ALA E 50 90.28 -13.53 0.59
N ASN E 51 91.40 -13.54 -0.15
CA ASN E 51 92.50 -14.41 0.21
C ASN E 51 93.08 -14.05 1.57
N VAL E 52 93.24 -12.77 1.84
CA VAL E 52 93.78 -12.33 3.13
C VAL E 52 92.84 -12.73 4.26
N ILE E 53 91.53 -12.54 4.07
CA ILE E 53 90.57 -12.91 5.10
C ILE E 53 90.60 -14.41 5.34
N GLU E 54 90.67 -15.21 4.27
CA GLU E 54 90.72 -16.65 4.42
C GLU E 54 91.98 -17.10 5.15
N ARG E 55 93.12 -16.49 4.83
CA ARG E 55 94.36 -16.88 5.48
C ARG E 55 94.38 -16.47 6.96
N VAL E 56 93.92 -15.26 7.27
CA VAL E 56 93.98 -14.75 8.63
C VAL E 56 93.01 -15.49 9.54
N GLN E 57 91.81 -15.80 9.02
CA GLN E 57 90.77 -16.49 9.78
C GLN E 57 90.33 -15.67 11.00
N LYS E 58 89.90 -14.44 10.73
CA LYS E 58 89.44 -13.51 11.75
C LYS E 58 88.18 -12.82 11.25
N PRO E 59 87.34 -12.33 12.17
CA PRO E 59 86.17 -11.55 11.73
C PRO E 59 86.62 -10.30 10.99
N THR E 60 85.83 -9.93 9.98
CA THR E 60 86.17 -8.82 9.10
C THR E 60 84.99 -7.88 8.96
N LEU E 61 85.24 -6.58 9.14
CA LEU E 61 84.26 -5.54 8.88
C LEU E 61 84.79 -4.65 7.77
N VAL E 62 84.04 -4.55 6.67
CA VAL E 62 84.45 -3.80 5.49
C VAL E 62 83.55 -2.57 5.38
N ILE E 63 84.16 -1.40 5.27
CA ILE E 63 83.43 -0.13 5.20
C ILE E 63 83.58 0.45 3.80
N ALA E 64 82.46 0.82 3.20
CA ALA E 64 82.43 1.43 1.88
C ALA E 64 81.82 2.82 1.97
N HIS E 65 82.19 3.67 1.01
CA HIS E 65 81.75 5.06 1.02
C HIS E 65 80.44 5.29 0.29
N ASN E 66 79.85 4.25 -0.31
CA ASN E 66 78.56 4.38 -0.96
C ASN E 66 77.85 3.03 -0.95
N LYS E 67 76.53 3.09 -1.11
CA LYS E 67 75.71 1.88 -0.98
C LYS E 67 75.96 0.91 -2.14
N THR E 68 76.16 1.44 -3.35
CA THR E 68 76.34 0.56 -4.50
C THR E 68 77.61 -0.27 -4.38
N LEU E 69 78.71 0.36 -3.97
CA LEU E 69 79.95 -0.37 -3.78
C LEU E 69 79.83 -1.40 -2.66
N ALA E 70 79.12 -1.04 -1.59
CA ALA E 70 78.91 -1.98 -0.49
C ALA E 70 78.10 -3.19 -0.95
N ALA E 71 77.06 -2.96 -1.75
CA ALA E 71 76.26 -4.08 -2.27
C ALA E 71 77.08 -4.95 -3.21
N GLN E 72 77.89 -4.33 -4.06
CA GLN E 72 78.74 -5.11 -4.96
C GLN E 72 79.75 -5.95 -4.18
N LEU E 73 80.36 -5.37 -3.14
CA LEU E 73 81.30 -6.11 -2.32
C LEU E 73 80.59 -7.25 -1.59
N CYS E 74 79.38 -7.01 -1.09
CA CYS E 74 78.63 -8.06 -0.41
C CYS E 74 78.31 -9.21 -1.36
N SER E 75 77.89 -8.90 -2.58
CA SER E 75 77.61 -9.94 -3.56
C SER E 75 78.88 -10.71 -3.92
N GLU E 76 80.00 -10.00 -4.09
CA GLU E 76 81.25 -10.68 -4.40
C GLU E 76 81.67 -11.61 -3.27
N PHE E 77 81.57 -11.13 -2.02
CA PHE E 77 81.95 -11.96 -0.88
C PHE E 77 81.02 -13.16 -0.72
N LYS E 78 79.74 -13.00 -1.05
CA LYS E 78 78.84 -14.14 -1.09
C LYS E 78 79.27 -15.14 -2.16
N GLU E 79 79.72 -14.63 -3.31
CA GLU E 79 80.17 -15.51 -4.39
C GLU E 79 81.40 -16.30 -3.97
N PHE E 80 82.39 -15.64 -3.35
CA PHE E 80 83.59 -16.34 -2.93
C PHE E 80 83.34 -17.23 -1.72
N PHE E 81 82.37 -16.87 -0.88
CA PHE E 81 82.08 -17.59 0.37
C PHE E 81 80.61 -17.97 0.41
N PRO E 82 80.22 -19.03 -0.31
CA PRO E 82 78.82 -19.48 -0.25
C PRO E 82 78.53 -20.28 1.01
N ASN E 83 79.53 -21.05 1.45
CA ASN E 83 79.39 -21.83 2.68
C ASN E 83 79.44 -20.91 3.90
N ASN E 84 80.30 -19.89 3.87
CA ASN E 84 80.55 -19.03 5.01
C ASN E 84 79.38 -18.07 5.21
N CYS E 85 79.53 -17.12 6.13
CA CYS E 85 78.47 -16.17 6.47
C CYS E 85 78.89 -14.77 6.05
N VAL E 86 78.05 -14.11 5.26
CA VAL E 86 78.28 -12.74 4.81
C VAL E 86 77.02 -11.93 5.14
N GLU E 87 77.22 -10.78 5.78
CA GLU E 87 76.14 -9.94 6.24
C GLU E 87 76.11 -8.62 5.46
N TYR E 88 75.15 -7.76 5.80
CA TYR E 88 74.97 -6.49 5.11
C TYR E 88 74.31 -5.53 6.09
N PHE E 89 75.00 -4.44 6.42
CA PHE E 89 74.54 -3.49 7.43
C PHE E 89 74.61 -2.07 6.85
N VAL E 90 73.51 -1.61 6.27
CA VAL E 90 73.41 -0.26 5.72
C VAL E 90 72.17 0.41 6.30
N SER E 91 71.96 1.66 5.90
CA SER E 91 70.82 2.42 6.39
C SER E 91 69.52 1.86 5.85
N TYR E 92 68.50 1.81 6.71
CA TYR E 92 67.18 1.32 6.34
C TYR E 92 66.17 2.44 6.18
N TYR E 93 66.61 3.69 6.17
CA TYR E 93 65.71 4.84 6.04
C TYR E 93 65.54 5.19 4.57
N ASP E 94 64.32 5.00 4.06
CA ASP E 94 64.04 5.40 2.68
C ASP E 94 63.95 6.91 2.55
N TYR E 95 63.47 7.60 3.59
CA TYR E 95 63.36 9.05 3.57
C TYR E 95 63.34 9.53 5.00
N TYR E 96 64.39 10.24 5.41
CA TYR E 96 64.54 10.71 6.79
C TYR E 96 64.65 12.23 6.78
N GLN E 97 63.87 12.88 7.64
CA GLN E 97 63.90 14.33 7.82
C GLN E 97 64.02 14.61 9.32
N PRO E 98 65.23 14.74 9.83
CA PRO E 98 65.40 14.98 11.27
C PRO E 98 64.83 16.32 11.68
N GLU E 99 64.34 16.38 12.92
CA GLU E 99 63.78 17.61 13.44
C GLU E 99 64.88 18.66 13.63
N ALA E 100 64.53 19.91 13.39
CA ALA E 100 65.47 21.01 13.54
C ALA E 100 64.69 22.30 13.77
N TYR E 101 65.38 23.28 14.35
CA TYR E 101 64.79 24.59 14.62
C TYR E 101 65.71 25.66 14.06
N ILE E 102 65.15 26.59 13.31
CA ILE E 102 65.88 27.70 12.72
C ILE E 102 65.46 28.97 13.45
N PRO E 103 66.31 29.53 14.33
CA PRO E 103 65.92 30.76 15.03
C PRO E 103 65.72 31.95 14.12
N ALA E 104 66.31 31.95 12.93
CA ALA E 104 66.14 33.09 12.02
C ALA E 104 64.70 33.24 11.57
N THR E 105 64.04 32.14 11.25
CA THR E 105 62.66 32.16 10.78
C THR E 105 61.67 31.70 11.84
N ASP E 106 62.14 31.27 13.01
CA ASP E 106 61.28 30.79 14.09
C ASP E 106 60.36 29.67 13.61
N THR E 107 60.91 28.76 12.81
CA THR E 107 60.16 27.65 12.23
C THR E 107 60.75 26.33 12.69
N TYR E 108 59.87 25.41 13.06
CA TYR E 108 60.26 24.08 13.52
C TYR E 108 59.69 23.03 12.58
N ILE E 109 60.50 22.04 12.25
CA ILE E 109 60.13 20.97 11.32
C ILE E 109 60.05 19.67 12.11
N GLU E 110 58.93 18.96 11.98
CA GLU E 110 58.75 17.70 12.68
C GLU E 110 59.52 16.58 12.00
N LYS E 111 59.75 15.51 12.74
CA LYS E 111 60.50 14.37 12.23
C LYS E 111 59.61 13.45 11.41
N ASP E 112 60.14 12.96 10.29
CA ASP E 112 59.44 12.02 9.44
C ASP E 112 60.43 10.97 8.95
N SER E 113 60.01 9.71 8.96
CA SER E 113 60.91 8.63 8.59
C SER E 113 60.10 7.50 7.96
N SER E 114 60.79 6.68 7.16
CA SER E 114 60.22 5.49 6.55
C SER E 114 61.20 4.33 6.72
N ILE E 115 60.66 3.14 6.99
CA ILE E 115 61.46 1.97 7.33
C ILE E 115 61.39 0.99 6.18
N ASN E 116 62.54 0.47 5.77
CA ASN E 116 62.63 -0.57 4.75
C ASN E 116 62.77 -1.92 5.44
N ASP E 117 61.92 -2.87 5.04
CA ASP E 117 61.88 -4.16 5.74
C ASP E 117 63.10 -5.02 5.44
N GLU E 118 63.53 -5.04 4.17
CA GLU E 118 64.66 -5.90 3.80
C GLU E 118 65.94 -5.46 4.50
N ILE E 119 66.20 -4.15 4.54
CA ILE E 119 67.42 -3.66 5.18
C ILE E 119 67.37 -3.90 6.68
N ASP E 120 66.21 -3.73 7.30
CA ASP E 120 66.07 -4.00 8.72
C ASP E 120 66.33 -5.48 9.02
N LYS E 121 65.78 -6.36 8.19
CA LYS E 121 66.02 -7.79 8.37
C LYS E 121 67.50 -8.12 8.21
N LEU E 122 68.16 -7.51 7.23
CA LEU E 122 69.59 -7.76 7.04
C LEU E 122 70.40 -7.27 8.22
N ARG E 123 70.06 -6.09 8.77
CA ARG E 123 70.77 -5.58 9.93
C ARG E 123 70.59 -6.49 11.13
N HIS E 124 69.35 -6.96 11.36
CA HIS E 124 69.11 -7.86 12.49
C HIS E 124 69.84 -9.18 12.30
N SER E 125 69.88 -9.68 11.06
CA SER E 125 70.62 -10.91 10.80
C SER E 125 72.11 -10.72 11.07
N ALA E 126 72.66 -9.58 10.68
CA ALA E 126 74.08 -9.30 10.95
C ALA E 126 74.34 -9.24 12.45
N THR E 127 73.47 -8.55 13.19
CA THR E 127 73.64 -8.45 14.63
C THR E 127 73.56 -9.81 15.30
N ALA E 128 72.61 -10.65 14.89
CA ALA E 128 72.49 -11.99 15.45
C ALA E 128 73.70 -12.86 15.11
N ALA E 129 74.17 -12.76 13.86
CA ALA E 129 75.32 -13.55 13.42
C ALA E 129 76.58 -13.15 14.16
N LEU E 130 76.65 -11.88 14.58
CA LEU E 130 77.80 -11.44 15.36
C LEU E 130 77.91 -12.21 16.66
N PHE E 131 76.79 -12.43 17.35
CA PHE E 131 76.79 -13.20 18.58
C PHE E 131 76.74 -14.71 18.33
N GLU E 132 76.38 -15.13 17.12
CA GLU E 132 76.23 -16.56 16.85
C GLU E 132 77.55 -17.21 16.43
N ARG E 133 78.16 -16.71 15.37
CA ARG E 133 79.37 -17.30 14.81
C ARG E 133 80.49 -16.27 14.75
N ARG E 134 81.73 -16.73 14.91
CA ARG E 134 82.88 -15.85 14.86
C ARG E 134 83.36 -15.60 13.44
N ASP E 135 83.19 -16.57 12.54
CA ASP E 135 83.66 -16.46 11.17
C ASP E 135 82.69 -15.71 10.26
N VAL E 136 82.27 -14.53 10.70
CA VAL E 136 81.29 -13.71 9.98
C VAL E 136 82.00 -12.52 9.35
N ILE E 137 81.64 -12.22 8.11
CA ILE E 137 82.12 -11.05 7.38
C ILE E 137 80.95 -10.09 7.21
N ILE E 138 81.14 -8.84 7.60
CA ILE E 138 80.09 -7.83 7.55
C ILE E 138 80.54 -6.71 6.62
N VAL E 139 79.74 -6.41 5.61
CA VAL E 139 79.98 -5.29 4.70
C VAL E 139 78.99 -4.19 5.06
N ALA E 140 79.51 -3.06 5.52
CA ALA E 140 78.68 -2.00 6.06
C ALA E 140 79.13 -0.65 5.53
N SER E 141 78.21 0.31 5.57
CA SER E 141 78.52 1.70 5.25
C SER E 141 79.01 2.39 6.51
N VAL E 142 79.05 3.73 6.49
CA VAL E 142 79.51 4.50 7.64
C VAL E 142 78.50 4.42 8.78
N SER E 143 77.40 3.69 8.55
CA SER E 143 76.39 3.49 9.59
C SER E 143 76.89 2.64 10.74
N CYS E 144 78.04 1.97 10.59
CA CYS E 144 78.58 1.13 11.65
C CYS E 144 79.08 1.93 12.85
N ILE E 145 79.20 3.26 12.73
CA ILE E 145 79.69 4.08 13.81
C ILE E 145 78.57 4.79 14.56
N TYR E 146 77.33 4.45 14.28
CA TYR E 146 76.18 5.08 14.93
C TYR E 146 75.65 4.22 16.06
N GLY E 147 74.98 4.88 17.00
CA GLY E 147 74.58 4.25 18.24
C GLY E 147 73.61 3.09 18.13
N LEU E 148 74.07 1.91 18.53
CA LEU E 148 73.24 0.72 18.65
C LEU E 148 72.94 0.47 20.12
N GLY E 149 72.32 -0.67 20.41
CA GLY E 149 72.00 -1.03 21.78
C GLY E 149 73.20 -1.56 22.55
N ASP E 150 72.98 -1.78 23.84
CA ASP E 150 74.01 -2.32 24.71
C ASP E 150 74.18 -3.81 24.46
N PRO E 151 75.39 -4.28 24.11
CA PRO E 151 75.58 -5.72 23.95
C PRO E 151 75.29 -6.52 25.21
N GLU E 152 75.58 -5.96 26.39
CA GLU E 152 75.28 -6.68 27.63
C GLU E 152 73.78 -6.88 27.79
N ASP E 153 72.99 -5.85 27.49
CA ASP E 153 71.54 -5.99 27.54
C ASP E 153 71.05 -6.96 26.48
N TYR E 154 71.67 -6.95 25.30
CA TYR E 154 71.29 -7.89 24.25
C TYR E 154 71.51 -9.33 24.68
N THR E 155 72.65 -9.60 25.34
CA THR E 155 72.93 -10.96 25.78
C THR E 155 72.05 -11.36 26.97
N ASP E 156 71.88 -10.44 27.93
CA ASP E 156 71.16 -10.77 29.16
C ASP E 156 69.66 -10.91 28.94
N LEU E 157 69.13 -10.41 27.82
CA LEU E 157 67.70 -10.47 27.53
C LEU E 157 67.35 -11.59 26.56
N MET E 158 68.06 -12.72 26.63
CA MET E 158 67.78 -13.87 25.79
C MET E 158 66.93 -14.87 26.57
N LEU E 159 65.83 -15.30 25.97
CA LEU E 159 64.90 -16.22 26.62
C LEU E 159 65.33 -17.66 26.36
N SER E 160 65.49 -18.43 27.44
CA SER E 160 65.89 -19.82 27.36
C SER E 160 64.74 -20.71 27.83
N LEU E 161 64.38 -21.68 27.01
CA LEU E 161 63.29 -22.60 27.30
C LEU E 161 63.74 -24.03 27.07
N ARG E 162 63.36 -24.92 27.99
CA ARG E 162 63.68 -26.33 27.90
C ARG E 162 62.47 -27.15 28.33
N PRO E 163 62.32 -28.36 27.83
CA PRO E 163 61.21 -29.21 28.26
C PRO E 163 61.31 -29.55 29.74
N GLY E 164 60.15 -29.68 30.38
CA GLY E 164 60.08 -29.99 31.79
C GLY E 164 60.17 -28.79 32.71
N MET E 165 60.41 -27.60 32.17
CA MET E 165 60.51 -26.39 32.97
C MET E 165 59.11 -25.81 33.14
N ILE E 166 58.66 -25.69 34.40
CA ILE E 166 57.34 -25.15 34.66
C ILE E 166 57.33 -23.66 34.40
N LYS E 167 56.34 -23.20 33.64
CA LYS E 167 56.22 -21.80 33.27
C LYS E 167 54.84 -21.57 32.67
N ASP E 168 54.19 -20.48 33.08
CA ASP E 168 52.89 -20.13 32.54
C ASP E 168 53.02 -19.62 31.11
N ARG E 169 52.01 -19.93 30.30
CA ARG E 169 51.99 -19.44 28.92
C ARG E 169 51.93 -17.91 28.88
N ASP E 170 51.12 -17.32 29.77
CA ASP E 170 50.99 -15.87 29.81
C ASP E 170 52.32 -15.22 30.18
N GLU E 171 53.08 -15.83 31.09
CA GLU E 171 54.38 -15.28 31.47
C GLU E 171 55.34 -15.28 30.28
N ILE E 172 55.36 -16.37 29.50
CA ILE E 172 56.24 -16.42 28.34
C ILE E 172 55.79 -15.43 27.28
N ILE E 173 54.48 -15.26 27.11
CA ILE E 173 53.98 -14.27 26.16
C ILE E 173 54.39 -12.86 26.57
N ARG E 174 54.28 -12.56 27.88
CA ARG E 174 54.72 -11.26 28.37
C ARG E 174 56.21 -11.05 28.18
N LYS E 175 57.01 -12.10 28.41
CA LYS E 175 58.44 -11.99 28.19
C LYS E 175 58.77 -11.74 26.73
N LEU E 176 58.05 -12.41 25.82
CA LEU E 176 58.24 -12.18 24.40
C LEU E 176 57.85 -10.76 24.01
N VAL E 177 56.75 -10.25 24.57
CA VAL E 177 56.33 -8.89 24.26
C VAL E 177 57.35 -7.89 24.78
N ASP E 178 57.95 -8.17 25.94
CA ASP E 178 58.90 -7.23 26.53
C ASP E 178 60.17 -7.07 25.69
N ILE E 179 60.47 -8.02 24.81
CA ILE E 179 61.66 -7.92 23.96
C ILE E 179 61.24 -7.49 22.57
N GLN E 180 60.10 -6.79 22.48
CA GLN E 180 59.62 -6.14 21.26
C GLN E 180 59.24 -7.16 20.18
N TYR E 181 58.45 -8.15 20.58
CA TYR E 181 57.85 -9.10 19.65
C TYR E 181 56.38 -8.77 19.50
N GLU E 182 55.92 -8.68 18.25
CA GLU E 182 54.55 -8.29 17.95
C GLU E 182 53.72 -9.53 17.67
N ARG E 183 52.55 -9.61 18.31
CA ARG E 183 51.64 -10.72 18.11
C ARG E 183 50.72 -10.42 16.92
N ASN E 184 50.77 -11.27 15.90
CA ASN E 184 49.96 -11.08 14.71
C ASN E 184 49.67 -12.44 14.10
N GLU E 185 48.43 -12.90 14.24
CA GLU E 185 48.02 -14.19 13.67
C GLU E 185 47.66 -14.09 12.20
N ILE E 186 47.51 -12.88 11.66
CA ILE E 186 47.16 -12.69 10.25
C ILE E 186 48.44 -12.51 9.44
N ASP E 187 49.21 -11.48 9.77
CA ASP E 187 50.47 -11.21 9.09
C ASP E 187 51.59 -11.88 9.88
N PHE E 188 52.00 -13.07 9.43
CA PHE E 188 53.05 -13.85 10.08
C PHE E 188 54.34 -13.64 9.31
N LYS E 189 55.17 -12.72 9.78
CA LYS E 189 56.47 -12.46 9.16
C LYS E 189 57.57 -12.56 10.20
N ARG E 190 58.79 -12.17 9.83
CA ARG E 190 59.92 -12.24 10.75
C ARG E 190 59.71 -11.28 11.92
N GLY E 191 60.10 -11.73 13.12
CA GLY E 191 59.95 -10.92 14.31
C GLY E 191 58.55 -10.87 14.87
N LYS E 192 57.70 -11.84 14.55
CA LYS E 192 56.34 -11.89 15.06
C LYS E 192 56.02 -13.29 15.55
N PHE E 193 55.10 -13.37 16.51
CA PHE E 193 54.71 -14.64 17.10
C PHE E 193 53.18 -14.70 17.21
N ARG E 194 52.66 -15.92 17.21
CA ARG E 194 51.23 -16.15 17.35
C ARG E 194 51.00 -17.32 18.28
N VAL E 195 49.83 -17.33 18.93
CA VAL E 195 49.46 -18.40 19.85
C VAL E 195 48.12 -18.97 19.43
N ARG E 196 48.06 -20.30 19.29
CA ARG E 196 46.84 -21.01 18.91
C ARG E 196 46.51 -21.98 20.03
N GLY E 197 45.80 -21.50 21.04
CA GLY E 197 45.44 -22.32 22.17
C GLY E 197 46.62 -22.70 23.05
N ASP E 198 46.91 -23.99 23.14
CA ASP E 198 47.99 -24.48 23.98
C ASP E 198 49.34 -24.51 23.25
N ILE E 199 49.40 -24.10 22.00
CA ILE E 199 50.62 -24.14 21.20
C ILE E 199 51.01 -22.71 20.86
N LEU E 200 52.26 -22.36 21.15
CA LEU E 200 52.80 -21.03 20.88
C LEU E 200 53.88 -21.13 19.82
N GLU E 201 53.74 -20.35 18.75
CA GLU E 201 54.68 -20.34 17.64
C GLU E 201 55.44 -19.02 17.62
N ILE E 202 56.76 -19.09 17.55
CA ILE E 202 57.64 -17.92 17.57
C ILE E 202 58.46 -17.93 16.30
N PHE E 203 58.50 -16.79 15.61
CA PHE E 203 59.29 -16.63 14.39
C PHE E 203 60.42 -15.64 14.66
N PRO E 204 61.65 -16.11 14.88
CA PRO E 204 62.75 -15.18 15.19
C PRO E 204 63.05 -14.25 14.02
N ALA E 205 63.53 -13.05 14.36
CA ALA E 205 63.87 -12.07 13.35
C ALA E 205 65.17 -12.39 12.62
N SER E 206 66.02 -13.22 13.22
CA SER E 206 67.27 -13.60 12.58
C SER E 206 67.01 -14.54 11.41
N SER E 207 66.41 -15.69 11.68
CA SER E 207 66.12 -16.67 10.64
C SER E 207 64.92 -16.22 9.80
N SER E 208 64.81 -16.79 8.61
CA SER E 208 63.76 -16.43 7.66
C SER E 208 62.87 -17.60 7.26
N ASP E 209 63.21 -18.83 7.64
CA ASP E 209 62.39 -19.98 7.25
C ASP E 209 62.24 -21.00 8.38
N LYS E 210 62.57 -20.64 9.61
CA LYS E 210 62.48 -21.56 10.75
C LYS E 210 61.67 -20.91 11.86
N VAL E 211 60.70 -21.65 12.39
CA VAL E 211 59.91 -21.21 13.52
C VAL E 211 60.08 -22.21 14.66
N ILE E 212 59.77 -21.76 15.87
CA ILE E 212 59.87 -22.57 17.07
C ILE E 212 58.48 -22.74 17.64
N ARG E 213 58.04 -23.99 17.80
CA ARG E 213 56.72 -24.31 18.31
C ARG E 213 56.86 -25.00 19.66
N VAL E 214 56.13 -24.51 20.66
CA VAL E 214 56.14 -25.09 21.99
C VAL E 214 54.73 -25.55 22.33
N GLU E 215 54.64 -26.54 23.21
CA GLU E 215 53.36 -27.10 23.63
C GLU E 215 53.29 -27.11 25.15
N PHE E 216 52.13 -26.74 25.67
CA PHE E 216 51.89 -26.69 27.11
C PHE E 216 50.87 -27.75 27.51
N PHE E 217 51.22 -28.55 28.51
CA PHE E 217 50.34 -29.58 29.05
C PHE E 217 50.20 -29.34 30.55
N GLY E 218 49.24 -28.51 30.93
CA GLY E 218 49.07 -28.15 32.32
C GLY E 218 49.80 -26.87 32.67
N GLU E 219 50.99 -27.00 33.25
CA GLU E 219 51.80 -25.84 33.62
C GLU E 219 53.28 -26.04 33.26
N GLU E 220 53.58 -26.99 32.38
CA GLU E 220 54.95 -27.25 31.96
C GLU E 220 55.00 -27.47 30.46
N ILE E 221 56.15 -27.17 29.88
CA ILE E 221 56.36 -27.36 28.45
C ILE E 221 56.74 -28.81 28.19
N ASP E 222 56.15 -29.40 27.15
CA ASP E 222 56.39 -30.80 26.83
C ASP E 222 57.42 -30.96 25.72
N ARG E 223 57.16 -30.38 24.56
CA ARG E 223 58.02 -30.53 23.38
C ARG E 223 58.30 -29.16 22.78
N ILE E 224 59.54 -28.95 22.36
CA ILE E 224 59.93 -27.76 21.63
C ILE E 224 60.54 -28.24 20.33
N THR E 225 59.88 -27.95 19.21
CA THR E 225 60.29 -28.44 17.91
C THR E 225 60.60 -27.27 16.98
N GLU E 226 60.95 -27.57 15.72
CA GLU E 226 61.18 -26.57 14.71
C GLU E 226 60.40 -26.94 13.46
N VAL E 227 59.83 -25.93 12.82
CA VAL E 227 58.96 -26.14 11.65
C VAL E 227 59.36 -25.17 10.56
N ASP E 228 59.45 -25.68 9.32
CA ASP E 228 59.75 -24.81 8.20
C ASP E 228 58.60 -23.85 7.94
N SER E 229 58.93 -22.58 7.66
CA SER E 229 57.90 -21.57 7.49
C SER E 229 57.07 -21.80 6.23
N LEU E 230 57.64 -22.45 5.21
CA LEU E 230 56.95 -22.63 3.95
C LEU E 230 56.09 -23.88 3.94
N THR E 231 56.70 -25.05 4.15
CA THR E 231 55.96 -26.31 4.10
C THR E 231 55.10 -26.51 5.34
N GLY E 232 55.50 -25.92 6.47
CA GLY E 232 54.77 -26.12 7.71
C GLY E 232 54.80 -27.54 8.22
N GLU E 233 55.96 -28.19 8.14
CA GLU E 233 56.13 -29.57 8.56
C GLU E 233 57.24 -29.66 9.60
N ILE E 234 57.26 -30.78 10.32
CA ILE E 234 58.27 -30.99 11.35
C ILE E 234 59.64 -31.16 10.71
N THR E 235 60.63 -30.43 11.25
CA THR E 235 62.00 -30.49 10.76
C THR E 235 62.93 -31.18 11.76
N GLY E 236 62.94 -30.72 13.01
CA GLY E 236 63.79 -31.31 14.02
C GLY E 236 63.32 -30.93 15.41
N VAL E 237 63.84 -31.65 16.39
CA VAL E 237 63.49 -31.43 17.80
C VAL E 237 64.76 -31.05 18.55
N CYS E 238 64.70 -29.93 19.27
CA CYS E 238 65.82 -29.42 20.04
C CYS E 238 65.44 -29.32 21.50
N SER E 239 66.38 -29.69 22.38
CA SER E 239 66.12 -29.63 23.81
C SER E 239 66.22 -28.21 24.34
N HIS E 240 67.39 -27.60 24.23
CA HIS E 240 67.62 -26.24 24.71
C HIS E 240 67.67 -25.28 23.52
N VAL E 241 66.82 -24.25 23.57
CA VAL E 241 66.75 -23.24 22.53
C VAL E 241 66.73 -21.87 23.17
N ALA E 242 67.13 -20.87 22.39
CA ALA E 242 67.18 -19.49 22.87
C ALA E 242 66.57 -18.58 21.81
N ILE E 243 65.95 -17.50 22.27
CA ILE E 243 65.29 -16.52 21.39
C ILE E 243 65.99 -15.18 21.59
N PHE E 244 66.51 -14.62 20.50
CA PHE E 244 67.14 -13.32 20.56
C PHE E 244 66.09 -12.21 20.53
N PRO E 245 66.39 -11.06 21.15
CA PRO E 245 65.44 -9.94 21.09
C PRO E 245 65.24 -9.45 19.66
N ALA E 246 64.03 -8.96 19.40
CA ALA E 246 63.68 -8.47 18.07
C ALA E 246 64.15 -7.04 17.84
N SER E 247 64.76 -6.40 18.82
CA SER E 247 65.33 -5.06 18.68
C SER E 247 66.64 -5.00 19.42
N HIS E 248 67.63 -4.32 18.83
CA HIS E 248 68.91 -4.13 19.51
C HIS E 248 68.75 -3.25 20.75
N TYR E 249 67.85 -2.28 20.70
CA TYR E 249 67.62 -1.37 21.82
C TYR E 249 66.60 -1.97 22.78
N ALA E 250 67.04 -3.01 23.49
CA ALA E 250 66.23 -3.71 24.46
C ALA E 250 66.62 -3.27 25.86
N THR E 251 65.65 -2.79 26.64
CA THR E 251 65.90 -2.23 27.95
C THR E 251 65.02 -2.92 28.99
N THR E 252 65.51 -2.93 30.23
CA THR E 252 64.77 -3.51 31.35
C THR E 252 63.89 -2.45 32.01
N LYS E 253 62.89 -2.92 32.76
CA LYS E 253 61.96 -2.01 33.42
C LYS E 253 62.67 -1.16 34.46
N ALA E 254 63.58 -1.76 35.23
CA ALA E 254 64.33 -1.00 36.22
C ALA E 254 65.18 0.09 35.57
N LYS E 255 65.79 -0.24 34.43
CA LYS E 255 66.55 0.77 33.68
C LYS E 255 65.64 1.89 33.22
N MET E 256 64.43 1.57 32.78
CA MET E 256 63.48 2.59 32.37
C MET E 256 63.09 3.50 33.54
N GLN E 257 62.87 2.92 34.72
CA GLN E 257 62.53 3.73 35.88
C GLN E 257 63.68 4.64 36.28
N ARG E 258 64.91 4.11 36.27
CA ARG E 258 66.06 4.93 36.59
C ARG E 258 66.23 6.05 35.57
N ALA E 259 66.02 5.75 34.29
CA ALA E 259 66.09 6.78 33.26
C ALA E 259 65.03 7.85 33.48
N ILE E 260 63.82 7.44 33.87
CA ILE E 260 62.75 8.40 34.12
C ILE E 260 63.13 9.33 35.28
N ALA E 261 63.67 8.76 36.36
CA ALA E 261 64.09 9.59 37.48
C ALA E 261 65.20 10.56 37.09
N SER E 262 66.20 10.07 36.34
CA SER E 262 67.29 10.93 35.91
C SER E 262 66.80 12.02 34.99
N ILE E 263 65.88 11.70 34.08
CA ILE E 263 65.31 12.69 33.18
C ILE E 263 64.56 13.76 33.96
N GLU E 264 63.80 13.34 34.98
CA GLU E 264 63.08 14.30 35.80
C GLU E 264 64.04 15.24 36.51
N GLN E 265 65.12 14.69 37.09
CA GLN E 265 66.10 15.52 37.79
C GLN E 265 66.77 16.50 36.82
N GLU E 266 67.17 16.01 35.65
CA GLU E 266 67.81 16.88 34.66
C GLU E 266 66.86 17.96 34.17
N LEU E 267 65.58 17.62 33.97
CA LEU E 267 64.61 18.62 33.56
C LEU E 267 64.41 19.68 34.62
N GLU E 268 64.36 19.27 35.90
CA GLU E 268 64.25 20.26 36.97
C GLU E 268 65.47 21.18 36.99
N GLU E 269 66.67 20.62 36.86
CA GLU E 269 67.87 21.45 36.86
C GLU E 269 67.89 22.42 35.68
N ARG E 270 67.52 21.93 34.49
CA ARG E 270 67.52 22.79 33.31
C ARG E 270 66.45 23.86 33.42
N VAL E 271 65.29 23.53 33.99
CA VAL E 271 64.24 24.53 34.19
C VAL E 271 64.71 25.61 35.14
N ARG E 272 65.37 25.22 36.22
CA ARG E 272 65.92 26.22 37.15
C ARG E 272 66.96 27.10 36.47
N GLU E 273 67.84 26.49 35.68
CA GLU E 273 68.86 27.27 34.98
C GLU E 273 68.25 28.25 33.99
N LEU E 274 67.24 27.80 33.24
CA LEU E 274 66.59 28.67 32.26
C LEU E 274 65.79 29.77 32.94
N LYS E 275 65.18 29.48 34.09
CA LYS E 275 64.53 30.53 34.87
C LYS E 275 65.53 31.57 35.34
N SER E 276 66.72 31.12 35.76
CA SER E 276 67.79 32.05 36.12
C SER E 276 68.35 32.80 34.91
N GLN E 277 68.05 32.34 33.69
CA GLN E 277 68.56 32.99 32.49
C GLN E 277 67.59 34.05 31.96
N GLY E 278 66.36 33.65 31.65
CA GLY E 278 65.37 34.58 31.17
C GLY E 278 64.56 34.10 29.97
N LYS E 279 64.79 32.86 29.55
CA LYS E 279 64.07 32.27 28.42
C LYS E 279 62.88 31.50 28.96
N LEU E 280 61.78 32.22 29.18
CA LEU E 280 60.58 31.60 29.77
C LEU E 280 59.85 30.73 28.76
N LEU E 281 59.71 31.20 27.52
CA LEU E 281 58.99 30.43 26.51
C LEU E 281 59.71 29.14 26.18
N GLU E 282 61.04 29.20 26.02
CA GLU E 282 61.81 27.99 25.75
C GLU E 282 61.72 27.02 26.92
N ALA E 283 61.78 27.52 28.15
CA ALA E 283 61.67 26.66 29.32
C ALA E 283 60.30 25.98 29.37
N GLN E 284 59.24 26.74 29.07
CA GLN E 284 57.90 26.16 29.07
C GLN E 284 57.75 25.09 28.00
N ARG E 285 58.27 25.35 26.79
CA ARG E 285 58.19 24.36 25.72
C ARG E 285 58.96 23.10 26.08
N LEU E 286 60.17 23.26 26.65
CA LEU E 286 60.96 22.10 27.05
C LEU E 286 60.25 21.31 28.14
N GLU E 287 59.66 22.01 29.12
CA GLU E 287 58.95 21.32 30.19
C GLU E 287 57.76 20.54 29.64
N GLN E 288 57.00 21.14 28.73
CA GLN E 288 55.86 20.45 28.14
C GLN E 288 56.30 19.21 27.38
N ARG E 289 57.33 19.34 26.54
CA ARG E 289 57.79 18.20 25.75
C ARG E 289 58.33 17.09 26.64
N THR E 290 59.12 17.44 27.66
CA THR E 290 59.66 16.44 28.55
C THR E 290 58.57 15.76 29.36
N ARG E 291 57.55 16.51 29.80
CA ARG E 291 56.45 15.90 30.53
C ARG E 291 55.68 14.93 29.64
N TYR E 292 55.43 15.32 28.38
CA TYR E 292 54.75 14.41 27.46
C TYR E 292 55.56 13.14 27.25
N ASP E 293 56.87 13.27 27.04
CA ASP E 293 57.70 12.10 26.83
C ASP E 293 57.75 11.21 28.06
N LEU E 294 57.83 11.82 29.24
CA LEU E 294 57.86 11.04 30.49
C LEU E 294 56.55 10.30 30.70
N GLU E 295 55.41 10.95 30.43
CA GLU E 295 54.13 10.25 30.55
C GLU E 295 54.05 9.10 29.55
N MET E 296 54.52 9.31 28.32
CA MET E 296 54.50 8.24 27.34
C MET E 296 55.38 7.07 27.77
N MET E 297 56.55 7.37 28.35
CA MET E 297 57.41 6.31 28.86
C MET E 297 56.73 5.55 30.00
N GLN E 298 56.11 6.27 30.93
CA GLN E 298 55.49 5.62 32.08
C GLN E 298 54.32 4.75 31.66
N GLU E 299 53.50 5.21 30.71
CA GLU E 299 52.31 4.46 30.34
C GLU E 299 52.64 3.31 29.39
N ILE E 300 53.23 3.63 28.23
CA ILE E 300 53.50 2.62 27.22
C ILE E 300 54.90 2.06 27.38
N GLY E 301 55.90 2.92 27.28
CA GLY E 301 57.28 2.49 27.44
C GLY E 301 58.21 2.96 26.34
N PHE E 302 57.71 3.03 25.10
CA PHE E 302 58.51 3.47 23.98
C PHE E 302 57.63 4.22 23.00
N CYS E 303 58.21 5.20 22.33
CA CYS E 303 57.49 6.04 21.37
C CYS E 303 58.51 6.79 20.53
N GLN E 304 58.03 7.70 19.69
CA GLN E 304 58.92 8.56 18.91
C GLN E 304 59.64 9.54 19.84
N GLY E 305 60.90 9.81 19.51
CA GLY E 305 61.71 10.69 20.34
C GLY E 305 62.39 10.04 21.51
N ILE E 306 62.26 8.72 21.67
CA ILE E 306 62.93 8.03 22.77
C ILE E 306 64.44 8.00 22.55
N GLU E 307 64.92 8.27 21.34
CA GLU E 307 66.35 8.23 21.06
C GLU E 307 67.10 9.37 21.73
N ASN E 308 66.42 10.48 22.05
CA ASN E 308 67.11 11.62 22.65
C ASN E 308 67.52 11.36 24.09
N TYR E 309 66.94 10.34 24.73
CA TYR E 309 67.25 10.01 26.11
C TYR E 309 68.10 8.74 26.21
N SER E 310 68.94 8.51 25.21
CA SER E 310 69.75 7.30 25.18
C SER E 310 70.75 7.28 26.33
N ARG E 311 71.35 8.43 26.64
CA ARG E 311 72.32 8.48 27.74
C ARG E 311 71.65 8.13 29.07
N HIS E 312 70.46 8.68 29.32
CA HIS E 312 69.76 8.38 30.56
C HIS E 312 69.31 6.91 30.60
N ILE E 313 68.86 6.38 29.45
CA ILE E 313 68.36 5.01 29.42
C ILE E 313 69.49 4.03 29.67
N SER E 314 70.61 4.19 28.98
CA SER E 314 71.74 3.27 29.10
C SER E 314 72.58 3.52 30.35
N GLY E 315 72.40 4.65 31.02
CA GLY E 315 73.18 4.94 32.20
C GLY E 315 74.61 5.35 31.95
N ARG E 316 74.96 5.69 30.71
CA ARG E 316 76.33 6.07 30.39
C ARG E 316 76.69 7.40 31.05
N ALA E 317 77.97 7.54 31.38
CA ALA E 317 78.46 8.78 31.93
C ALA E 317 78.41 9.88 30.86
N PRO E 318 78.25 11.14 31.28
CA PRO E 318 78.21 12.23 30.29
C PRO E 318 79.49 12.29 29.48
N GLY E 319 79.33 12.50 28.17
CA GLY E 319 80.45 12.57 27.26
C GLY E 319 80.96 11.24 26.74
N SER E 320 80.42 10.12 27.23
CA SER E 320 80.88 8.82 26.77
C SER E 320 80.34 8.51 25.37
N PRO E 321 81.12 7.84 24.53
CA PRO E 321 80.62 7.48 23.21
C PRO E 321 79.57 6.38 23.32
N PRO E 322 78.61 6.34 22.40
CA PRO E 322 77.61 5.27 22.42
C PRO E 322 78.19 3.96 21.93
N PHE E 323 77.55 2.87 22.34
CA PHE E 323 77.91 1.55 21.84
C PHE E 323 77.52 1.43 20.37
N THR E 324 78.39 0.80 19.58
CA THR E 324 78.17 0.70 18.15
C THR E 324 78.40 -0.72 17.66
N LEU E 325 78.35 -0.91 16.34
CA LEU E 325 78.58 -2.24 15.77
C LEU E 325 80.01 -2.70 16.01
N ILE E 326 80.96 -1.78 16.15
CA ILE E 326 82.33 -2.15 16.45
C ILE E 326 82.42 -2.75 17.84
N ASP E 327 81.62 -2.25 18.79
CA ASP E 327 81.58 -2.85 20.11
C ASP E 327 81.02 -4.26 20.08
N TYR E 328 80.09 -4.53 19.17
CA TYR E 328 79.55 -5.88 19.03
C TYR E 328 80.62 -6.86 18.55
N PHE E 329 81.56 -6.39 17.73
CA PHE E 329 82.62 -7.24 17.23
C PHE E 329 83.56 -7.64 18.36
N PRO E 330 84.20 -8.80 18.25
CA PRO E 330 85.22 -9.18 19.24
C PRO E 330 86.42 -8.27 19.16
N LYS E 331 87.13 -8.16 20.28
CA LYS E 331 88.28 -7.25 20.37
C LYS E 331 89.41 -7.63 19.42
N ASP E 332 89.44 -8.87 18.92
CA ASP E 332 90.47 -9.32 17.99
C ASP E 332 89.98 -9.33 16.55
N PHE E 333 89.13 -8.39 16.17
CA PHE E 333 88.57 -8.33 14.84
C PHE E 333 89.49 -7.58 13.89
N LEU E 334 89.22 -7.73 12.59
CA LEU E 334 89.97 -7.08 11.54
C LEU E 334 89.07 -6.12 10.78
N LEU E 335 89.58 -4.92 10.52
CA LEU E 335 88.82 -3.87 9.84
C LEU E 335 89.49 -3.54 8.51
N ILE E 336 88.68 -3.45 7.47
CA ILE E 336 89.15 -3.07 6.13
C ILE E 336 88.30 -1.91 5.65
N ILE E 337 88.95 -0.86 5.16
CA ILE E 337 88.28 0.34 4.68
C ILE E 337 88.51 0.44 3.18
N ASP E 338 87.44 0.28 2.41
CA ASP E 338 87.53 0.37 0.96
C ASP E 338 87.35 1.82 0.52
N GLU E 339 88.22 2.26 -0.40
CA GLU E 339 88.28 3.65 -0.83
C GLU E 339 88.47 4.58 0.37
N SER E 340 89.61 4.40 1.03
CA SER E 340 89.84 5.06 2.32
C SER E 340 89.85 6.58 2.18
N HIS E 341 90.45 7.08 1.10
CA HIS E 341 90.63 8.52 0.93
C HIS E 341 89.29 9.25 0.83
N VAL E 342 88.21 8.51 0.56
CA VAL E 342 86.86 9.06 0.55
C VAL E 342 86.09 8.65 1.79
N THR E 343 86.30 7.44 2.28
CA THR E 343 85.53 6.94 3.42
C THR E 343 85.90 7.67 4.71
N ILE E 344 87.18 7.93 4.93
CA ILE E 344 87.61 8.52 6.20
C ILE E 344 87.02 9.91 6.42
N PRO E 345 87.06 10.84 5.46
CA PRO E 345 86.35 12.12 5.68
C PRO E 345 84.87 11.95 5.94
N GLN E 346 84.24 10.95 5.32
CA GLN E 346 82.84 10.67 5.61
C GLN E 346 82.65 10.28 7.06
N ILE E 347 83.56 9.47 7.60
CA ILE E 347 83.50 9.12 9.02
C ILE E 347 83.68 10.37 9.88
N GLY E 348 84.62 11.24 9.50
CA GLY E 348 84.90 12.41 10.31
C GLY E 348 83.75 13.41 10.34
N ALA E 349 83.03 13.56 9.23
CA ALA E 349 82.05 14.63 9.12
C ALA E 349 80.77 14.40 9.92
N MET E 350 80.47 13.15 10.28
CA MET E 350 79.18 12.84 10.89
C MET E 350 79.00 13.55 12.22
N TYR E 351 80.02 13.53 13.07
CA TYR E 351 79.89 14.14 14.40
C TYR E 351 79.68 15.64 14.28
N ASN E 352 80.44 16.31 13.41
CA ASN E 352 80.27 17.75 13.23
C ASN E 352 78.89 18.08 12.70
N GLY E 353 78.40 17.29 11.73
CA GLY E 353 77.06 17.55 11.21
C GLY E 353 75.99 17.38 12.27
N ASP E 354 76.07 16.30 13.05
CA ASP E 354 75.08 16.06 14.08
C ASP E 354 75.11 17.15 15.14
N ARG E 355 76.31 17.57 15.57
CA ARG E 355 76.41 18.62 16.57
C ARG E 355 75.86 19.94 16.04
N SER E 356 76.16 20.27 14.79
CA SER E 356 75.64 21.50 14.21
C SER E 356 74.11 21.46 14.13
N ARG E 357 73.55 20.29 13.79
CA ARG E 357 72.10 20.18 13.73
C ARG E 357 71.46 20.31 15.12
N LYS E 358 72.07 19.70 16.13
CA LYS E 358 71.46 19.66 17.45
C LYS E 358 71.73 20.90 18.29
N GLU E 359 72.72 21.73 17.92
CA GLU E 359 73.03 22.91 18.71
C GLU E 359 71.86 23.87 18.76
N SER E 360 71.21 24.12 17.62
CA SER E 360 70.07 25.03 17.59
C SER E 360 68.91 24.48 18.41
N LEU E 361 68.67 23.16 18.32
CA LEU E 361 67.57 22.56 19.07
C LEU E 361 67.80 22.67 20.57
N VAL E 362 69.01 22.36 21.04
CA VAL E 362 69.28 22.43 22.47
C VAL E 362 69.29 23.88 22.95
N GLU E 363 69.81 24.80 22.13
CA GLU E 363 69.93 26.19 22.55
C GLU E 363 68.56 26.82 22.79
N TYR E 364 67.59 26.57 21.90
CA TYR E 364 66.28 27.18 21.98
C TYR E 364 65.33 26.44 22.92
N GLY E 365 65.84 25.59 23.80
CA GLY E 365 65.00 24.92 24.78
C GLY E 365 63.98 23.96 24.19
N PHE E 366 64.39 23.18 23.19
CA PHE E 366 63.53 22.16 22.61
C PHE E 366 63.85 20.77 23.13
N ARG E 367 65.13 20.44 23.29
CA ARG E 367 65.56 19.16 23.83
C ARG E 367 66.47 19.39 25.03
N LEU E 368 66.59 18.37 25.87
CA LEU E 368 67.46 18.47 27.03
C LEU E 368 68.93 18.53 26.58
N PRO E 369 69.81 19.11 27.39
CA PRO E 369 71.24 19.13 27.02
C PRO E 369 71.85 17.74 26.92
N SER E 370 71.23 16.74 27.55
CA SER E 370 71.73 15.37 27.46
C SER E 370 71.55 14.77 26.07
N ALA E 371 70.77 15.40 25.20
CA ALA E 371 70.58 14.90 23.84
C ALA E 371 71.86 15.00 23.01
N PHE E 372 72.86 15.74 23.46
CA PHE E 372 74.11 15.84 22.72
C PHE E 372 74.86 14.52 22.69
N ASP E 373 74.61 13.64 23.66
CA ASP E 373 75.31 12.37 23.74
C ASP E 373 74.75 11.32 22.78
N ASN E 374 73.60 11.57 22.18
CA ASN E 374 73.07 10.68 21.13
C ASN E 374 73.68 11.08 19.79
N ARG E 375 74.98 10.83 19.68
CA ARG E 375 75.77 11.31 18.57
C ARG E 375 76.60 10.18 17.97
N PRO E 376 76.96 10.29 16.70
CA PRO E 376 77.90 9.32 16.12
C PRO E 376 79.29 9.49 16.71
N LEU E 377 80.07 8.41 16.63
CA LEU E 377 81.41 8.41 17.16
C LEU E 377 82.28 9.44 16.43
N THR E 378 83.14 10.12 17.19
CA THR E 378 84.12 11.00 16.59
C THR E 378 85.23 10.19 15.93
N PHE E 379 86.07 10.87 15.16
CA PHE E 379 87.16 10.18 14.49
C PHE E 379 88.19 9.64 15.49
N GLU E 380 88.44 10.38 16.57
CA GLU E 380 89.40 9.92 17.56
C GLU E 380 88.93 8.63 18.24
N GLU E 381 87.66 8.58 18.62
CA GLU E 381 87.12 7.36 19.25
C GLU E 381 87.14 6.18 18.29
N PHE E 382 86.78 6.43 17.02
CA PHE E 382 86.82 5.36 16.03
C PHE E 382 88.24 4.84 15.82
N GLU E 383 89.22 5.75 15.78
CA GLU E 383 90.61 5.33 15.66
C GLU E 383 91.04 4.53 16.88
N LYS E 384 90.62 4.95 18.07
CA LYS E 384 90.98 4.23 19.29
C LYS E 384 90.39 2.83 19.30
N LYS E 385 89.15 2.69 18.82
CA LYS E 385 88.49 1.38 18.82
C LYS E 385 89.07 0.42 17.78
N ILE E 386 89.94 0.88 16.90
CA ILE E 386 90.47 0.05 15.83
C ILE E 386 91.54 -0.88 16.41
N ASN E 387 91.33 -2.19 16.26
CA ASN E 387 92.36 -3.15 16.65
C ASN E 387 93.38 -3.34 15.53
N GLN E 388 92.92 -3.80 14.38
CA GLN E 388 93.74 -3.93 13.18
C GLN E 388 92.99 -3.32 12.00
N VAL E 389 93.70 -2.60 11.14
CA VAL E 389 93.09 -1.92 10.02
C VAL E 389 93.91 -2.15 8.76
N ILE E 390 93.23 -2.15 7.62
CA ILE E 390 93.86 -2.22 6.31
C ILE E 390 93.14 -1.24 5.39
N PHE E 391 93.91 -0.37 4.74
CA PHE E 391 93.36 0.62 3.83
C PHE E 391 93.57 0.14 2.40
N VAL E 392 92.48 -0.04 1.67
CA VAL E 392 92.51 -0.48 0.28
C VAL E 392 91.97 0.66 -0.56
N SER E 393 92.87 1.39 -1.23
CA SER E 393 92.48 2.53 -2.04
C SER E 393 93.47 2.71 -3.17
N ALA E 394 92.98 3.19 -4.31
CA ALA E 394 93.85 3.42 -5.46
C ALA E 394 94.88 4.51 -5.16
N THR E 395 94.44 5.61 -4.53
CA THR E 395 95.34 6.70 -4.16
C THR E 395 95.30 6.90 -2.65
N PRO E 396 96.40 6.69 -1.93
CA PRO E 396 96.40 6.92 -0.48
C PRO E 396 96.61 8.40 -0.17
N ALA E 397 95.85 8.89 0.79
CA ALA E 397 95.97 10.28 1.22
C ALA E 397 97.08 10.39 2.27
N LYS E 398 97.19 11.56 2.90
CA LYS E 398 98.22 11.75 3.92
C LYS E 398 97.96 10.88 5.14
N TYR E 399 96.70 10.74 5.54
CA TYR E 399 96.39 9.99 6.76
C TYR E 399 96.78 8.52 6.63
N GLU E 400 96.37 7.87 5.54
CA GLU E 400 96.67 6.46 5.35
C GLU E 400 98.17 6.22 5.20
N ARG E 401 98.87 7.10 4.49
CA ARG E 401 100.31 6.93 4.32
C ARG E 401 101.06 7.17 5.62
N GLU E 402 100.56 8.06 6.48
CA GLU E 402 101.26 8.36 7.73
C GLU E 402 100.93 7.35 8.83
N HIS E 403 99.75 6.72 8.77
CA HIS E 403 99.30 5.81 9.81
C HIS E 403 99.54 4.35 9.46
N SER E 404 100.27 4.06 8.39
CA SER E 404 100.56 2.70 7.97
C SER E 404 102.01 2.36 8.28
N GLN E 405 102.22 1.19 8.88
CA GLN E 405 103.57 0.71 9.17
C GLN E 405 104.20 -0.04 8.01
N GLN E 406 103.42 -0.36 6.98
CA GLN E 406 103.93 -1.09 5.83
C GLN E 406 103.10 -0.75 4.60
N ILE E 407 103.77 -0.57 3.47
CA ILE E 407 103.11 -0.22 2.21
C ILE E 407 103.46 -1.31 1.20
N VAL E 408 102.42 -1.92 0.62
CA VAL E 408 102.57 -2.91 -0.44
C VAL E 408 101.70 -2.48 -1.60
N GLU E 409 102.05 -2.97 -2.80
CA GLU E 409 101.41 -2.52 -4.02
C GLU E 409 100.98 -3.70 -4.87
N GLN E 410 99.92 -3.49 -5.66
CA GLN E 410 99.40 -4.48 -6.61
C GLN E 410 99.05 -3.71 -7.88
N ILE E 411 100.01 -3.64 -8.80
CA ILE E 411 99.89 -2.83 -10.00
C ILE E 411 99.60 -3.67 -11.23
N ILE E 412 100.26 -4.82 -11.37
CA ILE E 412 100.15 -5.62 -12.58
C ILE E 412 98.78 -6.27 -12.62
N ARG E 413 97.97 -5.91 -13.62
CA ARG E 413 96.66 -6.49 -13.76
C ARG E 413 96.77 -7.94 -14.23
N PRO E 414 95.90 -8.84 -13.75
CA PRO E 414 95.93 -10.23 -14.23
C PRO E 414 95.68 -10.36 -15.72
N THR E 415 94.85 -9.48 -16.29
CA THR E 415 94.54 -9.53 -17.71
C THR E 415 95.69 -9.04 -18.59
N GLY E 416 96.68 -8.36 -18.01
CA GLY E 416 97.79 -7.86 -18.78
C GLY E 416 97.58 -6.49 -19.40
N LEU E 417 96.61 -5.72 -18.93
CA LEU E 417 96.37 -4.39 -19.47
C LEU E 417 97.46 -3.42 -19.01
N LEU E 418 97.56 -2.30 -19.72
CA LEU E 418 98.57 -1.28 -19.44
C LEU E 418 97.89 0.05 -19.18
N ASP E 419 98.49 0.84 -18.28
CA ASP E 419 97.96 2.15 -17.98
C ASP E 419 98.09 3.07 -19.19
N PRO E 420 97.12 3.96 -19.40
CA PRO E 420 97.16 4.83 -20.59
C PRO E 420 98.35 5.78 -20.55
N GLU E 421 98.88 6.08 -21.73
CA GLU E 421 99.97 7.03 -21.85
C GLU E 421 99.44 8.46 -21.79
N ILE E 422 100.34 9.40 -21.52
CA ILE E 422 100.01 10.80 -21.36
C ILE E 422 100.61 11.60 -22.50
N VAL E 423 99.77 12.39 -23.17
CA VAL E 423 100.20 13.30 -24.22
C VAL E 423 99.65 14.68 -23.91
N VAL E 424 100.51 15.69 -23.94
CA VAL E 424 100.12 17.05 -23.63
C VAL E 424 99.91 17.82 -24.93
N LYS E 425 99.06 18.84 -24.86
CA LYS E 425 98.75 19.69 -26.00
C LYS E 425 98.64 21.13 -25.53
N PRO E 426 99.00 22.11 -26.39
CA PRO E 426 98.89 23.53 -26.04
C PRO E 426 97.45 23.98 -25.84
N GLN E 430 92.36 24.77 -29.83
CA GLN E 430 92.14 23.51 -29.14
C GLN E 430 90.86 22.84 -29.63
N ILE E 431 89.91 23.65 -30.07
CA ILE E 431 88.64 23.12 -30.57
C ILE E 431 88.86 22.27 -31.82
N ASP E 432 89.70 22.75 -32.73
CA ASP E 432 89.98 21.99 -33.94
C ASP E 432 90.69 20.67 -33.63
N ASP E 433 91.65 20.70 -32.71
CA ASP E 433 92.34 19.47 -32.31
C ASP E 433 91.37 18.49 -31.66
N LEU E 434 90.47 18.99 -30.80
CA LEU E 434 89.49 18.13 -30.17
C LEU E 434 88.55 17.50 -31.21
N ILE E 435 88.11 18.30 -32.18
CA ILE E 435 87.24 17.79 -33.23
C ILE E 435 87.95 16.72 -34.06
N GLY E 436 89.21 16.97 -34.40
CA GLY E 436 89.97 15.97 -35.14
C GLY E 436 90.16 14.69 -34.37
N GLU E 437 90.47 14.80 -33.07
CA GLU E 437 90.64 13.61 -32.25
C GLU E 437 89.32 12.85 -32.13
N ILE E 438 88.20 13.56 -31.97
CA ILE E 438 86.91 12.90 -31.88
C ILE E 438 86.58 12.18 -33.19
N SER E 439 86.86 12.82 -34.32
CA SER E 439 86.61 12.18 -35.61
C SER E 439 87.48 10.94 -35.78
N GLU E 440 88.76 11.02 -35.38
CA GLU E 440 89.64 9.87 -35.48
C GLU E 440 89.17 8.73 -34.59
N ARG E 441 88.70 9.06 -33.38
CA ARG E 441 88.16 8.02 -32.50
C ARG E 441 86.90 7.39 -33.08
N VAL E 442 86.05 8.21 -33.71
CA VAL E 442 84.85 7.69 -34.36
C VAL E 442 85.23 6.74 -35.49
N GLN E 443 86.24 7.10 -36.26
CA GLN E 443 86.71 6.23 -37.34
C GLN E 443 87.23 4.89 -36.82
N LYS E 444 87.68 4.84 -35.57
CA LYS E 444 88.17 3.60 -34.97
C LYS E 444 87.14 2.95 -34.05
N ASN E 445 85.88 3.39 -34.10
CA ASN E 445 84.81 2.84 -33.29
C ASN E 445 85.14 2.91 -31.79
N GLN E 446 85.76 4.02 -31.39
CA GLN E 446 86.13 4.26 -30.00
C GLN E 446 85.42 5.51 -29.50
N ARG E 447 84.78 5.40 -28.33
CA ARG E 447 84.10 6.53 -27.75
C ARG E 447 85.09 7.50 -27.10
N VAL E 448 84.72 8.77 -27.08
CA VAL E 448 85.55 9.82 -26.50
C VAL E 448 84.82 10.42 -25.30
N MET E 449 85.60 10.98 -24.39
CA MET E 449 85.06 11.58 -23.18
C MET E 449 85.73 12.92 -22.92
N ILE E 450 84.95 13.89 -22.48
CA ILE E 450 85.42 15.25 -22.26
C ILE E 450 85.17 15.63 -20.80
N THR E 451 86.21 16.09 -20.12
CA THR E 451 86.09 16.48 -18.72
C THR E 451 86.59 17.91 -18.52
N LYS E 455 81.03 25.28 -16.09
CA LYS E 455 79.84 24.81 -16.78
C LYS E 455 79.67 25.49 -18.14
N LYS E 456 80.15 26.73 -18.23
CA LYS E 456 80.05 27.48 -19.48
C LYS E 456 80.85 26.80 -20.60
N MET E 457 82.06 26.34 -20.28
CA MET E 457 82.87 25.66 -21.29
C MET E 457 82.20 24.37 -21.75
N ALA E 458 81.63 23.61 -20.82
CA ALA E 458 80.93 22.38 -21.19
C ALA E 458 79.71 22.68 -22.06
N GLU E 459 78.97 23.73 -21.72
CA GLU E 459 77.81 24.11 -22.52
C GLU E 459 78.23 24.53 -23.93
N ASP E 460 79.30 25.31 -24.05
CA ASP E 460 79.79 25.70 -25.37
C ASP E 460 80.25 24.49 -26.17
N LEU E 461 80.95 23.55 -25.52
CA LEU E 461 81.41 22.35 -26.21
C LEU E 461 80.24 21.51 -26.69
N THR E 462 79.21 21.34 -25.85
CA THR E 462 78.06 20.54 -26.27
C THR E 462 77.26 21.23 -27.36
N ASP E 463 77.20 22.57 -27.33
CA ASP E 463 76.53 23.30 -28.41
C ASP E 463 77.28 23.13 -29.72
N TYR E 464 78.61 23.24 -29.68
CA TYR E 464 79.40 23.04 -30.90
C TYR E 464 79.26 21.63 -31.43
N LEU E 465 79.27 20.64 -30.53
CA LEU E 465 79.12 19.24 -30.96
C LEU E 465 77.75 19.00 -31.57
N ARG E 466 76.69 19.53 -30.97
CA ARG E 466 75.36 19.38 -31.53
C ARG E 466 75.25 20.06 -32.89
N GLU E 467 75.87 21.24 -33.03
CA GLU E 467 75.84 21.94 -34.30
C GLU E 467 76.57 21.16 -35.39
N LEU E 468 77.74 20.60 -35.07
CA LEU E 468 78.56 19.94 -36.08
C LEU E 468 78.27 18.43 -36.16
N ASP E 469 76.98 18.09 -36.25
CA ASP E 469 76.53 16.73 -36.55
C ASP E 469 77.22 15.68 -35.69
N PHE E 470 77.33 15.94 -34.38
CA PHE E 470 78.00 15.05 -33.45
C PHE E 470 77.06 14.70 -32.31
N LYS E 471 76.95 13.41 -32.01
CA LYS E 471 76.13 12.96 -30.89
C LYS E 471 76.80 13.31 -29.57
N VAL E 472 76.00 13.80 -28.62
CA VAL E 472 76.50 14.22 -27.32
C VAL E 472 75.70 13.52 -26.22
N GLU E 473 76.31 13.40 -25.05
CA GLU E 473 75.71 12.78 -23.87
C GLU E 473 75.95 13.63 -22.64
N TYR E 474 75.66 14.93 -22.74
CA TYR E 474 75.90 15.86 -21.65
C TYR E 474 75.16 15.42 -20.39
N LEU E 475 75.87 15.45 -19.26
CA LEU E 475 75.32 15.09 -17.96
C LEU E 475 75.21 16.35 -17.09
N HIS E 476 74.04 16.55 -16.49
CA HIS E 476 73.82 17.70 -15.64
C HIS E 476 74.22 17.42 -14.20
N ASP E 480 71.05 12.42 -11.11
CA ASP E 480 71.33 11.37 -10.12
C ASP E 480 71.81 10.09 -10.80
N THR E 481 71.87 9.01 -10.03
CA THR E 481 72.32 7.73 -10.58
C THR E 481 71.30 7.15 -11.56
N ILE E 482 70.02 7.49 -11.39
CA ILE E 482 68.97 6.94 -12.26
C ILE E 482 69.22 7.36 -13.70
N GLU E 483 69.53 8.64 -13.91
CA GLU E 483 69.91 9.09 -15.25
C GLU E 483 71.32 8.65 -15.61
N ARG E 484 72.17 8.41 -14.61
CA ARG E 484 73.55 8.01 -14.88
C ARG E 484 73.61 6.65 -15.56
N MET E 485 72.85 5.68 -15.06
CA MET E 485 72.88 4.36 -15.69
C MET E 485 72.28 4.40 -17.09
N GLU E 486 71.23 5.22 -17.28
CA GLU E 486 70.66 5.37 -18.61
C GLU E 486 71.66 5.98 -19.58
N ILE E 487 72.41 6.99 -19.14
CA ILE E 487 73.42 7.61 -19.99
C ILE E 487 74.53 6.61 -20.30
N ILE E 488 74.93 5.81 -19.31
CA ILE E 488 75.96 4.80 -19.54
C ILE E 488 75.49 3.77 -20.56
N ARG E 489 74.24 3.33 -20.44
CA ARG E 489 73.69 2.36 -21.40
C ARG E 489 73.62 2.96 -22.79
N ASN E 490 73.21 4.23 -22.90
CA ASN E 490 73.16 4.88 -24.20
C ASN E 490 74.55 5.00 -24.82
N LEU E 491 75.56 5.34 -24.01
CA LEU E 491 76.93 5.43 -24.50
C LEU E 491 77.44 4.06 -24.95
N ARG E 492 77.13 3.01 -24.19
CA ARG E 492 77.57 1.67 -24.56
C ARG E 492 76.90 1.21 -25.85
N LEU E 493 75.61 1.52 -26.02
CA LEU E 493 74.88 1.13 -27.22
C LEU E 493 75.28 1.91 -28.45
N GLY E 494 76.08 2.96 -28.31
CA GLY E 494 76.47 3.79 -29.43
C GLY E 494 75.51 4.89 -29.80
N VAL E 495 74.50 5.14 -28.96
CA VAL E 495 73.55 6.22 -29.24
C VAL E 495 74.25 7.57 -29.21
N PHE E 496 75.20 7.74 -28.29
CA PHE E 496 76.01 8.95 -28.20
C PHE E 496 77.49 8.58 -28.32
N ASP E 497 78.23 9.39 -29.07
CA ASP E 497 79.64 9.11 -29.31
C ASP E 497 80.55 9.76 -28.26
N VAL E 498 80.15 10.89 -27.71
CA VAL E 498 80.95 11.61 -26.72
C VAL E 498 80.09 11.93 -25.51
N LEU E 499 80.75 12.15 -24.38
CA LEU E 499 80.08 12.50 -23.13
C LEU E 499 80.83 13.66 -22.48
N VAL E 500 80.06 14.64 -21.98
CA VAL E 500 80.61 15.80 -21.30
C VAL E 500 79.97 15.89 -19.92
N GLY E 501 80.80 16.06 -18.88
CA GLY E 501 80.30 16.16 -17.53
C GLY E 501 81.01 17.21 -16.71
N ILE E 502 80.27 17.91 -15.85
CA ILE E 502 80.87 18.93 -14.99
C ILE E 502 81.78 18.29 -13.95
N ASN E 503 81.29 17.24 -13.29
CA ASN E 503 82.05 16.52 -12.27
C ASN E 503 82.14 15.06 -12.72
N LEU E 504 83.30 14.66 -13.21
CA LEU E 504 83.50 13.30 -13.73
C LEU E 504 84.13 12.42 -12.64
N LEU E 505 83.36 12.25 -11.56
CA LEU E 505 83.82 11.42 -10.45
C LEU E 505 82.70 10.55 -9.87
N ARG E 506 81.53 10.52 -10.49
CA ARG E 506 80.43 9.71 -9.98
C ARG E 506 80.76 8.23 -10.11
N GLU E 507 80.32 7.45 -9.12
CA GLU E 507 80.59 6.02 -9.12
C GLU E 507 79.84 5.33 -10.25
N GLY E 508 80.51 4.37 -10.88
CA GLY E 508 79.91 3.63 -11.98
C GLY E 508 79.86 4.35 -13.30
N LEU E 509 80.51 5.51 -13.41
CA LEU E 509 80.50 6.26 -14.65
C LEU E 509 81.54 5.77 -15.66
N ASP E 510 82.40 4.84 -15.27
CA ASP E 510 83.40 4.31 -16.19
C ASP E 510 82.75 3.38 -17.22
N ILE E 511 83.38 3.29 -18.38
CA ILE E 511 82.90 2.43 -19.47
C ILE E 511 84.09 1.69 -20.06
N PRO E 512 83.89 0.47 -20.57
CA PRO E 512 85.02 -0.27 -21.17
C PRO E 512 85.34 0.12 -22.59
N GLU E 513 84.44 0.83 -23.27
CA GLU E 513 84.65 1.22 -24.66
C GLU E 513 85.33 2.58 -24.80
N VAL E 514 85.57 3.28 -23.69
CA VAL E 514 86.22 4.59 -23.74
C VAL E 514 87.71 4.39 -23.97
N SER E 515 88.24 5.06 -25.00
CA SER E 515 89.64 4.94 -25.36
C SER E 515 90.37 6.27 -25.42
N LEU E 516 89.69 7.38 -25.12
CA LEU E 516 90.34 8.70 -25.16
C LEU E 516 89.56 9.65 -24.27
N VAL E 517 90.25 10.28 -23.34
CA VAL E 517 89.66 11.28 -22.45
C VAL E 517 90.53 12.52 -22.47
N ALA E 518 89.89 13.68 -22.49
CA ALA E 518 90.59 14.97 -22.57
C ALA E 518 90.26 15.81 -21.35
N ILE E 519 91.27 16.50 -20.83
CA ILE E 519 91.11 17.39 -19.69
C ILE E 519 91.19 18.83 -20.19
N LEU E 520 90.15 19.60 -19.95
CA LEU E 520 90.06 20.98 -20.41
C LEU E 520 90.29 21.93 -19.25
N ASP E 521 91.13 22.94 -19.49
CA ASP E 521 91.49 23.93 -18.47
C ASP E 521 92.04 23.27 -17.22
N ALA E 522 92.90 22.26 -17.41
CA ALA E 522 93.48 21.55 -16.28
C ALA E 522 94.43 22.45 -15.48
N ASP E 523 95.04 23.44 -16.14
CA ASP E 523 95.95 24.33 -15.44
C ASP E 523 95.26 25.16 -14.37
N LYS E 524 93.96 25.41 -14.51
CA LYS E 524 93.22 26.15 -13.50
C LYS E 524 93.14 25.36 -12.20
N GLU E 525 93.40 26.04 -11.09
CA GLU E 525 93.36 25.38 -9.78
C GLU E 525 91.92 25.06 -9.40
N GLY E 526 91.73 23.89 -8.79
CA GLY E 526 90.41 23.48 -8.36
C GLY E 526 90.47 22.12 -7.70
N PHE E 527 89.39 21.79 -7.00
CA PHE E 527 89.30 20.49 -6.34
C PHE E 527 89.33 19.35 -7.34
N LEU E 528 88.62 19.50 -8.46
CA LEU E 528 88.58 18.47 -9.49
C LEU E 528 89.90 18.34 -10.25
N ARG E 529 90.81 19.31 -10.09
CA ARG E 529 92.11 19.27 -10.76
C ARG E 529 93.23 18.87 -9.81
N SER E 530 92.89 18.30 -8.65
CA SER E 530 93.90 17.84 -7.72
C SER E 530 94.62 16.61 -8.27
N GLU E 531 95.70 16.22 -7.60
CA GLU E 531 96.48 15.07 -8.04
C GLU E 531 95.65 13.79 -7.96
N THR E 532 94.93 13.59 -6.86
CA THR E 532 94.12 12.39 -6.70
C THR E 532 93.00 12.36 -7.72
N SER E 533 92.34 13.50 -7.96
CA SER E 533 91.27 13.54 -8.96
C SER E 533 91.83 13.29 -10.35
N LEU E 534 93.01 13.83 -10.65
CA LEU E 534 93.64 13.59 -11.95
C LEU E 534 93.96 12.10 -12.13
N ILE E 535 94.48 11.46 -11.09
CA ILE E 535 94.78 10.03 -11.17
C ILE E 535 93.49 9.24 -11.37
N GLN E 536 92.43 9.60 -10.64
CA GLN E 536 91.16 8.89 -10.78
C GLN E 536 90.60 9.03 -12.19
N THR E 537 90.66 10.24 -12.76
CA THR E 537 90.15 10.44 -14.11
C THR E 537 91.01 9.73 -15.15
N ILE E 538 92.33 9.69 -14.93
CA ILE E 538 93.20 8.97 -15.84
C ILE E 538 92.91 7.48 -15.82
N GLY E 539 92.64 6.92 -14.63
CA GLY E 539 92.38 5.51 -14.51
C GLY E 539 91.14 5.04 -15.22
N ARG E 540 90.25 5.96 -15.59
CA ARG E 540 89.04 5.56 -16.32
C ARG E 540 89.35 5.10 -17.73
N ALA E 541 90.43 5.60 -18.33
CA ALA E 541 90.81 5.26 -19.69
C ALA E 541 91.63 3.98 -19.78
N ALA E 542 91.94 3.35 -18.65
CA ALA E 542 92.73 2.13 -18.65
C ALA E 542 91.96 0.91 -19.11
N ARG E 543 90.62 1.01 -19.25
CA ARG E 543 89.83 -0.15 -19.66
C ARG E 543 90.18 -0.56 -21.09
N ASN E 544 90.33 0.39 -22.00
CA ASN E 544 90.63 0.08 -23.38
C ASN E 544 92.06 -0.41 -23.52
N VAL E 545 92.27 -1.32 -24.48
CA VAL E 545 93.61 -1.85 -24.73
C VAL E 545 94.52 -0.75 -25.25
N GLU E 546 94.02 0.09 -26.16
CA GLU E 546 94.78 1.21 -26.70
C GLU E 546 94.31 2.55 -26.14
N GLY E 547 93.71 2.55 -24.95
CA GLY E 547 93.24 3.79 -24.37
C GLY E 547 94.38 4.74 -24.05
N LYS E 548 94.15 6.03 -24.28
CA LYS E 548 95.14 7.06 -24.03
C LYS E 548 94.44 8.27 -23.41
N VAL E 549 95.22 9.06 -22.67
CA VAL E 549 94.74 10.27 -22.01
C VAL E 549 95.49 11.45 -22.57
N ILE E 550 94.76 12.48 -23.01
CA ILE E 550 95.34 13.70 -23.53
C ILE E 550 94.98 14.84 -22.58
N MET E 551 95.81 15.87 -22.55
CA MET E 551 95.62 17.03 -21.67
C MET E 551 95.72 18.31 -22.49
N TYR E 552 94.85 19.26 -22.19
CA TYR E 552 94.83 20.56 -22.85
C TYR E 552 95.12 21.63 -21.80
N ALA E 553 96.41 21.89 -21.58
CA ALA E 553 96.82 22.89 -20.61
C ALA E 553 98.22 23.38 -20.97
N ASP E 554 98.43 24.69 -20.84
CA ASP E 554 99.73 25.30 -21.14
C ASP E 554 100.60 25.47 -19.91
N THR E 555 100.13 25.03 -18.74
CA THR E 555 100.88 25.18 -17.50
C THR E 555 100.87 23.86 -16.74
N ILE E 556 101.89 23.68 -15.90
CA ILE E 556 102.04 22.47 -15.10
C ILE E 556 102.22 22.87 -13.63
N THR E 557 101.92 21.94 -12.75
CA THR E 557 102.01 22.16 -11.31
C THR E 557 102.70 20.96 -10.66
N ASP E 558 102.94 21.06 -9.35
CA ASP E 558 103.56 19.97 -8.62
C ASP E 558 102.66 18.74 -8.59
N SER E 559 101.35 18.94 -8.39
CA SER E 559 100.42 17.83 -8.42
C SER E 559 100.39 17.18 -9.80
N MET E 560 100.40 17.99 -10.85
CA MET E 560 100.47 17.44 -12.20
C MET E 560 101.74 16.65 -12.41
N ARG E 561 102.87 17.16 -11.94
CA ARG E 561 104.14 16.45 -12.10
C ARG E 561 104.10 15.11 -11.38
N ARG E 562 103.57 15.08 -10.15
CA ARG E 562 103.47 13.84 -9.40
C ARG E 562 102.55 12.85 -10.11
N ALA E 563 101.41 13.33 -10.62
CA ALA E 563 100.47 12.44 -11.31
C ALA E 563 101.11 11.84 -12.56
N ILE E 564 101.79 12.67 -13.36
CA ILE E 564 102.41 12.17 -14.58
C ILE E 564 103.55 11.21 -14.25
N ASP E 565 104.31 11.49 -13.19
CA ASP E 565 105.38 10.59 -12.79
C ASP E 565 104.83 9.23 -12.38
N GLU E 566 103.76 9.23 -11.58
CA GLU E 566 103.15 7.97 -11.17
C GLU E 566 102.59 7.21 -12.36
N THR E 567 101.92 7.91 -13.28
CA THR E 567 101.37 7.25 -14.46
C THR E 567 102.49 6.67 -15.32
N ASN E 568 103.58 7.41 -15.50
CA ASN E 568 104.69 6.91 -16.29
C ASN E 568 105.33 5.68 -15.66
N ARG E 569 105.51 5.70 -14.33
CA ARG E 569 106.08 4.54 -13.65
C ARG E 569 105.17 3.33 -13.78
N ARG E 570 103.86 3.52 -13.61
CA ARG E 570 102.92 2.41 -13.75
C ARG E 570 102.92 1.85 -15.17
N ARG E 571 102.93 2.74 -16.16
CA ARG E 571 102.96 2.27 -17.55
C ARG E 571 104.25 1.52 -17.85
N LYS E 572 105.38 2.03 -17.36
CA LYS E 572 106.65 1.36 -17.60
C LYS E 572 106.69 -0.02 -16.95
N ILE E 573 106.22 -0.14 -15.71
CA ILE E 573 106.25 -1.43 -15.04
C ILE E 573 105.26 -2.40 -15.71
N GLN E 574 104.11 -1.90 -16.16
CA GLN E 574 103.16 -2.76 -16.85
C GLN E 574 103.73 -3.25 -18.18
N SER E 575 104.39 -2.37 -18.93
CA SER E 575 105.01 -2.78 -20.19
C SER E 575 106.13 -3.78 -19.95
N GLU E 576 106.94 -3.56 -18.91
CA GLU E 576 108.01 -4.51 -18.60
C GLU E 576 107.44 -5.88 -18.23
N TYR E 577 106.37 -5.91 -17.42
CA TYR E 577 105.77 -7.17 -17.05
C TYR E 577 105.16 -7.87 -18.26
N ASN E 578 104.52 -7.12 -19.15
CA ASN E 578 103.89 -7.73 -20.32
C ASN E 578 104.91 -8.21 -21.34
N GLN E 579 106.07 -7.55 -21.41
CA GLN E 579 107.08 -7.94 -22.38
C GLN E 579 107.94 -9.09 -21.89
N LYS E 580 108.39 -9.02 -20.63
CA LYS E 580 109.24 -10.08 -20.08
C LYS E 580 108.49 -11.40 -20.02
N HIS E 581 107.23 -11.38 -19.57
CA HIS E 581 106.44 -12.59 -19.46
C HIS E 581 105.78 -12.99 -20.78
N GLY E 582 105.75 -12.09 -21.76
CA GLY E 582 105.17 -12.42 -23.05
C GLY E 582 103.66 -12.50 -23.08
N ILE E 583 102.98 -12.00 -22.05
CA ILE E 583 101.52 -12.06 -22.01
C ILE E 583 100.95 -11.07 -23.02
N THR E 584 100.04 -11.56 -23.86
CA THR E 584 99.41 -10.71 -24.87
C THR E 584 98.34 -9.85 -24.21
N PRO E 585 98.43 -8.52 -24.33
CA PRO E 585 97.40 -7.66 -23.71
C PRO E 585 96.07 -7.72 -24.44
N LYS E 586 95.08 -8.35 -23.82
CA LYS E 586 93.75 -8.47 -24.42
C LYS E 586 92.66 -8.25 -23.39
N MET F 2 -69.23 -7.42 -55.03
CA MET F 2 -69.96 -8.46 -54.32
C MET F 2 -69.42 -9.84 -54.66
N HIS F 3 -68.69 -10.44 -53.73
CA HIS F 3 -68.13 -11.76 -53.95
C HIS F 3 -69.21 -12.84 -53.84
N LYS F 4 -68.88 -14.03 -54.31
CA LYS F 4 -69.81 -15.15 -54.32
C LYS F 4 -69.16 -16.36 -53.66
N PHE F 5 -69.94 -17.42 -53.53
CA PHE F 5 -69.48 -18.65 -52.90
C PHE F 5 -69.00 -19.63 -53.97
N LYS F 6 -67.79 -20.16 -53.78
CA LYS F 6 -67.21 -21.13 -54.71
C LYS F 6 -66.82 -22.38 -53.93
N LEU F 7 -67.22 -23.53 -54.43
CA LEU F 7 -66.98 -24.81 -53.77
C LEU F 7 -66.15 -25.72 -54.67
N VAL F 8 -65.12 -26.31 -54.08
CA VAL F 8 -64.27 -27.27 -54.79
C VAL F 8 -64.21 -28.57 -54.01
N SER F 9 -64.67 -29.66 -54.64
CA SER F 9 -64.67 -30.97 -54.00
C SER F 9 -64.84 -32.08 -55.03
N ASP F 10 -63.94 -33.05 -55.03
CA ASP F 10 -64.02 -34.16 -55.99
C ASP F 10 -65.18 -35.09 -55.64
N TYR F 11 -65.47 -35.24 -54.35
CA TYR F 11 -66.51 -36.16 -53.90
C TYR F 11 -67.90 -35.62 -54.23
N LYS F 12 -68.54 -36.17 -55.26
CA LYS F 12 -69.89 -35.78 -55.62
C LYS F 12 -70.90 -36.40 -54.66
N PRO F 13 -72.05 -35.75 -54.47
CA PRO F 13 -73.08 -36.33 -53.60
C PRO F 13 -73.57 -37.67 -54.13
N CYS F 14 -73.82 -38.61 -53.21
CA CYS F 14 -74.26 -39.94 -53.54
C CYS F 14 -75.38 -40.38 -52.60
N GLY F 15 -76.35 -41.09 -53.15
CA GLY F 15 -77.45 -41.61 -52.35
C GLY F 15 -78.54 -40.56 -52.18
N ASP F 16 -78.94 -40.34 -50.93
CA ASP F 16 -79.99 -39.39 -50.61
C ASP F 16 -79.47 -37.97 -50.46
N GLN F 17 -78.17 -37.74 -50.64
CA GLN F 17 -77.61 -36.40 -50.52
C GLN F 17 -78.20 -35.42 -51.53
N PRO F 18 -78.30 -35.73 -52.83
CA PRO F 18 -78.92 -34.75 -53.75
C PRO F 18 -80.36 -34.43 -53.39
N GLU F 19 -81.15 -35.43 -53.01
CA GLU F 19 -82.54 -35.19 -52.63
C GLU F 19 -82.63 -34.31 -51.39
N ALA F 20 -81.79 -34.59 -50.39
CA ALA F 20 -81.78 -33.78 -49.18
C ALA F 20 -81.37 -32.34 -49.48
N ILE F 21 -80.36 -32.16 -50.32
CA ILE F 21 -79.91 -30.82 -50.68
C ILE F 21 -81.03 -30.07 -51.41
N ASP F 22 -81.69 -30.73 -52.36
CA ASP F 22 -82.78 -30.09 -53.09
C ASP F 22 -83.92 -29.71 -52.16
N LYS F 23 -84.29 -30.61 -51.24
CA LYS F 23 -85.37 -30.32 -50.31
C LYS F 23 -85.01 -29.15 -49.39
N LEU F 24 -83.78 -29.13 -48.88
CA LEU F 24 -83.37 -28.03 -48.01
C LEU F 24 -83.36 -26.71 -48.74
N VAL F 25 -82.86 -26.70 -49.99
CA VAL F 25 -82.83 -25.47 -50.77
C VAL F 25 -84.25 -24.99 -51.06
N GLU F 26 -85.15 -25.91 -51.43
CA GLU F 26 -86.53 -25.53 -51.70
C GLU F 26 -87.20 -24.97 -50.45
N GLY F 27 -86.97 -25.61 -49.30
CA GLY F 27 -87.56 -25.11 -48.07
C GLY F 27 -87.03 -23.75 -47.67
N ILE F 28 -85.73 -23.53 -47.86
CA ILE F 28 -85.15 -22.21 -47.55
C ILE F 28 -85.74 -21.16 -48.48
N ASN F 29 -85.86 -21.47 -49.77
CA ASN F 29 -86.42 -20.52 -50.73
C ASN F 29 -87.88 -20.21 -50.39
N ARG F 30 -88.64 -21.23 -49.97
CA ARG F 30 -90.03 -20.99 -49.59
C ARG F 30 -90.13 -20.04 -48.41
N GLY F 31 -89.25 -20.20 -47.42
CA GLY F 31 -89.23 -19.29 -46.29
C GLY F 31 -89.59 -19.95 -44.97
N TYR F 32 -89.34 -21.26 -44.86
CA TYR F 32 -89.63 -21.96 -43.62
C TYR F 32 -88.64 -21.54 -42.53
N ARG F 33 -89.19 -21.20 -41.36
CA ARG F 33 -88.35 -20.68 -40.28
C ARG F 33 -87.38 -21.73 -39.76
N GLY F 34 -87.84 -22.97 -39.62
CA GLY F 34 -87.01 -24.02 -39.05
C GLY F 34 -87.13 -25.31 -39.82
N GLN F 35 -86.04 -26.06 -39.85
CA GLN F 35 -85.99 -27.34 -40.52
C GLN F 35 -84.99 -28.24 -39.80
N THR F 36 -85.12 -29.54 -40.03
CA THR F 36 -84.26 -30.53 -39.38
C THR F 36 -83.67 -31.46 -40.43
N LEU F 37 -82.39 -31.80 -40.25
CA LEU F 37 -81.70 -32.78 -41.09
C LEU F 37 -81.51 -34.05 -40.27
N LEU F 38 -82.23 -35.10 -40.65
CA LEU F 38 -82.12 -36.40 -39.98
C LEU F 38 -81.00 -37.22 -40.62
N GLY F 39 -79.79 -36.71 -40.45
CA GLY F 39 -78.60 -37.31 -41.03
C GLY F 39 -77.90 -38.21 -40.03
N VAL F 40 -77.68 -39.46 -40.43
CA VAL F 40 -76.98 -40.41 -39.58
C VAL F 40 -75.48 -40.12 -39.61
N THR F 41 -74.78 -40.70 -38.63
CA THR F 41 -73.33 -40.51 -38.55
C THR F 41 -72.63 -41.16 -39.74
N GLY F 42 -71.66 -40.45 -40.30
CA GLY F 42 -70.92 -40.95 -41.43
C GLY F 42 -71.60 -40.76 -42.78
N SER F 43 -72.78 -40.15 -42.82
CA SER F 43 -73.47 -39.93 -44.07
C SER F 43 -73.00 -38.67 -44.79
N GLY F 44 -72.14 -37.88 -44.18
CA GLY F 44 -71.64 -36.68 -44.81
C GLY F 44 -72.51 -35.46 -44.59
N LYS F 45 -72.81 -35.16 -43.33
CA LYS F 45 -73.61 -33.97 -43.03
C LYS F 45 -72.86 -32.69 -43.37
N THR F 46 -71.54 -32.68 -43.22
CA THR F 46 -70.75 -31.49 -43.56
C THR F 46 -70.85 -31.17 -45.05
N PHE F 47 -70.81 -32.20 -45.89
CA PHE F 47 -70.95 -31.98 -47.33
C PHE F 47 -72.32 -31.39 -47.66
N THR F 48 -73.38 -31.90 -47.04
CA THR F 48 -74.71 -31.35 -47.28
C THR F 48 -74.80 -29.91 -46.81
N MET F 49 -74.21 -29.61 -45.65
CA MET F 49 -74.20 -28.24 -45.14
C MET F 49 -73.47 -27.31 -46.10
N ALA F 50 -72.31 -27.74 -46.60
CA ALA F 50 -71.57 -26.92 -47.56
C ALA F 50 -72.39 -26.70 -48.82
N ASN F 51 -73.07 -27.74 -49.30
CA ASN F 51 -73.87 -27.60 -50.51
C ASN F 51 -75.01 -26.61 -50.31
N VAL F 52 -75.74 -26.70 -49.20
CA VAL F 52 -76.86 -25.79 -49.00
C VAL F 52 -76.36 -24.36 -48.80
N ILE F 53 -75.23 -24.19 -48.10
CA ILE F 53 -74.66 -22.86 -47.93
C ILE F 53 -74.26 -22.27 -49.28
N GLU F 54 -73.64 -23.08 -50.14
CA GLU F 54 -73.24 -22.60 -51.46
C GLU F 54 -74.46 -22.23 -52.31
N ARG F 55 -75.50 -23.05 -52.26
CA ARG F 55 -76.68 -22.79 -53.08
C ARG F 55 -77.43 -21.55 -52.59
N VAL F 56 -77.59 -21.39 -51.27
CA VAL F 56 -78.37 -20.29 -50.74
C VAL F 56 -77.66 -18.97 -50.93
N GLN F 57 -76.33 -18.96 -50.75
CA GLN F 57 -75.50 -17.75 -50.88
C GLN F 57 -75.91 -16.70 -49.85
N LYS F 58 -75.86 -17.10 -48.59
CA LYS F 58 -76.19 -16.24 -47.47
C LYS F 58 -75.15 -16.44 -46.37
N PRO F 59 -74.97 -15.45 -45.50
CA PRO F 59 -74.07 -15.64 -44.36
C PRO F 59 -74.56 -16.77 -43.47
N THR F 60 -73.61 -17.51 -42.90
CA THR F 60 -73.92 -18.70 -42.12
C THR F 60 -73.18 -18.65 -40.79
N LEU F 61 -73.90 -18.89 -39.70
CA LEU F 61 -73.32 -19.04 -38.37
C LEU F 61 -73.62 -20.45 -37.88
N VAL F 62 -72.57 -21.21 -37.58
CA VAL F 62 -72.69 -22.60 -37.16
C VAL F 62 -72.30 -22.69 -35.69
N ILE F 63 -73.17 -23.30 -34.88
CA ILE F 63 -72.95 -23.42 -33.44
C ILE F 63 -72.70 -24.88 -33.12
N ALA F 64 -71.63 -25.15 -32.37
CA ALA F 64 -71.28 -26.49 -31.92
C ALA F 64 -71.27 -26.53 -30.41
N HIS F 65 -71.49 -27.73 -29.86
CA HIS F 65 -71.59 -27.90 -28.42
C HIS F 65 -70.24 -28.18 -27.76
N ASN F 66 -69.15 -28.28 -28.52
CA ASN F 66 -67.84 -28.47 -27.94
C ASN F 66 -66.79 -27.90 -28.88
N LYS F 67 -65.62 -27.60 -28.31
CA LYS F 67 -64.57 -26.92 -29.07
C LYS F 67 -63.98 -27.81 -30.15
N THR F 68 -63.84 -29.11 -29.87
CA THR F 68 -63.22 -30.01 -30.84
C THR F 68 -64.07 -30.13 -32.10
N LEU F 69 -65.39 -30.28 -31.93
CA LEU F 69 -66.28 -30.35 -33.09
C LEU F 69 -66.28 -29.05 -33.86
N ALA F 70 -66.23 -27.91 -33.15
CA ALA F 70 -66.18 -26.62 -33.83
C ALA F 70 -64.89 -26.48 -34.65
N ALA F 71 -63.76 -26.90 -34.08
CA ALA F 71 -62.50 -26.83 -34.82
C ALA F 71 -62.52 -27.76 -36.03
N GLN F 72 -63.07 -28.96 -35.88
CA GLN F 72 -63.17 -29.87 -37.01
C GLN F 72 -64.06 -29.30 -38.11
N LEU F 73 -65.19 -28.70 -37.74
CA LEU F 73 -66.07 -28.09 -38.71
C LEU F 73 -65.38 -26.91 -39.40
N CYS F 74 -64.63 -26.11 -38.65
CA CYS F 74 -63.92 -24.99 -39.24
C CYS F 74 -62.87 -25.46 -40.24
N SER F 75 -62.12 -26.51 -39.89
CA SER F 75 -61.13 -27.05 -40.82
C SER F 75 -61.80 -27.62 -42.07
N GLU F 76 -62.93 -28.32 -41.89
CA GLU F 76 -63.65 -28.87 -43.04
C GLU F 76 -64.14 -27.75 -43.95
N PHE F 77 -64.73 -26.71 -43.37
CA PHE F 77 -65.23 -25.60 -44.17
C PHE F 77 -64.10 -24.85 -44.86
N LYS F 78 -62.94 -24.76 -44.23
CA LYS F 78 -61.77 -24.21 -44.91
C LYS F 78 -61.37 -25.09 -46.09
N GLU F 79 -61.44 -26.41 -45.92
CA GLU F 79 -61.09 -27.32 -47.01
C GLU F 79 -62.05 -27.17 -48.19
N PHE F 80 -63.36 -27.09 -47.92
CA PHE F 80 -64.32 -26.94 -49.01
C PHE F 80 -64.30 -25.54 -49.60
N PHE F 81 -63.93 -24.53 -48.81
CA PHE F 81 -63.96 -23.13 -49.23
C PHE F 81 -62.60 -22.50 -48.98
N PRO F 82 -61.61 -22.78 -49.85
CA PRO F 82 -60.30 -22.14 -49.68
C PRO F 82 -60.30 -20.70 -50.18
N ASN F 83 -61.05 -20.44 -51.25
CA ASN F 83 -61.17 -19.09 -51.79
C ASN F 83 -62.02 -18.22 -50.86
N ASN F 84 -63.06 -18.80 -50.25
CA ASN F 84 -64.02 -18.05 -49.48
C ASN F 84 -63.44 -17.71 -48.11
N CYS F 85 -64.26 -17.15 -47.23
CA CYS F 85 -63.83 -16.70 -45.91
C CYS F 85 -64.49 -17.56 -44.83
N VAL F 86 -63.68 -18.17 -43.98
CA VAL F 86 -64.15 -18.99 -42.86
C VAL F 86 -63.50 -18.46 -41.60
N GLU F 87 -64.31 -18.22 -40.57
CA GLU F 87 -63.85 -17.64 -39.31
C GLU F 87 -63.97 -18.66 -38.19
N TYR F 88 -63.58 -18.23 -36.99
CA TYR F 88 -63.58 -19.10 -35.82
C TYR F 88 -63.74 -18.23 -34.58
N PHE F 89 -64.82 -18.42 -33.84
CA PHE F 89 -65.17 -17.58 -32.69
C PHE F 89 -65.47 -18.48 -31.49
N VAL F 90 -64.45 -18.74 -30.68
CA VAL F 90 -64.60 -19.53 -29.46
C VAL F 90 -64.01 -18.75 -28.29
N SER F 91 -64.09 -19.34 -27.10
CA SER F 91 -63.57 -18.69 -25.91
C SER F 91 -62.05 -18.61 -25.94
N TYR F 92 -61.52 -17.46 -25.49
CA TYR F 92 -60.09 -17.25 -25.44
C TYR F 92 -59.55 -17.31 -24.02
N TYR F 93 -60.33 -17.79 -23.06
CA TYR F 93 -59.91 -17.87 -21.66
C TYR F 93 -59.29 -19.23 -21.42
N ASP F 94 -57.98 -19.25 -21.14
CA ASP F 94 -57.32 -20.50 -20.79
C ASP F 94 -57.71 -20.96 -19.39
N TYR F 95 -57.94 -20.02 -18.48
CA TYR F 95 -58.34 -20.35 -17.11
C TYR F 95 -59.07 -19.15 -16.53
N TYR F 96 -60.36 -19.30 -16.29
CA TYR F 96 -61.21 -18.22 -15.78
C TYR F 96 -61.81 -18.62 -14.46
N GLN F 97 -61.71 -17.73 -13.47
CA GLN F 97 -62.31 -17.93 -12.14
C GLN F 97 -63.09 -16.67 -11.79
N PRO F 98 -64.38 -16.64 -12.12
CA PRO F 98 -65.18 -15.44 -11.84
C PRO F 98 -65.33 -15.21 -10.35
N GLU F 99 -65.42 -13.92 -9.99
CA GLU F 99 -65.58 -13.56 -8.59
C GLU F 99 -66.94 -14.03 -8.07
N ALA F 100 -66.97 -14.42 -6.81
CA ALA F 100 -68.21 -14.88 -6.17
C ALA F 100 -68.06 -14.71 -4.67
N TYR F 101 -69.22 -14.65 -4.00
CA TYR F 101 -69.27 -14.53 -2.55
C TYR F 101 -70.19 -15.60 -2.00
N ILE F 102 -69.72 -16.32 -0.99
CA ILE F 102 -70.48 -17.38 -0.34
C ILE F 102 -70.86 -16.88 1.06
N PRO F 103 -72.11 -16.50 1.30
CA PRO F 103 -72.49 -16.01 2.64
C PRO F 103 -72.35 -17.07 3.73
N ALA F 104 -72.36 -18.36 3.38
CA ALA F 104 -72.25 -19.40 4.39
C ALA F 104 -70.88 -19.35 5.08
N THR F 105 -69.82 -19.17 4.31
CA THR F 105 -68.46 -19.12 4.85
C THR F 105 -67.89 -17.71 4.93
N ASP F 106 -68.62 -16.71 4.45
CA ASP F 106 -68.17 -15.32 4.46
C ASP F 106 -66.81 -15.17 3.77
N THR F 107 -66.65 -15.87 2.65
CA THR F 107 -65.41 -15.87 1.90
C THR F 107 -65.64 -15.34 0.50
N TYR F 108 -64.74 -14.48 0.05
CA TYR F 108 -64.81 -13.87 -1.28
C TYR F 108 -63.58 -14.28 -2.08
N ILE F 109 -63.81 -14.62 -3.35
CA ILE F 109 -62.75 -15.07 -4.25
C ILE F 109 -62.56 -14.02 -5.34
N GLU F 110 -61.33 -13.58 -5.54
CA GLU F 110 -61.03 -12.58 -6.55
C GLU F 110 -61.03 -13.20 -7.94
N LYS F 111 -61.16 -12.34 -8.94
CA LYS F 111 -61.21 -12.78 -10.33
C LYS F 111 -59.81 -13.01 -10.88
N ASP F 112 -59.64 -14.08 -11.64
CA ASP F 112 -58.39 -14.39 -12.30
C ASP F 112 -58.68 -14.93 -13.69
N SER F 113 -57.91 -14.47 -14.67
CA SER F 113 -58.15 -14.85 -16.05
C SER F 113 -56.83 -14.87 -16.81
N SER F 114 -56.82 -15.64 -17.91
CA SER F 114 -55.68 -15.70 -18.81
C SER F 114 -56.19 -15.60 -20.25
N ILE F 115 -55.44 -14.88 -21.08
CA ILE F 115 -55.85 -14.58 -22.44
C ILE F 115 -54.99 -15.36 -23.42
N ASN F 116 -55.65 -15.99 -24.39
CA ASN F 116 -54.95 -16.69 -25.47
C ASN F 116 -54.89 -15.79 -26.69
N ASP F 117 -53.68 -15.64 -27.25
CA ASP F 117 -53.50 -14.67 -28.33
C ASP F 117 -54.12 -15.16 -29.63
N GLU F 118 -53.97 -16.45 -29.95
CA GLU F 118 -54.48 -16.96 -31.22
C GLU F 118 -56.00 -16.86 -31.27
N ILE F 119 -56.68 -17.22 -30.18
CA ILE F 119 -58.14 -17.18 -30.18
C ILE F 119 -58.63 -15.73 -30.24
N ASP F 120 -57.95 -14.82 -29.54
CA ASP F 120 -58.32 -13.41 -29.62
C ASP F 120 -58.16 -12.88 -31.03
N LYS F 121 -57.05 -13.23 -31.69
CA LYS F 121 -56.85 -12.80 -33.07
C LYS F 121 -57.93 -13.37 -33.99
N LEU F 122 -58.31 -14.64 -33.79
CA LEU F 122 -59.36 -15.23 -34.61
C LEU F 122 -60.69 -14.54 -34.39
N ARG F 123 -61.02 -14.21 -33.13
CA ARG F 123 -62.26 -13.52 -32.85
C ARG F 123 -62.29 -12.14 -33.49
N HIS F 124 -61.18 -11.41 -33.39
CA HIS F 124 -61.12 -10.08 -34.01
C HIS F 124 -61.22 -10.18 -35.52
N SER F 125 -60.59 -11.20 -36.12
CA SER F 125 -60.69 -11.40 -37.55
C SER F 125 -62.13 -11.70 -37.96
N ALA F 126 -62.83 -12.52 -37.18
CA ALA F 126 -64.24 -12.82 -37.47
C ALA F 126 -65.08 -11.55 -37.39
N THR F 127 -64.87 -10.75 -36.34
CA THR F 127 -65.64 -9.51 -36.18
C THR F 127 -65.39 -8.55 -37.33
N ALA F 128 -64.13 -8.40 -37.75
CA ALA F 128 -63.80 -7.53 -38.87
C ALA F 128 -64.39 -8.05 -40.17
N ALA F 129 -64.33 -9.36 -40.39
CA ALA F 129 -64.84 -9.96 -41.61
C ALA F 129 -66.35 -9.81 -41.69
N LEU F 130 -67.01 -9.76 -40.53
CA LEU F 130 -68.46 -9.55 -40.52
C LEU F 130 -68.82 -8.20 -41.16
N PHE F 131 -68.06 -7.15 -40.84
CA PHE F 131 -68.31 -5.85 -41.43
C PHE F 131 -67.66 -5.69 -42.80
N GLU F 132 -66.72 -6.57 -43.15
CA GLU F 132 -65.99 -6.43 -44.41
C GLU F 132 -66.72 -7.08 -45.58
N ARG F 133 -66.99 -8.39 -45.47
CA ARG F 133 -67.60 -9.15 -46.55
C ARG F 133 -68.86 -9.84 -46.06
N ARG F 134 -69.82 -10.00 -46.98
CA ARG F 134 -71.08 -10.64 -46.64
C ARG F 134 -70.99 -12.16 -46.74
N ASP F 135 -70.16 -12.68 -47.63
CA ASP F 135 -70.05 -14.11 -47.86
C ASP F 135 -69.11 -14.79 -46.86
N VAL F 136 -69.33 -14.55 -45.57
CA VAL F 136 -68.48 -15.07 -44.51
C VAL F 136 -69.23 -16.16 -43.76
N ILE F 137 -68.52 -17.25 -43.45
CA ILE F 137 -69.03 -18.34 -42.64
C ILE F 137 -68.29 -18.33 -41.32
N ILE F 138 -69.03 -18.36 -40.22
CA ILE F 138 -68.46 -18.30 -38.88
C ILE F 138 -68.85 -19.57 -38.13
N VAL F 139 -67.86 -20.29 -37.62
CA VAL F 139 -68.07 -21.46 -36.78
C VAL F 139 -67.75 -21.06 -35.35
N ALA F 140 -68.76 -21.09 -34.49
CA ALA F 140 -68.63 -20.57 -33.14
C ALA F 140 -69.25 -21.54 -32.14
N SER F 141 -68.81 -21.43 -30.89
CA SER F 141 -69.40 -22.14 -29.78
C SER F 141 -70.58 -21.33 -29.23
N VAL F 142 -71.05 -21.69 -28.04
CA VAL F 142 -72.16 -20.99 -27.40
C VAL F 142 -71.73 -19.59 -26.96
N SER F 143 -70.46 -19.26 -27.19
CA SER F 143 -69.95 -17.93 -26.88
C SER F 143 -70.55 -16.84 -27.76
N CYS F 144 -71.24 -17.21 -28.84
CA CYS F 144 -71.84 -16.21 -29.73
C CYS F 144 -73.01 -15.48 -29.11
N ILE F 145 -73.52 -15.95 -27.96
CA ILE F 145 -74.67 -15.33 -27.31
C ILE F 145 -74.24 -14.44 -26.14
N TYR F 146 -72.96 -14.21 -25.96
CA TYR F 146 -72.46 -13.39 -24.86
C TYR F 146 -72.19 -11.96 -25.33
N GLY F 147 -72.23 -11.04 -24.37
CA GLY F 147 -72.18 -9.62 -24.67
C GLY F 147 -70.93 -9.11 -25.35
N LEU F 148 -71.09 -8.62 -26.57
CA LEU F 148 -70.04 -7.95 -27.31
C LEU F 148 -70.29 -6.44 -27.28
N GLY F 149 -69.49 -5.69 -28.05
CA GLY F 149 -69.66 -4.26 -28.11
C GLY F 149 -70.80 -3.83 -29.02
N ASP F 150 -71.06 -2.53 -29.01
CA ASP F 150 -72.12 -1.96 -29.84
C ASP F 150 -71.65 -1.88 -31.29
N PRO F 151 -72.37 -2.49 -32.24
CA PRO F 151 -71.99 -2.36 -33.65
C PRO F 151 -71.97 -0.91 -34.13
N GLU F 152 -72.89 -0.09 -33.65
CA GLU F 152 -72.89 1.32 -34.05
C GLU F 152 -71.62 2.02 -33.61
N ASP F 153 -71.17 1.77 -32.38
CA ASP F 153 -69.90 2.33 -31.92
C ASP F 153 -68.73 1.78 -32.70
N TYR F 154 -68.78 0.49 -33.05
CA TYR F 154 -67.73 -0.11 -33.85
C TYR F 154 -67.60 0.56 -35.21
N THR F 155 -68.73 0.83 -35.85
CA THR F 155 -68.69 1.48 -37.18
C THR F 155 -68.30 2.95 -37.06
N ASP F 156 -68.85 3.66 -36.07
CA ASP F 156 -68.62 5.09 -35.96
C ASP F 156 -67.21 5.43 -35.50
N LEU F 157 -66.48 4.48 -34.94
CA LEU F 157 -65.13 4.71 -34.44
C LEU F 157 -64.06 4.22 -35.41
N MET F 158 -64.32 4.31 -36.72
CA MET F 158 -63.35 3.91 -37.74
C MET F 158 -62.61 5.15 -38.23
N LEU F 159 -61.29 5.07 -38.25
CA LEU F 159 -60.46 6.20 -38.66
C LEU F 159 -60.25 6.15 -40.17
N SER F 160 -60.55 7.27 -40.83
CA SER F 160 -60.40 7.39 -42.28
C SER F 160 -59.30 8.39 -42.59
N LEU F 161 -58.35 7.99 -43.45
CA LEU F 161 -57.21 8.81 -43.81
C LEU F 161 -57.06 8.84 -45.32
N ARG F 162 -56.78 10.03 -45.85
CA ARG F 162 -56.54 10.22 -47.27
C ARG F 162 -55.41 11.22 -47.45
N PRO F 163 -54.66 11.13 -48.56
CA PRO F 163 -53.61 12.11 -48.81
C PRO F 163 -54.17 13.50 -49.01
N GLY F 164 -53.39 14.49 -48.58
CA GLY F 164 -53.79 15.88 -48.68
C GLY F 164 -54.64 16.39 -47.54
N MET F 165 -55.04 15.51 -46.61
CA MET F 165 -55.85 15.90 -45.47
C MET F 165 -54.93 16.39 -44.35
N ILE F 166 -55.06 17.67 -44.00
CA ILE F 166 -54.21 18.24 -42.96
C ILE F 166 -54.62 17.67 -41.61
N LYS F 167 -53.62 17.20 -40.84
CA LYS F 167 -53.87 16.61 -39.53
C LYS F 167 -52.53 16.45 -38.82
N ASP F 168 -52.51 16.79 -37.54
CA ASP F 168 -51.30 16.65 -36.75
C ASP F 168 -51.02 15.17 -36.46
N ARG F 169 -49.73 14.83 -36.41
CA ARG F 169 -49.33 13.47 -36.10
C ARG F 169 -49.76 13.08 -34.69
N ASP F 170 -49.62 14.01 -33.73
CA ASP F 170 -50.02 13.73 -32.36
C ASP F 170 -51.53 13.47 -32.27
N GLU F 171 -52.33 14.19 -33.06
CA GLU F 171 -53.76 13.94 -33.06
C GLU F 171 -54.09 12.54 -33.55
N ILE F 172 -53.41 12.09 -34.60
CA ILE F 172 -53.65 10.74 -35.13
C ILE F 172 -53.19 9.70 -34.12
N ILE F 173 -52.07 9.94 -33.43
CA ILE F 173 -51.61 9.01 -32.42
C ILE F 173 -52.62 8.92 -31.28
N ARG F 174 -53.16 10.06 -30.85
CA ARG F 174 -54.17 10.06 -29.81
C ARG F 174 -55.42 9.32 -30.24
N LYS F 175 -55.85 9.52 -31.50
CA LYS F 175 -57.02 8.81 -32.01
C LYS F 175 -56.78 7.30 -32.04
N LEU F 176 -55.56 6.88 -32.43
CA LEU F 176 -55.24 5.47 -32.43
C LEU F 176 -55.24 4.90 -31.03
N VAL F 177 -54.70 5.65 -30.06
CA VAL F 177 -54.69 5.20 -28.67
C VAL F 177 -56.10 5.08 -28.13
N ASP F 178 -56.99 6.00 -28.53
CA ASP F 178 -58.36 6.00 -28.04
C ASP F 178 -59.14 4.77 -28.47
N ILE F 179 -58.72 4.09 -29.53
CA ILE F 179 -59.41 2.89 -30.00
C ILE F 179 -58.63 1.66 -29.57
N GLN F 180 -57.87 1.79 -28.48
CA GLN F 180 -57.20 0.68 -27.81
C GLN F 180 -56.09 0.08 -28.67
N TYR F 181 -55.24 0.95 -29.22
CA TYR F 181 -54.04 0.54 -29.93
C TYR F 181 -52.84 0.81 -29.04
N GLU F 182 -51.98 -0.19 -28.88
CA GLU F 182 -50.82 -0.09 -28.00
C GLU F 182 -49.58 0.22 -28.82
N ARG F 183 -48.82 1.22 -28.36
CA ARG F 183 -47.59 1.62 -29.03
C ARG F 183 -46.44 0.79 -28.49
N ASN F 184 -45.77 0.05 -29.37
CA ASN F 184 -44.66 -0.82 -28.97
C ASN F 184 -43.71 -0.94 -30.15
N GLU F 185 -42.56 -0.28 -30.07
CA GLU F 185 -41.55 -0.35 -31.11
C GLU F 185 -40.67 -1.59 -31.01
N ILE F 186 -40.74 -2.33 -29.91
CA ILE F 186 -39.94 -3.53 -29.72
C ILE F 186 -40.75 -4.74 -30.15
N ASP F 187 -41.89 -4.96 -29.50
CA ASP F 187 -42.78 -6.08 -29.82
C ASP F 187 -43.82 -5.57 -30.82
N PHE F 188 -43.58 -5.83 -32.09
CA PHE F 188 -44.47 -5.40 -33.17
C PHE F 188 -45.32 -6.59 -33.58
N LYS F 189 -46.54 -6.67 -33.04
CA LYS F 189 -47.47 -7.72 -33.38
C LYS F 189 -48.81 -7.13 -33.81
N ARG F 190 -49.82 -7.97 -33.99
CA ARG F 190 -51.13 -7.50 -34.42
C ARG F 190 -51.75 -6.59 -33.37
N GLY F 191 -52.41 -5.54 -33.82
CA GLY F 191 -53.04 -4.59 -32.92
C GLY F 191 -52.10 -3.62 -32.25
N LYS F 192 -50.91 -3.40 -32.82
CA LYS F 192 -49.95 -2.46 -32.27
C LYS F 192 -49.41 -1.56 -33.37
N PHE F 193 -48.98 -0.36 -32.98
CA PHE F 193 -48.46 0.61 -33.92
C PHE F 193 -47.19 1.24 -33.35
N ARG F 194 -46.33 1.72 -34.25
CA ARG F 194 -45.10 2.38 -33.87
C ARG F 194 -44.89 3.60 -34.75
N VAL F 195 -44.15 4.58 -34.24
CA VAL F 195 -43.85 5.80 -34.97
C VAL F 195 -42.35 6.00 -34.99
N ARG F 196 -41.79 6.22 -36.18
CA ARG F 196 -40.36 6.46 -36.37
C ARG F 196 -40.21 7.82 -37.02
N GLY F 197 -40.17 8.87 -36.20
CA GLY F 197 -40.04 10.23 -36.70
C GLY F 197 -41.27 10.71 -37.43
N ASP F 198 -41.13 11.00 -38.72
CA ASP F 198 -42.22 11.50 -39.54
C ASP F 198 -43.06 10.41 -40.17
N ILE F 199 -42.74 9.15 -39.93
CA ILE F 199 -43.44 8.02 -40.54
C ILE F 199 -44.12 7.23 -39.43
N LEU F 200 -45.42 6.99 -39.58
CA LEU F 200 -46.21 6.24 -38.62
C LEU F 200 -46.67 4.93 -39.25
N GLU F 201 -46.39 3.82 -38.57
CA GLU F 201 -46.74 2.49 -39.05
C GLU F 201 -47.82 1.90 -38.16
N ILE F 202 -48.88 1.41 -38.77
CA ILE F 202 -50.03 0.84 -38.06
C ILE F 202 -50.22 -0.60 -38.51
N PHE F 203 -50.36 -1.51 -37.55
CA PHE F 203 -50.59 -2.92 -37.84
C PHE F 203 -51.99 -3.29 -37.37
N PRO F 204 -52.97 -3.40 -38.27
CA PRO F 204 -54.34 -3.71 -37.84
C PRO F 204 -54.44 -5.10 -37.23
N ALA F 205 -55.38 -5.24 -36.29
CA ALA F 205 -55.59 -6.52 -35.62
C ALA F 205 -56.29 -7.54 -36.52
N SER F 206 -56.98 -7.07 -37.57
CA SER F 206 -57.66 -8.00 -38.48
C SER F 206 -56.65 -8.75 -39.34
N SER F 207 -55.86 -8.02 -40.11
CA SER F 207 -54.86 -8.64 -40.98
C SER F 207 -53.65 -9.10 -40.16
N SER F 208 -52.88 -10.02 -40.74
CA SER F 208 -51.73 -10.60 -40.09
C SER F 208 -50.42 -10.39 -40.82
N ASP F 209 -50.44 -9.86 -42.05
CA ASP F 209 -49.20 -9.66 -42.79
C ASP F 209 -49.18 -8.34 -43.56
N LYS F 210 -50.09 -7.41 -43.25
CA LYS F 210 -50.16 -6.14 -43.94
C LYS F 210 -50.14 -5.00 -42.93
N VAL F 211 -49.28 -4.01 -43.17
CA VAL F 211 -49.21 -2.82 -42.33
C VAL F 211 -49.48 -1.61 -43.21
N ILE F 212 -49.85 -0.51 -42.56
CA ILE F 212 -50.15 0.75 -43.25
C ILE F 212 -49.12 1.78 -42.78
N ARG F 213 -48.42 2.38 -43.73
CA ARG F 213 -47.40 3.37 -43.44
C ARG F 213 -47.82 4.72 -44.00
N VAL F 214 -47.78 5.75 -43.17
CA VAL F 214 -48.13 7.10 -43.57
C VAL F 214 -46.91 8.00 -43.38
N GLU F 215 -46.86 9.07 -44.16
CA GLU F 215 -45.76 10.02 -44.12
C GLU F 215 -46.30 11.42 -43.96
N PHE F 216 -45.65 12.21 -43.10
CA PHE F 216 -46.05 13.58 -42.83
C PHE F 216 -44.99 14.54 -43.35
N PHE F 217 -45.42 15.53 -44.13
CA PHE F 217 -44.54 16.56 -44.66
C PHE F 217 -45.11 17.92 -44.25
N GLY F 218 -44.72 18.39 -43.07
CA GLY F 218 -45.26 19.63 -42.55
C GLY F 218 -46.46 19.39 -41.64
N GLU F 219 -47.66 19.54 -42.19
CA GLU F 219 -48.89 19.33 -41.43
C GLU F 219 -49.93 18.55 -42.23
N GLU F 220 -49.51 17.88 -43.31
CA GLU F 220 -50.43 17.10 -44.13
C GLU F 220 -49.79 15.78 -44.50
N ILE F 221 -50.63 14.78 -44.74
CA ILE F 221 -50.16 13.45 -45.14
C ILE F 221 -49.88 13.43 -46.63
N ASP F 222 -48.77 12.83 -47.01
CA ASP F 222 -48.37 12.80 -48.42
C ASP F 222 -48.75 11.48 -49.07
N ARG F 223 -48.24 10.37 -48.55
CA ARG F 223 -48.45 9.05 -49.14
C ARG F 223 -48.90 8.07 -48.07
N ILE F 224 -49.86 7.22 -48.41
CA ILE F 224 -50.33 6.14 -47.55
C ILE F 224 -50.15 4.86 -48.34
N THR F 225 -49.21 4.02 -47.93
CA THR F 225 -48.86 2.82 -48.67
C THR F 225 -49.14 1.58 -47.81
N GLU F 226 -48.82 0.40 -48.34
CA GLU F 226 -48.96 -0.84 -47.61
C GLU F 226 -47.67 -1.63 -47.75
N VAL F 227 -47.27 -2.28 -46.66
CA VAL F 227 -45.99 -2.99 -46.61
C VAL F 227 -46.23 -4.36 -45.99
N ASP F 228 -45.61 -5.39 -46.59
CA ASP F 228 -45.70 -6.74 -46.03
C ASP F 228 -44.94 -6.80 -44.71
N SER F 229 -45.53 -7.47 -43.72
CA SER F 229 -44.94 -7.54 -42.40
C SER F 229 -43.64 -8.34 -42.39
N LEU F 230 -43.50 -9.30 -43.29
CA LEU F 230 -42.34 -10.18 -43.29
C LEU F 230 -41.18 -9.58 -44.09
N THR F 231 -41.40 -9.33 -45.38
CA THR F 231 -40.32 -8.81 -46.23
C THR F 231 -40.03 -7.34 -45.95
N GLY F 232 -41.01 -6.59 -45.48
CA GLY F 232 -40.84 -5.17 -45.24
C GLY F 232 -40.59 -4.37 -46.51
N GLU F 233 -41.31 -4.69 -47.58
CA GLU F 233 -41.16 -4.01 -48.86
C GLU F 233 -42.51 -3.44 -49.30
N ILE F 234 -42.44 -2.52 -50.26
CA ILE F 234 -43.64 -1.86 -50.76
C ILE F 234 -44.49 -2.87 -51.52
N THR F 235 -45.79 -2.89 -51.22
CA THR F 235 -46.74 -3.78 -51.88
C THR F 235 -47.71 -3.02 -52.78
N GLY F 236 -48.38 -2.00 -52.26
CA GLY F 236 -49.31 -1.22 -53.05
C GLY F 236 -49.60 0.11 -52.38
N VAL F 237 -50.19 1.01 -53.16
CA VAL F 237 -50.53 2.35 -52.70
C VAL F 237 -52.05 2.51 -52.79
N CYS F 238 -52.67 2.91 -51.69
CA CYS F 238 -54.11 3.11 -51.61
C CYS F 238 -54.40 4.55 -51.22
N SER F 239 -55.42 5.13 -51.86
CA SER F 239 -55.80 6.50 -51.58
C SER F 239 -56.57 6.60 -50.27
N HIS F 240 -57.73 5.95 -50.20
CA HIS F 240 -58.58 5.97 -49.01
C HIS F 240 -58.45 4.65 -48.27
N VAL F 241 -58.12 4.72 -46.99
CA VAL F 241 -57.98 3.55 -46.14
C VAL F 241 -58.69 3.80 -44.82
N ALA F 242 -59.06 2.72 -44.15
CA ALA F 242 -59.76 2.78 -42.88
C ALA F 242 -59.12 1.82 -41.89
N ILE F 243 -59.15 2.19 -40.62
CA ILE F 243 -58.57 1.39 -39.54
C ILE F 243 -59.68 1.00 -38.59
N PHE F 244 -59.86 -0.30 -38.39
CA PHE F 244 -60.87 -0.77 -37.45
C PHE F 244 -60.34 -0.71 -36.02
N PRO F 245 -61.23 -0.52 -35.04
CA PRO F 245 -60.79 -0.52 -33.64
C PRO F 245 -60.20 -1.86 -33.24
N ALA F 246 -59.23 -1.81 -32.33
CA ALA F 246 -58.57 -3.02 -31.86
C ALA F 246 -59.35 -3.75 -30.76
N SER F 247 -60.49 -3.20 -30.35
CA SER F 247 -61.35 -3.85 -29.37
C SER F 247 -62.80 -3.64 -29.78
N HIS F 248 -63.62 -4.67 -29.60
CA HIS F 248 -65.05 -4.52 -29.89
C HIS F 248 -65.72 -3.56 -28.90
N TYR F 249 -65.24 -3.53 -27.66
CA TYR F 249 -65.81 -2.66 -26.63
C TYR F 249 -65.14 -1.29 -26.70
N ALA F 250 -65.46 -0.56 -27.75
CA ALA F 250 -64.93 0.78 -27.98
C ALA F 250 -65.99 1.81 -27.60
N THR F 251 -65.62 2.74 -26.72
CA THR F 251 -66.56 3.71 -26.18
C THR F 251 -66.00 5.12 -26.36
N THR F 252 -66.90 6.09 -26.45
CA THR F 252 -66.54 7.49 -26.58
C THR F 252 -66.42 8.13 -25.20
N LYS F 253 -65.71 9.27 -25.15
CA LYS F 253 -65.50 9.96 -23.89
C LYS F 253 -66.81 10.46 -23.31
N ALA F 254 -67.70 10.99 -24.15
CA ALA F 254 -68.99 11.46 -23.66
C ALA F 254 -69.81 10.32 -23.08
N LYS F 255 -69.77 9.15 -23.73
CA LYS F 255 -70.44 7.97 -23.19
C LYS F 255 -69.87 7.59 -21.84
N MET F 256 -68.54 7.68 -21.69
CA MET F 256 -67.92 7.38 -20.41
C MET F 256 -68.37 8.35 -19.32
N GLN F 257 -68.46 9.64 -19.65
CA GLN F 257 -68.91 10.62 -18.67
C GLN F 257 -70.37 10.37 -18.27
N ARG F 258 -71.22 10.08 -19.25
CA ARG F 258 -72.61 9.78 -18.95
C ARG F 258 -72.72 8.53 -18.08
N ALA F 259 -71.92 7.51 -18.38
CA ALA F 259 -71.92 6.30 -17.57
C ALA F 259 -71.46 6.59 -16.16
N ILE F 260 -70.45 7.46 -16.00
CA ILE F 260 -69.97 7.82 -14.67
C ILE F 260 -71.09 8.51 -13.87
N ALA F 261 -71.79 9.45 -14.51
CA ALA F 261 -72.88 10.14 -13.83
C ALA F 261 -73.99 9.17 -13.43
N SER F 262 -74.37 8.28 -14.35
CA SER F 262 -75.41 7.30 -14.05
C SER F 262 -74.99 6.36 -12.93
N ILE F 263 -73.73 5.93 -12.94
CA ILE F 263 -73.22 5.05 -11.89
C ILE F 263 -73.25 5.76 -10.54
N GLU F 264 -72.88 7.04 -10.53
CA GLU F 264 -72.92 7.80 -9.28
C GLU F 264 -74.36 7.90 -8.75
N GLN F 265 -75.31 8.19 -9.64
CA GLN F 265 -76.70 8.30 -9.21
C GLN F 265 -77.22 6.96 -8.68
N GLU F 266 -76.91 5.87 -9.39
CA GLU F 266 -77.36 4.55 -8.96
C GLU F 266 -76.72 4.15 -7.63
N LEU F 267 -75.44 4.49 -7.45
CA LEU F 267 -74.76 4.20 -6.19
C LEU F 267 -75.40 4.98 -5.04
N GLU F 268 -75.73 6.25 -5.28
CA GLU F 268 -76.41 7.03 -4.24
C GLU F 268 -77.75 6.42 -3.88
N GLU F 269 -78.54 6.03 -4.89
CA GLU F 269 -79.85 5.42 -4.63
C GLU F 269 -79.71 4.11 -3.86
N ARG F 270 -78.75 3.27 -4.26
CA ARG F 270 -78.56 1.99 -3.59
C ARG F 270 -78.06 2.19 -2.16
N VAL F 271 -77.19 3.18 -1.95
CA VAL F 271 -76.71 3.48 -0.60
C VAL F 271 -77.86 3.92 0.28
N ARG F 272 -78.74 4.78 -0.24
CA ARG F 272 -79.91 5.20 0.54
C ARG F 272 -80.81 4.01 0.85
N GLU F 273 -81.04 3.14 -0.13
CA GLU F 273 -81.89 1.97 0.09
C GLU F 273 -81.29 1.04 1.15
N LEU F 274 -79.98 0.81 1.08
CA LEU F 274 -79.33 -0.07 2.04
C LEU F 274 -79.30 0.54 3.43
N LYS F 275 -79.15 1.87 3.52
CA LYS F 275 -79.26 2.54 4.81
C LYS F 275 -80.66 2.38 5.39
N SER F 276 -81.68 2.47 4.54
CA SER F 276 -83.04 2.21 4.99
C SER F 276 -83.29 0.76 5.32
N GLN F 277 -82.39 -0.15 4.92
CA GLN F 277 -82.55 -1.58 5.20
C GLN F 277 -81.88 -1.98 6.50
N GLY F 278 -80.57 -1.76 6.60
CA GLY F 278 -79.84 -2.08 7.82
C GLY F 278 -78.51 -2.78 7.59
N LYS F 279 -78.11 -2.94 6.33
CA LYS F 279 -76.85 -3.59 5.99
C LYS F 279 -75.79 -2.51 5.82
N LEU F 280 -75.19 -2.11 6.94
CA LEU F 280 -74.21 -1.02 6.91
C LEU F 280 -72.88 -1.48 6.32
N LEU F 281 -72.42 -2.67 6.71
CA LEU F 281 -71.13 -3.17 6.20
C LEU F 281 -71.18 -3.39 4.69
N GLU F 282 -72.26 -4.00 4.20
CA GLU F 282 -72.40 -4.21 2.77
C GLU F 282 -72.47 -2.89 2.02
N ALA F 283 -73.19 -1.92 2.57
CA ALA F 283 -73.27 -0.61 1.93
C ALA F 283 -71.91 0.07 1.88
N GLN F 284 -71.13 -0.02 2.97
CA GLN F 284 -69.80 0.57 2.98
C GLN F 284 -68.89 -0.10 1.97
N ARG F 285 -68.93 -1.44 1.89
CA ARG F 285 -68.09 -2.14 0.93
C ARG F 285 -68.47 -1.77 -0.50
N LEU F 286 -69.76 -1.71 -0.79
CA LEU F 286 -70.21 -1.33 -2.13
C LEU F 286 -69.79 0.09 -2.46
N GLU F 287 -69.92 1.02 -1.50
CA GLU F 287 -69.51 2.40 -1.74
C GLU F 287 -68.02 2.49 -2.02
N GLN F 288 -67.21 1.77 -1.25
CA GLN F 288 -65.77 1.79 -1.47
C GLN F 288 -65.41 1.25 -2.84
N ARG F 289 -66.00 0.10 -3.21
CA ARG F 289 -65.67 -0.50 -4.50
C ARG F 289 -66.12 0.41 -5.65
N THR F 290 -67.32 0.98 -5.56
CA THR F 290 -67.81 1.85 -6.61
C THR F 290 -66.97 3.12 -6.72
N ARG F 291 -66.55 3.68 -5.58
CA ARG F 291 -65.70 4.86 -5.62
C ARG F 291 -64.36 4.56 -6.26
N TYR F 292 -63.77 3.40 -5.93
CA TYR F 292 -62.52 3.01 -6.57
C TYR F 292 -62.68 2.85 -8.07
N ASP F 293 -63.75 2.18 -8.50
CA ASP F 293 -63.99 1.99 -9.93
C ASP F 293 -64.23 3.31 -10.64
N LEU F 294 -64.97 4.22 -10.00
CA LEU F 294 -65.23 5.52 -10.62
C LEU F 294 -63.96 6.34 -10.74
N GLU F 295 -63.10 6.32 -9.72
CA GLU F 295 -61.83 7.02 -9.81
C GLU F 295 -60.96 6.43 -10.92
N MET F 296 -60.94 5.10 -11.04
CA MET F 296 -60.16 4.46 -12.09
C MET F 296 -60.69 4.85 -13.47
N MET F 297 -62.01 4.91 -13.62
CA MET F 297 -62.60 5.34 -14.89
C MET F 297 -62.24 6.79 -15.20
N GLN F 298 -62.32 7.67 -14.21
CA GLN F 298 -62.04 9.08 -14.44
C GLN F 298 -60.58 9.31 -14.80
N GLU F 299 -59.67 8.61 -14.13
CA GLU F 299 -58.24 8.86 -14.36
C GLU F 299 -57.75 8.16 -15.63
N ILE F 300 -57.88 6.83 -15.68
CA ILE F 300 -57.35 6.05 -16.80
C ILE F 300 -58.43 5.88 -17.87
N GLY F 301 -59.53 5.24 -17.51
CA GLY F 301 -60.61 5.02 -18.45
C GLY F 301 -61.13 3.60 -18.50
N PHE F 302 -60.22 2.63 -18.35
CA PHE F 302 -60.61 1.22 -18.37
C PHE F 302 -59.71 0.45 -17.43
N CYS F 303 -60.27 -0.59 -16.81
CA CYS F 303 -59.55 -1.41 -15.86
C CYS F 303 -60.34 -2.71 -15.66
N GLN F 304 -59.89 -3.52 -14.71
CA GLN F 304 -60.61 -4.74 -14.37
C GLN F 304 -61.92 -4.39 -13.67
N GLY F 305 -62.96 -5.17 -13.97
CA GLY F 305 -64.28 -4.92 -13.42
C GLY F 305 -65.11 -3.91 -14.18
N ILE F 306 -64.62 -3.41 -15.32
CA ILE F 306 -65.41 -2.49 -16.12
C ILE F 306 -66.60 -3.18 -16.77
N GLU F 307 -66.59 -4.51 -16.84
CA GLU F 307 -67.68 -5.24 -17.47
C GLU F 307 -68.98 -5.16 -16.68
N ASN F 308 -68.90 -4.91 -15.37
CA ASN F 308 -70.11 -4.87 -14.55
C ASN F 308 -70.96 -3.63 -14.83
N TYR F 309 -70.38 -2.61 -15.46
CA TYR F 309 -71.09 -1.38 -15.76
C TYR F 309 -71.42 -1.27 -17.24
N SER F 310 -71.64 -2.42 -17.90
CA SER F 310 -71.92 -2.42 -19.33
C SER F 310 -73.23 -1.70 -19.65
N ARG F 311 -74.26 -1.90 -18.82
CA ARG F 311 -75.53 -1.24 -19.06
C ARG F 311 -75.40 0.27 -18.99
N HIS F 312 -74.67 0.77 -17.98
CA HIS F 312 -74.47 2.21 -17.86
C HIS F 312 -73.61 2.75 -19.01
N ILE F 313 -72.59 1.99 -19.41
CA ILE F 313 -71.70 2.46 -20.46
C ILE F 313 -72.43 2.54 -21.80
N SER F 314 -73.16 1.49 -22.16
CA SER F 314 -73.84 1.45 -23.44
C SER F 314 -75.15 2.24 -23.44
N GLY F 315 -75.65 2.64 -22.27
CA GLY F 315 -76.88 3.38 -22.21
C GLY F 315 -78.14 2.57 -22.45
N ARG F 316 -78.05 1.25 -22.39
CA ARG F 316 -79.21 0.40 -22.63
C ARG F 316 -80.24 0.55 -21.51
N ALA F 317 -81.50 0.39 -21.87
CA ALA F 317 -82.56 0.43 -20.88
C ALA F 317 -82.45 -0.79 -19.96
N PRO F 318 -82.91 -0.67 -18.72
CA PRO F 318 -82.85 -1.81 -17.80
C PRO F 318 -83.63 -3.00 -18.34
N GLY F 319 -83.03 -4.19 -18.20
CA GLY F 319 -83.64 -5.41 -18.67
C GLY F 319 -83.41 -5.73 -20.14
N SER F 320 -82.77 -4.84 -20.89
CA SER F 320 -82.54 -5.10 -22.31
C SER F 320 -81.41 -6.11 -22.49
N PRO F 321 -81.50 -6.98 -23.49
CA PRO F 321 -80.42 -7.92 -23.74
C PRO F 321 -79.20 -7.20 -24.31
N PRO F 322 -78.00 -7.71 -24.05
CA PRO F 322 -76.81 -7.09 -24.61
C PRO F 322 -76.64 -7.42 -26.08
N PHE F 323 -75.90 -6.56 -26.77
CA PHE F 323 -75.56 -6.82 -28.17
C PHE F 323 -74.60 -7.99 -28.25
N THR F 324 -74.81 -8.85 -29.25
CA THR F 324 -74.01 -10.06 -29.38
C THR F 324 -73.52 -10.24 -30.82
N LEU F 325 -72.87 -11.38 -31.09
CA LEU F 325 -72.40 -11.66 -32.44
C LEU F 325 -73.55 -11.80 -33.42
N ILE F 326 -74.72 -12.22 -32.95
CA ILE F 326 -75.89 -12.32 -33.81
C ILE F 326 -76.33 -10.93 -34.28
N ASP F 327 -76.20 -9.93 -33.40
CA ASP F 327 -76.50 -8.57 -33.81
C ASP F 327 -75.53 -8.06 -34.87
N TYR F 328 -74.27 -8.51 -34.82
CA TYR F 328 -73.31 -8.13 -35.84
C TYR F 328 -73.70 -8.69 -37.21
N PHE F 329 -74.32 -9.87 -37.24
CA PHE F 329 -74.73 -10.48 -38.49
C PHE F 329 -75.86 -9.68 -39.13
N PRO F 330 -75.96 -9.70 -40.46
CA PRO F 330 -77.10 -9.06 -41.12
C PRO F 330 -78.40 -9.76 -40.79
N LYS F 331 -79.49 -9.00 -40.88
CA LYS F 331 -80.80 -9.54 -40.51
C LYS F 331 -81.25 -10.69 -41.40
N ASP F 332 -80.66 -10.86 -42.58
CA ASP F 332 -81.00 -11.93 -43.49
C ASP F 332 -80.00 -13.08 -43.44
N PHE F 333 -79.45 -13.36 -42.27
CA PHE F 333 -78.45 -14.40 -42.11
C PHE F 333 -79.10 -15.76 -41.88
N LEU F 334 -78.29 -16.81 -42.04
CA LEU F 334 -78.73 -18.18 -41.84
C LEU F 334 -77.97 -18.79 -40.67
N LEU F 335 -78.70 -19.50 -39.81
CA LEU F 335 -78.15 -20.12 -38.62
C LEU F 335 -78.29 -21.63 -38.71
N ILE F 336 -77.21 -22.34 -38.39
CA ILE F 336 -77.19 -23.79 -38.36
C ILE F 336 -76.67 -24.24 -37.00
N ILE F 337 -77.38 -25.15 -36.36
CA ILE F 337 -77.02 -25.64 -35.04
C ILE F 337 -76.64 -27.11 -35.18
N ASP F 338 -75.36 -27.42 -34.96
CA ASP F 338 -74.87 -28.78 -35.04
C ASP F 338 -75.04 -29.47 -33.70
N GLU F 339 -75.55 -30.71 -33.74
CA GLU F 339 -75.90 -31.47 -32.53
C GLU F 339 -76.86 -30.66 -31.65
N SER F 340 -78.04 -30.39 -32.21
CA SER F 340 -78.97 -29.46 -31.58
C SER F 340 -79.45 -29.95 -30.23
N HIS F 341 -79.68 -31.26 -30.10
CA HIS F 341 -80.25 -31.83 -28.89
C HIS F 341 -79.32 -31.65 -27.68
N VAL F 342 -78.05 -31.35 -27.94
CA VAL F 342 -77.08 -31.03 -26.90
C VAL F 342 -76.79 -29.53 -26.84
N THR F 343 -76.75 -28.87 -28.00
CA THR F 343 -76.39 -27.45 -28.03
C THR F 343 -77.47 -26.58 -27.40
N ILE F 344 -78.74 -26.87 -27.67
CA ILE F 344 -79.82 -26.00 -27.20
C ILE F 344 -79.88 -25.93 -25.67
N PRO F 345 -79.83 -27.04 -24.93
CA PRO F 345 -79.77 -26.91 -23.46
C PRO F 345 -78.56 -26.13 -22.98
N GLN F 346 -77.43 -26.24 -23.69
CA GLN F 346 -76.27 -25.45 -23.35
C GLN F 346 -76.56 -23.97 -23.50
N ILE F 347 -77.26 -23.58 -24.57
CA ILE F 347 -77.67 -22.20 -24.74
C ILE F 347 -78.58 -21.76 -23.60
N GLY F 348 -79.53 -22.63 -23.23
CA GLY F 348 -80.49 -22.26 -22.20
C GLY F 348 -79.88 -22.08 -20.82
N ALA F 349 -78.86 -22.88 -20.50
CA ALA F 349 -78.36 -22.93 -19.12
C ALA F 349 -77.52 -21.71 -18.74
N MET F 350 -76.97 -20.98 -19.72
CA MET F 350 -76.02 -19.91 -19.41
C MET F 350 -76.66 -18.80 -18.57
N TYR F 351 -77.87 -18.38 -18.93
CA TYR F 351 -78.50 -17.28 -18.20
C TYR F 351 -78.78 -17.68 -16.76
N ASN F 352 -79.30 -18.88 -16.55
CA ASN F 352 -79.57 -19.35 -15.19
C ASN F 352 -78.29 -19.45 -14.37
N GLY F 353 -77.22 -19.98 -14.98
CA GLY F 353 -75.96 -20.07 -14.25
C GLY F 353 -75.41 -18.71 -13.88
N ASP F 354 -75.43 -17.76 -14.82
CA ASP F 354 -74.92 -16.43 -14.54
C ASP F 354 -75.73 -15.73 -13.46
N ARG F 355 -77.07 -15.85 -13.53
CA ARG F 355 -77.92 -15.23 -12.51
C ARG F 355 -77.68 -15.84 -11.14
N SER F 356 -77.54 -17.17 -11.08
CA SER F 356 -77.27 -17.83 -9.81
C SER F 356 -75.93 -17.38 -9.24
N ARG F 357 -74.92 -17.22 -10.09
CA ARG F 357 -73.62 -16.77 -9.62
C ARG F 357 -73.68 -15.33 -9.11
N LYS F 358 -74.40 -14.46 -9.81
CA LYS F 358 -74.41 -13.04 -9.46
C LYS F 358 -75.39 -12.67 -8.36
N GLU F 359 -76.36 -13.55 -8.06
CA GLU F 359 -77.35 -13.22 -7.05
C GLU F 359 -76.71 -13.00 -5.68
N SER F 360 -75.78 -13.87 -5.30
CA SER F 360 -75.10 -13.72 -4.02
C SER F 360 -74.27 -12.45 -3.98
N LEU F 361 -73.61 -12.12 -5.10
CA LEU F 361 -72.77 -10.92 -5.14
C LEU F 361 -73.60 -9.66 -4.97
N VAL F 362 -74.71 -9.54 -5.71
CA VAL F 362 -75.53 -8.35 -5.59
C VAL F 362 -76.23 -8.30 -4.24
N GLU F 363 -76.65 -9.45 -3.72
CA GLU F 363 -77.39 -9.46 -2.45
C GLU F 363 -76.54 -8.93 -1.29
N TYR F 364 -75.28 -9.33 -1.23
CA TYR F 364 -74.40 -8.96 -0.13
C TYR F 364 -73.72 -7.61 -0.33
N GLY F 365 -74.23 -6.77 -1.23
CA GLY F 365 -73.68 -5.43 -1.40
C GLY F 365 -72.26 -5.40 -1.91
N PHE F 366 -71.94 -6.25 -2.88
CA PHE F 366 -70.62 -6.24 -3.52
C PHE F 366 -70.64 -5.53 -4.87
N ARG F 367 -71.70 -5.72 -5.66
CA ARG F 367 -71.84 -5.08 -6.95
C ARG F 367 -73.18 -4.36 -7.00
N LEU F 368 -73.28 -3.39 -7.89
CA LEU F 368 -74.52 -2.66 -8.06
C LEU F 368 -75.60 -3.56 -8.65
N PRO F 369 -76.87 -3.26 -8.41
CA PRO F 369 -77.93 -4.09 -9.01
C PRO F 369 -77.94 -4.06 -10.53
N SER F 370 -77.33 -3.04 -11.14
CA SER F 370 -77.26 -2.96 -12.59
C SER F 370 -76.35 -4.02 -13.19
N ALA F 371 -75.54 -4.70 -12.37
CA ALA F 371 -74.67 -5.76 -12.88
C ALA F 371 -75.43 -6.97 -13.37
N PHE F 372 -76.72 -7.07 -13.06
CA PHE F 372 -77.52 -8.20 -13.56
C PHE F 372 -77.68 -8.15 -15.07
N ASP F 373 -77.58 -6.97 -15.67
CA ASP F 373 -77.76 -6.82 -17.11
C ASP F 373 -76.56 -7.26 -17.92
N ASN F 374 -75.40 -7.48 -17.28
CA ASN F 374 -74.24 -8.03 -17.96
C ASN F 374 -74.35 -9.56 -17.96
N ARG F 375 -75.32 -10.05 -18.74
CA ARG F 375 -75.72 -11.44 -18.73
C ARG F 375 -75.78 -11.99 -20.14
N PRO F 376 -75.61 -13.30 -20.31
CA PRO F 376 -75.85 -13.90 -21.62
C PRO F 376 -77.33 -13.88 -21.97
N LEU F 377 -77.59 -13.95 -23.27
CA LEU F 377 -78.96 -13.92 -23.77
C LEU F 377 -79.75 -15.12 -23.26
N THR F 378 -81.01 -14.89 -22.92
CA THR F 378 -81.91 -15.98 -22.56
C THR F 378 -82.30 -16.75 -23.81
N PHE F 379 -82.94 -17.90 -23.60
CA PHE F 379 -83.36 -18.71 -24.73
C PHE F 379 -84.45 -18.03 -25.55
N GLU F 380 -85.36 -17.30 -24.88
CA GLU F 380 -86.42 -16.61 -25.59
C GLU F 380 -85.87 -15.53 -26.51
N GLU F 381 -84.92 -14.73 -26.01
CA GLU F 381 -84.32 -13.69 -26.84
C GLU F 381 -83.54 -14.29 -28.01
N PHE F 382 -82.81 -15.38 -27.76
CA PHE F 382 -82.06 -16.03 -28.83
C PHE F 382 -83.02 -16.57 -29.89
N GLU F 383 -84.14 -17.17 -29.48
CA GLU F 383 -85.12 -17.64 -30.43
C GLU F 383 -85.72 -16.48 -31.23
N LYS F 384 -85.99 -15.36 -30.56
CA LYS F 384 -86.54 -14.20 -31.26
C LYS F 384 -85.56 -13.66 -32.30
N LYS F 385 -84.28 -13.64 -31.96
CA LYS F 385 -83.27 -13.10 -32.88
C LYS F 385 -83.02 -14.00 -34.08
N ILE F 386 -83.56 -15.22 -34.09
CA ILE F 386 -83.30 -16.17 -35.17
C ILE F 386 -84.12 -15.77 -36.38
N ASN F 387 -83.45 -15.52 -37.51
CA ASN F 387 -84.14 -15.28 -38.77
C ASN F 387 -84.49 -16.59 -39.45
N GLN F 388 -83.48 -17.39 -39.79
CA GLN F 388 -83.66 -18.73 -40.34
C GLN F 388 -82.75 -19.68 -39.60
N VAL F 389 -83.24 -20.89 -39.34
CA VAL F 389 -82.48 -21.87 -38.56
C VAL F 389 -82.61 -23.24 -39.21
N ILE F 390 -81.57 -24.05 -39.05
CA ILE F 390 -81.54 -25.43 -39.49
C ILE F 390 -80.90 -26.26 -38.39
N PHE F 391 -81.58 -27.32 -37.96
CA PHE F 391 -81.08 -28.21 -36.91
C PHE F 391 -80.51 -29.46 -37.57
N VAL F 392 -79.22 -29.71 -37.35
CA VAL F 392 -78.55 -30.88 -37.91
C VAL F 392 -78.13 -31.75 -36.72
N SER F 393 -78.87 -32.82 -36.47
CA SER F 393 -78.60 -33.70 -35.36
C SER F 393 -79.05 -35.11 -35.70
N ALA F 394 -78.33 -36.11 -35.16
CA ALA F 394 -78.69 -37.49 -35.41
C ALA F 394 -80.05 -37.83 -34.80
N THR F 395 -80.30 -37.37 -33.59
CA THR F 395 -81.59 -37.60 -32.91
C THR F 395 -82.23 -36.26 -32.58
N PRO F 396 -83.38 -35.92 -33.16
CA PRO F 396 -84.05 -34.67 -32.81
C PRO F 396 -84.85 -34.82 -31.53
N ALA F 397 -84.76 -33.80 -30.68
CA ALA F 397 -85.50 -33.79 -29.42
C ALA F 397 -86.90 -33.23 -29.68
N LYS F 398 -87.65 -32.98 -28.60
CA LYS F 398 -89.01 -32.46 -28.75
C LYS F 398 -88.99 -31.05 -29.33
N TYR F 399 -88.03 -30.21 -28.90
CA TYR F 399 -88.00 -28.82 -29.34
C TYR F 399 -87.79 -28.72 -30.85
N GLU F 400 -86.78 -29.42 -31.37
CA GLU F 400 -86.48 -29.34 -32.80
C GLU F 400 -87.60 -29.92 -33.64
N ARG F 401 -88.21 -31.02 -33.19
CA ARG F 401 -89.31 -31.62 -33.94
C ARG F 401 -90.55 -30.75 -33.93
N GLU F 402 -90.80 -30.03 -32.82
CA GLU F 402 -91.98 -29.19 -32.72
C GLU F 402 -91.81 -27.84 -33.40
N HIS F 403 -90.57 -27.35 -33.50
CA HIS F 403 -90.30 -26.02 -34.05
C HIS F 403 -89.86 -26.07 -35.50
N SER F 404 -89.97 -27.22 -36.16
CA SER F 404 -89.58 -27.37 -37.56
C SER F 404 -90.82 -27.50 -38.43
N GLN F 405 -90.85 -26.74 -39.52
CA GLN F 405 -91.95 -26.81 -40.47
C GLN F 405 -91.76 -27.90 -41.51
N GLN F 406 -90.57 -28.50 -41.59
CA GLN F 406 -90.30 -29.53 -42.57
C GLN F 406 -89.21 -30.45 -42.03
N ILE F 407 -89.38 -31.75 -42.24
CA ILE F 407 -88.43 -32.75 -41.78
C ILE F 407 -87.94 -33.53 -43.00
N VAL F 408 -86.62 -33.56 -43.18
CA VAL F 408 -85.99 -34.33 -44.24
C VAL F 408 -84.91 -35.21 -43.61
N GLU F 409 -84.57 -36.29 -44.30
CA GLU F 409 -83.68 -37.31 -43.75
C GLU F 409 -82.57 -37.64 -44.73
N GLN F 410 -81.43 -38.05 -44.18
CA GLN F 410 -80.26 -38.50 -44.95
C GLN F 410 -79.71 -39.72 -44.23
N ILE F 411 -80.17 -40.90 -44.64
CA ILE F 411 -79.85 -42.14 -43.95
C ILE F 411 -78.83 -42.97 -44.72
N ILE F 412 -78.95 -43.04 -46.04
CA ILE F 412 -78.10 -43.91 -46.83
C ILE F 412 -76.69 -43.32 -46.88
N ARG F 413 -75.72 -44.05 -46.32
CA ARG F 413 -74.35 -43.60 -46.33
C ARG F 413 -73.76 -43.70 -47.73
N PRO F 414 -72.92 -42.76 -48.15
CA PRO F 414 -72.28 -42.87 -49.47
C PRO F 414 -71.42 -44.11 -49.62
N THR F 415 -70.78 -44.57 -48.54
CA THR F 415 -69.93 -45.74 -48.60
C THR F 415 -70.71 -47.04 -48.69
N GLY F 416 -72.01 -47.01 -48.43
CA GLY F 416 -72.83 -48.22 -48.48
C GLY F 416 -72.85 -49.04 -47.21
N LEU F 417 -72.47 -48.46 -46.08
CA LEU F 417 -72.50 -49.20 -44.82
C LEU F 417 -73.94 -49.39 -44.35
N LEU F 418 -74.12 -50.33 -43.43
CA LEU F 418 -75.43 -50.66 -42.88
C LEU F 418 -75.41 -50.52 -41.36
N ASP F 419 -76.54 -50.09 -40.81
CA ASP F 419 -76.66 -49.96 -39.37
C ASP F 419 -76.60 -51.32 -38.70
N PRO F 420 -75.98 -51.41 -37.51
CA PRO F 420 -75.84 -52.71 -36.85
C PRO F 420 -77.19 -53.31 -36.46
N GLU F 421 -77.26 -54.63 -36.51
CA GLU F 421 -78.45 -55.34 -36.11
C GLU F 421 -78.51 -55.45 -34.58
N ILE F 422 -79.70 -55.74 -34.07
CA ILE F 422 -79.96 -55.81 -32.64
C ILE F 422 -80.27 -57.25 -32.27
N VAL F 423 -79.56 -57.77 -31.28
CA VAL F 423 -79.80 -59.10 -30.71
C VAL F 423 -79.93 -58.95 -29.21
N VAL F 424 -80.99 -59.52 -28.64
CA VAL F 424 -81.24 -59.43 -27.21
C VAL F 424 -80.80 -60.72 -26.55
N LYS F 425 -80.45 -60.63 -25.27
CA LYS F 425 -80.01 -61.77 -24.47
C LYS F 425 -80.60 -61.64 -23.08
N PRO F 426 -80.88 -62.78 -22.41
CA PRO F 426 -81.42 -62.77 -21.05
C PRO F 426 -80.43 -62.21 -20.04
N GLN F 430 -74.76 -64.32 -17.61
CA GLN F 430 -74.42 -63.31 -18.60
C GLN F 430 -72.91 -63.15 -18.74
N ILE F 431 -72.19 -63.43 -17.65
CA ILE F 431 -70.74 -63.32 -17.67
C ILE F 431 -70.13 -64.33 -18.65
N ASP F 432 -70.64 -65.56 -18.63
CA ASP F 432 -70.13 -66.59 -19.55
C ASP F 432 -70.41 -66.21 -21.00
N ASP F 433 -71.61 -65.70 -21.29
CA ASP F 433 -71.93 -65.29 -22.65
C ASP F 433 -71.05 -64.12 -23.08
N LEU F 434 -70.81 -63.16 -22.20
CA LEU F 434 -69.92 -62.05 -22.53
C LEU F 434 -68.51 -62.52 -22.80
N ILE F 435 -68.01 -63.46 -22.00
CA ILE F 435 -66.66 -63.99 -22.19
C ILE F 435 -66.57 -64.72 -23.53
N GLY F 436 -67.59 -65.52 -23.85
CA GLY F 436 -67.59 -66.22 -25.12
C GLY F 436 -67.64 -65.27 -26.31
N GLU F 437 -68.46 -64.22 -26.21
CA GLU F 437 -68.53 -63.23 -27.28
C GLU F 437 -67.21 -62.49 -27.43
N ILE F 438 -66.57 -62.14 -26.32
CA ILE F 438 -65.28 -61.47 -26.38
C ILE F 438 -64.23 -62.37 -27.03
N SER F 439 -64.22 -63.65 -26.67
CA SER F 439 -63.27 -64.58 -27.26
C SER F 439 -63.53 -64.75 -28.76
N GLU F 440 -64.80 -64.82 -29.16
CA GLU F 440 -65.12 -64.93 -30.58
C GLU F 440 -64.69 -63.69 -31.35
N ARG F 441 -64.89 -62.51 -30.75
CA ARG F 441 -64.44 -61.27 -31.39
C ARG F 441 -62.93 -61.24 -31.50
N VAL F 442 -62.22 -61.71 -30.47
CA VAL F 442 -60.76 -61.77 -30.52
C VAL F 442 -60.31 -62.69 -31.64
N GLN F 443 -60.98 -63.84 -31.80
CA GLN F 443 -60.64 -64.76 -32.88
C GLN F 443 -60.85 -64.15 -34.25
N LYS F 444 -61.72 -63.14 -34.37
CA LYS F 444 -61.97 -62.46 -35.63
C LYS F 444 -61.23 -61.13 -35.73
N ASN F 445 -60.30 -60.85 -34.82
CA ASN F 445 -59.52 -59.61 -34.82
C ASN F 445 -60.44 -58.38 -34.75
N GLN F 446 -61.50 -58.49 -33.96
CA GLN F 446 -62.46 -57.40 -33.77
C GLN F 446 -62.48 -57.01 -32.29
N ARG F 447 -62.38 -55.71 -32.04
CA ARG F 447 -62.41 -55.21 -30.66
C ARG F 447 -63.85 -55.20 -30.14
N VAL F 448 -63.97 -55.35 -28.82
CA VAL F 448 -65.26 -55.36 -28.15
C VAL F 448 -65.33 -54.17 -27.20
N MET F 449 -66.56 -53.72 -26.92
CA MET F 449 -66.78 -52.59 -26.04
C MET F 449 -67.91 -52.93 -25.08
N ILE F 450 -67.75 -52.50 -23.82
CA ILE F 450 -68.71 -52.78 -22.76
C ILE F 450 -69.20 -51.47 -22.18
N THR F 451 -70.53 -51.31 -22.14
CA THR F 451 -71.13 -50.09 -21.60
C THR F 451 -72.11 -50.42 -20.48
N LYS F 455 -70.86 -48.11 -11.30
CA LYS F 455 -69.40 -48.23 -11.32
C LYS F 455 -68.94 -49.56 -10.75
N LYS F 456 -69.73 -50.11 -9.83
CA LYS F 456 -69.40 -51.40 -9.23
C LYS F 456 -69.39 -52.51 -10.26
N MET F 457 -70.39 -52.53 -11.15
CA MET F 457 -70.44 -53.55 -12.18
C MET F 457 -69.25 -53.44 -13.13
N ALA F 458 -68.88 -52.21 -13.50
CA ALA F 458 -67.73 -52.01 -14.37
C ALA F 458 -66.44 -52.46 -13.67
N GLU F 459 -66.29 -52.16 -12.38
CA GLU F 459 -65.12 -52.60 -11.65
C GLU F 459 -65.05 -54.12 -11.57
N ASP F 460 -66.18 -54.78 -11.31
CA ASP F 460 -66.20 -56.23 -11.27
C ASP F 460 -65.84 -56.83 -12.63
N LEU F 461 -66.39 -56.25 -13.71
CA LEU F 461 -66.09 -56.74 -15.04
C LEU F 461 -64.61 -56.58 -15.38
N THR F 462 -64.03 -55.43 -15.04
CA THR F 462 -62.62 -55.23 -15.35
C THR F 462 -61.73 -56.11 -14.49
N ASP F 463 -62.13 -56.39 -13.24
CA ASP F 463 -61.38 -57.31 -12.41
C ASP F 463 -61.42 -58.72 -12.98
N TYR F 464 -62.60 -59.17 -13.43
CA TYR F 464 -62.71 -60.49 -14.03
C TYR F 464 -61.90 -60.59 -15.31
N LEU F 465 -61.94 -59.54 -16.14
CA LEU F 465 -61.17 -59.54 -17.38
C LEU F 465 -59.67 -59.57 -17.11
N ARG F 466 -59.21 -58.79 -16.13
CA ARG F 466 -57.79 -58.81 -15.78
C ARG F 466 -57.39 -60.17 -15.24
N GLU F 467 -58.25 -60.80 -14.43
CA GLU F 467 -57.94 -62.12 -13.91
C GLU F 467 -57.86 -63.17 -15.01
N LEU F 468 -58.79 -63.13 -15.96
CA LEU F 468 -58.85 -64.17 -16.99
C LEU F 468 -58.07 -63.78 -18.24
N ASP F 469 -56.83 -63.34 -18.04
CA ASP F 469 -55.86 -63.13 -19.13
C ASP F 469 -56.44 -62.32 -20.29
N PHE F 470 -57.16 -61.24 -19.97
CA PHE F 470 -57.80 -60.40 -20.97
C PHE F 470 -57.34 -58.96 -20.80
N LYS F 471 -56.94 -58.34 -21.90
CA LYS F 471 -56.54 -56.94 -21.87
C LYS F 471 -57.76 -56.04 -21.71
N VAL F 472 -57.64 -55.03 -20.86
CA VAL F 472 -58.73 -54.11 -20.56
C VAL F 472 -58.26 -52.68 -20.77
N GLU F 473 -59.22 -51.79 -21.01
CA GLU F 473 -58.96 -50.37 -21.23
C GLU F 473 -59.96 -49.53 -20.43
N TYR F 474 -60.12 -49.84 -19.14
CA TYR F 474 -61.07 -49.15 -18.29
C TYR F 474 -60.79 -47.65 -18.27
N LEU F 475 -61.85 -46.86 -18.44
CA LEU F 475 -61.77 -45.40 -18.41
C LEU F 475 -62.47 -44.90 -17.15
N HIS F 476 -61.79 -44.06 -16.39
CA HIS F 476 -62.35 -43.50 -15.17
C HIS F 476 -63.20 -42.27 -15.46
N ASP F 480 -60.10 -37.02 -18.48
CA ASP F 480 -60.35 -35.98 -19.47
C ASP F 480 -60.07 -36.48 -20.88
N THR F 481 -60.05 -35.56 -21.83
CA THR F 481 -59.78 -35.94 -23.21
C THR F 481 -58.32 -36.34 -23.42
N ILE F 482 -57.42 -35.83 -22.58
CA ILE F 482 -56.00 -36.13 -22.74
C ILE F 482 -55.75 -37.62 -22.59
N GLU F 483 -56.36 -38.23 -21.58
CA GLU F 483 -56.29 -39.69 -21.45
C GLU F 483 -57.19 -40.39 -22.46
N ARG F 484 -58.24 -39.70 -22.92
CA ARG F 484 -59.16 -40.32 -23.87
C ARG F 484 -58.47 -40.62 -25.20
N MET F 485 -57.70 -39.68 -25.73
CA MET F 485 -57.02 -39.94 -26.99
C MET F 485 -55.97 -41.02 -26.84
N GLU F 486 -55.27 -41.04 -25.70
CA GLU F 486 -54.30 -42.10 -25.45
C GLU F 486 -54.96 -43.46 -25.39
N ILE F 487 -56.12 -43.55 -24.73
CA ILE F 487 -56.83 -44.82 -24.65
C ILE F 487 -57.32 -45.24 -26.04
N ILE F 488 -57.79 -44.28 -26.84
CA ILE F 488 -58.24 -44.60 -28.19
C ILE F 488 -57.08 -45.11 -29.03
N ARG F 489 -55.91 -44.47 -28.92
CA ARG F 489 -54.74 -44.92 -29.66
C ARG F 489 -54.32 -46.31 -29.22
N ASN F 490 -54.36 -46.58 -27.91
CA ASN F 490 -54.00 -47.91 -27.42
C ASN F 490 -54.97 -48.97 -27.92
N LEU F 491 -56.26 -48.65 -27.95
CA LEU F 491 -57.26 -49.59 -28.47
C LEU F 491 -57.05 -49.83 -29.96
N ARG F 492 -56.75 -48.79 -30.73
CA ARG F 492 -56.51 -48.95 -32.15
C ARG F 492 -55.27 -49.78 -32.42
N LEU F 493 -54.21 -49.58 -31.62
CA LEU F 493 -52.97 -50.32 -31.80
C LEU F 493 -53.08 -51.77 -31.35
N GLY F 494 -54.18 -52.17 -30.71
CA GLY F 494 -54.33 -53.52 -30.23
C GLY F 494 -53.73 -53.78 -28.87
N VAL F 495 -53.30 -52.75 -28.15
CA VAL F 495 -52.75 -52.95 -26.80
C VAL F 495 -53.82 -53.48 -25.86
N PHE F 496 -55.04 -53.02 -26.01
CA PHE F 496 -56.18 -53.49 -25.24
C PHE F 496 -57.25 -54.01 -26.18
N ASP F 497 -57.86 -55.14 -25.81
CA ASP F 497 -58.86 -55.77 -26.65
C ASP F 497 -60.28 -55.29 -26.34
N VAL F 498 -60.53 -54.89 -25.09
CA VAL F 498 -61.86 -54.45 -24.67
C VAL F 498 -61.72 -53.13 -23.93
N LEU F 499 -62.83 -52.38 -23.88
CA LEU F 499 -62.90 -51.11 -23.18
C LEU F 499 -64.17 -51.05 -22.36
N VAL F 500 -64.05 -50.56 -21.13
CA VAL F 500 -65.20 -50.41 -20.23
C VAL F 500 -65.24 -48.97 -19.76
N GLY F 501 -66.42 -48.34 -19.85
CA GLY F 501 -66.58 -46.97 -19.43
C GLY F 501 -67.88 -46.71 -18.69
N ILE F 502 -67.83 -45.85 -17.67
CA ILE F 502 -69.03 -45.52 -16.91
C ILE F 502 -70.01 -44.72 -17.77
N ASN F 503 -69.51 -43.71 -18.47
CA ASN F 503 -70.32 -42.87 -19.35
C ASN F 503 -69.72 -42.95 -20.75
N LEU F 504 -70.37 -43.69 -21.63
CA LEU F 504 -69.88 -43.91 -22.98
C LEU F 504 -70.55 -42.92 -23.94
N LEU F 505 -70.28 -41.63 -23.69
CA LEU F 505 -70.83 -40.57 -24.53
C LEU F 505 -69.83 -39.46 -24.82
N ARG F 506 -68.57 -39.62 -24.42
CA ARG F 506 -67.57 -38.59 -24.67
C ARG F 506 -67.30 -38.46 -26.16
N GLU F 507 -67.06 -37.23 -26.60
CA GLU F 507 -66.80 -36.96 -28.01
C GLU F 507 -65.47 -37.58 -28.44
N GLY F 508 -65.46 -38.15 -29.64
CA GLY F 508 -64.26 -38.76 -30.17
C GLY F 508 -63.93 -40.13 -29.62
N LEU F 509 -64.83 -40.73 -28.84
CA LEU F 509 -64.58 -42.04 -28.26
C LEU F 509 -64.88 -43.18 -29.23
N ASP F 510 -65.46 -42.89 -30.39
CA ASP F 510 -65.75 -43.93 -31.35
C ASP F 510 -64.47 -44.43 -32.03
N ILE F 511 -64.50 -45.69 -32.46
CA ILE F 511 -63.36 -46.29 -33.16
C ILE F 511 -63.89 -47.06 -34.37
N PRO F 512 -63.10 -47.16 -35.45
CA PRO F 512 -63.57 -47.90 -36.63
C PRO F 512 -63.39 -49.40 -36.53
N GLU F 513 -62.58 -49.90 -35.59
CA GLU F 513 -62.34 -51.32 -35.44
C GLU F 513 -63.32 -52.01 -34.50
N VAL F 514 -64.22 -51.25 -33.86
CA VAL F 514 -65.18 -51.83 -32.93
C VAL F 514 -66.29 -52.50 -33.73
N SER F 515 -66.55 -53.77 -33.43
CA SER F 515 -67.56 -54.55 -34.14
C SER F 515 -68.60 -55.16 -33.22
N LEU F 516 -68.52 -54.94 -31.91
CA LEU F 516 -69.49 -55.51 -30.99
C LEU F 516 -69.51 -54.66 -29.72
N VAL F 517 -70.69 -54.19 -29.34
CA VAL F 517 -70.88 -53.42 -28.11
C VAL F 517 -72.04 -54.04 -27.34
N ALA F 518 -71.89 -54.12 -26.02
CA ALA F 518 -72.87 -54.74 -25.15
C ALA F 518 -73.38 -53.72 -24.14
N ILE F 519 -74.68 -53.75 -23.88
CA ILE F 519 -75.30 -52.87 -22.89
C ILE F 519 -75.66 -53.71 -21.67
N LEU F 520 -75.11 -53.34 -20.52
CA LEU F 520 -75.32 -54.08 -19.28
C LEU F 520 -76.31 -53.33 -18.40
N ASP F 521 -77.28 -54.07 -17.84
CA ASP F 521 -78.32 -53.51 -17.00
C ASP F 521 -79.07 -52.39 -17.70
N ALA F 522 -79.37 -52.60 -18.99
CA ALA F 522 -80.10 -51.60 -19.76
C ALA F 522 -81.52 -51.41 -19.25
N ASP F 523 -82.10 -52.45 -18.66
CA ASP F 523 -83.47 -52.35 -18.15
C ASP F 523 -83.60 -51.34 -17.02
N LYS F 524 -82.51 -51.08 -16.29
CA LYS F 524 -82.54 -50.09 -15.22
C LYS F 524 -82.75 -48.69 -15.79
N GLU F 525 -83.64 -47.93 -15.17
CA GLU F 525 -83.91 -46.57 -15.64
C GLU F 525 -82.74 -45.65 -15.31
N GLY F 526 -82.44 -44.76 -16.25
CA GLY F 526 -81.36 -43.82 -16.05
C GLY F 526 -81.22 -42.91 -17.25
N PHE F 527 -80.46 -41.83 -17.05
CA PHE F 527 -80.22 -40.88 -18.13
C PHE F 527 -79.45 -41.53 -19.27
N LEU F 528 -78.45 -42.34 -18.94
CA LEU F 528 -77.65 -43.02 -19.96
C LEU F 528 -78.43 -44.12 -20.68
N ARG F 529 -79.59 -44.53 -20.16
CA ARG F 529 -80.41 -45.55 -20.77
C ARG F 529 -81.61 -44.97 -21.51
N SER F 530 -81.60 -43.68 -21.79
CA SER F 530 -82.68 -43.05 -22.52
C SER F 530 -82.65 -43.51 -23.99
N GLU F 531 -83.71 -43.16 -24.71
CA GLU F 531 -83.80 -43.54 -26.12
C GLU F 531 -82.70 -42.88 -26.94
N THR F 532 -82.47 -41.58 -26.73
CA THR F 532 -81.44 -40.88 -27.47
C THR F 532 -80.05 -41.42 -27.14
N SER F 533 -79.79 -41.68 -25.86
CA SER F 533 -78.49 -42.25 -25.48
C SER F 533 -78.31 -43.65 -26.06
N LEU F 534 -79.38 -44.45 -26.08
CA LEU F 534 -79.30 -45.78 -26.67
C LEU F 534 -78.99 -45.69 -28.17
N ILE F 535 -79.65 -44.77 -28.87
CA ILE F 535 -79.38 -44.59 -30.30
C ILE F 535 -77.94 -44.15 -30.52
N GLN F 536 -77.45 -43.22 -29.69
CA GLN F 536 -76.08 -42.74 -29.83
C GLN F 536 -75.08 -43.86 -29.60
N THR F 537 -75.32 -44.70 -28.58
CA THR F 537 -74.40 -45.80 -28.31
C THR F 537 -74.47 -46.86 -29.40
N ILE F 538 -75.66 -47.10 -29.95
CA ILE F 538 -75.80 -48.06 -31.05
C ILE F 538 -75.05 -47.57 -32.29
N GLY F 539 -75.13 -46.26 -32.57
CA GLY F 539 -74.47 -45.73 -33.75
C GLY F 539 -72.96 -45.83 -33.74
N ARG F 540 -72.36 -46.10 -32.57
CA ARG F 540 -70.91 -46.25 -32.50
C ARG F 540 -70.45 -47.54 -33.18
N ALA F 541 -71.30 -48.56 -33.21
CA ALA F 541 -70.95 -49.84 -33.80
C ALA F 541 -71.18 -49.90 -35.30
N ALA F 542 -71.69 -48.82 -35.90
CA ALA F 542 -71.94 -48.80 -37.34
C ALA F 542 -70.69 -48.66 -38.18
N ARG F 543 -69.54 -48.36 -37.56
CA ARG F 543 -68.31 -48.20 -38.32
C ARG F 543 -67.88 -49.51 -38.98
N ASN F 544 -67.96 -50.61 -38.24
CA ASN F 544 -67.55 -51.90 -38.79
C ASN F 544 -68.55 -52.40 -39.82
N VAL F 545 -68.02 -53.11 -40.82
CA VAL F 545 -68.87 -53.67 -41.86
C VAL F 545 -69.83 -54.71 -41.27
N GLU F 546 -69.31 -55.57 -40.40
CA GLU F 546 -70.12 -56.59 -39.73
C GLU F 546 -70.40 -56.24 -38.28
N GLY F 547 -70.37 -54.96 -37.93
CA GLY F 547 -70.62 -54.58 -36.54
C GLY F 547 -72.04 -54.90 -36.12
N LYS F 548 -72.18 -55.34 -34.87
CA LYS F 548 -73.49 -55.68 -34.32
C LYS F 548 -73.55 -55.19 -32.88
N VAL F 549 -74.77 -54.97 -32.41
CA VAL F 549 -75.03 -54.50 -31.06
C VAL F 549 -75.86 -55.54 -30.33
N ILE F 550 -75.40 -55.96 -29.15
CA ILE F 550 -76.10 -56.92 -28.31
C ILE F 550 -76.56 -56.20 -27.05
N MET F 551 -77.63 -56.69 -26.44
CA MET F 551 -78.20 -56.12 -25.24
C MET F 551 -78.40 -57.20 -24.19
N TYR F 552 -78.09 -56.88 -22.94
CA TYR F 552 -78.24 -57.79 -21.82
C TYR F 552 -79.28 -57.18 -20.87
N ALA F 553 -80.56 -57.49 -21.13
CA ALA F 553 -81.64 -56.98 -20.30
C ALA F 553 -82.84 -57.90 -20.45
N ASP F 554 -83.51 -58.17 -19.33
CA ASP F 554 -84.70 -59.03 -19.32
C ASP F 554 -85.99 -58.24 -19.41
N THR F 555 -85.93 -56.91 -19.51
CA THR F 555 -87.11 -56.08 -19.57
C THR F 555 -86.97 -55.06 -20.69
N ILE F 556 -88.11 -54.60 -21.19
CA ILE F 556 -88.16 -53.62 -22.28
C ILE F 556 -89.05 -52.46 -21.86
N THR F 557 -88.83 -51.32 -22.50
CA THR F 557 -89.56 -50.10 -22.21
C THR F 557 -90.00 -49.45 -23.52
N ASP F 558 -90.79 -48.37 -23.40
CA ASP F 558 -91.23 -47.65 -24.59
C ASP F 558 -90.07 -47.02 -25.34
N SER F 559 -89.11 -46.44 -24.60
CA SER F 559 -87.93 -45.88 -25.24
C SER F 559 -87.12 -46.97 -25.94
N MET F 560 -86.99 -48.13 -25.31
CA MET F 560 -86.30 -49.25 -25.95
C MET F 560 -87.03 -49.68 -27.22
N ARG F 561 -88.36 -49.75 -27.17
CA ARG F 561 -89.13 -50.15 -28.34
C ARG F 561 -88.94 -49.16 -29.48
N ARG F 562 -88.98 -47.86 -29.16
CA ARG F 562 -88.76 -46.85 -30.20
C ARG F 562 -87.36 -46.94 -30.79
N ALA F 563 -86.35 -47.14 -29.94
CA ALA F 563 -84.98 -47.23 -30.42
C ALA F 563 -84.81 -48.44 -31.34
N ILE F 564 -85.35 -49.59 -30.94
CA ILE F 564 -85.22 -50.80 -31.75
C ILE F 564 -85.99 -50.65 -33.06
N ASP F 565 -87.17 -50.01 -33.01
CA ASP F 565 -87.93 -49.80 -34.24
C ASP F 565 -87.16 -48.90 -35.22
N GLU F 566 -86.58 -47.81 -34.71
CA GLU F 566 -85.80 -46.92 -35.56
C GLU F 566 -84.58 -47.64 -36.14
N THR F 567 -83.88 -48.41 -35.31
CA THR F 567 -82.72 -49.15 -35.79
C THR F 567 -83.11 -50.18 -36.86
N ASN F 568 -84.23 -50.88 -36.65
CA ASN F 568 -84.68 -51.86 -37.62
C ASN F 568 -85.06 -51.19 -38.93
N ARG F 569 -85.75 -50.05 -38.86
CA ARG F 569 -86.12 -49.35 -40.09
C ARG F 569 -84.89 -48.87 -40.84
N ARG F 570 -83.91 -48.31 -40.12
CA ARG F 570 -82.68 -47.85 -40.77
C ARG F 570 -81.92 -49.01 -41.40
N ARG F 571 -81.82 -50.14 -40.69
CA ARG F 571 -81.13 -51.29 -41.24
C ARG F 571 -81.85 -51.82 -42.48
N LYS F 572 -83.18 -51.87 -42.44
CA LYS F 572 -83.94 -52.36 -43.59
C LYS F 572 -83.76 -51.45 -44.80
N ILE F 573 -83.83 -50.14 -44.59
CA ILE F 573 -83.68 -49.22 -45.73
C ILE F 573 -82.26 -49.26 -46.26
N GLN F 574 -81.26 -49.40 -45.39
CA GLN F 574 -79.88 -49.52 -45.85
C GLN F 574 -79.67 -50.78 -46.65
N SER F 575 -80.22 -51.91 -46.18
CA SER F 575 -80.10 -53.16 -46.91
C SER F 575 -80.80 -53.08 -48.27
N GLU F 576 -81.99 -52.46 -48.30
CA GLU F 576 -82.69 -52.31 -49.57
C GLU F 576 -81.90 -51.45 -50.55
N TYR F 577 -81.32 -50.35 -50.06
CA TYR F 577 -80.52 -49.50 -50.93
C TYR F 577 -79.28 -50.22 -51.44
N ASN F 578 -78.63 -51.01 -50.57
CA ASN F 578 -77.41 -51.70 -50.97
C ASN F 578 -77.71 -52.86 -51.92
N GLN F 579 -78.89 -53.48 -51.80
CA GLN F 579 -79.21 -54.62 -52.65
C GLN F 579 -79.77 -54.17 -54.01
N LYS F 580 -80.67 -53.19 -54.01
CA LYS F 580 -81.25 -52.73 -55.27
C LYS F 580 -80.20 -52.09 -56.16
N HIS F 581 -79.33 -51.27 -55.58
CA HIS F 581 -78.28 -50.60 -56.36
C HIS F 581 -77.06 -51.49 -56.58
N GLY F 582 -76.93 -52.59 -55.84
CA GLY F 582 -75.81 -53.48 -56.02
C GLY F 582 -74.49 -52.99 -55.47
N ILE F 583 -74.50 -51.94 -54.65
CA ILE F 583 -73.25 -51.39 -54.12
C ILE F 583 -72.69 -52.36 -53.09
N THR F 584 -71.41 -52.71 -53.23
CA THR F 584 -70.76 -53.60 -52.30
C THR F 584 -70.42 -52.86 -51.01
N PRO F 585 -70.88 -53.31 -49.85
CA PRO F 585 -70.56 -52.61 -48.60
C PRO F 585 -69.11 -52.82 -48.18
N LYS F 586 -68.30 -51.76 -48.30
CA LYS F 586 -66.90 -51.84 -47.92
C LYS F 586 -66.45 -50.58 -47.19
#